data_7N65
#
_entry.id   7N65
#
_cell.length_a   1.00
_cell.length_b   1.00
_cell.length_c   1.00
_cell.angle_alpha   90.00
_cell.angle_beta   90.00
_cell.angle_gamma   90.00
#
_symmetry.space_group_name_H-M   'P 1'
#
loop_
_entity.id
_entity.type
_entity.pdbx_description
1 polymer 'Envelope glycoprotein gp41'
2 polymer 'Envelope glycoprotein gp41'
3 polymer 'Fab QA013.2 Heavy Chain, variable region'
4 polymer 'Fab QA013.2 Light Chain, , variable region'
5 branched beta-D-mannopyranose-(1-4)-2-acetamido-2-deoxy-beta-D-glucopyranose-(1-4)-2-acetamido-2-deoxy-beta-D-glucopyranose
6 branched 2-acetamido-2-deoxy-beta-D-glucopyranose-(1-4)-2-acetamido-2-deoxy-beta-D-glucopyranose
7 branched alpha-D-mannopyranose-(1-2)-alpha-D-mannopyranose-(1-3)-[alpha-D-mannopyranose-(1-3)-alpha-D-mannopyranose-(1-6)]beta-D-mannopyranose-(1-4)-2-acetamido-2-deoxy-beta-D-glucopyranose-(1-4)-2-acetamido-2-deoxy-beta-D-glucopyranose
8 branched alpha-D-mannopyranose-(1-3)-[alpha-D-mannopyranose-(1-6)]beta-D-mannopyranose-(1-4)-2-acetamido-2-deoxy-beta-D-glucopyranose-(1-4)-2-acetamido-2-deoxy-beta-D-glucopyranose
9 branched alpha-D-mannopyranose-(1-3)-[alpha-D-mannopyranose-(1-6)]alpha-D-mannopyranose-(1-6)-[alpha-D-mannopyranose-(1-3)]beta-D-mannopyranose-(1-4)-2-acetamido-2-deoxy-beta-D-glucopyranose-(1-4)-2-acetamido-2-deoxy-beta-D-glucopyranose
10 branched alpha-D-mannopyranose-(1-2)-alpha-D-mannopyranose-(1-3)-[alpha-D-mannopyranose-(1-3)-[alpha-D-mannopyranose-(1-6)]alpha-D-mannopyranose-(1-6)]beta-D-mannopyranose-(1-4)-2-acetamido-2-deoxy-beta-D-glucopyranose-(1-4)-2-acetamido-2-deoxy-beta-D-glucopyranose
11 non-polymer 2-acetamido-2-deoxy-beta-D-glucopyranose
12 non-polymer alpha-D-mannopyranose
#
loop_
_entity_poly.entity_id
_entity_poly.type
_entity_poly.pdbx_seq_one_letter_code
_entity_poly.pdbx_strand_id
1 'polypeptide(L)'
;MDAMKRGLCCVLLLCGAVFVSPSQEIHARFRRGARAENLWVTVYYGVPVWKDAETTLFCASDAKAYETEKHNVWATHACV
PTDPNPQEIHLENVTEEFNMWKNNMVEQMHTDIISLWDQSLKPCVKLTPLCVTLQCTNVTNNITDDMRGELKNCSFNMTT
ELRDKKQKVYSLFYRLDVVQINENQGNRSNNSNKEYRLINCNTSAITQACPKVSFEPIPIHYCAPAGFAILKCKDKKFNG
TGPCPSVSTVQCTHGIKPVVSTQLLLNGSLAEEEVMIRSENITNNAKNILVQFNTPVQINCTRPNNNTRKSIRIGPGQAF
YATGDIIGDIRQAHCNVSKATWNETLGKVVKQLRKHFGNNTIIRFANSSGGDLEVTTHSFNCGGEFFYCNTSGLFNSTWI
SNTSVQGSNSTGSNDSITLPCRIKQIINMWQRIGQAMYAPPIQGVIRCVSNITGLILTRDGGSTNSTTETFRPGGGDMRD
NWRSELYKYKVVKIEPLGVAPTRCKRRV
;
A,E,I
2 'polypeptide(L)'
;VGRRRRRRAVGIGAVFLGFLGAAGSTMGAASMTLTVQARNLLSGIVQQQSNLLRAPEAQQHLLKLTVWGIKQLQARVLAV
ERYLRDQQLLGIWGCSGKLICCTNVPWNSSWSNRNLSEIWDNMTWLQWDKEISNYTQIIYGLLEESQNQQEKNEQDLLAL
D
;
B,F,J
3 'polypeptide(L)'
;DIRIAESGGGLVQPGESLRLACEIIELGFRRAWTTWVRQAPGKGLEWVADINEDGSEKKYGPSVTGRFTISRDNGKNLVF
LQMNSLRVEDTATYYCAREAYHLVYDDRIPRGNWFDPWGPGTLVTVSS
;
C,G,K
4 'polypeptide(L)'
;QSVLTQPPSVSGAPGQRVVISCTGSRSNIGAGYDVHWYQQSPGKVPRIIIYGSNSRSSGVPARFSGSKSGTSASLAITGL
QAEDEADYYCQSYDTTLTASVFGGGTKV
;
D,H,L
#
loop_
_chem_comp.id
_chem_comp.type
_chem_comp.name
_chem_comp.formula
BMA D-saccharide, beta linking beta-D-mannopyranose 'C6 H12 O6'
MAN D-saccharide, alpha linking alpha-D-mannopyranose 'C6 H12 O6'
NAG D-saccharide, beta linking 2-acetamido-2-deoxy-beta-D-glucopyranose 'C8 H15 N O6'
#
# COMPACT_ATOMS: atom_id res chain seq x y z
N ASN A 38 20.43 -9.01 -61.63
CA ASN A 38 19.06 -9.38 -61.31
C ASN A 38 18.56 -8.71 -60.03
N LEU A 39 17.89 -9.52 -59.22
CA LEU A 39 17.45 -9.13 -57.89
C LEU A 39 17.98 -10.17 -56.91
N TRP A 40 18.61 -9.70 -55.83
CA TRP A 40 19.28 -10.58 -54.87
C TRP A 40 19.04 -10.02 -53.46
N VAL A 41 19.48 -10.73 -52.41
CA VAL A 41 19.03 -10.33 -51.07
C VAL A 41 19.98 -9.32 -50.44
N THR A 42 19.41 -8.40 -49.67
CA THR A 42 20.09 -7.28 -49.06
C THR A 42 19.46 -7.02 -47.71
N VAL A 43 20.27 -6.63 -46.75
CA VAL A 43 19.77 -6.19 -45.45
C VAL A 43 20.02 -4.70 -45.31
N TYR A 44 19.05 -3.99 -44.74
CA TYR A 44 19.16 -2.58 -44.41
C TYR A 44 18.81 -2.36 -42.94
N TYR A 45 19.42 -1.34 -42.35
CA TYR A 45 18.98 -0.82 -41.06
C TYR A 45 18.66 0.65 -41.21
N GLY A 46 17.47 1.03 -40.78
CA GLY A 46 17.02 2.40 -40.89
C GLY A 46 15.86 2.51 -41.84
N VAL A 47 15.18 1.39 -42.07
CA VAL A 47 14.13 1.37 -43.08
C VAL A 47 12.85 1.94 -42.50
N PRO A 48 12.39 3.06 -42.99
CA PRO A 48 11.25 3.72 -42.37
C PRO A 48 9.96 2.93 -42.62
N VAL A 49 9.77 1.89 -41.82
CA VAL A 49 8.62 1.02 -41.95
C VAL A 49 8.06 0.71 -40.57
N TRP A 50 6.75 0.67 -40.48
CA TRP A 50 6.09 0.45 -39.21
C TRP A 50 5.08 -0.67 -39.34
N LYS A 51 4.59 -1.11 -38.19
CA LYS A 51 3.45 -1.99 -38.11
C LYS A 51 2.43 -1.41 -37.15
N ASP A 52 1.18 -1.75 -37.39
CA ASP A 52 0.15 -1.51 -36.39
C ASP A 52 0.49 -2.33 -35.17
N ALA A 53 0.42 -1.70 -34.01
CA ALA A 53 0.84 -2.39 -32.80
C ALA A 53 0.20 -1.69 -31.62
N GLU A 54 0.41 -2.28 -30.45
CA GLU A 54 0.06 -1.65 -29.19
C GLU A 54 1.35 -1.48 -28.39
N THR A 55 1.42 -0.40 -27.64
CA THR A 55 2.48 -0.24 -26.65
C THR A 55 2.05 0.78 -25.60
N THR A 56 2.90 1.00 -24.61
CA THR A 56 2.55 1.90 -23.54
C THR A 56 3.01 3.31 -23.87
N LEU A 57 2.22 4.29 -23.47
CA LEU A 57 2.50 5.69 -23.74
C LEU A 57 2.53 6.48 -22.44
N PHE A 58 3.54 7.32 -22.27
CA PHE A 58 3.76 8.02 -21.01
C PHE A 58 3.46 9.50 -21.16
N CYS A 59 3.15 10.15 -20.03
CA CYS A 59 2.64 11.51 -20.09
C CYS A 59 3.77 12.50 -20.30
N ALA A 60 3.40 13.67 -20.80
CA ALA A 60 4.32 14.78 -21.05
C ALA A 60 3.56 16.09 -20.89
N SER A 61 4.01 16.93 -19.96
CA SER A 61 3.24 18.06 -19.48
C SER A 61 4.10 19.31 -19.42
N ASP A 62 3.48 20.38 -18.91
CA ASP A 62 4.16 21.64 -18.66
C ASP A 62 4.02 22.01 -17.18
N ALA A 63 4.96 22.82 -16.70
CA ALA A 63 5.19 23.02 -15.26
C ALA A 63 4.26 24.09 -14.70
N LYS A 64 3.07 23.66 -14.30
CA LYS A 64 2.07 24.57 -13.72
C LYS A 64 1.32 23.89 -12.58
N ALA A 65 2.05 23.18 -11.71
CA ALA A 65 1.42 22.19 -10.82
C ALA A 65 1.09 22.82 -9.48
N TYR A 66 -0.03 23.55 -9.43
CA TYR A 66 -0.45 24.23 -8.20
C TYR A 66 -1.96 24.36 -8.21
N GLU A 67 -2.60 23.89 -7.13
CA GLU A 67 -4.05 23.88 -6.99
C GLU A 67 -4.40 23.60 -5.53
N THR A 68 -5.69 23.40 -5.25
CA THR A 68 -6.15 23.29 -3.86
C THR A 68 -7.29 22.29 -3.62
N GLU A 69 -7.23 21.09 -4.23
CA GLU A 69 -8.16 20.03 -3.84
C GLU A 69 -7.61 18.61 -3.97
N LYS A 70 -6.95 18.10 -2.91
CA LYS A 70 -6.36 16.79 -2.63
C LYS A 70 -4.96 16.30 -3.05
N HIS A 71 -4.22 16.88 -4.01
CA HIS A 71 -2.77 16.56 -4.05
C HIS A 71 -1.81 17.56 -4.71
N ASN A 72 -2.26 18.25 -5.74
CA ASN A 72 -1.41 18.56 -6.89
C ASN A 72 -2.20 19.41 -7.87
N VAL A 73 -1.91 19.34 -9.16
CA VAL A 73 -2.92 19.83 -10.10
C VAL A 73 -4.03 18.83 -10.36
N TRP A 74 -3.77 17.76 -11.10
CA TRP A 74 -4.76 16.68 -11.24
C TRP A 74 -4.17 15.37 -10.78
N ALA A 75 -3.13 14.95 -11.48
CA ALA A 75 -2.16 13.97 -11.08
C ALA A 75 -0.86 14.48 -11.65
N THR A 76 -1.00 15.34 -12.64
CA THR A 76 0.06 15.66 -13.58
C THR A 76 1.03 16.63 -12.94
N HIS A 77 1.86 16.13 -12.05
CA HIS A 77 3.02 16.92 -11.68
C HIS A 77 4.23 16.02 -11.65
N ALA A 78 3.98 14.72 -11.68
CA ALA A 78 5.04 13.75 -11.87
C ALA A 78 5.41 13.60 -13.34
N CYS A 79 4.86 14.45 -14.19
CA CYS A 79 4.98 14.26 -15.61
C CYS A 79 6.33 14.78 -16.08
N VAL A 80 6.80 14.22 -17.19
CA VAL A 80 8.03 14.79 -17.77
C VAL A 80 7.69 16.04 -18.55
N PRO A 81 8.47 17.10 -18.41
CA PRO A 81 8.15 18.34 -19.12
C PRO A 81 8.28 18.18 -20.63
N THR A 82 7.33 18.76 -21.34
CA THR A 82 7.32 18.66 -22.79
C THR A 82 8.54 19.33 -23.39
N ASP A 83 8.90 18.88 -24.57
CA ASP A 83 9.87 19.59 -25.38
C ASP A 83 9.30 20.95 -25.77
N PRO A 84 10.07 22.02 -25.66
CA PRO A 84 9.57 23.35 -26.06
C PRO A 84 9.26 23.45 -27.55
N ASN A 85 9.73 22.51 -28.36
CA ASN A 85 9.42 22.48 -29.79
C ASN A 85 8.72 21.16 -30.07
N PRO A 86 7.40 21.16 -30.09
CA PRO A 86 6.69 19.96 -30.52
C PRO A 86 6.95 19.72 -31.98
N GLN A 87 8.07 19.08 -32.29
CA GLN A 87 8.42 18.80 -33.68
C GLN A 87 7.38 17.90 -34.32
N GLU A 88 6.94 18.28 -35.51
CA GLU A 88 6.14 17.41 -36.34
C GLU A 88 6.80 17.27 -37.71
N ILE A 89 6.20 16.39 -38.52
CA ILE A 89 6.55 16.35 -39.93
C ILE A 89 5.41 15.76 -40.74
N HIS A 90 4.93 16.51 -41.73
CA HIS A 90 3.94 15.96 -42.63
C HIS A 90 4.60 14.93 -43.52
N LEU A 91 3.93 13.80 -43.71
CA LEU A 91 4.46 12.72 -44.54
C LEU A 91 3.77 12.78 -45.88
N GLU A 92 4.52 13.18 -46.90
CA GLU A 92 4.02 13.15 -48.26
C GLU A 92 3.73 11.72 -48.69
N ASN A 93 2.71 11.57 -49.53
CA ASN A 93 2.49 10.37 -50.32
C ASN A 93 1.97 9.19 -49.52
N VAL A 94 1.82 9.34 -48.23
CA VAL A 94 1.43 8.23 -47.37
C VAL A 94 -0.07 8.05 -47.44
N THR A 95 -0.51 6.80 -47.34
CA THR A 95 -1.93 6.46 -47.21
C THR A 95 -2.06 5.28 -46.26
N GLU A 96 -2.61 5.53 -45.08
CA GLU A 96 -2.74 4.50 -44.07
C GLU A 96 -4.18 4.52 -43.56
N GLU A 97 -4.78 3.34 -43.45
CA GLU A 97 -6.13 3.24 -42.93
C GLU A 97 -6.09 3.36 -41.42
N PHE A 98 -6.94 4.18 -40.87
CA PHE A 98 -7.08 4.24 -39.42
C PHE A 98 -8.41 3.60 -39.04
N ASN A 99 -8.55 3.33 -37.75
CA ASN A 99 -9.80 2.81 -37.26
C ASN A 99 -10.03 3.44 -35.89
N MET A 100 -10.61 4.63 -35.90
CA MET A 100 -10.94 5.29 -34.65
C MET A 100 -11.88 4.46 -33.80
N TRP A 101 -12.41 3.37 -34.32
CA TRP A 101 -13.25 2.52 -33.51
C TRP A 101 -12.55 1.25 -33.06
N LYS A 102 -11.39 0.95 -33.62
CA LYS A 102 -10.59 -0.16 -33.14
C LYS A 102 -9.24 0.28 -32.58
N ASN A 103 -9.10 1.55 -32.23
CA ASN A 103 -7.84 2.00 -31.66
C ASN A 103 -7.73 1.58 -30.21
N ASN A 104 -6.50 1.31 -29.80
CA ASN A 104 -6.16 0.86 -28.45
C ASN A 104 -5.78 1.99 -27.53
N MET A 105 -5.21 3.07 -28.05
CA MET A 105 -4.76 4.15 -27.19
C MET A 105 -5.87 4.64 -26.30
N VAL A 106 -7.09 4.64 -26.80
CA VAL A 106 -8.19 5.00 -25.93
C VAL A 106 -8.24 4.07 -24.74
N GLU A 107 -7.90 2.81 -24.93
CA GLU A 107 -8.01 1.92 -23.79
C GLU A 107 -6.96 2.24 -22.74
N GLN A 108 -5.69 2.36 -23.13
CA GLN A 108 -4.69 2.74 -22.16
C GLN A 108 -5.08 4.01 -21.46
N MET A 109 -5.52 4.99 -22.23
CA MET A 109 -5.86 6.28 -21.65
C MET A 109 -6.94 6.13 -20.62
N HIS A 110 -7.97 5.36 -20.93
CA HIS A 110 -9.05 5.23 -19.98
C HIS A 110 -8.57 4.58 -18.69
N THR A 111 -7.82 3.49 -18.80
CA THR A 111 -7.36 2.88 -17.55
C THR A 111 -6.50 3.82 -16.76
N ASP A 112 -5.61 4.55 -17.43
CA ASP A 112 -4.70 5.40 -16.70
C ASP A 112 -5.45 6.53 -16.02
N ILE A 113 -6.45 7.09 -16.67
CA ILE A 113 -7.19 8.15 -16.01
C ILE A 113 -7.90 7.61 -14.79
N ILE A 114 -8.47 6.42 -14.90
CA ILE A 114 -9.02 5.82 -13.67
C ILE A 114 -7.95 5.78 -12.61
N SER A 115 -6.82 5.19 -12.93
CA SER A 115 -5.83 4.92 -11.88
C SER A 115 -5.30 6.22 -11.30
N LEU A 116 -5.19 7.26 -12.11
CA LEU A 116 -4.71 8.51 -11.54
C LEU A 116 -5.72 9.09 -10.60
N TRP A 117 -6.98 9.05 -10.97
CA TRP A 117 -7.99 9.38 -9.99
C TRP A 117 -7.78 8.57 -8.73
N ASP A 118 -7.51 7.28 -8.90
CA ASP A 118 -7.24 6.44 -7.76
C ASP A 118 -6.16 7.05 -6.89
N GLN A 119 -4.95 7.13 -7.44
CA GLN A 119 -3.79 7.56 -6.69
C GLN A 119 -4.04 8.89 -6.01
N SER A 120 -4.73 9.80 -6.67
CA SER A 120 -5.12 10.99 -5.97
C SER A 120 -6.06 10.67 -4.83
N LEU A 121 -6.76 9.55 -4.89
CA LEU A 121 -7.64 9.30 -3.77
C LEU A 121 -7.14 8.29 -2.76
N LYS A 122 -5.97 7.69 -2.95
CA LYS A 122 -5.43 6.87 -1.88
C LYS A 122 -5.21 7.67 -0.60
N PRO A 123 -4.47 8.78 -0.62
CA PRO A 123 -3.91 9.32 0.62
C PRO A 123 -4.79 10.27 1.40
N CYS A 124 -6.03 10.54 1.02
CA CYS A 124 -6.72 11.51 1.84
C CYS A 124 -7.89 10.85 2.54
N VAL A 125 -8.53 11.62 3.41
CA VAL A 125 -9.23 11.07 4.55
C VAL A 125 -10.29 10.07 4.11
N LYS A 126 -10.45 9.01 4.89
CA LYS A 126 -11.49 8.01 4.63
C LYS A 126 -12.67 8.29 5.53
N LEU A 127 -13.76 8.68 4.92
CA LEU A 127 -14.91 9.23 5.63
C LEU A 127 -15.91 8.19 6.06
N THR A 128 -15.45 7.04 6.53
CA THR A 128 -16.40 5.99 6.88
C THR A 128 -17.30 6.41 8.01
N PRO A 129 -16.83 6.98 9.11
CA PRO A 129 -17.74 7.28 10.22
C PRO A 129 -18.78 8.33 9.90
N LEU A 130 -18.84 8.85 8.68
CA LEU A 130 -19.99 9.69 8.35
C LEU A 130 -21.27 8.89 8.21
N CYS A 131 -21.22 7.65 7.78
CA CYS A 131 -22.44 6.97 7.38
C CYS A 131 -23.29 6.76 8.62
N VAL A 132 -23.90 7.84 9.08
CA VAL A 132 -24.59 7.79 10.35
C VAL A 132 -25.98 8.35 10.16
N THR A 133 -26.89 7.96 11.04
CA THR A 133 -28.26 8.44 10.92
C THR A 133 -28.31 9.95 11.05
N LEU A 134 -28.81 10.61 10.00
CA LEU A 134 -28.85 12.06 9.94
C LEU A 134 -30.23 12.56 10.29
N GLN A 135 -30.30 13.54 11.19
CA GLN A 135 -31.52 14.25 11.53
C GLN A 135 -31.63 15.43 10.59
N CYS A 136 -32.54 15.35 9.62
CA CYS A 136 -32.63 16.37 8.59
C CYS A 136 -34.00 17.03 8.60
N THR A 137 -33.98 18.34 8.36
CA THR A 137 -35.17 19.12 8.08
C THR A 137 -34.97 19.88 6.77
N ASN A 138 -36.02 20.59 6.38
CA ASN A 138 -35.95 21.41 5.18
C ASN A 138 -35.14 22.66 5.44
N VAL A 139 -34.54 23.18 4.37
CA VAL A 139 -33.98 24.52 4.37
C VAL A 139 -35.01 25.42 3.71
N THR A 140 -35.66 26.25 4.50
CA THR A 140 -36.75 27.04 3.96
C THR A 140 -36.20 28.04 2.98
N ASN A 141 -36.14 27.66 1.71
CA ASN A 141 -35.73 28.59 0.67
C ASN A 141 -36.93 29.47 0.33
N ASN A 142 -36.77 30.34 -0.67
CA ASN A 142 -37.66 31.49 -0.83
C ASN A 142 -39.12 31.08 -0.90
N ILE A 143 -39.96 31.79 -0.15
CA ILE A 143 -41.40 31.54 -0.17
C ILE A 143 -41.96 32.02 -1.50
N THR A 144 -42.74 31.17 -2.17
CA THR A 144 -43.07 29.84 -1.67
C THR A 144 -41.94 28.85 -1.95
N ASP A 145 -41.53 28.76 -3.21
CA ASP A 145 -40.41 27.88 -3.57
C ASP A 145 -39.88 28.27 -4.94
N ASP A 146 -38.65 28.79 -4.98
CA ASP A 146 -37.88 28.88 -6.22
C ASP A 146 -36.53 28.18 -6.10
N MET A 147 -36.19 27.68 -4.92
CA MET A 147 -35.19 26.65 -4.76
C MET A 147 -35.74 25.34 -4.26
N ARG A 148 -37.03 25.28 -3.91
CA ARG A 148 -37.70 24.05 -3.46
C ARG A 148 -36.85 23.36 -2.40
N GLY A 149 -36.11 24.16 -1.65
CA GLY A 149 -35.05 23.66 -0.82
C GLY A 149 -33.85 23.38 -1.69
N GLU A 150 -33.87 22.24 -2.38
CA GLU A 150 -32.74 21.73 -3.15
C GLU A 150 -31.61 21.37 -2.19
N LEU A 151 -31.82 21.55 -0.89
CA LEU A 151 -30.86 21.15 0.12
C LEU A 151 -31.57 20.98 1.45
N LYS A 152 -31.17 19.97 2.19
CA LYS A 152 -31.69 19.74 3.52
C LYS A 152 -30.63 20.07 4.56
N ASN A 153 -31.11 20.36 5.76
CA ASN A 153 -30.25 20.76 6.88
C ASN A 153 -30.21 19.57 7.81
N CYS A 154 -29.04 18.93 7.90
CA CYS A 154 -28.88 17.69 8.66
C CYS A 154 -27.88 17.88 9.78
N SER A 155 -28.30 17.52 11.00
CA SER A 155 -27.42 17.43 12.15
C SER A 155 -27.14 15.95 12.40
N PHE A 156 -26.00 15.66 13.01
CA PHE A 156 -25.74 14.27 13.35
C PHE A 156 -24.71 14.12 14.46
N ASN A 157 -24.73 12.93 15.05
CA ASN A 157 -23.66 12.49 15.94
C ASN A 157 -22.40 12.29 15.16
N MET A 158 -21.28 12.45 15.83
CA MET A 158 -20.03 12.16 15.16
C MET A 158 -18.95 11.98 16.21
N THR A 159 -17.96 11.16 15.85
CA THR A 159 -16.80 10.98 16.68
C THR A 159 -16.06 12.30 16.83
N THR A 160 -15.02 12.28 17.62
CA THR A 160 -14.36 13.52 17.97
C THR A 160 -12.87 13.35 17.70
N GLU A 161 -12.03 14.23 18.25
CA GLU A 161 -10.62 13.93 18.34
C GLU A 161 -10.38 12.74 19.25
N LEU A 162 -11.12 12.67 20.34
CA LEU A 162 -10.98 11.61 21.31
C LEU A 162 -11.95 10.50 20.98
N ARG A 163 -11.46 9.27 20.93
CA ARG A 163 -12.37 8.16 20.73
C ARG A 163 -13.21 8.05 21.99
N ASP A 164 -14.08 9.03 22.20
CA ASP A 164 -14.80 9.24 23.45
C ASP A 164 -16.07 10.03 23.24
N LYS A 165 -16.57 10.64 24.32
CA LYS A 165 -17.81 11.40 24.31
C LYS A 165 -17.99 12.14 23.00
N LYS A 166 -19.13 11.97 22.36
CA LYS A 166 -19.27 12.35 20.97
C LYS A 166 -19.70 13.80 20.84
N GLN A 167 -19.83 14.26 19.61
CA GLN A 167 -20.22 15.63 19.34
C GLN A 167 -21.44 15.63 18.43
N LYS A 168 -22.19 16.71 18.48
CA LYS A 168 -23.34 16.91 17.60
C LYS A 168 -23.03 18.07 16.66
N VAL A 169 -22.85 17.76 15.37
CA VAL A 169 -22.54 18.79 14.38
C VAL A 169 -23.74 18.91 13.45
N TYR A 170 -23.64 19.85 12.50
CA TYR A 170 -24.67 20.01 11.48
C TYR A 170 -24.09 20.56 10.19
N SER A 171 -24.77 20.28 9.09
CA SER A 171 -24.26 20.54 7.77
C SER A 171 -25.41 20.54 6.78
N LEU A 172 -25.20 21.17 5.64
CA LEU A 172 -26.24 21.28 4.63
C LEU A 172 -25.91 20.40 3.44
N PHE A 173 -26.82 19.51 3.09
CA PHE A 173 -26.57 18.52 2.06
C PHE A 173 -27.56 18.69 0.92
N TYR A 174 -27.07 18.52 -0.30
CA TYR A 174 -27.98 18.59 -1.43
C TYR A 174 -28.88 17.37 -1.47
N ARG A 175 -30.19 17.62 -1.38
CA ARG A 175 -31.16 16.54 -1.25
C ARG A 175 -31.02 15.50 -2.36
N LEU A 176 -30.18 15.76 -3.34
CA LEU A 176 -29.98 14.75 -4.36
C LEU A 176 -29.06 13.63 -3.90
N ASP A 177 -28.30 13.80 -2.82
CA ASP A 177 -27.46 12.71 -2.35
C ASP A 177 -27.81 12.23 -0.97
N VAL A 178 -29.05 12.36 -0.57
CA VAL A 178 -29.47 11.83 0.71
C VAL A 178 -30.71 10.99 0.50
N VAL A 179 -30.80 9.88 1.23
CA VAL A 179 -31.88 8.94 1.03
C VAL A 179 -32.55 8.67 2.37
N GLN A 180 -33.83 8.34 2.28
CA GLN A 180 -34.71 8.13 3.41
C GLN A 180 -34.47 6.76 4.02
N ILE A 181 -35.36 6.39 4.94
CA ILE A 181 -35.38 5.06 5.55
C ILE A 181 -36.84 4.70 5.80
N ASN A 182 -37.20 3.45 5.51
CA ASN A 182 -38.59 3.02 5.54
C ASN A 182 -39.41 3.85 4.56
N ASN A 193 -37.74 14.68 13.41
CA ASN A 193 -37.75 14.67 11.95
C ASN A 193 -37.48 13.28 11.42
N LYS A 194 -37.41 13.17 10.10
CA LYS A 194 -37.15 11.88 9.47
C LYS A 194 -35.65 11.63 9.37
N GLU A 195 -35.29 10.36 9.40
CA GLU A 195 -33.91 9.93 9.45
C GLU A 195 -33.42 9.62 8.05
N TYR A 196 -32.29 10.18 7.67
CA TYR A 196 -31.78 10.01 6.32
C TYR A 196 -30.32 9.58 6.39
N ARG A 197 -29.73 9.30 5.23
CA ARG A 197 -28.33 8.91 5.21
C ARG A 197 -27.73 9.16 3.84
N LEU A 198 -26.43 8.97 3.76
CA LEU A 198 -25.77 9.11 2.49
C LEU A 198 -26.15 7.97 1.55
N ILE A 199 -26.14 8.29 0.27
CA ILE A 199 -26.65 7.39 -0.75
C ILE A 199 -25.70 6.25 -1.04
N ASN A 200 -24.45 6.54 -1.38
CA ASN A 200 -23.48 5.50 -1.71
C ASN A 200 -23.03 4.72 -0.50
N CYS A 201 -23.63 4.94 0.66
CA CYS A 201 -23.08 4.27 1.83
C CYS A 201 -23.41 2.79 1.85
N ASN A 202 -24.68 2.41 1.69
CA ASN A 202 -24.96 0.99 1.74
C ASN A 202 -24.46 0.26 0.51
N THR A 203 -23.61 0.88 -0.25
CA THR A 203 -23.03 0.19 -1.38
C THR A 203 -21.54 0.41 -1.53
N SER A 204 -21.03 1.55 -1.10
CA SER A 204 -19.62 1.89 -1.33
C SER A 204 -19.05 2.64 -0.14
N ALA A 205 -17.72 2.66 -0.08
CA ALA A 205 -17.02 3.56 0.82
C ALA A 205 -16.76 4.91 0.12
N ILE A 206 -16.52 5.93 0.92
CA ILE A 206 -16.38 7.30 0.45
C ILE A 206 -15.07 7.88 0.94
N THR A 207 -14.50 8.78 0.16
CA THR A 207 -13.10 9.18 0.31
C THR A 207 -12.92 10.64 -0.05
N GLN A 208 -13.16 11.54 0.91
CA GLN A 208 -13.10 12.98 0.63
C GLN A 208 -11.75 13.39 0.08
N ALA A 209 -11.76 14.03 -1.07
CA ALA A 209 -10.54 14.60 -1.56
C ALA A 209 -10.15 15.75 -0.67
N CYS A 210 -8.90 15.80 -0.26
CA CYS A 210 -8.39 16.88 0.56
C CYS A 210 -8.24 18.13 -0.31
N PRO A 211 -7.85 19.24 0.23
CA PRO A 211 -7.71 20.45 -0.60
C PRO A 211 -6.36 20.82 -1.24
N LYS A 212 -5.67 19.96 -2.03
CA LYS A 212 -4.54 20.45 -2.83
C LYS A 212 -4.58 20.16 -4.34
N VAL A 213 -5.23 19.12 -4.87
CA VAL A 213 -5.23 18.94 -6.32
C VAL A 213 -6.28 19.85 -6.94
N SER A 214 -6.39 19.84 -8.24
CA SER A 214 -7.49 20.56 -8.86
C SER A 214 -8.44 19.56 -9.48
N PHE A 215 -9.37 20.05 -10.25
CA PHE A 215 -9.91 19.16 -11.24
C PHE A 215 -9.80 19.83 -12.59
N GLU A 216 -9.25 21.03 -12.60
CA GLU A 216 -8.97 21.76 -13.81
C GLU A 216 -8.14 20.88 -14.73
N PRO A 217 -8.69 20.44 -15.84
CA PRO A 217 -7.92 19.61 -16.76
C PRO A 217 -6.75 20.41 -17.29
N ILE A 218 -5.59 19.78 -17.30
CA ILE A 218 -4.34 20.39 -17.76
C ILE A 218 -3.91 19.63 -19.01
N PRO A 219 -3.43 20.32 -20.04
CA PRO A 219 -3.10 19.63 -21.28
C PRO A 219 -2.12 18.50 -21.02
N ILE A 220 -2.54 17.28 -21.37
CA ILE A 220 -1.71 16.10 -21.23
C ILE A 220 -1.18 15.74 -22.60
N HIS A 221 0.08 15.41 -22.67
CA HIS A 221 0.69 15.02 -23.93
C HIS A 221 1.09 13.56 -23.87
N TYR A 222 0.31 12.70 -24.51
CA TYR A 222 0.71 11.31 -24.61
C TYR A 222 1.93 11.20 -25.50
N CYS A 223 2.99 10.63 -24.97
CA CYS A 223 4.26 10.57 -25.65
C CYS A 223 4.67 9.12 -25.79
N ALA A 224 5.27 8.88 -26.79
CA ALA A 224 5.59 7.52 -27.13
C ALA A 224 7.06 7.22 -26.85
N PRO A 225 7.33 6.09 -26.22
CA PRO A 225 8.72 5.73 -25.92
C PRO A 225 9.46 5.42 -27.20
N ALA A 226 10.78 5.54 -27.12
CA ALA A 226 11.63 5.44 -28.30
C ALA A 226 11.37 4.14 -29.04
N GLY A 227 11.55 4.17 -30.35
CA GLY A 227 11.24 3.04 -31.19
C GLY A 227 9.81 2.98 -31.67
N PHE A 228 8.96 3.92 -31.27
CA PHE A 228 7.58 3.94 -31.70
C PHE A 228 7.31 5.23 -32.45
N ALA A 229 6.08 5.38 -32.91
CA ALA A 229 5.74 6.62 -33.59
C ALA A 229 4.25 6.88 -33.50
N ILE A 230 3.91 8.17 -33.52
CA ILE A 230 2.53 8.64 -33.46
C ILE A 230 2.16 9.24 -34.80
N LEU A 231 1.13 8.68 -35.43
CA LEU A 231 0.63 9.12 -36.71
C LEU A 231 -0.62 9.95 -36.49
N LYS A 232 -0.67 11.11 -37.15
CA LYS A 232 -1.76 12.06 -37.02
C LYS A 232 -2.36 12.30 -38.41
N CYS A 233 -3.65 12.00 -38.56
CA CYS A 233 -4.32 12.17 -39.85
C CYS A 233 -4.53 13.66 -40.10
N LYS A 234 -3.87 14.19 -41.13
CA LYS A 234 -3.89 15.63 -41.38
C LYS A 234 -5.07 16.05 -42.24
N ASP A 235 -5.95 15.11 -42.55
CA ASP A 235 -7.05 15.36 -43.49
C ASP A 235 -8.17 16.07 -42.76
N LYS A 236 -8.47 17.30 -43.19
CA LYS A 236 -9.58 18.04 -42.61
C LYS A 236 -10.90 17.30 -42.76
N LYS A 237 -11.05 16.50 -43.80
CA LYS A 237 -12.28 15.77 -44.07
C LYS A 237 -12.01 14.30 -43.83
N PHE A 238 -12.45 13.78 -42.70
CA PHE A 238 -12.20 12.39 -42.38
C PHE A 238 -13.41 11.82 -41.67
N ASN A 239 -13.87 10.66 -42.16
CA ASN A 239 -15.06 10.02 -41.62
C ASN A 239 -14.85 9.48 -40.22
N GLY A 240 -13.63 9.05 -39.90
CA GLY A 240 -13.31 8.31 -38.69
C GLY A 240 -12.47 7.08 -38.94
N THR A 241 -12.66 6.43 -40.08
CA THR A 241 -11.91 5.23 -40.41
C THR A 241 -11.49 5.25 -41.87
N GLY A 242 -10.81 4.19 -42.28
CA GLY A 242 -10.40 4.08 -43.65
C GLY A 242 -9.11 4.82 -43.91
N PRO A 243 -8.67 4.87 -45.17
CA PRO A 243 -7.34 5.44 -45.47
C PRO A 243 -7.35 6.96 -45.43
N CYS A 244 -6.58 7.52 -44.51
CA CYS A 244 -6.37 8.96 -44.47
C CYS A 244 -5.20 9.31 -45.38
N PRO A 245 -5.41 10.11 -46.42
CA PRO A 245 -4.33 10.39 -47.35
C PRO A 245 -3.29 11.34 -46.80
N SER A 246 -3.69 12.39 -46.11
CA SER A 246 -2.75 13.38 -45.60
C SER A 246 -2.48 13.10 -44.13
N VAL A 247 -1.23 12.73 -43.82
CA VAL A 247 -0.84 12.26 -42.50
C VAL A 247 0.47 12.93 -42.13
N SER A 248 0.76 12.96 -40.83
CA SER A 248 2.03 13.43 -40.32
C SER A 248 2.47 12.53 -39.17
N THR A 249 3.75 12.61 -38.85
CA THR A 249 4.32 11.94 -37.70
C THR A 249 4.71 12.98 -36.66
N VAL A 250 4.46 12.67 -35.40
CA VAL A 250 4.93 13.52 -34.32
C VAL A 250 5.65 12.63 -33.32
N GLN A 251 6.59 13.21 -32.58
CA GLN A 251 7.12 12.46 -31.46
C GLN A 251 6.04 12.24 -30.40
N CYS A 252 5.20 13.24 -30.16
CA CYS A 252 4.03 13.02 -29.31
C CYS A 252 3.00 14.14 -29.33
N THR A 253 1.80 13.79 -28.91
CA THR A 253 0.56 14.45 -29.27
C THR A 253 0.45 15.83 -28.65
N HIS A 254 -0.66 16.48 -28.99
CA HIS A 254 -1.00 17.79 -28.46
C HIS A 254 -1.57 17.65 -27.06
N GLY A 255 -1.82 18.79 -26.43
CA GLY A 255 -2.44 18.80 -25.13
C GLY A 255 -3.86 18.32 -25.25
N ILE A 256 -4.27 17.42 -24.38
CA ILE A 256 -5.59 16.82 -24.46
C ILE A 256 -6.29 17.08 -23.15
N LYS A 257 -7.16 18.05 -23.13
CA LYS A 257 -7.82 18.37 -21.89
C LYS A 257 -8.67 17.17 -21.49
N PRO A 258 -8.32 16.49 -20.44
CA PRO A 258 -9.03 15.27 -20.06
C PRO A 258 -10.29 15.57 -19.28
N VAL A 259 -11.11 16.44 -19.82
CA VAL A 259 -12.34 16.80 -19.15
C VAL A 259 -13.25 15.59 -19.09
N VAL A 260 -13.96 15.45 -17.99
CA VAL A 260 -14.99 14.45 -17.84
C VAL A 260 -16.31 15.13 -18.13
N SER A 261 -17.05 14.63 -19.12
CA SER A 261 -18.34 15.22 -19.46
C SER A 261 -19.27 14.17 -20.07
N THR A 262 -20.56 14.48 -20.06
CA THR A 262 -21.58 13.60 -20.61
C THR A 262 -22.51 14.38 -21.53
N GLN A 263 -22.76 13.78 -22.70
CA GLN A 263 -23.68 14.25 -23.72
C GLN A 263 -23.13 15.45 -24.47
N LEU A 264 -22.03 16.02 -24.01
CA LEU A 264 -21.50 17.25 -24.59
C LEU A 264 -19.99 17.27 -24.47
N LEU A 265 -19.30 17.29 -25.59
CA LEU A 265 -17.86 17.42 -25.57
C LEU A 265 -17.51 18.85 -25.22
N LEU A 266 -16.86 19.05 -24.08
CA LEU A 266 -16.48 20.38 -23.65
C LEU A 266 -15.00 20.58 -23.94
N ASN A 267 -14.64 21.81 -24.24
CA ASN A 267 -13.25 22.22 -24.39
C ASN A 267 -12.49 21.38 -25.40
N GLY A 268 -13.18 20.50 -26.10
CA GLY A 268 -12.55 19.62 -27.06
C GLY A 268 -11.92 20.40 -28.19
N SER A 269 -11.41 19.65 -29.16
CA SER A 269 -10.92 20.28 -30.37
C SER A 269 -12.09 20.59 -31.30
N LEU A 270 -11.84 21.45 -32.28
CA LEU A 270 -12.87 21.79 -33.25
C LEU A 270 -12.54 21.22 -34.62
N ALA A 271 -13.57 20.89 -35.37
CA ALA A 271 -13.41 20.42 -36.73
C ALA A 271 -13.14 21.60 -37.66
N GLU A 272 -12.81 21.29 -38.91
CA GLU A 272 -12.51 22.34 -39.87
C GLU A 272 -13.39 22.25 -41.13
N GLU A 273 -13.95 23.40 -41.49
CA GLU A 273 -14.67 23.65 -42.74
C GLU A 273 -15.97 22.86 -42.82
N GLU A 274 -16.20 21.99 -41.85
CA GLU A 274 -17.44 21.23 -41.79
C GLU A 274 -17.64 20.82 -40.34
N VAL A 275 -18.71 20.08 -40.09
CA VAL A 275 -18.98 19.57 -38.78
C VAL A 275 -19.13 18.07 -38.94
N MET A 276 -18.01 17.36 -38.81
CA MET A 276 -17.97 15.96 -39.15
C MET A 276 -18.90 15.15 -38.27
N ILE A 277 -19.26 13.99 -38.78
CA ILE A 277 -20.04 12.98 -38.10
C ILE A 277 -19.23 11.69 -38.12
N ARG A 278 -19.11 11.04 -36.98
CA ARG A 278 -18.30 9.85 -36.88
C ARG A 278 -19.06 8.76 -36.15
N SER A 279 -19.08 7.57 -36.74
CA SER A 279 -19.54 6.35 -36.10
C SER A 279 -19.22 5.21 -37.04
N GLU A 280 -18.85 4.07 -36.47
CA GLU A 280 -18.42 2.95 -37.30
C GLU A 280 -19.53 2.48 -38.22
N ASN A 281 -20.76 2.41 -37.70
CA ASN A 281 -21.90 1.90 -38.46
C ASN A 281 -23.11 2.78 -38.21
N ILE A 282 -23.22 3.85 -38.99
CA ILE A 282 -24.34 4.76 -38.84
C ILE A 282 -25.64 4.02 -39.05
N THR A 283 -25.68 3.14 -40.05
CA THR A 283 -26.87 2.36 -40.33
C THR A 283 -27.28 1.51 -39.14
N ASN A 284 -26.37 1.24 -38.22
CA ASN A 284 -26.74 0.59 -36.98
C ASN A 284 -27.28 1.64 -36.03
N ASN A 285 -28.31 1.27 -35.29
CA ASN A 285 -28.87 2.13 -34.27
C ASN A 285 -28.20 1.94 -32.92
N ALA A 286 -27.25 1.01 -32.80
CA ALA A 286 -26.67 0.66 -31.51
C ALA A 286 -25.31 1.30 -31.26
N LYS A 287 -24.85 2.17 -32.15
CA LYS A 287 -23.63 2.92 -31.96
C LYS A 287 -24.00 4.32 -31.50
N ASN A 288 -23.03 5.21 -31.50
CA ASN A 288 -23.29 6.59 -31.12
C ASN A 288 -22.74 7.49 -32.21
N ILE A 289 -23.41 8.60 -32.43
CA ILE A 289 -22.98 9.55 -33.44
C ILE A 289 -22.16 10.64 -32.77
N LEU A 290 -20.94 10.85 -33.27
CA LEU A 290 -19.99 11.79 -32.72
C LEU A 290 -19.97 12.99 -33.66
N VAL A 291 -20.64 14.05 -33.25
CA VAL A 291 -20.67 15.29 -34.01
C VAL A 291 -19.53 16.18 -33.53
N GLN A 292 -18.91 16.91 -34.45
CA GLN A 292 -17.79 17.77 -34.05
C GLN A 292 -17.89 19.10 -34.77
N PHE A 293 -18.06 20.19 -34.02
CA PHE A 293 -18.46 21.44 -34.63
C PHE A 293 -17.28 22.16 -35.27
N ASN A 294 -17.61 23.19 -36.06
CA ASN A 294 -16.66 24.21 -36.45
C ASN A 294 -16.60 25.36 -35.46
N THR A 295 -17.70 25.67 -34.82
CA THR A 295 -17.77 26.91 -34.10
C THR A 295 -18.00 26.66 -32.62
N PRO A 296 -17.13 27.20 -31.77
CA PRO A 296 -17.28 27.00 -30.34
C PRO A 296 -18.54 27.71 -29.88
N VAL A 297 -19.60 26.95 -29.70
CA VAL A 297 -20.85 27.50 -29.19
C VAL A 297 -20.66 27.71 -27.69
N GLN A 298 -20.72 28.96 -27.27
CA GLN A 298 -20.41 29.25 -25.88
C GLN A 298 -21.45 28.65 -24.96
N ILE A 299 -21.05 28.48 -23.70
CA ILE A 299 -21.96 28.20 -22.61
C ILE A 299 -21.38 28.79 -21.35
N ASN A 300 -22.21 29.50 -20.60
CA ASN A 300 -21.82 30.16 -19.37
C ASN A 300 -22.52 29.44 -18.23
N CYS A 301 -21.78 28.78 -17.37
CA CYS A 301 -22.39 28.11 -16.24
C CYS A 301 -21.97 28.78 -14.95
N THR A 302 -22.88 28.80 -13.99
CA THR A 302 -22.47 29.40 -12.73
C THR A 302 -23.24 28.82 -11.58
N ARG A 303 -22.61 28.91 -10.42
CA ARG A 303 -23.21 28.65 -9.12
C ARG A 303 -23.06 29.95 -8.35
N PRO A 304 -24.08 30.77 -8.31
CA PRO A 304 -23.95 32.09 -7.68
C PRO A 304 -24.27 32.10 -6.20
N ASN A 305 -23.55 31.34 -5.39
CA ASN A 305 -23.67 31.40 -3.94
C ASN A 305 -22.30 31.72 -3.35
N ASN A 306 -22.29 32.47 -2.26
CA ASN A 306 -21.10 32.56 -1.41
C ASN A 306 -21.35 31.52 -0.33
N ASN A 307 -20.74 30.34 -0.50
CA ASN A 307 -20.91 29.21 0.40
C ASN A 307 -19.76 29.15 1.41
N THR A 308 -20.06 28.69 2.61
CA THR A 308 -19.10 28.74 3.70
C THR A 308 -18.61 27.35 4.04
N ARG A 309 -17.30 27.21 4.23
CA ARG A 309 -16.69 25.94 4.58
C ARG A 309 -16.60 25.82 6.09
N LYS A 310 -17.29 24.85 6.64
CA LYS A 310 -17.27 24.57 8.06
C LYS A 310 -16.44 23.31 8.26
N SER A 311 -15.36 23.42 9.02
CA SER A 311 -14.51 22.25 9.24
C SER A 311 -14.91 21.49 10.49
N ILE A 312 -15.09 20.19 10.35
CA ILE A 312 -15.43 19.33 11.46
C ILE A 312 -14.27 18.36 11.62
N ARG A 313 -13.72 18.28 12.82
CA ARG A 313 -12.60 17.39 13.05
C ARG A 313 -13.12 15.99 13.30
N ILE A 314 -12.98 15.09 12.33
CA ILE A 314 -13.11 13.68 12.67
C ILE A 314 -11.74 13.21 13.12
N GLY A 315 -11.43 13.49 14.38
CA GLY A 315 -10.08 13.31 14.86
C GLY A 315 -9.73 11.86 14.88
N PRO A 316 -8.45 11.57 15.06
CA PRO A 316 -7.35 12.51 15.16
C PRO A 316 -6.89 12.96 13.82
N GLY A 317 -6.77 14.27 13.63
CA GLY A 317 -6.06 14.79 12.48
C GLY A 317 -6.85 14.81 11.20
N GLN A 318 -7.88 13.99 11.08
CA GLN A 318 -8.69 14.01 9.89
C GLN A 318 -9.83 15.01 10.03
N ALA A 319 -10.03 15.82 9.00
CA ALA A 319 -10.97 16.92 9.06
C ALA A 319 -11.87 16.91 7.83
N PHE A 320 -13.14 17.20 8.04
CA PHE A 320 -14.18 17.09 7.02
C PHE A 320 -14.81 18.43 6.73
N TYR A 321 -14.93 18.76 5.45
CA TYR A 321 -15.39 20.07 5.01
C TYR A 321 -16.88 20.01 4.67
N ALA A 322 -17.72 20.56 5.54
CA ALA A 322 -19.14 20.58 5.26
C ALA A 322 -19.58 21.97 4.81
N THR A 323 -20.79 22.02 4.27
CA THR A 323 -21.39 23.27 3.78
C THR A 323 -21.90 24.07 4.96
N GLY A 324 -21.09 24.99 5.44
CA GLY A 324 -21.47 25.80 6.57
C GLY A 324 -22.76 26.55 6.33
N ASP A 325 -22.76 27.44 5.35
CA ASP A 325 -23.98 28.10 4.96
C ASP A 325 -23.80 28.71 3.58
N ILE A 326 -24.87 29.31 3.08
CA ILE A 326 -24.95 29.92 1.76
C ILE A 326 -25.37 31.36 1.95
N ILE A 327 -24.62 32.27 1.36
CA ILE A 327 -24.96 33.68 1.37
C ILE A 327 -24.90 34.20 -0.06
N GLY A 328 -25.63 35.26 -0.31
CA GLY A 328 -25.68 35.85 -1.63
C GLY A 328 -26.99 35.60 -2.35
N ASP A 329 -26.99 35.99 -3.62
CA ASP A 329 -28.17 35.81 -4.46
C ASP A 329 -28.42 34.33 -4.66
N ILE A 330 -29.47 33.83 -4.01
CA ILE A 330 -29.82 32.41 -4.07
C ILE A 330 -30.57 32.22 -5.38
N ARG A 331 -29.85 32.27 -6.47
CA ARG A 331 -30.46 31.88 -7.71
C ARG A 331 -30.36 30.37 -7.80
N GLN A 332 -30.73 29.84 -8.95
CA GLN A 332 -30.59 28.42 -9.20
C GLN A 332 -29.42 28.20 -10.13
N ALA A 333 -28.55 27.27 -9.78
CA ALA A 333 -27.40 26.99 -10.61
C ALA A 333 -27.84 26.65 -12.02
N HIS A 334 -27.15 27.20 -13.01
CA HIS A 334 -27.67 27.11 -14.36
C HIS A 334 -26.59 27.44 -15.36
N CYS A 335 -26.99 27.39 -16.63
CA CYS A 335 -26.11 27.70 -17.75
C CYS A 335 -26.87 28.41 -18.87
N ASN A 336 -26.24 29.43 -19.43
CA ASN A 336 -26.78 30.22 -20.53
C ASN A 336 -26.13 29.81 -21.83
N VAL A 337 -26.90 29.88 -22.91
CA VAL A 337 -26.37 29.62 -24.25
C VAL A 337 -27.08 30.50 -25.27
N SER A 338 -26.32 31.10 -26.17
CA SER A 338 -26.92 31.94 -27.21
C SER A 338 -27.83 31.11 -28.10
N LYS A 339 -29.14 31.35 -28.01
CA LYS A 339 -30.08 30.55 -28.78
C LYS A 339 -29.75 30.59 -30.26
N ALA A 340 -29.35 31.75 -30.76
CA ALA A 340 -29.16 31.91 -32.19
C ALA A 340 -28.09 30.96 -32.72
N THR A 341 -26.92 30.98 -32.09
CA THR A 341 -25.84 30.17 -32.60
C THR A 341 -26.16 28.70 -32.47
N TRP A 342 -26.79 28.31 -31.37
CA TRP A 342 -27.16 26.90 -31.19
C TRP A 342 -28.10 26.46 -32.30
N ASN A 343 -29.11 27.28 -32.60
CA ASN A 343 -30.05 26.89 -33.64
C ASN A 343 -29.37 26.82 -34.99
N GLU A 344 -28.55 27.80 -35.33
CA GLU A 344 -27.90 27.80 -36.63
C GLU A 344 -26.99 26.59 -36.77
N THR A 345 -26.15 26.37 -35.78
CA THR A 345 -25.19 25.28 -35.83
C THR A 345 -25.88 23.94 -35.83
N LEU A 346 -26.96 23.79 -35.07
CA LEU A 346 -27.71 22.55 -35.12
C LEU A 346 -28.36 22.37 -36.48
N GLY A 347 -28.63 23.44 -37.21
CA GLY A 347 -29.06 23.29 -38.59
C GLY A 347 -27.94 22.80 -39.49
N LYS A 348 -26.73 23.29 -39.27
CA LYS A 348 -25.58 22.67 -39.93
C LYS A 348 -25.58 21.17 -39.68
N VAL A 349 -25.84 20.79 -38.43
CA VAL A 349 -25.97 19.40 -38.08
C VAL A 349 -27.11 18.74 -38.85
N VAL A 350 -28.20 19.47 -39.05
CA VAL A 350 -29.31 18.95 -39.83
C VAL A 350 -28.83 18.57 -41.21
N LYS A 351 -28.06 19.46 -41.83
CA LYS A 351 -27.47 19.15 -43.13
C LYS A 351 -26.66 17.86 -43.06
N GLN A 352 -25.77 17.78 -42.08
CA GLN A 352 -24.84 16.68 -42.08
C GLN A 352 -25.52 15.36 -41.75
N LEU A 353 -26.48 15.35 -40.83
CA LEU A 353 -27.27 14.16 -40.60
C LEU A 353 -28.05 13.78 -41.83
N ARG A 354 -28.52 14.77 -42.58
CA ARG A 354 -29.20 14.49 -43.82
C ARG A 354 -28.29 13.76 -44.79
N LYS A 355 -27.04 14.20 -44.90
CA LYS A 355 -26.12 13.61 -45.86
C LYS A 355 -25.88 12.13 -45.62
N HIS A 356 -26.29 11.60 -44.47
CA HIS A 356 -26.25 10.17 -44.25
C HIS A 356 -27.61 9.52 -44.38
N PHE A 357 -28.66 10.32 -44.57
CA PHE A 357 -30.00 9.76 -44.62
C PHE A 357 -30.86 10.29 -45.76
N GLY A 358 -30.32 11.13 -46.63
CA GLY A 358 -31.10 11.53 -47.78
C GLY A 358 -31.79 12.86 -47.62
N ASN A 359 -31.79 13.67 -48.68
CA ASN A 359 -32.40 14.99 -48.63
C ASN A 359 -33.93 14.91 -48.58
N ASN A 360 -34.48 13.73 -48.38
CA ASN A 360 -35.92 13.51 -48.34
C ASN A 360 -36.41 13.06 -46.96
N THR A 361 -35.82 13.57 -45.89
CA THR A 361 -36.08 13.08 -44.54
C THR A 361 -36.39 14.22 -43.59
N ILE A 362 -36.88 13.84 -42.40
CA ILE A 362 -37.15 14.77 -41.31
C ILE A 362 -36.50 14.22 -40.04
N ILE A 363 -35.70 15.04 -39.38
CA ILE A 363 -34.93 14.58 -38.23
C ILE A 363 -35.50 15.20 -36.97
N ARG A 364 -35.59 14.41 -35.91
CA ARG A 364 -36.10 14.95 -34.66
C ARG A 364 -35.07 14.75 -33.56
N PHE A 365 -34.79 15.82 -32.81
CA PHE A 365 -33.98 15.74 -31.61
C PHE A 365 -34.89 15.84 -30.40
N ALA A 366 -34.94 14.77 -29.64
CA ALA A 366 -35.68 14.70 -28.41
C ALA A 366 -34.69 14.61 -27.26
N ASN A 367 -35.16 14.95 -26.07
CA ASN A 367 -34.32 14.77 -24.91
C ASN A 367 -34.15 13.27 -24.66
N SER A 368 -33.23 12.91 -23.76
CA SER A 368 -33.02 11.50 -23.50
C SER A 368 -34.21 10.90 -22.79
N SER A 369 -34.39 9.60 -22.97
CA SER A 369 -35.61 8.91 -22.57
C SER A 369 -35.57 8.40 -21.15
N GLY A 370 -34.80 9.03 -20.27
CA GLY A 370 -34.85 8.73 -18.85
C GLY A 370 -33.86 7.65 -18.48
N GLY A 371 -33.84 7.34 -17.18
CA GLY A 371 -32.90 6.38 -16.66
C GLY A 371 -32.06 6.90 -15.51
N ASP A 372 -30.82 6.45 -15.45
CA ASP A 372 -29.89 6.90 -14.42
C ASP A 372 -29.52 8.37 -14.63
N LEU A 373 -29.19 9.04 -13.53
CA LEU A 373 -28.90 10.47 -13.63
C LEU A 373 -27.69 10.71 -14.51
N GLU A 374 -26.64 9.92 -14.35
CA GLU A 374 -25.37 10.20 -15.01
C GLU A 374 -25.47 10.15 -16.53
N VAL A 375 -26.55 9.57 -17.08
CA VAL A 375 -26.75 9.59 -18.52
C VAL A 375 -27.87 10.54 -18.93
N THR A 376 -28.82 10.82 -18.04
CA THR A 376 -29.91 11.70 -18.42
C THR A 376 -29.48 13.13 -18.61
N THR A 377 -28.36 13.54 -18.06
CA THR A 377 -28.00 14.94 -18.05
C THR A 377 -26.60 15.16 -18.59
N HIS A 378 -26.37 16.41 -18.94
CA HIS A 378 -25.05 16.93 -19.24
C HIS A 378 -24.33 17.08 -17.90
N SER A 379 -23.64 16.03 -17.50
CA SER A 379 -22.82 16.07 -16.30
C SER A 379 -21.40 16.44 -16.68
N PHE A 380 -20.78 17.23 -15.84
CA PHE A 380 -19.41 17.67 -16.11
C PHE A 380 -18.83 18.27 -14.83
N ASN A 381 -17.58 18.68 -14.89
CA ASN A 381 -16.93 19.30 -13.75
C ASN A 381 -16.37 20.65 -14.15
N CYS A 382 -16.47 21.59 -13.22
CA CYS A 382 -16.39 23.00 -13.54
C CYS A 382 -16.08 23.77 -12.27
N GLY A 383 -14.93 24.43 -12.26
CA GLY A 383 -14.49 25.12 -11.08
C GLY A 383 -14.34 24.24 -9.88
N GLY A 384 -14.35 22.92 -10.06
CA GLY A 384 -14.23 22.06 -8.92
C GLY A 384 -15.53 21.37 -8.67
N GLU A 385 -16.64 22.03 -8.98
CA GLU A 385 -17.91 21.42 -8.68
C GLU A 385 -18.37 20.49 -9.77
N PHE A 386 -19.43 19.76 -9.48
CA PHE A 386 -19.98 18.77 -10.39
C PHE A 386 -21.39 19.18 -10.79
N PHE A 387 -21.58 19.40 -12.07
CA PHE A 387 -22.83 19.92 -12.60
C PHE A 387 -23.59 18.84 -13.36
N TYR A 388 -24.91 18.79 -13.11
CA TYR A 388 -25.83 17.94 -13.86
C TYR A 388 -26.86 18.88 -14.47
N CYS A 389 -26.73 19.15 -15.75
CA CYS A 389 -27.63 20.05 -16.46
C CYS A 389 -28.64 19.23 -17.24
N ASN A 390 -29.93 19.50 -17.01
CA ASN A 390 -30.98 18.90 -17.83
C ASN A 390 -30.98 19.55 -19.20
N THR A 391 -30.94 18.74 -20.24
CA THR A 391 -30.76 19.27 -21.58
C THR A 391 -32.03 19.23 -22.41
N SER A 392 -33.17 18.99 -21.77
CA SER A 392 -34.43 19.04 -22.52
C SER A 392 -34.50 20.28 -23.36
N GLY A 393 -34.12 21.41 -22.79
CA GLY A 393 -34.10 22.64 -23.54
C GLY A 393 -33.13 22.69 -24.69
N LEU A 394 -32.57 21.57 -25.13
CA LEU A 394 -31.68 21.62 -26.28
C LEU A 394 -31.97 20.60 -27.36
N PHE A 395 -32.73 19.56 -27.07
CA PHE A 395 -33.15 18.61 -28.09
C PHE A 395 -34.67 18.48 -28.01
N ASN A 396 -35.36 19.43 -28.63
CA ASN A 396 -36.79 19.56 -28.50
C ASN A 396 -37.37 20.03 -29.84
N SER A 397 -36.93 19.41 -30.93
CA SER A 397 -37.33 19.98 -32.21
C SER A 397 -37.28 18.92 -33.30
N THR A 398 -38.32 18.88 -34.12
CA THR A 398 -38.32 18.14 -35.37
C THR A 398 -38.03 19.10 -36.50
N TRP A 399 -37.39 18.59 -37.55
CA TRP A 399 -36.85 19.42 -38.61
C TRP A 399 -37.17 18.81 -39.97
N ILE A 400 -37.82 19.60 -40.81
CA ILE A 400 -38.34 19.21 -42.11
C ILE A 400 -37.19 19.01 -43.10
N SER A 401 -37.51 18.44 -44.26
CA SER A 401 -36.48 18.27 -45.29
C SER A 401 -35.84 19.60 -45.66
N ASN A 402 -36.62 20.68 -45.68
CA ASN A 402 -36.09 21.98 -46.04
C ASN A 402 -37.03 23.10 -45.62
N ASN A 414 -31.45 38.66 -26.11
CA ASN A 414 -30.61 38.15 -27.19
C ASN A 414 -31.41 37.33 -28.24
N ASP A 415 -32.19 36.31 -27.87
CA ASP A 415 -32.32 35.79 -26.50
C ASP A 415 -31.42 34.57 -26.33
N SER A 416 -31.42 34.00 -25.15
CA SER A 416 -30.57 32.88 -24.82
C SER A 416 -31.38 31.78 -24.13
N ILE A 417 -30.90 30.56 -24.25
CA ILE A 417 -31.54 29.40 -23.66
C ILE A 417 -30.93 29.18 -22.29
N THR A 418 -31.80 29.02 -21.30
CA THR A 418 -31.41 28.75 -19.92
C THR A 418 -31.56 27.28 -19.61
N LEU A 419 -30.52 26.72 -18.99
CA LEU A 419 -30.45 25.31 -18.64
C LEU A 419 -30.41 25.20 -17.14
N PRO A 420 -31.38 24.56 -16.53
CA PRO A 420 -31.42 24.47 -15.07
C PRO A 420 -30.67 23.24 -14.58
N CYS A 421 -29.56 23.42 -13.88
CA CYS A 421 -28.71 22.31 -13.47
C CYS A 421 -28.75 22.12 -11.97
N ARG A 422 -28.56 20.88 -11.55
CA ARG A 422 -28.46 20.53 -10.14
C ARG A 422 -27.03 20.18 -9.80
N ILE A 423 -26.74 20.21 -8.49
CA ILE A 423 -25.38 20.01 -7.99
C ILE A 423 -25.33 18.76 -7.14
N LYS A 424 -24.41 17.88 -7.47
CA LYS A 424 -24.27 16.63 -6.77
C LYS A 424 -22.97 16.64 -5.97
N GLN A 425 -22.92 15.81 -4.95
CA GLN A 425 -21.71 15.68 -4.15
C GLN A 425 -21.05 14.32 -4.27
N ILE A 426 -21.75 13.26 -3.92
CA ILE A 426 -21.12 11.96 -3.75
C ILE A 426 -21.06 11.33 -5.14
N ILE A 427 -20.07 11.69 -5.90
CA ILE A 427 -20.11 11.32 -7.30
C ILE A 427 -19.50 9.94 -7.44
N ASN A 428 -20.12 9.10 -8.25
CA ASN A 428 -19.62 7.76 -8.57
C ASN A 428 -18.99 7.83 -9.95
N MET A 429 -17.68 7.89 -10.01
CA MET A 429 -17.02 8.17 -11.25
C MET A 429 -16.81 6.92 -12.07
N TRP A 430 -17.01 7.06 -13.38
CA TRP A 430 -16.80 5.99 -14.35
C TRP A 430 -17.75 4.81 -14.17
N GLN A 431 -18.95 5.07 -13.66
CA GLN A 431 -19.99 4.07 -13.45
C GLN A 431 -19.53 2.94 -12.55
N ARG A 432 -18.32 3.04 -12.03
CA ARG A 432 -17.77 2.06 -11.13
C ARG A 432 -18.56 2.12 -9.83
N ILE A 433 -18.86 0.97 -9.26
CA ILE A 433 -19.51 0.94 -7.97
C ILE A 433 -18.52 0.43 -6.95
N GLY A 434 -18.81 0.68 -5.68
CA GLY A 434 -17.88 0.40 -4.64
C GLY A 434 -16.85 1.48 -4.39
N GLN A 435 -16.91 2.58 -5.11
CA GLN A 435 -15.97 3.67 -4.92
C GLN A 435 -16.73 4.97 -4.97
N ALA A 436 -16.29 5.94 -4.17
CA ALA A 436 -17.06 7.17 -4.11
C ALA A 436 -16.19 8.29 -3.58
N MET A 437 -16.00 9.29 -4.43
CA MET A 437 -15.27 10.49 -4.08
C MET A 437 -16.27 11.47 -3.52
N TYR A 438 -15.82 12.35 -2.65
CA TYR A 438 -16.69 13.34 -2.03
C TYR A 438 -16.06 14.69 -2.24
N ALA A 439 -16.51 15.40 -3.25
CA ALA A 439 -15.98 16.73 -3.50
C ALA A 439 -16.26 17.60 -2.29
N PRO A 440 -15.39 18.54 -1.97
CA PRO A 440 -15.64 19.40 -0.84
C PRO A 440 -16.41 20.63 -1.29
N PRO A 441 -17.13 21.29 -0.40
CA PRO A 441 -17.81 22.52 -0.78
C PRO A 441 -16.79 23.57 -1.19
N ILE A 442 -16.80 23.92 -2.46
CA ILE A 442 -15.86 24.91 -2.97
C ILE A 442 -16.35 26.29 -2.56
N GLN A 443 -15.52 27.02 -1.84
CA GLN A 443 -15.97 28.27 -1.29
C GLN A 443 -16.03 29.33 -2.38
N GLY A 444 -16.89 30.31 -2.17
CA GLY A 444 -17.00 31.42 -3.07
C GLY A 444 -18.07 31.22 -4.11
N VAL A 445 -18.02 32.07 -5.12
CA VAL A 445 -18.96 32.06 -6.23
C VAL A 445 -18.28 31.41 -7.42
N ILE A 446 -19.04 30.65 -8.20
CA ILE A 446 -18.46 29.90 -9.31
C ILE A 446 -18.99 30.45 -10.62
N ARG A 447 -18.08 30.79 -11.52
CA ARG A 447 -18.46 31.32 -12.83
C ARG A 447 -17.50 30.73 -13.84
N CYS A 448 -18.03 30.01 -14.81
CA CYS A 448 -17.23 29.05 -15.55
C CYS A 448 -17.76 28.93 -16.96
N VAL A 449 -16.89 29.21 -17.93
CA VAL A 449 -17.31 29.42 -19.30
C VAL A 449 -16.62 28.39 -20.15
N SER A 450 -17.27 27.98 -21.23
CA SER A 450 -16.76 26.85 -21.97
C SER A 450 -17.34 26.81 -23.37
N ASN A 451 -16.68 26.07 -24.24
CA ASN A 451 -17.19 25.75 -25.55
C ASN A 451 -17.99 24.46 -25.46
N ILE A 452 -18.86 24.23 -26.42
CA ILE A 452 -19.37 22.87 -26.66
C ILE A 452 -19.03 22.53 -28.10
N THR A 453 -18.14 21.57 -28.30
CA THR A 453 -17.67 21.36 -29.65
C THR A 453 -18.29 20.15 -30.34
N GLY A 454 -18.92 19.24 -29.60
CA GLY A 454 -19.39 18.04 -30.25
C GLY A 454 -20.64 17.50 -29.60
N LEU A 455 -21.08 16.37 -30.13
CA LEU A 455 -22.32 15.75 -29.70
C LEU A 455 -22.20 14.24 -29.77
N ILE A 456 -23.03 13.57 -28.97
CA ILE A 456 -23.02 12.12 -28.80
C ILE A 456 -24.46 11.63 -28.83
N LEU A 457 -24.91 11.14 -29.98
CA LEU A 457 -26.32 10.88 -30.16
C LEU A 457 -26.61 9.39 -30.31
N THR A 458 -27.87 9.03 -30.10
CA THR A 458 -28.33 7.65 -30.15
C THR A 458 -29.64 7.59 -30.92
N ARG A 459 -29.72 6.66 -31.86
CA ARG A 459 -30.83 6.47 -32.77
C ARG A 459 -31.81 5.43 -32.21
N ASP A 460 -33.07 5.61 -32.57
CA ASP A 460 -34.09 4.63 -32.21
C ASP A 460 -34.95 4.21 -33.38
N GLY A 461 -34.67 4.69 -34.59
CA GLY A 461 -35.52 4.58 -35.76
C GLY A 461 -35.31 3.21 -36.42
N GLY A 462 -35.71 3.10 -37.69
CA GLY A 462 -35.83 1.87 -38.49
C GLY A 462 -37.13 1.12 -38.19
N SER A 463 -38.14 1.83 -37.73
CA SER A 463 -39.52 1.35 -37.71
C SER A 463 -40.36 2.37 -38.46
N THR A 464 -40.96 1.95 -39.58
CA THR A 464 -41.58 2.89 -40.52
C THR A 464 -40.57 3.97 -40.89
N ASN A 465 -39.45 3.55 -41.45
CA ASN A 465 -38.24 4.36 -41.59
C ASN A 465 -38.25 5.04 -42.97
N SER A 466 -38.92 6.18 -43.06
CA SER A 466 -38.93 6.86 -44.34
C SER A 466 -38.33 8.26 -44.26
N THR A 467 -38.91 9.10 -43.44
CA THR A 467 -38.45 10.48 -43.37
C THR A 467 -38.20 10.97 -41.96
N THR A 468 -38.99 10.51 -40.98
CA THR A 468 -38.97 11.03 -39.62
C THR A 468 -38.08 10.15 -38.75
N GLU A 469 -36.84 10.59 -38.54
CA GLU A 469 -35.93 9.95 -37.60
C GLU A 469 -35.79 10.80 -36.35
N THR A 470 -35.72 10.13 -35.21
CA THR A 470 -35.59 10.80 -33.92
C THR A 470 -34.30 10.36 -33.23
N PHE A 471 -33.54 11.35 -32.78
CA PHE A 471 -32.24 11.13 -32.15
C PHE A 471 -32.29 11.70 -30.74
N ARG A 472 -31.76 10.96 -29.79
CA ARG A 472 -31.68 11.57 -28.48
C ARG A 472 -30.28 11.43 -27.91
N PRO A 473 -29.87 12.31 -27.01
CA PRO A 473 -28.51 12.28 -26.50
C PRO A 473 -28.39 11.34 -25.30
N GLY A 474 -27.18 10.85 -25.09
CA GLY A 474 -26.95 9.99 -23.94
C GLY A 474 -25.57 9.36 -23.99
N GLY A 475 -25.49 8.15 -23.45
CA GLY A 475 -24.23 7.44 -23.35
C GLY A 475 -23.85 7.10 -21.92
N GLY A 476 -22.75 7.68 -21.44
CA GLY A 476 -22.23 7.39 -20.13
C GLY A 476 -20.84 6.78 -20.12
N ASP A 477 -20.30 6.38 -21.24
CA ASP A 477 -18.91 5.95 -21.28
C ASP A 477 -18.02 7.10 -21.72
N MET A 478 -17.10 7.47 -20.85
CA MET A 478 -16.16 8.51 -21.25
C MET A 478 -15.34 8.10 -22.46
N ARG A 479 -15.12 6.79 -22.65
CA ARG A 479 -14.25 6.38 -23.74
C ARG A 479 -14.74 6.92 -25.07
N ASP A 480 -16.03 7.23 -25.16
CA ASP A 480 -16.45 8.06 -26.28
C ASP A 480 -15.74 9.39 -26.28
N ASN A 481 -15.83 10.14 -25.18
CA ASN A 481 -15.13 11.41 -25.11
C ASN A 481 -13.72 11.25 -25.59
N TRP A 482 -13.05 10.20 -25.14
CA TRP A 482 -11.64 10.04 -25.47
C TRP A 482 -11.42 9.73 -26.93
N ARG A 483 -12.32 8.96 -27.55
CA ARG A 483 -12.11 8.65 -28.96
C ARG A 483 -12.29 9.88 -29.81
N SER A 484 -12.96 10.91 -29.28
CA SER A 484 -13.21 12.10 -30.07
C SER A 484 -11.98 12.93 -30.30
N GLU A 485 -10.90 12.74 -29.54
CA GLU A 485 -9.69 13.51 -29.77
C GLU A 485 -8.51 12.65 -30.17
N LEU A 486 -8.65 11.33 -30.12
CA LEU A 486 -7.58 10.45 -30.55
C LEU A 486 -7.89 9.83 -31.91
N TYR A 487 -9.01 10.19 -32.50
CA TYR A 487 -9.40 9.65 -33.80
C TYR A 487 -8.33 9.92 -34.85
N LYS A 488 -7.61 11.03 -34.74
CA LYS A 488 -6.55 11.34 -35.68
C LYS A 488 -5.24 10.66 -35.33
N TYR A 489 -5.20 9.88 -34.26
CA TYR A 489 -3.93 9.38 -33.76
C TYR A 489 -3.85 7.87 -33.81
N LYS A 490 -2.65 7.38 -34.08
CA LYS A 490 -2.43 5.95 -34.13
C LYS A 490 -0.98 5.65 -33.82
N VAL A 491 -0.72 4.63 -33.03
CA VAL A 491 0.63 4.26 -32.63
C VAL A 491 1.13 3.17 -33.55
N VAL A 492 2.39 3.27 -33.94
CA VAL A 492 2.98 2.21 -34.74
C VAL A 492 4.33 1.84 -34.18
N LYS A 493 4.62 0.55 -34.27
CA LYS A 493 5.89 0.01 -33.84
C LYS A 493 6.84 0.07 -35.03
N ILE A 494 8.03 0.45 -34.77
CA ILE A 494 9.01 0.58 -35.82
C ILE A 494 9.88 -0.67 -35.85
N GLU A 495 10.24 -1.11 -37.05
CA GLU A 495 11.07 -2.29 -37.25
C GLU A 495 12.27 -1.91 -38.10
N PRO A 496 13.22 -1.23 -37.52
CA PRO A 496 14.32 -0.67 -38.31
C PRO A 496 15.17 -1.72 -38.99
N LEU A 497 14.77 -2.98 -38.86
CA LEU A 497 15.40 -4.07 -39.57
C LEU A 497 14.68 -4.29 -40.88
N GLY A 498 15.43 -4.49 -41.97
CA GLY A 498 14.76 -4.70 -43.22
C GLY A 498 15.48 -5.65 -44.15
N VAL A 499 14.73 -6.55 -44.78
CA VAL A 499 15.27 -7.38 -45.83
C VAL A 499 14.61 -6.97 -47.13
N ALA A 500 15.41 -6.87 -48.19
CA ALA A 500 14.90 -6.44 -49.48
C ALA A 500 15.89 -6.86 -50.54
N PRO A 501 15.45 -7.02 -51.77
CA PRO A 501 16.38 -7.37 -52.84
C PRO A 501 16.95 -6.15 -53.57
N THR A 502 18.25 -6.21 -53.78
CA THR A 502 18.98 -5.36 -54.72
C THR A 502 20.13 -6.22 -55.20
N ARG A 503 21.09 -5.60 -55.89
CA ARG A 503 22.20 -6.42 -56.36
C ARG A 503 23.25 -6.58 -55.27
N CYS A 504 22.79 -6.91 -54.06
CA CYS A 504 23.58 -7.59 -53.05
C CYS A 504 22.85 -8.92 -52.85
N LYS A 505 23.58 -9.96 -52.47
CA LYS A 505 23.38 -11.21 -53.20
C LYS A 505 22.89 -12.45 -52.46
N ARG A 506 23.17 -12.61 -51.16
CA ARG A 506 23.17 -13.91 -50.48
C ARG A 506 21.91 -14.77 -50.77
N ARG A 507 22.06 -16.10 -50.62
CA ARG A 507 21.00 -17.09 -50.81
C ARG A 507 20.74 -17.91 -49.55
N VAL A 508 20.09 -19.05 -49.75
CA VAL A 508 19.89 -20.10 -48.77
C VAL A 508 21.18 -20.91 -48.55
N VAL B 15 18.65 14.52 -48.92
CA VAL B 15 17.59 15.47 -48.65
C VAL B 15 17.06 15.24 -47.24
N PHE B 16 16.93 16.32 -46.45
CA PHE B 16 16.49 16.20 -45.07
C PHE B 16 14.99 16.00 -45.04
N LEU B 17 14.57 14.74 -45.16
CA LEU B 17 13.17 14.40 -44.95
C LEU B 17 12.82 14.45 -43.47
N GLY B 18 13.44 13.60 -42.67
CA GLY B 18 13.17 13.51 -41.25
C GLY B 18 12.72 12.11 -40.85
N PHE B 19 12.28 12.01 -39.61
CA PHE B 19 11.88 10.72 -39.06
C PHE B 19 10.77 10.11 -39.90
N LEU B 20 11.06 8.96 -40.49
CA LEU B 20 10.15 8.30 -41.42
C LEU B 20 9.88 9.15 -42.64
N GLY B 21 10.71 10.18 -42.85
CA GLY B 21 10.43 11.17 -43.87
C GLY B 21 10.33 10.59 -45.27
N ALA B 22 10.96 9.44 -45.50
CA ALA B 22 10.93 8.81 -46.80
C ALA B 22 9.91 7.68 -46.87
N ALA B 23 8.95 7.67 -45.95
CA ALA B 23 7.94 6.62 -45.98
C ALA B 23 7.16 6.65 -47.28
N GLY B 24 6.78 7.83 -47.73
CA GLY B 24 6.15 7.97 -49.03
C GLY B 24 7.18 8.18 -50.10
N SER B 25 8.02 7.17 -50.32
CA SER B 25 9.03 7.25 -51.37
C SER B 25 9.44 5.84 -51.76
N THR B 26 9.92 5.69 -52.99
CA THR B 26 10.43 4.41 -53.43
C THR B 26 11.59 3.99 -52.55
N MET B 27 11.84 2.69 -52.50
CA MET B 27 12.83 2.18 -51.57
C MET B 27 14.21 2.79 -51.82
N GLY B 28 14.57 2.98 -53.08
CA GLY B 28 15.84 3.60 -53.38
C GLY B 28 15.91 5.03 -52.88
N ALA B 29 14.75 5.68 -52.76
CA ALA B 29 14.75 7.03 -52.21
C ALA B 29 15.10 7.01 -50.73
N ALA B 30 14.36 6.21 -49.95
CA ALA B 30 14.68 6.06 -48.54
C ALA B 30 16.07 5.49 -48.33
N SER B 31 16.68 4.94 -49.38
CA SER B 31 17.98 4.32 -49.27
C SER B 31 19.08 5.29 -48.87
N MET B 32 18.73 6.53 -48.55
CA MET B 32 19.72 7.51 -48.14
C MET B 32 19.42 8.11 -46.78
N THR B 33 18.23 7.89 -46.24
CA THR B 33 17.83 8.60 -45.02
C THR B 33 17.67 7.62 -43.86
N LEU B 34 18.57 6.66 -43.76
CA LEU B 34 18.40 5.59 -42.80
C LEU B 34 18.66 6.07 -41.38
N THR B 35 19.67 6.93 -41.23
CA THR B 35 20.13 7.31 -39.91
C THR B 35 19.04 8.02 -39.12
N VAL B 36 18.13 8.69 -39.82
CA VAL B 36 17.21 9.59 -39.14
C VAL B 36 16.30 8.80 -38.22
N GLN B 37 15.91 7.60 -38.62
CA GLN B 37 15.15 6.79 -37.70
C GLN B 37 16.01 6.28 -36.57
N ALA B 38 17.26 5.94 -36.87
CA ALA B 38 18.11 5.34 -35.86
C ALA B 38 18.31 6.28 -34.69
N ARG B 39 18.49 7.57 -34.96
CA ARG B 39 18.67 8.51 -33.86
C ARG B 39 17.52 8.45 -32.87
N ASN B 40 16.30 8.27 -33.33
CA ASN B 40 15.16 8.34 -32.43
C ASN B 40 15.08 7.13 -31.52
N LEU B 41 16.07 6.25 -31.55
CA LEU B 41 16.02 5.06 -30.71
C LEU B 41 16.48 5.32 -29.29
N LEU B 42 16.71 6.56 -28.91
CA LEU B 42 16.83 6.82 -27.48
C LEU B 42 16.15 8.09 -27.01
N SER B 43 15.93 9.08 -27.87
CA SER B 43 15.26 10.34 -27.50
C SER B 43 15.98 11.14 -26.42
N GLY B 44 17.21 10.74 -26.07
CA GLY B 44 18.05 11.56 -25.22
C GLY B 44 17.51 11.93 -23.84
N ILE B 45 17.14 13.20 -23.69
CA ILE B 45 16.79 13.85 -22.42
C ILE B 45 15.72 13.10 -21.64
N VAL B 46 15.13 12.07 -22.25
CA VAL B 46 13.76 11.62 -21.98
C VAL B 46 13.35 11.80 -20.52
N GLN B 47 14.26 11.47 -19.59
CA GLN B 47 13.99 11.60 -18.16
C GLN B 47 12.85 10.70 -17.74
N GLN B 48 12.27 9.96 -18.69
CA GLN B 48 11.08 9.17 -18.44
C GLN B 48 11.44 7.72 -18.20
N LEU B 63 10.12 9.60 -5.64
CA LEU B 63 8.96 9.26 -6.44
C LEU B 63 8.58 7.79 -6.24
N LYS B 64 7.39 7.60 -5.68
CA LYS B 64 6.90 6.32 -5.24
C LYS B 64 6.33 5.55 -6.45
N LEU B 65 5.44 4.56 -6.27
CA LEU B 65 4.80 3.88 -7.39
C LEU B 65 4.52 4.83 -8.54
N THR B 66 3.77 5.91 -8.28
CA THR B 66 3.66 7.01 -9.22
C THR B 66 3.24 6.57 -10.61
N VAL B 67 1.96 6.22 -10.78
CA VAL B 67 1.46 5.93 -12.11
C VAL B 67 2.06 6.93 -13.07
N TRP B 68 2.49 6.43 -14.22
CA TRP B 68 3.46 7.04 -15.12
C TRP B 68 4.90 6.87 -14.67
N GLY B 69 5.14 6.44 -13.43
CA GLY B 69 6.52 6.14 -13.08
C GLY B 69 6.90 4.75 -13.53
N ILE B 70 6.15 3.77 -13.04
CA ILE B 70 6.27 2.43 -13.58
C ILE B 70 6.17 2.48 -15.09
N LYS B 71 5.29 3.33 -15.61
CA LYS B 71 5.16 3.44 -17.05
C LYS B 71 6.45 3.95 -17.67
N GLN B 72 7.03 4.98 -17.07
CA GLN B 72 8.28 5.50 -17.59
C GLN B 72 9.34 4.41 -17.69
N LEU B 73 9.58 3.73 -16.57
CA LEU B 73 10.68 2.77 -16.55
C LEU B 73 10.39 1.60 -17.47
N GLN B 74 9.16 1.10 -17.44
CA GLN B 74 8.80 -0.02 -18.27
C GLN B 74 8.94 0.37 -19.74
N ALA B 75 8.70 1.64 -20.03
CA ALA B 75 8.94 2.15 -21.36
C ALA B 75 10.40 2.08 -21.72
N ARG B 76 11.27 2.62 -20.88
CA ARG B 76 12.68 2.67 -21.25
C ARG B 76 13.24 1.28 -21.43
N VAL B 77 12.90 0.38 -20.52
CA VAL B 77 13.41 -0.96 -20.64
C VAL B 77 12.87 -1.60 -21.89
N LEU B 78 11.62 -1.32 -22.25
CA LEU B 78 11.10 -1.85 -23.49
C LEU B 78 11.92 -1.33 -24.65
N ALA B 79 12.28 -0.06 -24.59
CA ALA B 79 12.98 0.53 -25.71
C ALA B 79 14.33 -0.12 -25.90
N VAL B 80 15.11 -0.20 -24.84
CA VAL B 80 16.44 -0.79 -25.00
C VAL B 80 16.32 -2.27 -25.34
N GLU B 81 15.32 -2.95 -24.80
CA GLU B 81 15.12 -4.34 -25.13
C GLU B 81 14.85 -4.48 -26.61
N ARG B 82 13.95 -3.65 -27.13
CA ARG B 82 13.67 -3.66 -28.56
C ARG B 82 14.92 -3.41 -29.34
N TYR B 83 15.67 -2.38 -28.96
CA TYR B 83 16.89 -2.04 -29.66
C TYR B 83 17.85 -3.22 -29.68
N LEU B 84 18.01 -3.85 -28.54
CA LEU B 84 19.01 -4.88 -28.45
C LEU B 84 18.60 -6.14 -29.18
N ARG B 85 17.31 -6.41 -29.28
CA ARG B 85 16.90 -7.56 -30.06
C ARG B 85 17.47 -7.47 -31.46
N ASP B 86 17.20 -6.36 -32.14
CA ASP B 86 17.65 -6.26 -33.52
C ASP B 86 19.14 -6.05 -33.59
N GLN B 87 19.72 -5.30 -32.65
CA GLN B 87 21.16 -5.19 -32.70
C GLN B 87 21.79 -6.56 -32.55
N GLN B 88 21.16 -7.43 -31.78
CA GLN B 88 21.61 -8.80 -31.67
C GLN B 88 21.50 -9.49 -33.02
N LEU B 89 20.34 -9.37 -33.65
CA LEU B 89 20.18 -9.96 -34.98
C LEU B 89 21.30 -9.52 -35.91
N LEU B 90 21.67 -8.25 -35.86
CA LEU B 90 22.77 -7.80 -36.69
C LEU B 90 24.09 -8.33 -36.21
N GLY B 91 24.21 -8.60 -34.91
CA GLY B 91 25.46 -9.14 -34.42
C GLY B 91 25.62 -10.52 -35.01
N ILE B 92 24.50 -11.23 -35.09
CA ILE B 92 24.52 -12.58 -35.61
C ILE B 92 24.84 -12.58 -37.10
N TRP B 93 24.01 -11.92 -37.90
CA TRP B 93 24.42 -11.67 -39.26
C TRP B 93 25.61 -10.73 -39.20
N GLY B 94 26.78 -11.30 -38.96
CA GLY B 94 27.83 -10.46 -38.43
C GLY B 94 28.23 -9.42 -39.45
N CYS B 95 27.70 -8.22 -39.27
CA CYS B 95 28.20 -7.08 -40.01
C CYS B 95 28.68 -6.01 -39.06
N SER B 96 27.75 -5.49 -38.25
CA SER B 96 27.93 -4.37 -37.33
C SER B 96 28.28 -3.07 -38.07
N GLY B 97 28.68 -3.19 -39.32
CA GLY B 97 28.90 -2.07 -40.22
C GLY B 97 27.65 -1.88 -41.04
N LYS B 98 26.60 -1.42 -40.38
CA LYS B 98 25.25 -1.71 -40.83
C LYS B 98 24.88 -0.93 -42.08
N LEU B 99 23.58 -0.97 -42.38
CA LEU B 99 22.90 -0.35 -43.50
C LEU B 99 23.19 -1.04 -44.82
N ILE B 100 24.28 -1.84 -44.87
CA ILE B 100 24.67 -2.60 -46.06
C ILE B 100 25.48 -3.83 -45.69
N CYS B 101 25.01 -5.00 -46.08
CA CYS B 101 25.83 -6.20 -46.02
C CYS B 101 25.74 -6.93 -47.35
N CYS B 102 26.90 -7.24 -47.92
CA CYS B 102 26.90 -7.82 -49.24
C CYS B 102 28.00 -8.86 -49.36
N THR B 103 27.65 -9.97 -49.95
CA THR B 103 28.56 -11.06 -50.24
C THR B 103 28.45 -11.38 -51.72
N ASN B 104 28.99 -12.53 -52.12
CA ASN B 104 29.07 -12.89 -53.53
C ASN B 104 28.25 -14.12 -53.89
N VAL B 105 27.39 -14.58 -53.00
CA VAL B 105 26.55 -15.77 -53.20
C VAL B 105 25.24 -15.37 -53.86
N PRO B 106 24.70 -16.13 -54.83
CA PRO B 106 23.45 -15.70 -55.51
C PRO B 106 22.29 -15.66 -54.52
N TRP B 107 21.10 -15.30 -55.01
CA TRP B 107 19.88 -15.19 -54.19
C TRP B 107 18.78 -16.04 -54.77
N ASN B 108 17.93 -16.60 -53.89
CA ASN B 108 16.79 -17.42 -54.31
C ASN B 108 15.65 -16.57 -54.85
N SER B 109 15.23 -16.87 -56.07
CA SER B 109 14.16 -16.13 -56.73
C SER B 109 12.77 -16.63 -56.38
N SER B 110 12.66 -17.80 -55.74
CA SER B 110 11.34 -18.40 -55.51
C SER B 110 10.41 -17.50 -54.72
N TRP B 111 10.95 -16.63 -53.88
CA TRP B 111 10.14 -15.88 -52.92
C TRP B 111 9.59 -14.62 -53.57
N SER B 112 8.40 -14.75 -54.14
CA SER B 112 7.67 -13.66 -54.79
C SER B 112 8.52 -12.98 -55.86
N ASN B 113 8.87 -13.72 -56.90
CA ASN B 113 9.81 -13.22 -57.90
C ASN B 113 9.23 -11.99 -58.58
N ARG B 114 10.03 -10.93 -58.65
CA ARG B 114 9.60 -9.66 -59.21
C ARG B 114 10.76 -9.02 -59.94
N ASN B 115 10.45 -7.93 -60.64
CA ASN B 115 11.44 -7.25 -61.47
C ASN B 115 12.12 -6.13 -60.70
N LEU B 116 13.25 -5.68 -61.23
CA LEU B 116 13.95 -4.54 -60.66
C LEU B 116 13.07 -3.28 -60.71
N SER B 117 12.52 -2.99 -61.89
CA SER B 117 11.61 -1.86 -62.01
C SER B 117 10.36 -2.07 -61.16
N GLU B 118 9.98 -3.32 -60.94
CA GLU B 118 8.85 -3.65 -60.09
C GLU B 118 9.12 -3.31 -58.64
N ILE B 119 10.35 -2.92 -58.31
CA ILE B 119 10.73 -2.63 -56.93
C ILE B 119 11.07 -1.15 -56.82
N TRP B 120 12.03 -0.71 -57.64
CA TRP B 120 12.55 0.64 -57.50
C TRP B 120 11.73 1.65 -58.28
N ASP B 121 11.09 1.23 -59.36
CA ASP B 121 10.21 2.11 -60.11
C ASP B 121 8.75 1.79 -59.85
N ASN B 122 8.46 0.82 -59.00
CA ASN B 122 7.08 0.47 -58.75
C ASN B 122 6.73 0.29 -57.28
N MET B 123 7.68 0.35 -56.36
CA MET B 123 7.34 0.00 -54.99
C MET B 123 8.11 0.86 -54.00
N THR B 124 7.40 1.21 -52.95
CA THR B 124 7.95 1.79 -51.74
C THR B 124 8.04 0.71 -50.67
N TRP B 125 8.82 1.00 -49.64
CA TRP B 125 9.07 0.01 -48.60
C TRP B 125 7.77 -0.52 -48.01
N LEU B 126 6.81 0.36 -47.76
CA LEU B 126 5.54 -0.06 -47.20
C LEU B 126 4.95 -1.19 -48.02
N GLN B 127 4.64 -0.94 -49.28
CA GLN B 127 4.09 -1.98 -50.11
C GLN B 127 4.98 -3.22 -50.16
N TRP B 128 6.29 -3.04 -50.01
CA TRP B 128 7.20 -4.16 -50.14
C TRP B 128 7.06 -5.12 -48.97
N ASP B 129 7.02 -4.59 -47.75
CA ASP B 129 6.93 -5.47 -46.60
C ASP B 129 5.66 -6.31 -46.64
N LYS B 130 4.56 -5.76 -47.15
CA LYS B 130 3.34 -6.54 -47.27
C LYS B 130 3.59 -7.83 -48.03
N GLU B 131 4.42 -7.77 -49.07
CA GLU B 131 4.69 -8.95 -49.88
C GLU B 131 5.77 -9.84 -49.29
N ILE B 132 6.73 -9.27 -48.58
CA ILE B 132 7.83 -10.08 -48.08
C ILE B 132 7.54 -10.67 -46.71
N SER B 133 6.39 -10.32 -46.12
CA SER B 133 6.08 -10.71 -44.75
C SER B 133 6.12 -12.22 -44.51
N ASN B 134 6.15 -13.04 -45.56
CA ASN B 134 6.08 -14.48 -45.33
C ASN B 134 7.45 -15.09 -45.10
N TYR B 135 8.46 -14.64 -45.83
CA TYR B 135 9.72 -15.36 -45.91
C TYR B 135 10.72 -14.91 -44.87
N THR B 136 10.31 -14.02 -43.97
CA THR B 136 11.24 -13.43 -43.02
C THR B 136 11.96 -14.46 -42.18
N GLN B 137 11.21 -15.29 -41.47
CA GLN B 137 11.83 -16.24 -40.57
C GLN B 137 12.72 -17.21 -41.32
N ILE B 138 12.33 -17.54 -42.56
CA ILE B 138 13.21 -18.32 -43.41
C ILE B 138 14.53 -17.61 -43.58
N ILE B 139 14.49 -16.38 -44.09
CA ILE B 139 15.71 -15.68 -44.45
C ILE B 139 16.61 -15.54 -43.25
N TYR B 140 16.00 -15.28 -42.10
CA TYR B 140 16.78 -15.09 -40.90
C TYR B 140 17.68 -16.28 -40.64
N GLY B 141 17.19 -17.48 -40.92
CA GLY B 141 17.91 -18.66 -40.52
C GLY B 141 19.16 -18.87 -41.36
N LEU B 142 19.04 -18.70 -42.66
CA LEU B 142 20.18 -18.99 -43.51
C LEU B 142 21.19 -17.85 -43.48
N LEU B 143 20.73 -16.60 -43.42
CA LEU B 143 21.71 -15.55 -43.24
C LEU B 143 22.47 -15.75 -41.94
N GLU B 144 21.80 -16.28 -40.92
CA GLU B 144 22.44 -16.61 -39.66
C GLU B 144 23.42 -17.75 -39.82
N GLU B 145 22.99 -18.86 -40.40
CA GLU B 145 23.79 -20.08 -40.37
C GLU B 145 24.91 -20.02 -41.40
N SER B 146 24.53 -19.82 -42.66
CA SER B 146 25.42 -20.08 -43.77
C SER B 146 26.69 -19.24 -43.71
N GLN B 147 26.56 -17.92 -43.75
CA GLN B 147 27.77 -17.12 -43.84
C GLN B 147 28.55 -17.18 -42.54
N ASN B 148 27.86 -17.16 -41.41
CA ASN B 148 28.57 -17.25 -40.15
C ASN B 148 29.44 -18.50 -40.09
N GLN B 149 28.87 -19.66 -40.43
CA GLN B 149 29.66 -20.87 -40.35
C GLN B 149 30.74 -20.93 -41.43
N GLN B 150 30.45 -20.45 -42.64
CA GLN B 150 31.47 -20.55 -43.67
C GLN B 150 32.63 -19.61 -43.39
N GLU B 151 32.34 -18.34 -43.14
CA GLU B 151 33.37 -17.41 -42.72
C GLU B 151 34.00 -17.81 -41.40
N LYS B 152 33.36 -18.71 -40.66
CA LYS B 152 34.04 -19.26 -39.52
C LYS B 152 34.97 -20.38 -39.97
N ASN B 153 36.01 -20.57 -39.17
CA ASN B 153 36.91 -21.71 -39.30
C ASN B 153 37.78 -21.56 -40.54
N GLU B 154 37.45 -20.62 -41.41
CA GLU B 154 38.41 -20.30 -42.46
C GLU B 154 39.44 -19.32 -41.95
N GLN B 155 39.01 -18.38 -41.12
CA GLN B 155 39.94 -17.61 -40.32
C GLN B 155 40.79 -18.54 -39.47
N ASP B 156 40.17 -19.62 -38.99
CA ASP B 156 40.91 -20.67 -38.31
C ASP B 156 41.88 -21.36 -39.24
N LEU B 157 41.54 -21.47 -40.52
CA LEU B 157 42.47 -22.06 -41.47
C LEU B 157 43.64 -21.14 -41.78
N LEU B 158 43.38 -19.84 -41.92
CA LEU B 158 44.44 -18.91 -42.28
C LEU B 158 45.21 -18.41 -41.07
N ALA B 159 44.90 -18.91 -39.88
CA ALA B 159 45.67 -18.62 -38.68
C ALA B 159 46.87 -19.55 -38.55
N LEU B 160 47.28 -20.19 -39.64
CA LEU B 160 48.41 -21.11 -39.63
C LEU B 160 49.63 -20.53 -40.34
N ASP B 161 49.47 -20.04 -41.56
CA ASP B 161 50.56 -19.40 -42.26
C ASP B 161 50.15 -18.03 -42.78
N ASP C 1 -13.18 45.95 9.92
CA ASP C 1 -14.58 46.09 10.28
C ASP C 1 -15.08 47.49 10.02
N ILE C 2 -16.17 47.84 10.67
CA ILE C 2 -16.83 49.12 10.46
C ILE C 2 -16.28 50.20 11.39
N ARG C 3 -15.33 50.98 10.89
CA ARG C 3 -14.76 52.12 11.61
C ARG C 3 -14.71 53.31 10.66
N ILE C 4 -15.82 54.03 10.57
CA ILE C 4 -16.00 55.12 9.60
C ILE C 4 -15.42 56.41 10.18
N ALA C 5 -14.96 57.29 9.30
CA ALA C 5 -14.38 58.57 9.69
C ALA C 5 -14.89 59.67 8.78
N GLU C 6 -15.92 60.38 9.21
CA GLU C 6 -16.43 61.53 8.47
C GLU C 6 -15.55 62.75 8.71
N SER C 7 -15.45 63.60 7.69
CA SER C 7 -14.68 64.83 7.76
C SER C 7 -14.84 65.57 6.44
N GLY C 8 -14.32 66.80 6.41
CA GLY C 8 -14.20 67.55 5.17
C GLY C 8 -15.00 68.82 5.10
N GLY C 9 -15.76 69.19 6.13
CA GLY C 9 -16.58 70.37 6.06
C GLY C 9 -15.76 71.65 5.98
N GLY C 10 -16.47 72.77 5.95
CA GLY C 10 -15.82 74.06 5.94
C GLY C 10 -16.70 75.21 6.37
N LEU C 11 -16.10 76.19 7.04
CA LEU C 11 -16.76 77.42 7.44
C LEU C 11 -16.33 78.48 6.44
N VAL C 12 -17.12 78.66 5.39
CA VAL C 12 -16.73 79.46 4.23
C VAL C 12 -17.87 80.37 3.81
N GLN C 13 -17.66 81.09 2.72
CA GLN C 13 -18.63 81.99 2.11
C GLN C 13 -19.16 81.38 0.81
N PRO C 14 -20.37 81.76 0.39
CA PRO C 14 -20.99 81.08 -0.75
C PRO C 14 -20.17 81.20 -2.02
N GLY C 15 -20.38 80.25 -2.93
CA GLY C 15 -19.73 80.30 -4.22
C GLY C 15 -18.35 79.67 -4.22
N GLU C 16 -18.26 78.40 -3.85
CA GLU C 16 -16.97 77.71 -3.86
C GLU C 16 -17.20 76.20 -3.90
N SER C 17 -16.14 75.46 -3.62
CA SER C 17 -16.16 74.00 -3.61
C SER C 17 -15.56 73.50 -2.30
N LEU C 18 -15.70 72.20 -2.06
CA LEU C 18 -15.23 71.60 -0.82
C LEU C 18 -15.02 70.11 -1.04
N ARG C 19 -14.19 69.50 -0.21
CA ARG C 19 -13.89 68.09 -0.30
C ARG C 19 -14.30 67.38 0.98
N LEU C 20 -15.11 66.33 0.84
CA LEU C 20 -15.52 65.48 1.94
C LEU C 20 -14.87 64.12 1.81
N ALA C 21 -14.68 63.46 2.96
CA ALA C 21 -13.99 62.17 2.97
C ALA C 21 -14.43 61.37 4.20
N CYS C 22 -15.17 60.29 3.95
CA CYS C 22 -15.37 59.24 4.94
C CYS C 22 -14.21 58.28 4.85
N GLU C 23 -13.69 57.87 5.99
CA GLU C 23 -12.65 56.84 5.99
C GLU C 23 -13.09 55.69 6.87
N ILE C 24 -13.09 54.49 6.29
CA ILE C 24 -13.37 53.27 7.03
C ILE C 24 -12.18 52.35 6.83
N ILE C 25 -11.73 51.71 7.91
CA ILE C 25 -10.42 51.06 7.95
C ILE C 25 -10.58 49.61 8.41
N GLU C 26 -9.57 48.79 8.12
CA GLU C 26 -9.51 47.39 8.58
C GLU C 26 -10.71 46.61 8.07
N LEU C 27 -11.05 46.84 6.81
CA LEU C 27 -12.17 46.15 6.20
C LEU C 27 -12.06 46.43 4.72
N GLY C 28 -12.85 45.69 3.95
CA GLY C 28 -13.04 46.06 2.57
C GLY C 28 -13.59 47.44 2.39
N PHE C 29 -12.68 48.33 2.01
CA PHE C 29 -13.05 49.64 1.49
C PHE C 29 -13.74 49.48 0.14
N ARG C 30 -13.13 48.74 -0.77
CA ARG C 30 -13.80 48.49 -2.05
C ARG C 30 -14.64 47.23 -1.97
N ARG C 31 -15.44 47.15 -0.92
CA ARG C 31 -16.31 46.00 -0.69
C ARG C 31 -17.67 46.38 -0.14
N ALA C 32 -18.10 47.64 -0.29
CA ALA C 32 -19.47 48.04 -0.01
C ALA C 32 -19.74 49.39 -0.63
N TRP C 33 -20.81 49.48 -1.41
CA TRP C 33 -21.36 50.77 -1.79
C TRP C 33 -21.62 51.59 -0.54
N THR C 34 -21.20 52.85 -0.55
CA THR C 34 -21.65 53.80 0.46
C THR C 34 -22.39 54.94 -0.22
N THR C 35 -23.18 55.64 0.58
CA THR C 35 -23.97 56.75 0.11
C THR C 35 -23.70 57.96 0.99
N TRP C 36 -24.44 59.04 0.74
CA TRP C 36 -24.28 60.29 1.44
C TRP C 36 -25.65 60.83 1.79
N VAL C 37 -25.85 61.19 3.04
CA VAL C 37 -27.14 61.71 3.47
C VAL C 37 -26.90 62.85 4.45
N ARG C 38 -27.52 63.99 4.20
CA ARG C 38 -27.35 65.14 5.06
C ARG C 38 -28.53 65.26 6.01
N GLN C 39 -28.53 66.33 6.77
CA GLN C 39 -29.65 66.66 7.65
C GLN C 39 -29.60 68.16 7.84
N ALA C 40 -30.58 68.86 7.32
CA ALA C 40 -30.72 70.26 7.69
C ALA C 40 -30.92 70.33 9.20
N PRO C 41 -30.28 71.26 9.87
CA PRO C 41 -30.16 71.15 11.33
C PRO C 41 -31.50 71.32 12.01
N GLY C 42 -32.26 70.24 12.05
CA GLY C 42 -33.59 70.24 12.62
C GLY C 42 -34.56 69.57 11.67
N LYS C 43 -34.01 69.00 10.60
CA LYS C 43 -34.81 68.38 9.55
C LYS C 43 -34.43 66.91 9.42
N GLY C 44 -34.96 66.27 8.39
CA GLY C 44 -34.92 64.83 8.27
C GLY C 44 -33.79 64.31 7.41
N LEU C 45 -34.09 63.23 6.70
CA LEU C 45 -33.12 62.52 5.90
C LEU C 45 -33.10 63.04 4.48
N GLU C 46 -31.89 63.18 3.93
CA GLU C 46 -31.71 63.69 2.58
C GLU C 46 -30.56 62.94 1.93
N TRP C 47 -30.88 61.92 1.13
CA TRP C 47 -29.81 61.23 0.43
C TRP C 47 -29.19 62.15 -0.60
N VAL C 48 -27.88 62.11 -0.69
CA VAL C 48 -27.12 63.01 -1.55
C VAL C 48 -26.65 62.29 -2.80
N ALA C 49 -25.76 61.32 -2.65
CA ALA C 49 -25.08 60.74 -3.80
C ALA C 49 -24.60 59.35 -3.45
N ASP C 50 -24.73 58.44 -4.41
CA ASP C 50 -24.34 57.06 -4.21
C ASP C 50 -23.01 56.78 -4.88
N ILE C 51 -22.45 55.60 -4.60
CA ILE C 51 -21.20 55.21 -5.24
C ILE C 51 -21.07 53.70 -5.24
N ASN C 52 -20.32 53.18 -6.20
CA ASN C 52 -19.91 51.81 -6.16
C ASN C 52 -18.76 51.62 -5.18
N GLU C 53 -18.50 50.37 -4.82
CA GLU C 53 -17.25 50.09 -4.12
C GLU C 53 -16.08 50.56 -4.94
N ASP C 54 -16.16 50.39 -6.25
CA ASP C 54 -15.18 50.91 -7.18
C ASP C 54 -15.54 52.30 -7.68
N GLY C 55 -16.75 52.77 -7.39
CA GLY C 55 -17.20 54.02 -7.97
C GLY C 55 -17.54 53.93 -9.43
N SER C 56 -17.66 52.72 -9.98
CA SER C 56 -17.96 52.56 -11.40
C SER C 56 -19.29 53.21 -11.74
N GLU C 57 -20.23 53.20 -10.81
CA GLU C 57 -21.54 53.79 -11.03
C GLU C 57 -21.85 54.72 -9.87
N LYS C 58 -22.35 55.91 -10.19
CA LYS C 58 -22.74 56.90 -9.20
C LYS C 58 -24.00 57.59 -9.68
N LYS C 59 -24.92 57.84 -8.75
CA LYS C 59 -26.10 58.66 -8.97
C LYS C 59 -26.29 59.61 -7.80
N TYR C 60 -26.88 60.76 -8.08
CA TYR C 60 -26.99 61.85 -7.14
C TYR C 60 -28.45 62.16 -6.90
N GLY C 61 -28.74 62.71 -5.74
CA GLY C 61 -30.08 63.09 -5.41
C GLY C 61 -30.52 64.33 -6.16
N PRO C 62 -31.84 64.55 -6.16
CA PRO C 62 -32.36 65.73 -6.87
C PRO C 62 -31.81 67.03 -6.33
N SER C 63 -31.74 67.16 -5.01
CA SER C 63 -31.38 68.43 -4.39
C SER C 63 -30.05 68.95 -4.89
N VAL C 64 -29.08 68.08 -5.12
CA VAL C 64 -27.76 68.54 -5.54
C VAL C 64 -27.47 67.90 -6.90
N THR C 65 -28.51 67.78 -7.71
CA THR C 65 -28.38 67.14 -9.02
C THR C 65 -27.17 67.66 -9.78
N GLY C 66 -26.21 66.78 -10.00
CA GLY C 66 -25.02 67.10 -10.78
C GLY C 66 -24.25 68.31 -10.32
N ARG C 67 -24.19 68.55 -9.00
CA ARG C 67 -23.45 69.70 -8.52
C ARG C 67 -22.27 69.29 -7.64
N PHE C 68 -22.40 68.18 -6.94
CA PHE C 68 -21.33 67.63 -6.12
C PHE C 68 -20.81 66.37 -6.79
N THR C 69 -19.53 66.35 -7.13
CA THR C 69 -18.92 65.24 -7.85
C THR C 69 -18.39 64.24 -6.82
N ILE C 70 -19.06 63.10 -6.72
CA ILE C 70 -18.62 62.06 -5.82
C ILE C 70 -17.62 61.15 -6.52
N SER C 71 -16.63 60.68 -5.79
CA SER C 71 -15.67 59.71 -6.29
C SER C 71 -14.95 59.10 -5.11
N ARG C 72 -13.93 58.31 -5.39
CA ARG C 72 -13.18 57.71 -4.30
C ARG C 72 -11.79 57.33 -4.78
N ASP C 73 -10.81 57.58 -3.92
CA ASP C 73 -9.53 56.90 -3.99
C ASP C 73 -9.75 55.43 -3.69
N ASN C 74 -9.26 54.57 -4.57
CA ASN C 74 -9.48 53.14 -4.44
C ASN C 74 -8.32 52.44 -3.75
N GLY C 75 -7.11 52.60 -4.28
CA GLY C 75 -5.95 51.93 -3.68
C GLY C 75 -5.56 52.49 -2.33
N LYS C 76 -5.55 53.82 -2.20
CA LYS C 76 -5.42 54.43 -0.88
C LYS C 76 -6.68 54.28 -0.06
N ASN C 77 -7.81 54.03 -0.71
CA ASN C 77 -9.04 53.65 -0.03
C ASN C 77 -9.61 54.84 0.75
N LEU C 78 -9.87 55.93 0.05
CA LEU C 78 -10.56 57.08 0.61
C LEU C 78 -11.74 57.41 -0.28
N VAL C 79 -12.71 58.15 0.23
CA VAL C 79 -13.81 58.64 -0.60
C VAL C 79 -13.73 60.15 -0.65
N PHE C 80 -14.03 60.71 -1.83
CA PHE C 80 -13.83 62.12 -2.10
C PHE C 80 -15.10 62.65 -2.72
N LEU C 81 -15.91 63.28 -1.88
CA LEU C 81 -17.08 64.02 -2.35
C LEU C 81 -16.61 65.44 -2.59
N GLN C 82 -16.23 65.72 -3.83
CA GLN C 82 -15.85 67.08 -4.21
C GLN C 82 -17.14 67.83 -4.49
N MET C 83 -17.72 68.39 -3.43
CA MET C 83 -18.87 69.25 -3.61
C MET C 83 -18.43 70.52 -4.31
N ASN C 84 -19.27 71.02 -5.21
CA ASN C 84 -18.94 72.20 -5.98
C ASN C 84 -20.12 73.15 -5.93
N SER C 85 -19.82 74.45 -6.03
CA SER C 85 -20.83 75.50 -5.96
C SER C 85 -21.62 75.36 -4.65
N LEU C 86 -20.93 75.69 -3.56
CA LEU C 86 -21.57 75.66 -2.25
C LEU C 86 -22.39 76.93 -2.02
N ARG C 87 -23.57 76.75 -1.45
CA ARG C 87 -24.51 77.86 -1.32
C ARG C 87 -25.19 77.78 0.04
N VAL C 88 -25.73 78.92 0.49
CA VAL C 88 -26.43 78.96 1.77
C VAL C 88 -27.68 78.10 1.73
N GLU C 89 -28.24 77.88 0.54
CA GLU C 89 -29.45 77.07 0.40
C GLU C 89 -29.27 75.66 0.95
N ASP C 90 -28.02 75.22 1.13
CA ASP C 90 -27.74 73.87 1.58
C ASP C 90 -27.15 73.85 2.99
N THR C 91 -27.42 74.86 3.81
CA THR C 91 -26.90 74.90 5.17
C THR C 91 -27.46 73.73 5.98
N ALA C 92 -26.57 72.86 6.45
CA ALA C 92 -26.97 71.63 7.11
C ALA C 92 -25.74 71.01 7.76
N THR C 93 -25.91 69.77 8.25
CA THR C 93 -24.79 68.91 8.58
C THR C 93 -24.92 67.65 7.74
N TYR C 94 -23.86 66.85 7.67
CA TYR C 94 -23.80 65.75 6.73
C TYR C 94 -23.35 64.47 7.41
N TYR C 95 -23.75 63.34 6.82
CA TYR C 95 -23.55 62.03 7.39
C TYR C 95 -23.37 61.00 6.28
N CYS C 96 -22.81 59.86 6.69
CA CYS C 96 -22.21 58.90 5.77
C CYS C 96 -22.63 57.50 6.22
N ALA C 97 -22.99 56.64 5.27
CA ALA C 97 -23.55 55.34 5.61
C ALA C 97 -23.47 54.42 4.39
N ARG C 98 -24.08 53.23 4.53
CA ARG C 98 -24.13 52.25 3.45
C ARG C 98 -25.23 51.23 3.74
N GLU C 99 -25.56 50.45 2.72
CA GLU C 99 -26.74 49.60 2.67
C GLU C 99 -26.34 48.14 2.71
N ALA C 100 -27.12 47.28 3.39
CA ALA C 100 -26.59 45.94 3.68
C ALA C 100 -27.67 44.85 3.75
N TYR C 101 -28.68 44.87 2.88
CA TYR C 101 -29.51 43.67 2.87
C TYR C 101 -28.82 42.47 2.24
N HIS C 102 -27.60 42.67 1.81
CA HIS C 102 -26.80 41.75 0.99
C HIS C 102 -26.83 40.26 1.35
N LEU C 103 -26.78 39.94 2.66
CA LEU C 103 -26.42 38.60 3.13
C LEU C 103 -26.95 37.52 2.20
N VAL C 104 -28.21 37.67 1.79
CA VAL C 104 -28.86 36.71 0.92
C VAL C 104 -29.88 37.48 0.09
N TYR C 105 -29.64 37.60 -1.20
CA TYR C 105 -30.55 38.37 -2.06
C TYR C 105 -31.47 37.43 -2.82
N ASP C 106 -32.75 37.49 -2.46
CA ASP C 106 -33.69 36.43 -2.79
C ASP C 106 -34.50 36.75 -4.03
N ASP C 107 -33.84 37.20 -5.07
CA ASP C 107 -34.59 37.81 -6.16
C ASP C 107 -33.64 38.08 -7.31
N ARG C 108 -34.23 38.56 -8.40
CA ARG C 108 -33.51 39.30 -9.41
C ARG C 108 -33.55 40.78 -9.13
N ILE C 109 -34.55 41.25 -8.37
CA ILE C 109 -34.68 42.67 -8.07
C ILE C 109 -34.65 42.88 -6.56
N PRO C 110 -33.99 43.93 -6.07
CA PRO C 110 -33.78 44.09 -4.64
C PRO C 110 -34.98 44.63 -3.90
N ARG C 111 -35.01 44.34 -2.60
CA ARG C 111 -36.01 44.94 -1.73
C ARG C 111 -35.70 46.39 -1.41
N GLY C 112 -34.56 46.91 -1.86
CA GLY C 112 -34.16 48.23 -1.47
C GLY C 112 -32.74 48.27 -0.97
N ASN C 113 -32.52 48.93 0.15
CA ASN C 113 -31.18 49.19 0.67
C ASN C 113 -31.33 49.66 2.11
N TRP C 114 -30.21 49.79 2.79
CA TRP C 114 -30.17 50.23 4.18
C TRP C 114 -29.27 51.43 4.35
N PHE C 115 -29.18 51.90 5.60
CA PHE C 115 -28.17 52.88 6.01
C PHE C 115 -27.75 52.51 7.43
N ASP C 116 -26.76 51.62 7.51
CA ASP C 116 -26.34 51.02 8.76
C ASP C 116 -25.27 51.79 9.53
N PRO C 117 -24.19 52.23 8.91
CA PRO C 117 -23.16 52.93 9.68
C PRO C 117 -23.41 54.42 9.78
N TRP C 118 -23.09 54.96 10.95
CA TRP C 118 -23.20 56.39 11.20
C TRP C 118 -21.87 56.88 11.76
N GLY C 119 -21.79 58.19 11.96
CA GLY C 119 -20.60 58.79 12.52
C GLY C 119 -20.85 60.22 12.96
N PRO C 120 -19.79 60.99 13.10
CA PRO C 120 -19.96 62.38 13.53
C PRO C 120 -20.62 63.24 12.49
N GLY C 121 -20.51 62.87 11.23
CA GLY C 121 -20.89 63.78 10.17
C GLY C 121 -19.82 64.81 9.97
N THR C 122 -20.16 65.85 9.22
CA THR C 122 -19.22 66.93 9.00
C THR C 122 -19.90 68.26 9.26
N LEU C 123 -19.09 69.31 9.36
CA LEU C 123 -19.55 70.67 9.61
C LEU C 123 -19.40 71.46 8.33
N VAL C 124 -20.52 71.95 7.80
CA VAL C 124 -20.50 72.82 6.63
C VAL C 124 -21.35 74.04 6.93
N THR C 125 -20.76 75.22 6.73
CA THR C 125 -21.48 76.48 6.87
C THR C 125 -20.89 77.42 5.83
N VAL C 126 -21.55 77.54 4.69
CA VAL C 126 -21.00 78.30 3.58
C VAL C 126 -21.78 79.61 3.42
N SER C 127 -21.33 80.65 4.13
CA SER C 127 -22.07 81.90 4.22
C SER C 127 -21.22 82.90 4.96
N SER C 128 -21.65 84.17 4.91
CA SER C 128 -20.95 85.22 5.63
C SER C 128 -21.83 85.82 6.72
N SER D 2 -41.70 62.53 -3.64
CA SER D 2 -40.87 61.61 -2.88
C SER D 2 -41.01 61.86 -1.39
N VAL D 3 -42.25 61.80 -0.90
CA VAL D 3 -42.54 61.98 0.51
C VAL D 3 -43.47 60.85 0.92
N LEU D 4 -43.19 60.24 2.07
CA LEU D 4 -44.08 59.25 2.63
C LEU D 4 -45.07 59.92 3.56
N THR D 5 -46.29 59.39 3.58
CA THR D 5 -47.33 59.99 4.38
C THR D 5 -47.05 59.74 5.85
N GLN D 6 -45.98 60.31 6.36
CA GLN D 6 -45.67 60.11 7.75
C GLN D 6 -46.43 61.12 8.60
N PRO D 7 -47.23 60.67 9.55
CA PRO D 7 -47.93 61.60 10.44
C PRO D 7 -46.96 62.55 11.11
N PRO D 8 -47.27 63.85 11.14
CA PRO D 8 -46.36 64.80 11.79
C PRO D 8 -46.26 64.61 13.29
N SER D 9 -47.13 63.80 13.90
CA SER D 9 -47.03 63.54 15.34
C SER D 9 -47.81 62.28 15.67
N VAL D 10 -47.16 61.35 16.33
CA VAL D 10 -47.81 60.19 16.92
C VAL D 10 -47.97 60.45 18.40
N SER D 11 -49.05 59.93 18.97
CA SER D 11 -49.42 60.23 20.34
C SER D 11 -49.80 58.96 21.07
N GLY D 12 -49.59 58.98 22.38
CA GLY D 12 -49.97 57.89 23.23
C GLY D 12 -49.43 58.13 24.62
N ALA D 13 -50.27 57.91 25.62
CA ALA D 13 -49.77 58.02 26.98
C ALA D 13 -48.67 56.98 27.17
N PRO D 14 -47.73 57.25 28.08
CA PRO D 14 -46.70 56.24 28.38
C PRO D 14 -47.33 54.89 28.63
N GLY D 15 -46.79 53.86 27.98
CA GLY D 15 -47.34 52.54 28.02
C GLY D 15 -48.36 52.25 26.96
N GLN D 16 -48.95 53.27 26.35
CA GLN D 16 -49.98 53.03 25.36
C GLN D 16 -49.37 52.56 24.06
N ARG D 17 -50.16 51.85 23.28
CA ARG D 17 -49.74 51.44 21.96
C ARG D 17 -49.84 52.63 21.02
N VAL D 18 -48.85 52.74 20.15
CA VAL D 18 -48.87 53.74 19.08
C VAL D 18 -48.61 53.05 17.75
N VAL D 19 -49.17 53.64 16.71
CA VAL D 19 -49.07 53.13 15.35
C VAL D 19 -48.81 54.32 14.45
N ILE D 20 -47.99 54.12 13.43
CA ILE D 20 -47.69 55.16 12.47
C ILE D 20 -47.84 54.59 11.08
N SER D 21 -48.68 55.22 10.27
CA SER D 21 -48.96 54.76 8.91
C SER D 21 -48.11 55.57 7.92
N CYS D 22 -46.88 55.11 7.73
CA CYS D 22 -45.99 55.69 6.73
C CYS D 22 -46.34 55.10 5.38
N THR D 23 -47.23 55.74 4.64
CA THR D 23 -47.72 55.19 3.38
C THR D 23 -47.22 56.03 2.21
N GLY D 24 -47.12 55.37 1.06
CA GLY D 24 -46.65 56.01 -0.16
C GLY D 24 -47.61 55.79 -1.30
N SER D 25 -47.12 55.31 -2.44
CA SER D 25 -47.96 55.21 -3.63
C SER D 25 -47.69 53.88 -4.32
N ARG D 26 -48.17 53.79 -5.56
CA ARG D 26 -47.89 52.68 -6.48
C ARG D 26 -46.40 52.52 -6.65
N SER D 27 -45.67 53.58 -6.32
CA SER D 27 -44.32 53.82 -6.77
C SER D 27 -43.27 53.39 -5.76
N ASN D 28 -43.65 53.37 -4.49
CA ASN D 28 -42.70 53.07 -3.43
C ASN D 28 -43.07 51.83 -2.63
N ILE D 29 -44.26 51.79 -2.06
CA ILE D 29 -44.71 50.61 -1.35
C ILE D 29 -45.54 49.73 -2.26
N GLY D 30 -46.37 50.35 -3.09
CA GLY D 30 -46.92 49.65 -4.23
C GLY D 30 -45.85 49.15 -5.19
N ALA D 31 -44.63 49.68 -5.08
CA ALA D 31 -43.54 49.24 -5.95
C ALA D 31 -43.06 47.84 -5.62
N GLY D 32 -43.15 47.42 -4.35
CA GLY D 32 -42.75 46.09 -3.95
C GLY D 32 -41.54 45.99 -3.05
N TYR D 33 -41.00 47.10 -2.58
CA TYR D 33 -39.83 47.13 -1.71
C TYR D 33 -40.27 47.12 -0.25
N ASP D 34 -39.36 47.47 0.65
CA ASP D 34 -39.67 47.48 2.08
C ASP D 34 -39.51 48.88 2.68
N VAL D 35 -40.27 49.10 3.76
CA VAL D 35 -40.23 50.37 4.49
C VAL D 35 -39.14 50.25 5.55
N HIS D 36 -37.94 50.67 5.18
CA HIS D 36 -36.82 50.58 6.11
C HIS D 36 -36.94 51.76 7.07
N TRP D 37 -37.65 51.56 8.17
CA TRP D 37 -37.80 52.64 9.14
C TRP D 37 -36.45 52.95 9.76
N TYR D 38 -36.36 54.12 10.39
CA TYR D 38 -35.15 54.52 11.09
C TYR D 38 -35.53 55.27 12.36
N GLN D 39 -35.27 54.67 13.50
CA GLN D 39 -35.55 55.32 14.77
C GLN D 39 -34.42 56.29 15.10
N GLN D 40 -34.78 57.48 15.57
CA GLN D 40 -33.83 58.51 15.95
C GLN D 40 -34.05 58.90 17.40
N SER D 41 -33.00 59.13 18.10
CA SER D 41 -33.22 59.69 19.41
C SER D 41 -33.18 61.20 19.36
N PRO D 42 -33.87 61.87 20.28
CA PRO D 42 -33.76 63.34 20.36
C PRO D 42 -32.31 63.77 20.50
N GLY D 43 -31.79 64.46 19.48
CA GLY D 43 -30.43 64.93 19.49
C GLY D 43 -29.39 63.94 19.00
N LYS D 44 -29.78 62.69 18.76
CA LYS D 44 -28.84 61.69 18.30
C LYS D 44 -29.12 61.30 16.86
N VAL D 45 -28.14 60.63 16.25
CA VAL D 45 -28.27 60.15 14.88
C VAL D 45 -29.29 59.02 14.87
N PRO D 46 -30.14 58.93 13.84
CA PRO D 46 -31.07 57.81 13.75
C PRO D 46 -30.33 56.51 13.48
N ARG D 47 -31.10 55.42 13.45
CA ARG D 47 -30.55 54.10 13.19
C ARG D 47 -31.65 53.21 12.64
N ILE D 48 -31.26 51.99 12.27
CA ILE D 48 -32.22 50.99 11.82
C ILE D 48 -32.97 50.44 13.02
N ILE D 49 -34.29 50.58 13.01
CA ILE D 49 -35.14 49.92 13.97
C ILE D 49 -35.90 48.77 13.33
N ILE D 50 -36.35 48.96 12.10
CA ILE D 50 -37.16 47.97 11.40
C ILE D 50 -36.72 47.93 9.95
N TYR D 51 -36.02 46.88 9.58
CA TYR D 51 -35.70 46.59 8.20
C TYR D 51 -36.62 45.49 7.70
N GLY D 52 -36.57 45.23 6.40
CA GLY D 52 -37.42 44.23 5.81
C GLY D 52 -38.89 44.53 5.95
N SER D 53 -39.16 45.71 6.49
CA SER D 53 -40.50 46.28 6.67
C SER D 53 -41.26 45.59 7.79
N ASN D 54 -40.74 44.48 8.29
CA ASN D 54 -41.41 43.80 9.39
C ASN D 54 -40.46 43.14 10.37
N SER D 55 -39.15 43.26 10.18
CA SER D 55 -38.19 42.45 10.90
C SER D 55 -37.48 43.27 11.97
N ARG D 56 -37.26 42.65 13.13
CA ARG D 56 -36.51 43.28 14.20
C ARG D 56 -35.03 43.06 14.00
N SER D 57 -34.25 44.02 14.44
CA SER D 57 -32.83 43.82 14.63
C SER D 57 -32.55 43.66 16.11
N SER D 58 -31.27 43.67 16.45
CA SER D 58 -30.86 43.61 17.85
C SER D 58 -31.43 44.78 18.62
N GLY D 59 -31.54 44.61 19.94
CA GLY D 59 -31.84 45.71 20.84
C GLY D 59 -33.18 46.37 20.64
N VAL D 60 -33.98 45.91 19.70
CA VAL D 60 -35.31 46.46 19.47
C VAL D 60 -36.32 45.51 20.10
N PRO D 61 -37.01 45.91 21.17
CA PRO D 61 -38.06 45.07 21.73
C PRO D 61 -39.12 44.72 20.69
N ALA D 62 -39.71 43.55 20.88
CA ALA D 62 -40.80 43.11 20.02
C ALA D 62 -41.98 44.06 20.08
N ARG D 63 -42.06 44.90 21.12
CA ARG D 63 -43.02 46.00 21.11
C ARG D 63 -42.95 46.77 19.82
N PHE D 64 -41.78 46.75 19.18
CA PHE D 64 -41.53 47.52 17.98
C PHE D 64 -41.47 46.55 16.81
N SER D 65 -42.36 46.74 15.85
CA SER D 65 -42.41 45.84 14.70
C SER D 65 -43.04 46.57 13.53
N GLY D 66 -42.42 46.45 12.35
CA GLY D 66 -42.97 47.02 11.15
C GLY D 66 -43.92 46.06 10.46
N SER D 67 -44.60 46.57 9.44
CA SER D 67 -45.42 45.72 8.59
C SER D 67 -45.70 46.47 7.30
N LYS D 68 -45.84 45.71 6.22
CA LYS D 68 -46.12 46.24 4.90
C LYS D 68 -47.33 45.50 4.34
N SER D 69 -48.38 46.24 4.01
CA SER D 69 -49.62 45.67 3.50
C SER D 69 -49.99 46.39 2.21
N GLY D 70 -49.61 45.78 1.08
CA GLY D 70 -49.89 46.34 -0.22
C GLY D 70 -49.21 47.68 -0.46
N THR D 71 -49.99 48.76 -0.51
CA THR D 71 -49.44 50.09 -0.68
C THR D 71 -49.28 50.81 0.65
N SER D 72 -49.69 50.18 1.76
CA SER D 72 -49.51 50.79 3.06
C SER D 72 -48.32 50.16 3.75
N ALA D 73 -47.67 50.94 4.60
CA ALA D 73 -46.56 50.45 5.41
C ALA D 73 -46.65 51.14 6.76
N SER D 74 -46.80 50.38 7.82
CA SER D 74 -47.02 50.99 9.11
C SER D 74 -46.23 50.26 10.19
N LEU D 75 -45.87 51.00 11.21
CA LEU D 75 -45.12 50.47 12.33
C LEU D 75 -46.03 50.30 13.54
N ALA D 76 -45.61 49.44 14.45
CA ALA D 76 -46.34 49.18 15.68
C ALA D 76 -45.38 49.29 16.85
N ILE D 77 -45.78 50.05 17.88
CA ILE D 77 -45.06 50.12 19.14
C ILE D 77 -46.07 49.87 20.24
N THR D 78 -45.73 49.01 21.19
CA THR D 78 -46.56 48.86 22.37
C THR D 78 -45.77 49.28 23.59
N GLY D 79 -46.49 49.48 24.69
CA GLY D 79 -45.83 49.91 25.92
C GLY D 79 -44.97 51.13 25.74
N LEU D 80 -45.42 52.06 24.90
CA LEU D 80 -44.65 53.25 24.59
C LEU D 80 -44.23 53.95 25.87
N GLN D 81 -42.94 54.26 25.96
CA GLN D 81 -42.42 54.96 27.14
C GLN D 81 -41.40 55.99 26.69
N ALA D 82 -40.78 56.67 27.65
CA ALA D 82 -39.89 57.77 27.33
C ALA D 82 -38.67 57.31 26.55
N GLU D 83 -38.13 56.14 26.92
CA GLU D 83 -37.09 55.53 26.09
C GLU D 83 -37.60 55.19 24.71
N ASP D 84 -38.92 55.12 24.56
CA ASP D 84 -39.54 54.88 23.27
C ASP D 84 -40.11 56.15 22.66
N GLU D 85 -40.34 57.18 23.47
CA GLU D 85 -40.81 58.45 22.95
C GLU D 85 -39.67 59.10 22.18
N ALA D 86 -39.58 58.82 20.88
CA ALA D 86 -38.44 59.24 20.08
C ALA D 86 -38.89 59.46 18.65
N ASP D 87 -37.94 59.72 17.77
CA ASP D 87 -38.20 60.05 16.38
C ASP D 87 -38.22 58.80 15.51
N TYR D 88 -38.95 58.90 14.40
CA TYR D 88 -39.05 57.79 13.45
C TYR D 88 -39.14 58.37 12.06
N TYR D 89 -38.30 57.86 11.15
CA TYR D 89 -38.22 58.36 9.80
C TYR D 89 -38.16 57.18 8.84
N CYS D 90 -39.15 57.06 7.98
CA CYS D 90 -39.16 55.95 7.06
C CYS D 90 -38.50 56.36 5.76
N GLN D 91 -38.17 55.36 4.97
CA GLN D 91 -37.48 55.58 3.71
C GLN D 91 -37.55 54.30 2.92
N SER D 92 -37.73 54.47 1.62
CA SER D 92 -37.77 53.31 0.73
C SER D 92 -37.51 53.78 -0.71
N TYR D 93 -37.89 52.95 -1.69
CA TYR D 93 -37.48 53.09 -3.08
C TYR D 93 -38.64 53.70 -3.85
N ASP D 94 -38.34 54.54 -4.83
CA ASP D 94 -39.35 55.08 -5.73
C ASP D 94 -39.13 54.50 -7.13
N THR D 95 -40.24 54.03 -7.72
CA THR D 95 -40.31 53.51 -9.07
C THR D 95 -40.44 54.61 -10.11
N THR D 96 -40.76 55.83 -9.71
CA THR D 96 -40.99 56.92 -10.64
C THR D 96 -39.72 57.74 -10.86
N LEU D 97 -39.26 58.47 -9.87
CA LEU D 97 -38.15 59.39 -10.15
C LEU D 97 -37.01 59.34 -9.14
N THR D 98 -37.26 58.97 -7.88
CA THR D 98 -36.31 59.15 -6.79
C THR D 98 -35.84 57.82 -6.20
N ALA D 99 -34.66 57.86 -5.58
CA ALA D 99 -34.12 56.69 -4.89
C ALA D 99 -34.80 56.46 -3.55
N SER D 100 -34.73 57.45 -2.67
CA SER D 100 -35.04 57.27 -1.26
C SER D 100 -36.18 58.20 -0.86
N VAL D 101 -37.40 57.68 -0.91
CA VAL D 101 -38.53 58.41 -0.37
C VAL D 101 -38.45 58.41 1.14
N PHE D 102 -38.75 59.56 1.74
CA PHE D 102 -38.72 59.76 3.19
C PHE D 102 -40.09 60.24 3.68
N GLY D 103 -40.50 59.74 4.82
CA GLY D 103 -41.59 60.35 5.54
C GLY D 103 -41.14 61.62 6.24
N GLY D 104 -42.12 62.35 6.78
CA GLY D 104 -41.82 63.61 7.43
C GLY D 104 -41.14 63.49 8.77
N GLY D 105 -41.03 62.28 9.31
CA GLY D 105 -40.57 62.17 10.69
C GLY D 105 -41.71 62.21 11.68
N THR D 106 -41.47 61.62 12.84
CA THR D 106 -42.50 61.58 13.87
C THR D 106 -41.88 61.26 15.22
N LYS D 107 -42.31 62.00 16.24
CA LYS D 107 -41.93 61.74 17.62
C LYS D 107 -43.20 61.67 18.47
N VAL D 108 -43.05 61.14 19.67
CA VAL D 108 -44.13 61.19 20.63
C VAL D 108 -44.04 62.50 21.40
N ASN E 38 51.59 -25.58 -31.33
CA ASN E 38 51.38 -25.96 -29.94
C ASN E 38 49.96 -25.70 -29.47
N LEU E 39 49.87 -25.13 -28.27
CA LEU E 39 48.62 -24.68 -27.70
C LEU E 39 48.79 -23.23 -27.29
N TRP E 40 47.85 -22.38 -27.70
CA TRP E 40 47.96 -20.94 -27.51
C TRP E 40 46.57 -20.39 -27.15
N VAL E 41 46.45 -19.10 -26.82
CA VAL E 41 45.18 -18.65 -26.23
C VAL E 41 44.20 -18.18 -27.30
N THR E 42 42.92 -18.44 -27.06
CA THR E 42 41.82 -18.19 -27.98
C THR E 42 40.62 -17.76 -27.18
N VAL E 43 39.84 -16.86 -27.73
CA VAL E 43 38.57 -16.48 -27.14
C VAL E 43 37.44 -16.97 -28.03
N TYR E 44 36.38 -17.48 -27.41
CA TYR E 44 35.16 -17.88 -28.11
C TYR E 44 33.95 -17.20 -27.48
N TYR E 45 32.93 -16.96 -28.29
CA TYR E 45 31.62 -16.59 -27.79
C TYR E 45 30.60 -17.58 -28.32
N GLY E 46 29.82 -18.15 -27.40
CA GLY E 46 28.83 -19.15 -27.75
C GLY E 46 29.18 -20.49 -27.18
N VAL E 47 30.02 -20.47 -26.14
CA VAL E 47 30.53 -21.72 -25.60
C VAL E 47 29.49 -22.32 -24.66
N PRO E 48 28.93 -23.46 -25.00
CA PRO E 48 27.84 -24.02 -24.21
C PRO E 48 28.34 -24.51 -22.86
N VAL E 49 28.50 -23.58 -21.93
CA VAL E 49 29.01 -23.89 -20.60
C VAL E 49 28.21 -23.11 -19.57
N TRP E 50 27.93 -23.77 -18.46
CA TRP E 50 27.12 -23.18 -17.41
C TRP E 50 27.84 -23.29 -16.08
N LYS E 51 27.29 -22.57 -15.11
CA LYS E 51 27.66 -22.74 -13.72
C LYS E 51 26.40 -22.94 -12.89
N ASP E 52 26.59 -23.64 -11.78
CA ASP E 52 25.56 -23.66 -10.75
C ASP E 52 25.38 -22.25 -10.24
N ALA E 53 24.14 -21.82 -10.14
CA ALA E 53 23.89 -20.45 -9.76
C ALA E 53 22.48 -20.34 -9.21
N GLU E 54 22.16 -19.17 -8.72
CA GLU E 54 20.80 -18.82 -8.36
C GLU E 54 20.38 -17.65 -9.23
N THR E 55 19.10 -17.62 -9.60
CA THR E 55 18.51 -16.46 -10.23
C THR E 55 17.01 -16.49 -10.05
N THR E 56 16.34 -15.45 -10.53
CA THR E 56 14.90 -15.37 -10.36
C THR E 56 14.19 -16.01 -11.54
N LEU E 57 13.08 -16.66 -11.27
CA LEU E 57 12.31 -17.38 -12.29
C LEU E 57 10.88 -16.88 -12.28
N PHE E 58 10.34 -16.60 -13.47
CA PHE E 58 9.03 -15.98 -13.59
C PHE E 58 8.01 -16.95 -14.14
N CYS E 59 6.73 -16.70 -13.86
CA CYS E 59 5.71 -17.68 -14.14
C CYS E 59 5.33 -17.68 -15.61
N ALA E 60 4.77 -18.79 -16.07
CA ALA E 60 4.30 -18.98 -17.42
C ALA E 60 3.12 -19.93 -17.42
N SER E 61 1.97 -19.46 -17.91
CA SER E 61 0.69 -20.14 -17.70
C SER E 61 -0.09 -20.22 -18.99
N ASP E 62 -1.30 -20.74 -18.87
CA ASP E 62 -2.26 -20.81 -19.96
C ASP E 62 -3.54 -20.08 -19.57
N ALA E 63 -4.27 -19.62 -20.59
CA ALA E 63 -5.34 -18.63 -20.42
C ALA E 63 -6.65 -19.30 -20.03
N LYS E 64 -6.84 -19.48 -18.73
CA LYS E 64 -8.05 -20.09 -18.19
C LYS E 64 -8.47 -19.41 -16.89
N ALA E 65 -8.41 -18.08 -16.85
CA ALA E 65 -8.42 -17.35 -15.58
C ALA E 65 -9.84 -16.95 -15.19
N TYR E 66 -10.59 -17.90 -14.63
CA TYR E 66 -11.97 -17.64 -14.26
C TYR E 66 -12.35 -18.56 -13.10
N GLU E 67 -12.85 -17.96 -12.02
CA GLU E 67 -13.19 -18.67 -10.78
C GLU E 67 -14.04 -17.76 -9.91
N THR E 68 -14.32 -18.19 -8.67
CA THR E 68 -15.26 -17.46 -7.82
C THR E 68 -14.90 -17.45 -6.32
N GLU E 69 -13.63 -17.24 -5.97
CA GLU E 69 -13.29 -16.99 -4.56
C GLU E 69 -12.09 -16.06 -4.33
N LYS E 70 -12.32 -14.75 -4.28
CA LYS E 70 -11.46 -13.59 -4.02
C LYS E 70 -10.57 -12.85 -5.04
N HIS E 71 -10.20 -13.35 -6.23
CA HIS E 71 -9.69 -12.43 -7.26
C HIS E 71 -9.80 -12.81 -8.74
N ASN E 72 -9.67 -14.09 -9.03
CA ASN E 72 -8.97 -14.53 -10.23
C ASN E 72 -9.06 -16.05 -10.33
N VAL E 73 -8.08 -16.72 -10.94
CA VAL E 73 -7.99 -18.15 -10.66
C VAL E 73 -7.30 -18.46 -9.35
N TRP E 74 -5.98 -18.29 -9.26
CA TRP E 74 -5.30 -18.42 -7.97
C TRP E 74 -4.56 -17.13 -7.64
N ALA E 75 -3.60 -16.83 -8.49
CA ALA E 75 -2.99 -15.52 -8.66
C ALA E 75 -2.74 -15.43 -10.15
N THR E 76 -2.72 -16.59 -10.76
CA THR E 76 -2.13 -16.79 -12.08
C THR E 76 -3.06 -16.28 -13.15
N HIS E 77 -3.16 -14.98 -13.30
CA HIS E 77 -3.77 -14.47 -14.51
C HIS E 77 -2.92 -13.34 -15.03
N ALA E 78 -2.01 -12.85 -14.19
CA ALA E 78 -0.99 -11.92 -14.62
C ALA E 78 0.16 -12.62 -15.31
N CYS E 79 0.03 -13.91 -15.55
CA CYS E 79 1.14 -14.71 -16.00
C CYS E 79 1.34 -14.53 -17.49
N VAL E 80 2.56 -14.74 -17.96
CA VAL E 80 2.77 -14.71 -19.40
C VAL E 80 2.32 -16.04 -20.00
N PRO E 81 1.62 -16.03 -21.12
CA PRO E 81 1.16 -17.29 -21.70
C PRO E 81 2.31 -18.13 -22.20
N THR E 82 2.20 -19.43 -21.94
CA THR E 82 3.24 -20.35 -22.33
C THR E 82 3.38 -20.40 -23.84
N ASP E 83 4.57 -20.78 -24.28
CA ASP E 83 4.77 -21.12 -25.67
C ASP E 83 3.95 -22.36 -26.00
N PRO E 84 3.25 -22.38 -27.14
CA PRO E 84 2.48 -23.57 -27.51
C PRO E 84 3.35 -24.79 -27.78
N ASN E 85 4.66 -24.62 -27.95
CA ASN E 85 5.58 -25.74 -28.13
C ASN E 85 6.59 -25.67 -27.00
N PRO E 86 6.36 -26.43 -25.94
CA PRO E 86 7.39 -26.53 -24.89
C PRO E 86 8.59 -27.24 -25.44
N GLN E 87 9.46 -26.51 -26.13
CA GLN E 87 10.65 -27.11 -26.71
C GLN E 87 11.55 -27.69 -25.62
N GLU E 88 12.00 -28.92 -25.83
CA GLU E 88 13.04 -29.50 -25.00
C GLU E 88 14.17 -29.98 -25.89
N ILE E 89 15.23 -30.43 -25.23
CA ILE E 89 16.28 -31.16 -25.94
C ILE E 89 17.04 -32.06 -24.97
N HIS E 90 17.09 -33.35 -25.26
CA HIS E 90 17.91 -34.24 -24.47
C HIS E 90 19.37 -33.96 -24.78
N LEU E 91 20.18 -33.92 -23.74
CA LEU E 91 21.60 -33.64 -23.89
C LEU E 91 22.36 -34.95 -23.77
N GLU E 92 22.87 -35.42 -24.90
CA GLU E 92 23.72 -36.60 -24.91
C GLU E 92 24.98 -36.35 -24.09
N ASN E 93 25.47 -37.42 -23.46
CA ASN E 93 26.82 -37.50 -22.93
C ASN E 93 27.03 -36.66 -21.67
N VAL E 94 26.03 -35.96 -21.22
CA VAL E 94 26.19 -35.05 -20.09
C VAL E 94 26.09 -35.85 -18.80
N THR E 95 26.84 -35.43 -17.79
CA THR E 95 26.74 -35.96 -16.44
C THR E 95 26.92 -34.83 -15.45
N GLU E 96 25.84 -34.47 -14.76
CA GLU E 96 25.88 -33.37 -13.82
C GLU E 96 25.27 -33.84 -12.51
N GLU E 97 25.93 -33.52 -11.41
CA GLU E 97 25.41 -33.88 -10.09
C GLU E 97 24.32 -32.89 -9.72
N PHE E 98 23.19 -33.40 -9.26
CA PHE E 98 22.16 -32.54 -8.72
C PHE E 98 22.12 -32.72 -7.23
N ASN E 99 21.42 -31.80 -6.57
CA ASN E 99 21.25 -31.93 -5.12
C ASN E 99 19.82 -31.44 -4.83
N MET E 100 18.87 -32.35 -4.95
CA MET E 100 17.50 -32.01 -4.62
C MET E 100 17.35 -31.56 -3.18
N TRP E 101 18.39 -31.68 -2.38
CA TRP E 101 18.31 -31.20 -1.02
C TRP E 101 19.03 -29.88 -0.81
N LYS E 102 19.84 -29.46 -1.78
CA LYS E 102 20.46 -28.15 -1.72
C LYS E 102 20.01 -27.24 -2.85
N ASN E 103 18.89 -27.54 -3.51
CA ASN E 103 18.41 -26.68 -4.56
C ASN E 103 17.75 -25.43 -3.99
N ASN E 104 17.90 -24.34 -4.72
CA ASN E 104 17.38 -23.03 -4.34
C ASN E 104 16.01 -22.74 -4.92
N MET E 105 15.69 -23.30 -6.09
CA MET E 105 14.42 -23.00 -6.73
C MET E 105 13.27 -23.26 -5.79
N VAL E 106 13.38 -24.28 -4.95
CA VAL E 106 12.34 -24.49 -3.96
C VAL E 106 12.20 -23.27 -3.09
N GLU E 107 13.29 -22.60 -2.80
CA GLU E 107 13.14 -21.46 -1.92
C GLU E 107 12.40 -20.32 -2.60
N GLN E 108 12.81 -19.93 -3.81
CA GLN E 108 12.06 -18.90 -4.51
C GLN E 108 10.61 -19.26 -4.60
N MET E 109 10.34 -20.51 -4.97
CA MET E 109 8.97 -20.94 -5.16
C MET E 109 8.18 -20.78 -3.88
N HIS E 110 8.76 -21.18 -2.77
CA HIS E 110 8.01 -21.10 -1.53
C HIS E 110 7.71 -19.65 -1.19
N THR E 111 8.69 -18.76 -1.29
CA THR E 111 8.38 -17.37 -0.96
C THR E 111 7.32 -16.82 -1.89
N ASP E 112 7.42 -17.13 -3.17
CA ASP E 112 6.47 -16.54 -4.11
C ASP E 112 5.08 -17.05 -3.85
N ILE E 113 4.93 -18.33 -3.52
CA ILE E 113 3.59 -18.80 -3.24
C ILE E 113 3.02 -18.13 -2.02
N ILE E 114 3.85 -17.94 -0.99
CA ILE E 114 3.36 -17.14 0.12
C ILE E 114 2.86 -15.81 -0.38
N SER E 115 3.71 -15.09 -1.11
CA SER E 115 3.38 -13.72 -1.44
C SER E 115 2.15 -13.66 -2.34
N LEU E 116 1.96 -14.64 -3.20
CA LEU E 116 0.78 -14.62 -4.03
C LEU E 116 -0.45 -14.82 -3.21
N TRP E 117 -0.41 -15.75 -2.28
CA TRP E 117 -1.49 -15.83 -1.33
C TRP E 117 -1.71 -14.47 -0.69
N ASP E 118 -0.63 -13.80 -0.32
CA ASP E 118 -0.74 -12.47 0.24
C ASP E 118 -1.57 -11.59 -0.67
N GLN E 119 -1.03 -11.32 -1.86
CA GLN E 119 -1.64 -10.38 -2.78
C GLN E 119 -3.10 -10.70 -3.03
N SER E 120 -3.42 -11.98 -3.12
CA SER E 120 -4.84 -12.30 -3.18
C SER E 120 -5.54 -11.92 -1.91
N LEU E 121 -4.82 -11.80 -0.81
CA LEU E 121 -5.56 -11.42 0.39
C LEU E 121 -5.41 -9.97 0.80
N LYS E 122 -4.65 -9.15 0.09
CA LYS E 122 -4.68 -7.73 0.40
C LYS E 122 -6.07 -7.14 0.22
N PRO E 123 -6.72 -7.29 -0.93
CA PRO E 123 -7.84 -6.40 -1.26
C PRO E 123 -9.22 -6.83 -0.78
N CYS E 124 -9.37 -7.91 -0.04
CA CYS E 124 -10.74 -8.21 0.30
C CYS E 124 -10.95 -8.07 1.79
N VAL E 125 -12.20 -8.24 2.20
CA VAL E 125 -12.71 -7.59 3.40
C VAL E 125 -11.89 -7.99 4.61
N LYS E 126 -11.67 -7.05 5.51
CA LYS E 126 -10.97 -7.31 6.76
C LYS E 126 -11.99 -7.51 7.87
N LEU E 127 -12.06 -8.72 8.37
CA LEU E 127 -13.13 -9.16 9.24
C LEU E 127 -12.86 -8.92 10.70
N THR E 128 -12.27 -7.78 11.05
CA THR E 128 -11.93 -7.57 12.45
C THR E 128 -13.15 -7.52 13.33
N PRO E 129 -14.21 -6.79 13.00
CA PRO E 129 -15.34 -6.70 13.94
C PRO E 129 -16.06 -8.01 14.16
N LEU E 130 -15.63 -9.12 13.56
CA LEU E 130 -16.21 -10.39 13.97
C LEU E 130 -15.78 -10.82 15.36
N CYS E 131 -14.59 -10.47 15.81
CA CYS E 131 -14.06 -11.09 17.01
C CYS E 131 -14.89 -10.64 18.18
N VAL E 132 -16.09 -11.19 18.29
CA VAL E 132 -17.04 -10.70 19.26
C VAL E 132 -17.56 -11.88 20.05
N THR E 133 -18.03 -11.61 21.26
CA THR E 133 -18.55 -12.69 22.09
C THR E 133 -19.73 -13.38 21.42
N LEU E 134 -19.59 -14.67 21.17
CA LEU E 134 -20.59 -15.43 20.46
C LEU E 134 -21.44 -16.23 21.44
N GLN E 135 -22.76 -16.14 21.28
CA GLN E 135 -23.71 -16.95 22.02
C GLN E 135 -23.95 -18.21 21.23
N CYS E 136 -23.40 -19.33 21.70
CA CYS E 136 -23.46 -20.56 20.95
C CYS E 136 -24.19 -21.65 21.72
N THR E 137 -24.97 -22.43 20.99
CA THR E 137 -25.56 -23.67 21.47
C THR E 137 -25.18 -24.81 20.52
N ASN E 138 -25.61 -26.01 20.90
CA ASN E 138 -25.38 -27.16 20.06
C ASN E 138 -26.31 -27.14 18.85
N VAL E 139 -25.86 -27.77 17.78
CA VAL E 139 -26.72 -28.12 16.66
C VAL E 139 -27.10 -29.58 16.83
N THR E 140 -28.35 -29.81 17.19
CA THR E 140 -28.75 -31.16 17.52
C THR E 140 -28.71 -32.01 16.26
N ASN E 141 -27.57 -32.63 16.00
CA ASN E 141 -27.46 -33.55 14.89
C ASN E 141 -28.08 -34.88 15.32
N ASN E 142 -28.01 -35.89 14.45
CA ASN E 142 -28.90 -37.05 14.53
C ASN E 142 -28.81 -37.72 15.90
N ILE E 143 -29.98 -38.04 16.47
CA ILE E 143 -30.04 -38.74 17.74
C ILE E 143 -29.59 -40.18 17.54
N THR E 144 -28.67 -40.64 18.38
CA THR E 144 -28.11 -39.84 19.47
C THR E 144 -27.02 -38.92 18.95
N ASP E 145 -26.02 -39.48 18.29
CA ASP E 145 -24.96 -38.67 17.70
C ASP E 145 -24.22 -39.48 16.65
N ASP E 146 -24.34 -39.08 15.37
CA ASP E 146 -23.42 -39.52 14.33
C ASP E 146 -22.76 -38.35 13.63
N MET E 147 -23.14 -37.13 13.97
CA MET E 147 -22.32 -35.95 13.71
C MET E 147 -21.82 -35.28 14.97
N ARG E 148 -22.25 -35.75 16.16
CA ARG E 148 -21.78 -35.22 17.44
C ARG E 148 -21.85 -33.69 17.43
N GLY E 149 -22.79 -33.17 16.67
CA GLY E 149 -22.81 -31.78 16.33
C GLY E 149 -21.81 -31.55 15.23
N GLU E 150 -20.52 -31.47 15.59
CA GLU E 150 -19.43 -31.10 14.69
C GLU E 150 -19.62 -29.66 14.25
N LEU E 151 -20.66 -28.99 14.75
CA LEU E 151 -20.88 -27.58 14.48
C LEU E 151 -21.77 -27.00 15.56
N LYS E 152 -21.48 -25.79 15.96
CA LYS E 152 -22.31 -25.07 16.92
C LYS E 152 -23.05 -23.95 16.23
N ASN E 153 -24.15 -23.55 16.84
CA ASN E 153 -25.03 -22.51 16.30
C ASN E 153 -24.79 -21.28 17.15
N CYS E 154 -24.20 -20.26 16.55
CA CYS E 154 -23.77 -19.07 17.27
C CYS E 154 -24.49 -17.84 16.73
N SER E 155 -25.13 -17.09 17.63
CA SER E 155 -25.67 -15.78 17.32
C SER E 155 -24.72 -14.74 17.91
N PHE E 156 -24.71 -13.54 17.32
CA PHE E 156 -23.91 -12.48 17.91
C PHE E 156 -24.37 -11.10 17.50
N ASN E 157 -23.91 -10.13 18.29
CA ASN E 157 -24.00 -8.73 17.93
C ASN E 157 -23.10 -8.44 16.76
N MET E 158 -23.47 -7.45 15.99
CA MET E 158 -22.58 -7.05 14.91
C MET E 158 -22.96 -5.66 14.45
N THR E 159 -21.95 -4.94 13.96
CA THR E 159 -22.17 -3.65 13.36
C THR E 159 -23.08 -3.79 12.16
N THR E 160 -23.42 -2.65 11.57
CA THR E 160 -24.42 -2.65 10.53
C THR E 160 -23.85 -1.93 9.33
N GLU E 161 -24.70 -1.52 8.38
CA GLU E 161 -24.27 -0.52 7.42
C GLU E 161 -23.99 0.80 8.10
N LEU E 162 -24.81 1.15 9.08
CA LEU E 162 -24.67 2.40 9.79
C LEU E 162 -23.83 2.17 11.03
N ARG E 163 -22.84 3.03 11.23
CA ARG E 163 -22.06 2.92 12.45
C ARG E 163 -22.98 3.34 13.59
N ASP E 164 -23.99 2.52 13.86
CA ASP E 164 -25.11 2.86 14.73
C ASP E 164 -25.76 1.61 15.30
N LYS E 165 -27.01 1.76 15.74
CA LYS E 165 -27.78 0.68 16.36
C LYS E 165 -27.47 -0.65 15.73
N LYS E 166 -27.12 -1.63 16.54
CA LYS E 166 -26.49 -2.82 16.03
C LYS E 166 -27.52 -3.85 15.60
N GLN E 167 -27.04 -4.98 15.10
CA GLN E 167 -27.91 -6.05 14.65
C GLN E 167 -27.53 -7.34 15.35
N LYS E 168 -28.47 -8.27 15.43
CA LYS E 168 -28.22 -9.58 15.99
C LYS E 168 -28.36 -10.61 14.86
N VAL E 169 -27.25 -11.22 14.46
CA VAL E 169 -27.27 -12.21 13.40
C VAL E 169 -26.94 -13.57 14.01
N TYR E 170 -26.96 -14.61 13.17
CA TYR E 170 -26.58 -15.95 13.61
C TYR E 170 -26.00 -16.75 12.46
N SER E 171 -25.18 -17.73 12.81
CA SER E 171 -24.39 -18.46 11.84
C SER E 171 -23.93 -19.76 12.47
N LEU E 172 -23.58 -20.72 11.62
CA LEU E 172 -23.17 -22.04 12.10
C LEU E 172 -21.67 -22.22 11.89
N PHE E 173 -20.96 -22.52 12.96
CA PHE E 173 -19.51 -22.60 12.93
C PHE E 173 -19.05 -24.00 13.29
N TYR E 174 -18.02 -24.46 12.60
CA TYR E 174 -17.47 -25.75 12.94
C TYR E 174 -16.73 -25.70 14.27
N ARG E 175 -17.21 -26.48 15.23
CA ARG E 175 -16.69 -26.41 16.59
C ARG E 175 -15.19 -26.58 16.65
N LEU E 176 -14.56 -26.89 15.52
CA LEU E 176 -13.11 -26.97 15.55
C LEU E 176 -12.44 -25.60 15.51
N ASP E 177 -13.16 -24.53 15.15
CA ASP E 177 -12.54 -23.22 15.15
C ASP E 177 -13.19 -22.25 16.11
N VAL E 178 -13.78 -22.74 17.17
CA VAL E 178 -14.33 -21.86 18.18
C VAL E 178 -13.80 -22.29 19.54
N VAL E 179 -13.53 -21.31 20.38
CA VAL E 179 -12.91 -21.59 21.67
C VAL E 179 -13.75 -20.95 22.76
N GLN E 180 -13.67 -21.55 23.94
CA GLN E 180 -14.44 -21.19 25.11
C GLN E 180 -13.83 -19.97 25.79
N ILE E 181 -14.34 -19.67 26.98
CA ILE E 181 -13.80 -18.64 27.84
C ILE E 181 -13.98 -19.09 29.29
N ASN E 182 -12.95 -18.90 30.10
CA ASN E 182 -12.91 -19.44 31.46
C ASN E 182 -12.99 -20.97 31.40
N ASN E 193 -26.41 -19.37 27.44
CA ASN E 193 -25.43 -20.34 26.98
C ASN E 193 -24.03 -19.88 27.29
N LYS E 194 -23.04 -20.66 26.88
CA LYS E 194 -21.66 -20.31 27.11
C LYS E 194 -21.14 -19.41 25.99
N GLU E 195 -20.17 -18.58 26.34
CA GLU E 195 -19.65 -17.56 25.46
C GLU E 195 -18.39 -18.08 24.79
N TYR E 196 -18.34 -17.97 23.46
CA TYR E 196 -17.21 -18.51 22.71
C TYR E 196 -16.69 -17.44 21.77
N ARG E 197 -15.61 -17.75 21.07
CA ARG E 197 -15.05 -16.78 20.13
C ARG E 197 -14.20 -17.48 19.09
N LEU E 198 -13.78 -16.72 18.10
CA LEU E 198 -12.90 -17.28 17.11
C LEU E 198 -11.53 -17.56 17.68
N ILE E 199 -10.89 -18.57 17.11
CA ILE E 199 -9.66 -19.11 17.65
C ILE E 199 -8.46 -18.21 17.36
N ASN E 200 -8.22 -17.89 16.10
CA ASN E 200 -7.08 -17.05 15.73
C ASN E 200 -7.24 -15.61 16.13
N CYS E 201 -8.30 -15.28 16.88
CA CYS E 201 -8.49 -13.86 17.12
C CYS E 201 -7.52 -13.31 18.14
N ASN E 202 -7.37 -13.94 19.31
CA ASN E 202 -6.43 -13.36 20.26
C ASN E 202 -4.99 -13.56 19.83
N THR E 203 -4.77 -13.89 18.60
CA THR E 203 -3.41 -13.99 18.11
C THR E 203 -3.20 -13.36 16.75
N SER E 204 -4.21 -13.35 15.91
CA SER E 204 -4.04 -12.89 14.53
C SER E 204 -5.27 -12.13 14.07
N ALA E 205 -5.09 -11.36 12.99
CA ALA E 205 -6.21 -10.80 12.26
C ALA E 205 -6.66 -11.77 11.16
N ILE E 206 -7.90 -11.60 10.72
CA ILE E 206 -8.54 -12.50 9.77
C ILE E 206 -9.04 -11.73 8.57
N THR E 207 -9.06 -12.38 7.42
CA THR E 207 -9.19 -11.68 6.15
C THR E 207 -9.97 -12.54 5.16
N GLN E 208 -11.30 -12.47 5.20
CA GLN E 208 -12.13 -13.31 4.34
C GLN E 208 -11.80 -13.13 2.88
N ALA E 209 -11.51 -14.22 2.21
CA ALA E 209 -11.36 -14.15 0.77
C ALA E 209 -12.72 -13.90 0.17
N CYS E 210 -12.80 -12.94 -0.74
CA CYS E 210 -14.04 -12.62 -1.43
C CYS E 210 -14.32 -13.73 -2.44
N PRO E 211 -15.42 -13.70 -3.15
CA PRO E 211 -15.68 -14.77 -4.12
C PRO E 211 -15.28 -14.62 -5.60
N LYS E 212 -14.01 -14.34 -5.98
CA LYS E 212 -13.62 -14.48 -7.39
C LYS E 212 -12.40 -15.39 -7.68
N VAL E 213 -11.42 -15.59 -6.79
CA VAL E 213 -10.30 -16.47 -7.17
C VAL E 213 -10.74 -17.92 -6.96
N SER E 214 -9.88 -18.85 -7.27
CA SER E 214 -10.18 -20.23 -6.93
C SER E 214 -9.21 -20.69 -5.87
N PHE E 215 -9.22 -21.96 -5.60
CA PHE E 215 -8.01 -22.51 -5.03
C PHE E 215 -7.56 -23.67 -5.88
N GLU E 216 -8.31 -23.96 -6.92
CA GLU E 216 -7.98 -24.95 -7.89
C GLU E 216 -6.58 -24.68 -8.41
N PRO E 217 -5.61 -25.53 -8.10
CA PRO E 217 -4.26 -25.31 -8.60
C PRO E 217 -4.27 -25.40 -10.11
N ILE E 218 -3.59 -24.45 -10.73
CA ILE E 218 -3.49 -24.35 -12.18
C ILE E 218 -2.04 -24.59 -12.56
N PRO E 219 -1.76 -25.34 -13.61
CA PRO E 219 -0.36 -25.65 -13.91
C PRO E 219 0.46 -24.38 -14.06
N ILE E 220 1.48 -24.25 -13.24
CA ILE E 220 2.39 -23.12 -13.26
C ILE E 220 3.66 -23.56 -13.94
N HIS E 221 4.18 -22.74 -14.82
CA HIS E 221 5.41 -23.06 -15.52
C HIS E 221 6.49 -22.09 -15.10
N TYR E 222 7.40 -22.52 -14.23
CA TYR E 222 8.54 -21.70 -13.90
C TYR E 222 9.43 -21.56 -15.11
N CYS E 223 9.68 -20.34 -15.52
CA CYS E 223 10.41 -20.06 -16.74
C CYS E 223 11.61 -19.21 -16.39
N ALA E 224 12.57 -19.42 -17.07
CA ALA E 224 13.83 -18.81 -16.75
C ALA E 224 14.13 -17.66 -17.70
N PRO E 225 14.56 -16.53 -17.16
CA PRO E 225 14.87 -15.38 -18.01
C PRO E 225 16.09 -15.66 -18.86
N ALA E 226 16.19 -14.93 -19.96
CA ALA E 226 17.21 -15.21 -20.96
C ALA E 226 18.60 -15.21 -20.34
N GLY E 227 19.48 -16.01 -20.91
CA GLY E 227 20.80 -16.19 -20.37
C GLY E 227 20.91 -17.28 -19.32
N PHE E 228 19.81 -17.94 -18.98
CA PHE E 228 19.83 -19.01 -18.01
C PHE E 228 19.36 -20.30 -18.67
N ALA E 229 19.34 -21.37 -17.89
CA ALA E 229 18.86 -22.62 -18.45
C ALA E 229 18.34 -23.52 -17.34
N ILE E 230 17.36 -24.35 -17.71
CA ILE E 230 16.74 -25.31 -16.82
C ILE E 230 17.14 -26.72 -17.24
N LEU E 231 17.78 -27.43 -16.32
CA LEU E 231 18.23 -28.80 -16.53
C LEU E 231 17.25 -29.75 -15.87
N LYS E 232 16.86 -30.77 -16.61
CA LYS E 232 15.90 -31.77 -16.16
C LYS E 232 16.54 -33.15 -16.23
N CYS E 233 16.63 -33.83 -15.09
CA CYS E 233 17.25 -35.15 -15.03
C CYS E 233 16.32 -36.16 -15.68
N LYS E 234 16.75 -36.73 -16.81
CA LYS E 234 15.87 -37.62 -17.57
C LYS E 234 15.95 -39.06 -17.10
N ASP E 235 16.68 -39.30 -16.03
CA ASP E 235 16.93 -40.66 -15.56
C ASP E 235 15.71 -41.16 -14.77
N LYS E 236 15.07 -42.21 -15.28
CA LYS E 236 13.95 -42.81 -14.58
C LYS E 236 14.33 -43.29 -13.18
N LYS E 237 15.58 -43.68 -12.98
CA LYS E 237 16.07 -44.19 -11.71
C LYS E 237 17.02 -43.16 -11.13
N PHE E 238 16.54 -42.39 -10.16
CA PHE E 238 17.37 -41.37 -9.57
C PHE E 238 17.09 -41.28 -8.08
N ASN E 239 18.16 -41.32 -7.29
CA ASN E 239 18.04 -41.30 -5.84
C ASN E 239 17.53 -39.98 -5.29
N GLY E 240 17.84 -38.87 -5.98
CA GLY E 240 17.61 -37.53 -5.48
C GLY E 240 18.82 -36.62 -5.61
N THR E 241 20.03 -37.17 -5.51
CA THR E 241 21.24 -36.38 -5.61
C THR E 241 22.29 -37.14 -6.42
N GLY E 242 23.44 -36.52 -6.57
CA GLY E 242 24.52 -37.17 -7.28
C GLY E 242 24.39 -36.97 -8.79
N PRO E 243 25.28 -37.59 -9.55
CA PRO E 243 25.32 -37.34 -11.00
C PRO E 243 24.20 -38.06 -11.74
N CYS E 244 23.32 -37.27 -12.35
CA CYS E 244 22.29 -37.83 -13.22
C CYS E 244 22.87 -37.95 -14.63
N PRO E 245 22.95 -39.16 -15.18
CA PRO E 245 23.58 -39.31 -16.50
C PRO E 245 22.72 -38.82 -17.64
N SER E 246 21.42 -39.10 -17.61
CA SER E 246 20.53 -38.72 -18.71
C SER E 246 19.80 -37.44 -18.34
N VAL E 247 20.09 -36.36 -19.06
CA VAL E 247 19.60 -35.03 -18.72
C VAL E 247 19.12 -34.36 -20.00
N SER E 248 18.27 -33.35 -19.84
CA SER E 248 17.82 -32.52 -20.94
C SER E 248 17.78 -31.07 -20.50
N THR E 249 17.73 -30.19 -21.48
CA THR E 249 17.54 -28.77 -21.24
C THR E 249 16.17 -28.35 -21.75
N VAL E 250 15.49 -27.50 -20.99
CA VAL E 250 14.25 -26.91 -21.46
C VAL E 250 14.34 -25.41 -21.28
N GLN E 251 13.60 -24.67 -22.10
CA GLN E 251 13.47 -23.27 -21.80
C GLN E 251 12.73 -23.05 -20.50
N CYS E 252 11.69 -23.85 -20.22
CA CYS E 252 11.07 -23.83 -18.92
C CYS E 252 10.09 -24.96 -18.64
N THR E 253 9.84 -25.17 -17.35
CA THR E 253 9.39 -26.42 -16.80
C THR E 253 7.96 -26.76 -17.21
N HIS E 254 7.53 -27.93 -16.74
CA HIS E 254 6.16 -28.40 -16.95
C HIS E 254 5.22 -27.70 -15.98
N GLY E 255 3.93 -27.99 -16.15
CA GLY E 255 2.93 -27.45 -15.24
C GLY E 255 3.10 -28.10 -13.89
N ILE E 256 3.10 -27.30 -12.84
CA ILE E 256 3.33 -27.80 -11.49
C ILE E 256 2.14 -27.44 -10.66
N LYS E 257 1.28 -28.39 -10.43
CA LYS E 257 0.10 -28.08 -9.65
C LYS E 257 0.54 -27.71 -8.26
N PRO E 258 0.38 -26.48 -7.87
CA PRO E 258 0.88 -26.03 -6.58
C PRO E 258 -0.10 -26.35 -5.45
N VAL E 259 -0.51 -27.60 -5.39
CA VAL E 259 -1.45 -28.02 -4.37
C VAL E 259 -0.78 -27.90 -3.02
N VAL E 260 -1.55 -27.48 -2.03
CA VAL E 260 -1.11 -27.47 -0.64
C VAL E 260 -1.64 -28.75 0.00
N SER E 261 -0.75 -29.58 0.53
CA SER E 261 -1.18 -30.81 1.17
C SER E 261 -0.19 -31.23 2.25
N THR E 262 -0.65 -32.09 3.15
CA THR E 262 0.16 -32.60 4.24
C THR E 262 0.06 -34.12 4.31
N GLN E 263 1.23 -34.75 4.45
CA GLN E 263 1.40 -36.18 4.64
C GLN E 263 1.16 -36.96 3.36
N LEU E 264 0.63 -36.31 2.33
CA LEU E 264 0.24 -37.01 1.11
C LEU E 264 0.41 -36.09 -0.08
N LEU E 265 1.29 -36.47 -1.01
CA LEU E 265 1.44 -35.71 -2.23
C LEU E 265 0.23 -35.98 -3.11
N LEU E 266 -0.55 -34.95 -3.37
CA LEU E 266 -1.72 -35.08 -4.21
C LEU E 266 -1.42 -34.55 -5.60
N ASN E 267 -2.03 -35.15 -6.61
CA ASN E 267 -1.97 -34.68 -7.98
C ASN E 267 -0.55 -34.52 -8.49
N GLY E 268 0.43 -34.96 -7.71
CA GLY E 268 1.81 -34.81 -8.08
C GLY E 268 2.13 -35.59 -9.34
N SER E 269 3.41 -35.61 -9.67
CA SER E 269 3.87 -36.44 -10.77
C SER E 269 4.06 -37.86 -10.26
N LEU E 270 4.15 -38.81 -11.19
CA LEU E 270 4.36 -40.20 -10.85
C LEU E 270 5.76 -40.66 -11.26
N ALA E 271 6.31 -41.57 -10.48
CA ALA E 271 7.59 -42.17 -10.82
C ALA E 271 7.42 -43.20 -11.91
N GLU E 272 8.54 -43.71 -12.41
CA GLU E 272 8.49 -44.71 -13.48
C GLU E 272 9.24 -45.98 -13.12
N GLU E 273 8.56 -47.11 -13.36
CA GLU E 273 9.09 -48.47 -13.29
C GLU E 273 9.47 -48.87 -11.87
N GLU E 274 9.41 -47.93 -10.94
CA GLU E 274 9.68 -48.20 -9.55
C GLU E 274 8.97 -47.15 -8.72
N VAL E 275 9.13 -47.22 -7.42
CA VAL E 275 8.57 -46.24 -6.52
C VAL E 275 9.74 -45.70 -5.71
N MET E 276 10.35 -44.64 -6.22
CA MET E 276 11.60 -44.17 -5.66
C MET E 276 11.41 -43.69 -4.23
N ILE E 277 12.54 -43.68 -3.53
CA ILE E 277 12.65 -43.17 -2.17
C ILE E 277 13.74 -42.11 -2.19
N ARG E 278 13.45 -40.95 -1.61
CA ARG E 278 14.41 -39.85 -1.65
C ARG E 278 14.55 -39.25 -0.26
N SER E 279 15.79 -39.08 0.17
CA SER E 279 16.15 -38.32 1.34
C SER E 279 17.67 -38.21 1.36
N GLU E 280 18.16 -37.07 1.81
CA GLU E 280 19.60 -36.84 1.75
C GLU E 280 20.36 -37.85 2.60
N ASN E 281 19.83 -38.15 3.79
CA ASN E 281 20.51 -39.05 4.74
C ASN E 281 19.48 -39.98 5.35
N ILE E 282 19.22 -41.10 4.66
CA ILE E 282 18.26 -42.08 5.17
C ILE E 282 18.70 -42.58 6.52
N THR E 283 20.00 -42.84 6.68
CA THR E 283 20.53 -43.31 7.94
C THR E 283 20.28 -42.33 9.07
N ASN E 284 20.01 -41.07 8.74
CA ASN E 284 19.58 -40.14 9.76
C ASN E 284 18.09 -40.30 9.97
N ASN E 285 17.67 -40.21 11.23
CA ASN E 285 16.27 -40.25 11.56
C ASN E 285 15.61 -38.88 11.54
N ALA E 286 16.37 -37.82 11.27
CA ALA E 286 15.86 -36.45 11.38
C ALA E 286 15.48 -35.84 10.04
N LYS E 287 15.54 -36.60 8.95
CA LYS E 287 15.09 -36.16 7.65
C LYS E 287 13.72 -36.73 7.41
N ASN E 288 13.25 -36.62 6.18
CA ASN E 288 11.96 -37.20 5.82
C ASN E 288 12.14 -38.06 4.58
N ILE E 289 11.37 -39.11 4.51
CA ILE E 289 11.45 -40.02 3.37
C ILE E 289 10.37 -39.64 2.37
N LEU E 290 10.77 -39.39 1.13
CA LEU E 290 9.89 -38.95 0.06
C LEU E 290 9.67 -40.16 -0.85
N VAL E 291 8.52 -40.77 -0.71
CA VAL E 291 8.13 -41.91 -1.54
C VAL E 291 7.38 -41.38 -2.75
N GLN E 292 7.59 -42.00 -3.90
CA GLN E 292 6.91 -41.52 -5.11
C GLN E 292 6.41 -42.72 -5.91
N PHE E 293 5.10 -42.84 -6.08
CA PHE E 293 4.53 -44.08 -6.57
C PHE E 293 4.66 -44.20 -8.09
N ASN E 294 4.40 -45.41 -8.58
CA ASN E 294 4.09 -45.64 -9.99
C ASN E 294 2.63 -45.51 -10.30
N THR E 295 1.77 -45.85 -9.36
CA THR E 295 0.37 -46.00 -9.69
C THR E 295 -0.47 -45.01 -8.92
N PRO E 296 -1.27 -44.22 -9.63
CA PRO E 296 -2.13 -43.25 -8.96
C PRO E 296 -3.18 -43.99 -8.15
N VAL E 297 -2.95 -44.09 -6.86
CA VAL E 297 -3.91 -44.72 -5.96
C VAL E 297 -5.02 -43.71 -5.75
N GLN E 298 -6.21 -44.06 -6.19
CA GLN E 298 -7.31 -43.11 -6.15
C GLN E 298 -7.69 -42.78 -4.72
N ILE E 299 -8.33 -41.63 -4.57
CA ILE E 299 -9.04 -41.27 -3.35
C ILE E 299 -10.21 -40.38 -3.73
N ASN E 300 -11.37 -40.70 -3.16
CA ASN E 300 -12.60 -39.97 -3.43
C ASN E 300 -12.97 -39.25 -2.15
N CYS E 301 -12.94 -37.93 -2.14
CA CYS E 301 -13.33 -37.19 -0.96
C CYS E 301 -14.61 -36.42 -1.23
N THR E 302 -15.43 -36.31 -0.20
CA THR E 302 -16.64 -35.52 -0.44
C THR E 302 -17.14 -34.89 0.83
N ARG E 303 -17.85 -33.81 0.64
CA ARG E 303 -18.66 -33.15 1.66
C ARG E 303 -20.08 -33.19 1.14
N PRO E 304 -20.88 -34.12 1.57
CA PRO E 304 -22.22 -34.27 1.01
C PRO E 304 -23.30 -33.46 1.71
N ASN E 305 -23.15 -32.15 1.77
CA ASN E 305 -24.20 -31.27 2.28
C ASN E 305 -24.58 -30.26 1.22
N ASN E 306 -25.85 -29.89 1.17
CA ASN E 306 -26.26 -28.70 0.43
C ASN E 306 -26.28 -27.61 1.49
N ASN E 307 -25.22 -26.81 1.53
CA ASN E 307 -25.04 -25.75 2.51
C ASN E 307 -25.46 -24.41 1.93
N THR E 308 -26.00 -23.54 2.78
CA THR E 308 -26.60 -22.29 2.32
C THR E 308 -25.74 -21.11 2.72
N ARG E 309 -25.53 -20.19 1.79
CA ARG E 309 -24.74 -18.99 2.03
C ARG E 309 -25.66 -17.86 2.49
N LYS E 310 -25.45 -17.41 3.71
CA LYS E 310 -26.21 -16.31 4.27
C LYS E 310 -25.30 -15.10 4.30
N SER E 311 -25.68 -14.04 3.60
CA SER E 311 -24.83 -12.85 3.56
C SER E 311 -25.21 -11.86 4.65
N ILE E 312 -24.21 -11.43 5.41
CA ILE E 312 -24.39 -10.45 6.47
C ILE E 312 -23.60 -9.23 6.07
N ARG E 313 -24.25 -8.08 6.02
CA ARG E 313 -23.56 -6.86 5.64
C ARG E 313 -22.82 -6.30 6.84
N ILE E 314 -21.50 -6.43 6.86
CA ILE E 314 -20.74 -5.59 7.77
C ILE E 314 -20.46 -4.29 7.05
N GLY E 315 -21.45 -3.41 7.05
CA GLY E 315 -21.41 -2.25 6.20
C GLY E 315 -20.31 -1.33 6.64
N PRO E 316 -19.99 -0.35 5.81
CA PRO E 316 -20.54 -0.13 4.49
C PRO E 316 -19.87 -0.99 3.47
N GLY E 317 -20.65 -1.69 2.65
CA GLY E 317 -20.13 -2.30 1.47
C GLY E 317 -19.44 -3.63 1.69
N GLN E 318 -18.94 -3.88 2.89
CA GLN E 318 -18.30 -5.15 3.17
C GLN E 318 -19.33 -6.17 3.63
N ALA E 319 -19.25 -7.37 3.07
CA ALA E 319 -20.26 -8.39 3.30
C ALA E 319 -19.58 -9.70 3.65
N PHE E 320 -20.16 -10.43 4.60
CA PHE E 320 -19.58 -11.63 5.17
C PHE E 320 -20.46 -12.84 4.93
N TYR E 321 -19.87 -13.92 4.46
CA TYR E 321 -20.58 -15.11 4.04
C TYR E 321 -20.59 -16.15 5.16
N ALA E 322 -21.72 -16.30 5.84
CA ALA E 322 -21.80 -17.30 6.89
C ALA E 322 -22.57 -18.52 6.42
N THR E 323 -22.47 -19.59 7.20
CA THR E 323 -23.13 -20.86 6.91
C THR E 323 -24.60 -20.73 7.30
N GLY E 324 -25.44 -20.42 6.33
CA GLY E 324 -26.85 -20.26 6.58
C GLY E 324 -27.46 -21.51 7.18
N ASP E 325 -27.44 -22.60 6.44
CA ASP E 325 -27.87 -23.87 6.98
C ASP E 325 -27.34 -25.00 6.09
N ILE E 326 -27.63 -26.22 6.51
CA ILE E 326 -27.19 -27.44 5.85
C ILE E 326 -28.43 -28.26 5.54
N ILE E 327 -28.55 -28.67 4.28
CA ILE E 327 -29.63 -29.54 3.87
C ILE E 327 -29.04 -30.71 3.11
N GLY E 328 -29.77 -31.82 3.09
CA GLY E 328 -29.30 -33.02 2.42
C GLY E 328 -28.88 -34.11 3.38
N ASP E 329 -28.30 -35.15 2.79
CA ASP E 329 -27.83 -36.29 3.57
C ASP E 329 -26.68 -35.84 4.45
N ILE E 330 -26.94 -35.74 5.75
CA ILE E 330 -25.95 -35.29 6.72
C ILE E 330 -25.07 -36.49 7.02
N ARG E 331 -24.23 -36.84 6.06
CA ARG E 331 -23.23 -37.84 6.37
C ARG E 331 -22.07 -37.11 7.00
N GLN E 332 -20.99 -37.82 7.21
CA GLN E 332 -19.77 -37.21 7.73
C GLN E 332 -18.77 -37.08 6.59
N ALA E 333 -18.18 -35.90 6.47
CA ALA E 333 -17.23 -35.68 5.41
C ALA E 333 -16.12 -36.71 5.50
N HIS E 334 -15.72 -37.25 4.36
CA HIS E 334 -14.85 -38.40 4.40
C HIS E 334 -14.19 -38.63 3.05
N CYS E 335 -13.38 -39.68 2.99
CA CYS E 335 -12.70 -40.10 1.77
C CYS E 335 -12.58 -41.61 1.70
N ASN E 336 -12.82 -42.13 0.50
CA ASN E 336 -12.76 -43.55 0.19
C ASN E 336 -11.47 -43.86 -0.53
N VAL E 337 -10.94 -45.06 -0.30
CA VAL E 337 -9.75 -45.53 -1.00
C VAL E 337 -9.82 -47.04 -1.18
N SER E 338 -9.50 -47.52 -2.38
CA SER E 338 -9.53 -48.95 -2.64
C SER E 338 -8.49 -49.65 -1.77
N LYS E 339 -8.96 -50.44 -0.81
CA LYS E 339 -8.04 -51.09 0.12
C LYS E 339 -7.01 -51.93 -0.63
N ALA E 340 -7.44 -52.60 -1.69
CA ALA E 340 -6.55 -53.53 -2.37
C ALA E 340 -5.33 -52.83 -2.93
N THR E 341 -5.56 -51.75 -3.68
CA THR E 341 -4.44 -51.10 -4.33
C THR E 341 -3.52 -50.48 -3.28
N TRP E 342 -4.09 -49.90 -2.24
CA TRP E 342 -3.27 -49.31 -1.19
C TRP E 342 -2.39 -50.35 -0.55
N ASN E 343 -2.95 -51.52 -0.24
CA ASN E 343 -2.14 -52.55 0.39
C ASN E 343 -1.04 -53.05 -0.54
N GLU E 344 -1.39 -53.29 -1.81
CA GLU E 344 -0.40 -53.80 -2.73
C GLU E 344 0.73 -52.79 -2.92
N THR E 345 0.38 -51.54 -3.18
CA THR E 345 1.36 -50.51 -3.43
C THR E 345 2.20 -50.25 -2.19
N LEU E 346 1.60 -50.27 -1.01
CA LEU E 346 2.39 -50.13 0.18
C LEU E 346 3.32 -51.31 0.40
N GLY E 347 2.98 -52.48 -0.16
CA GLY E 347 3.95 -53.57 -0.16
C GLY E 347 5.11 -53.30 -1.11
N LYS E 348 4.83 -52.72 -2.27
CA LYS E 348 5.93 -52.22 -3.09
C LYS E 348 6.83 -51.33 -2.26
N VAL E 349 6.21 -50.45 -1.48
CA VAL E 349 6.96 -49.60 -0.57
C VAL E 349 7.74 -50.44 0.43
N VAL E 350 7.14 -51.53 0.89
CA VAL E 350 7.85 -52.42 1.81
C VAL E 350 9.14 -52.89 1.17
N LYS E 351 9.06 -53.32 -0.09
CA LYS E 351 10.26 -53.70 -0.82
C LYS E 351 11.28 -52.58 -0.81
N GLN E 352 10.84 -51.39 -1.18
CA GLN E 352 11.80 -50.32 -1.38
C GLN E 352 12.41 -49.83 -0.08
N LEU E 353 11.62 -49.76 0.99
CA LEU E 353 12.18 -49.46 2.30
C LEU E 353 13.15 -50.54 2.73
N ARG E 354 12.84 -51.78 2.38
CA ARG E 354 13.76 -52.87 2.69
C ARG E 354 15.10 -52.65 2.01
N LYS E 355 15.08 -52.23 0.74
CA LYS E 355 16.31 -52.08 -0.01
C LYS E 355 17.26 -51.06 0.61
N HIS E 356 16.80 -50.27 1.56
CA HIS E 356 17.68 -49.39 2.31
C HIS E 356 17.99 -49.93 3.70
N PHE E 357 17.35 -51.03 4.09
CA PHE E 357 17.54 -51.54 5.43
C PHE E 357 17.77 -53.04 5.51
N GLY E 358 17.86 -53.74 4.38
CA GLY E 358 18.21 -55.15 4.45
C GLY E 358 17.01 -56.07 4.40
N ASN E 359 17.16 -57.17 3.66
CA ASN E 359 16.06 -58.13 3.53
C ASN E 359 15.80 -58.90 4.80
N ASN E 360 16.42 -58.50 5.91
CA ASN E 360 16.28 -59.18 7.19
C ASN E 360 15.59 -58.32 8.24
N THR E 361 14.61 -57.51 7.84
CA THR E 361 14.01 -56.51 8.72
C THR E 361 12.49 -56.60 8.71
N ILE E 362 11.87 -55.90 9.66
CA ILE E 362 10.43 -55.77 9.76
C ILE E 362 10.08 -54.30 9.91
N ILE E 363 9.20 -53.80 9.06
CA ILE E 363 8.89 -52.37 9.03
C ILE E 363 7.49 -52.15 9.58
N ARG E 364 7.33 -51.10 10.38
CA ARG E 364 6.01 -50.81 10.90
C ARG E 364 5.60 -49.40 10.51
N PHE E 365 4.39 -49.26 10.00
CA PHE E 365 3.78 -47.97 9.75
C PHE E 365 2.74 -47.71 10.81
N ALA E 366 2.99 -46.70 11.63
CA ALA E 366 2.06 -46.27 12.66
C ALA E 366 1.54 -44.89 12.26
N ASN E 367 0.41 -44.53 12.83
CA ASN E 367 -0.09 -43.19 12.61
C ASN E 367 0.85 -42.19 13.30
N SER E 368 0.67 -40.90 13.01
CA SER E 368 1.55 -39.92 13.63
C SER E 368 1.28 -39.82 15.11
N SER E 369 2.30 -39.41 15.85
CA SER E 369 2.32 -39.49 17.30
C SER E 369 1.72 -38.26 17.97
N GLY E 370 0.83 -37.55 17.31
CA GLY E 370 0.08 -36.49 17.95
C GLY E 370 0.78 -35.14 17.81
N GLY E 371 0.13 -34.13 18.34
CA GLY E 371 0.64 -32.77 18.23
C GLY E 371 -0.35 -31.79 17.66
N ASP E 372 0.15 -30.83 16.89
CA ASP E 372 -0.70 -29.84 16.23
C ASP E 372 -1.54 -30.50 15.14
N LEU E 373 -2.70 -29.90 14.88
CA LEU E 373 -3.60 -30.49 13.90
C LEU E 373 -2.97 -30.53 12.52
N GLU E 374 -2.32 -29.44 12.12
CA GLU E 374 -1.84 -29.32 10.75
C GLU E 374 -0.81 -30.37 10.38
N VAL E 375 -0.22 -31.05 11.36
CA VAL E 375 0.70 -32.15 11.07
C VAL E 375 0.10 -33.51 11.37
N THR E 376 -0.87 -33.59 12.28
CA THR E 376 -1.45 -34.88 12.61
C THR E 376 -2.27 -35.46 11.48
N THR E 377 -2.74 -34.65 10.55
CA THR E 377 -3.68 -35.14 9.56
C THR E 377 -3.22 -34.83 8.15
N HIS E 378 -3.85 -35.54 7.23
CA HIS E 378 -3.78 -35.24 5.81
C HIS E 378 -4.66 -34.02 5.58
N SER E 379 -4.04 -32.86 5.67
CA SER E 379 -4.73 -31.62 5.36
C SER E 379 -4.49 -31.25 3.91
N PHE E 380 -5.51 -30.73 3.27
CA PHE E 380 -5.38 -30.35 1.87
C PHE E 380 -6.57 -29.47 1.51
N ASN E 381 -6.60 -29.00 0.27
CA ASN E 381 -7.70 -28.18 -0.21
C ASN E 381 -8.30 -28.79 -1.46
N CYS E 382 -9.61 -28.68 -1.55
CA CYS E 382 -10.40 -29.54 -2.43
C CYS E 382 -11.75 -28.89 -2.66
N GLY E 383 -12.01 -28.57 -3.92
CA GLY E 383 -13.22 -27.86 -4.25
C GLY E 383 -13.37 -26.53 -3.56
N GLY E 384 -12.31 -26.03 -2.94
CA GLY E 384 -12.44 -24.77 -2.26
C GLY E 384 -12.35 -25.01 -0.77
N GLU E 385 -12.81 -26.15 -0.32
CA GLU E 385 -12.81 -26.37 1.12
C GLU E 385 -11.48 -26.90 1.61
N PHE E 386 -11.36 -26.94 2.93
CA PHE E 386 -10.13 -27.38 3.57
C PHE E 386 -10.41 -28.63 4.38
N PHE E 387 -9.74 -29.71 4.03
CA PHE E 387 -9.97 -31.01 4.62
C PHE E 387 -8.83 -31.41 5.53
N TYR E 388 -9.20 -31.97 6.69
CA TYR E 388 -8.25 -32.58 7.63
C TYR E 388 -8.71 -34.02 7.81
N CYS E 389 -8.02 -34.94 7.16
CA CYS E 389 -8.35 -36.36 7.22
C CYS E 389 -7.42 -37.05 8.20
N ASN E 390 -8.00 -37.74 9.18
CA ASN E 390 -7.21 -38.58 10.07
C ASN E 390 -6.76 -39.82 9.33
N THR E 391 -5.47 -40.10 9.36
CA THR E 391 -4.91 -41.16 8.53
C THR E 391 -4.56 -42.40 9.33
N SER E 392 -5.02 -42.51 10.57
CA SER E 392 -4.78 -43.72 11.33
C SER E 392 -5.12 -44.94 10.50
N GLY E 393 -6.24 -44.90 9.81
CA GLY E 393 -6.62 -45.98 8.94
C GLY E 393 -5.71 -46.23 7.77
N LEU E 394 -4.51 -45.66 7.74
CA LEU E 394 -3.60 -45.96 6.64
C LEU E 394 -2.20 -46.35 7.04
N PHE E 395 -1.79 -46.08 8.27
CA PHE E 395 -0.49 -46.54 8.76
C PHE E 395 -0.73 -47.26 10.07
N ASN E 396 -1.11 -48.53 9.96
CA ASN E 396 -1.55 -49.32 11.09
C ASN E 396 -1.10 -50.76 10.92
N SER E 397 0.16 -50.95 10.53
CA SER E 397 0.54 -52.31 10.17
C SER E 397 2.04 -52.50 10.31
N THR E 398 2.43 -53.61 10.92
CA THR E 398 3.80 -54.08 10.89
C THR E 398 3.93 -55.14 9.82
N TRP E 399 5.11 -55.25 9.23
CA TRP E 399 5.33 -56.05 8.05
C TRP E 399 6.62 -56.83 8.19
N ILE E 400 6.50 -58.16 8.05
CA ILE E 400 7.57 -59.13 8.26
C ILE E 400 8.58 -59.05 7.13
N SER E 401 9.71 -59.73 7.30
CA SER E 401 10.71 -59.77 6.23
C SER E 401 10.12 -60.32 4.94
N ASN E 402 9.21 -61.28 5.02
CA ASN E 402 8.62 -61.86 3.83
C ASN E 402 7.37 -62.66 4.17
N ASN E 414 -15.90 -54.03 -1.98
CA ASN E 414 -14.66 -54.03 -2.74
C ASN E 414 -13.52 -54.79 -2.02
N ASP E 415 -13.18 -54.47 -0.76
CA ASP E 415 -13.74 -53.38 0.03
C ASP E 415 -12.81 -52.17 -0.04
N SER E 416 -13.20 -51.09 0.63
CA SER E 416 -12.46 -49.85 0.59
C SER E 416 -12.29 -49.31 2.01
N ILE E 417 -11.24 -48.52 2.19
CA ILE E 417 -10.92 -47.92 3.48
C ILE E 417 -11.58 -46.55 3.52
N THR E 418 -12.29 -46.30 4.61
CA THR E 418 -12.95 -45.03 4.86
C THR E 418 -12.13 -44.19 5.81
N LEU E 419 -11.96 -42.92 5.45
CA LEU E 419 -11.17 -41.96 6.20
C LEU E 419 -12.09 -40.87 6.69
N PRO E 420 -12.21 -40.69 7.99
CA PRO E 420 -13.13 -39.69 8.52
C PRO E 420 -12.46 -38.35 8.67
N CYS E 421 -12.86 -37.34 7.91
CA CYS E 421 -12.16 -36.06 7.91
C CYS E 421 -13.06 -34.98 8.51
N ARG E 422 -12.42 -33.98 9.10
CA ARG E 422 -13.10 -32.82 9.64
C ARG E 422 -12.81 -31.61 8.76
N ILE E 423 -13.66 -30.59 8.91
CA ILE E 423 -13.61 -29.39 8.08
C ILE E 423 -13.29 -28.19 8.92
N LYS E 424 -12.26 -27.47 8.51
CA LYS E 424 -11.81 -26.30 9.24
C LYS E 424 -12.12 -25.05 8.43
N GLN E 425 -12.19 -23.93 9.12
CA GLN E 425 -12.42 -22.66 8.46
C GLN E 425 -11.25 -21.71 8.57
N ILE E 426 -10.85 -21.34 9.78
CA ILE E 426 -9.91 -20.24 9.97
C ILE E 426 -8.52 -20.83 9.80
N ILE E 427 -8.09 -20.97 8.58
CA ILE E 427 -6.88 -21.75 8.35
C ILE E 427 -5.69 -20.83 8.50
N ASN E 428 -4.65 -21.32 9.18
CA ASN E 428 -3.38 -20.59 9.32
C ASN E 428 -2.39 -21.20 8.35
N MET E 429 -2.17 -20.53 7.25
CA MET E 429 -1.40 -21.14 6.18
C MET E 429 0.08 -20.96 6.38
N TRP E 430 0.82 -22.01 6.07
CA TRP E 430 2.28 -22.03 6.13
C TRP E 430 2.83 -21.88 7.54
N GLN E 431 2.08 -22.32 8.53
CA GLN E 431 2.48 -22.27 9.94
C GLN E 431 2.76 -20.85 10.41
N ARG E 432 2.56 -19.89 9.55
CA ARG E 432 2.76 -18.49 9.88
C ARG E 432 1.71 -18.10 10.89
N ILE E 433 2.09 -17.32 11.87
CA ILE E 433 1.13 -16.81 12.83
C ILE E 433 0.98 -15.32 12.60
N GLY E 434 -0.11 -14.76 13.11
CA GLY E 434 -0.44 -13.39 12.82
C GLY E 434 -1.18 -13.17 11.53
N GLN E 435 -1.51 -14.24 10.80
CA GLN E 435 -2.25 -14.11 9.56
C GLN E 435 -3.28 -15.20 9.50
N ALA E 436 -4.44 -14.90 8.93
CA ALA E 436 -5.50 -15.88 8.96
C ALA E 436 -6.50 -15.59 7.87
N MET E 437 -6.61 -16.53 6.94
CA MET E 437 -7.57 -16.47 5.86
C MET E 437 -8.84 -17.13 6.36
N TYR E 438 -9.97 -16.72 5.83
CA TYR E 438 -11.25 -17.28 6.24
C TYR E 438 -11.98 -17.74 4.99
N ALA E 439 -11.88 -19.00 4.68
CA ALA E 439 -12.57 -19.53 3.52
C ALA E 439 -14.06 -19.28 3.69
N PRO E 440 -14.80 -19.05 2.61
CA PRO E 440 -16.22 -18.86 2.74
C PRO E 440 -16.94 -20.19 2.61
N PRO E 441 -18.13 -20.31 3.15
CA PRO E 441 -18.89 -21.54 2.97
C PRO E 441 -19.18 -21.77 1.50
N ILE E 442 -18.59 -22.79 0.92
CA ILE E 442 -18.77 -23.08 -0.49
C ILE E 442 -20.13 -23.76 -0.65
N GLN E 443 -20.99 -23.16 -1.46
CA GLN E 443 -22.34 -23.66 -1.54
C GLN E 443 -22.38 -24.93 -2.37
N GLY E 444 -23.38 -25.76 -2.09
CA GLY E 444 -23.59 -26.97 -2.84
C GLY E 444 -22.94 -28.16 -2.20
N VAL E 445 -22.86 -29.22 -2.98
CA VAL E 445 -22.28 -30.50 -2.57
C VAL E 445 -20.89 -30.60 -3.16
N ILE E 446 -19.95 -31.17 -2.42
CA ILE E 446 -18.56 -31.23 -2.86
C ILE E 446 -18.17 -32.67 -3.11
N ARG E 447 -17.65 -32.93 -4.30
CA ARG E 447 -17.21 -34.27 -4.66
C ARG E 447 -15.94 -34.12 -5.47
N CYS E 448 -14.87 -34.72 -4.98
CA CYS E 448 -13.55 -34.30 -5.39
C CYS E 448 -12.60 -35.49 -5.34
N VAL E 449 -11.99 -35.78 -6.48
CA VAL E 449 -11.30 -37.04 -6.67
C VAL E 449 -9.85 -36.73 -6.99
N SER E 450 -8.96 -37.61 -6.59
CA SER E 450 -7.55 -37.27 -6.69
C SER E 450 -6.69 -38.52 -6.62
N ASN E 451 -5.45 -38.37 -7.07
CA ASN E 451 -4.44 -39.38 -6.90
C ASN E 451 -3.72 -39.14 -5.59
N ILE E 452 -3.05 -40.15 -5.07
CA ILE E 452 -2.01 -39.95 -4.06
C ILE E 452 -0.75 -40.54 -4.61
N THR E 453 0.24 -39.73 -4.92
CA THR E 453 1.39 -40.26 -5.62
C THR E 453 2.61 -40.48 -4.72
N GLY E 454 2.65 -39.90 -3.54
CA GLY E 454 3.86 -40.00 -2.76
C GLY E 454 3.59 -40.00 -1.28
N LEU E 455 4.67 -40.05 -0.52
CA LEU E 455 4.60 -40.16 0.93
C LEU E 455 5.75 -39.41 1.56
N ILE E 456 5.55 -39.01 2.81
CA ILE E 456 6.48 -38.18 3.57
C ILE E 456 6.58 -38.77 4.97
N LEU E 457 7.63 -39.56 5.22
CA LEU E 457 7.67 -40.33 6.44
C LEU E 457 8.80 -39.87 7.35
N THR E 458 8.69 -40.26 8.62
CA THR E 458 9.63 -39.88 9.67
C THR E 458 9.94 -41.10 10.52
N ARG E 459 11.24 -41.31 10.75
CA ARG E 459 11.79 -42.45 11.45
C ARG E 459 11.97 -42.14 12.93
N ASP E 460 11.86 -43.16 13.76
CA ASP E 460 12.14 -43.02 15.18
C ASP E 460 13.07 -44.08 15.73
N GLY E 461 13.58 -44.96 14.88
CA GLY E 461 14.30 -46.17 15.26
C GLY E 461 15.76 -45.83 15.57
N GLY E 462 16.63 -46.85 15.55
CA GLY E 462 18.02 -46.85 16.00
C GLY E 462 18.13 -47.02 17.51
N SER E 463 17.12 -47.62 18.13
CA SER E 463 17.21 -48.14 19.49
C SER E 463 16.82 -49.61 19.42
N THR E 464 17.77 -50.50 19.77
CA THR E 464 17.62 -51.93 19.50
C THR E 464 17.27 -52.13 18.03
N ASN E 465 18.16 -51.69 17.15
CA ASN E 465 17.89 -51.50 15.73
C ASN E 465 18.33 -52.75 14.98
N SER E 466 17.45 -53.74 14.92
CA SER E 466 17.81 -54.94 14.18
C SER E 466 16.86 -55.23 13.03
N THR E 467 15.61 -55.42 13.34
CA THR E 467 14.66 -55.79 12.30
C THR E 467 13.41 -54.94 12.30
N THR E 468 12.93 -54.50 13.47
CA THR E 468 11.64 -53.83 13.62
C THR E 468 11.85 -52.32 13.62
N GLU E 469 11.62 -51.71 12.46
CA GLU E 469 11.60 -50.25 12.33
C GLU E 469 10.18 -49.75 12.18
N THR E 470 9.91 -48.61 12.82
CA THR E 470 8.59 -48.00 12.80
C THR E 470 8.67 -46.62 12.18
N PHE E 471 7.79 -46.35 11.22
CA PHE E 471 7.77 -45.11 10.48
C PHE E 471 6.41 -44.47 10.67
N ARG E 472 6.39 -43.17 10.90
CA ARG E 472 5.10 -42.55 10.96
C ARG E 472 5.06 -41.31 10.06
N PRO E 473 3.89 -40.91 9.58
CA PRO E 473 3.83 -39.78 8.65
C PRO E 473 3.71 -38.47 9.41
N GLY E 474 4.13 -37.40 8.73
CA GLY E 474 4.03 -36.08 9.33
C GLY E 474 4.76 -35.04 8.52
N GLY E 475 5.28 -34.04 9.23
CA GLY E 475 5.94 -32.92 8.60
C GLY E 475 5.30 -31.59 8.90
N GLY E 476 4.76 -30.94 7.86
CA GLY E 476 4.17 -29.62 8.01
C GLY E 476 4.86 -28.54 7.20
N ASP E 477 6.02 -28.79 6.60
CA ASP E 477 6.60 -27.84 5.67
C ASP E 477 6.22 -28.19 4.26
N MET E 478 5.54 -27.27 3.59
CA MET E 478 5.23 -27.52 2.20
C MET E 478 6.49 -27.67 1.37
N ARG E 479 7.59 -27.04 1.76
CA ARG E 479 8.77 -27.09 0.92
C ARG E 479 9.20 -28.51 0.63
N ASP E 480 8.80 -29.45 1.48
CA ASP E 480 8.89 -30.84 1.07
C ASP E 480 8.06 -31.08 -0.17
N ASN E 481 6.75 -30.76 -0.11
CA ASN E 481 5.92 -30.95 -1.29
C ASN E 481 6.63 -30.40 -2.51
N TRP E 482 7.20 -29.21 -2.39
CA TRP E 482 7.79 -28.57 -3.55
C TRP E 482 9.04 -29.28 -4.03
N ARG E 483 9.84 -29.81 -3.12
CA ARG E 483 11.04 -30.49 -3.56
C ARG E 483 10.70 -31.77 -4.31
N SER E 484 9.50 -32.28 -4.10
CA SER E 484 9.12 -33.53 -4.74
C SER E 484 8.91 -33.41 -6.24
N GLU E 485 8.73 -32.20 -6.76
CA GLU E 485 8.54 -32.04 -8.20
C GLU E 485 9.65 -31.24 -8.85
N LEU E 486 10.53 -30.64 -8.07
CA LEU E 486 11.65 -29.91 -8.62
C LEU E 486 12.95 -30.67 -8.50
N TYR E 487 12.89 -31.89 -7.95
CA TYR E 487 14.07 -32.71 -7.78
C TYR E 487 14.78 -32.95 -9.11
N LYS E 488 14.04 -33.01 -10.20
CA LYS E 488 14.64 -33.20 -11.51
C LYS E 488 15.14 -31.90 -12.12
N TYR E 489 14.99 -30.78 -11.44
CA TYR E 489 15.23 -29.49 -12.05
C TYR E 489 16.37 -28.75 -11.38
N LYS E 490 17.12 -28.01 -12.19
CA LYS E 490 18.22 -27.22 -11.68
C LYS E 490 18.48 -26.06 -12.61
N VAL E 491 18.74 -24.89 -12.05
CA VAL E 491 18.96 -23.68 -12.84
C VAL E 491 20.46 -23.49 -12.99
N VAL E 492 20.88 -23.09 -14.17
CA VAL E 492 22.29 -22.79 -14.38
C VAL E 492 22.42 -21.47 -15.12
N LYS E 493 23.45 -20.74 -14.73
CA LYS E 493 23.79 -19.48 -15.37
C LYS E 493 24.72 -19.78 -16.53
N ILE E 494 24.49 -19.12 -17.60
CA ILE E 494 25.29 -19.33 -18.79
C ILE E 494 26.35 -18.27 -18.87
N GLU E 495 27.53 -18.66 -19.32
CA GLU E 495 28.67 -17.76 -19.47
C GLU E 495 29.19 -17.83 -20.89
N PRO E 496 28.48 -17.25 -21.82
CA PRO E 496 28.81 -17.44 -23.24
C PRO E 496 30.17 -16.90 -23.61
N LEU E 497 30.92 -16.42 -22.63
CA LEU E 497 32.29 -16.01 -22.82
C LEU E 497 33.21 -17.19 -22.53
N GLY E 498 34.21 -17.39 -23.38
CA GLY E 498 35.09 -18.52 -23.14
C GLY E 498 36.52 -18.27 -23.52
N VAL E 499 37.45 -18.68 -22.67
CA VAL E 499 38.85 -18.67 -23.02
C VAL E 499 39.32 -20.11 -23.11
N ALA E 500 40.10 -20.42 -24.12
CA ALA E 500 40.57 -21.78 -24.33
C ALA E 500 41.76 -21.74 -25.25
N PRO E 501 42.63 -22.73 -25.21
CA PRO E 501 43.76 -22.75 -26.13
C PRO E 501 43.48 -23.53 -27.41
N THR E 502 43.90 -22.91 -28.50
CA THR E 502 44.06 -23.54 -29.81
C THR E 502 45.21 -22.80 -30.47
N ARG E 503 45.40 -23.03 -31.76
CA ARG E 503 46.51 -22.32 -32.40
C ARG E 503 46.08 -20.92 -32.84
N CYS E 504 45.42 -20.21 -31.92
CA CYS E 504 45.37 -18.76 -31.89
C CYS E 504 46.04 -18.39 -30.59
N LYS E 505 46.68 -17.21 -30.54
CA LYS E 505 48.03 -17.21 -29.98
C LYS E 505 48.33 -16.38 -28.74
N ARG E 506 47.63 -15.27 -28.48
CA ARG E 506 48.10 -14.18 -27.61
C ARG E 506 48.68 -14.67 -26.26
N ARG E 507 49.55 -13.83 -25.68
CA ARG E 507 50.21 -14.08 -24.38
C ARG E 507 49.89 -12.97 -23.37
N VAL E 508 50.74 -12.93 -22.34
CA VAL E 508 50.80 -11.85 -21.35
C VAL E 508 51.47 -10.59 -21.90
N VAL F 15 25.58 -29.19 -37.90
CA VAL F 15 24.51 -30.07 -37.45
C VAL F 15 23.64 -29.31 -36.46
N PHE F 16 22.32 -29.37 -36.65
CA PHE F 16 21.39 -28.64 -35.78
C PHE F 16 21.23 -29.40 -34.48
N LEU F 17 22.13 -29.12 -33.54
CA LEU F 17 21.98 -29.62 -32.18
C LEU F 17 20.88 -28.87 -31.45
N GLY F 18 21.09 -27.56 -31.26
CA GLY F 18 20.16 -26.74 -30.52
C GLY F 18 20.81 -26.07 -29.33
N PHE F 19 19.98 -25.44 -28.52
CA PHE F 19 20.45 -24.69 -27.36
C PHE F 19 21.25 -25.61 -26.45
N LEU F 20 22.52 -25.30 -26.28
CA LEU F 20 23.46 -26.13 -25.52
C LEU F 20 23.61 -27.50 -26.15
N GLY F 21 23.16 -27.65 -27.40
CA GLY F 21 23.08 -28.96 -28.00
C GLY F 21 24.41 -29.67 -28.09
N ALA F 22 25.51 -28.93 -28.08
CA ALA F 22 26.83 -29.52 -28.15
C ALA F 22 27.50 -29.61 -26.79
N ALA F 23 26.72 -29.54 -25.72
CA ALA F 23 27.29 -29.65 -24.39
C ALA F 23 28.00 -30.99 -24.20
N GLY F 24 27.38 -32.06 -24.66
CA GLY F 24 28.03 -33.35 -24.64
C GLY F 24 28.80 -33.59 -25.92
N SER F 25 29.82 -32.77 -26.16
CA SER F 25 30.66 -32.93 -27.33
C SER F 25 32.01 -32.28 -27.07
N THR F 26 33.02 -32.76 -27.77
CA THR F 26 34.33 -32.16 -27.67
C THR F 26 34.26 -30.69 -28.10
N MET F 27 35.22 -29.92 -27.63
CA MET F 27 35.14 -28.48 -27.85
C MET F 27 35.13 -28.15 -29.33
N GLY F 28 35.91 -28.86 -30.14
CA GLY F 28 35.88 -28.63 -31.56
C GLY F 28 34.54 -28.94 -32.18
N ALA F 29 33.78 -29.82 -31.55
CA ALA F 29 32.44 -30.09 -32.06
C ALA F 29 31.53 -28.89 -31.84
N ALA F 30 31.45 -28.42 -30.60
CA ALA F 30 30.67 -27.22 -30.31
C ALA F 30 31.20 -26.01 -31.06
N SER F 31 32.41 -26.11 -31.61
CA SER F 31 33.03 -24.99 -32.29
C SER F 31 32.26 -24.55 -33.52
N MET F 32 31.09 -25.13 -33.78
CA MET F 32 30.31 -24.74 -34.92
C MET F 32 28.89 -24.29 -34.55
N THR F 33 28.47 -24.51 -33.32
CA THR F 33 27.08 -24.25 -32.96
C THR F 33 26.98 -23.12 -31.97
N LEU F 34 27.78 -22.08 -32.17
CA LEU F 34 27.87 -21.03 -31.16
C LEU F 34 26.63 -20.15 -31.16
N THR F 35 26.09 -19.88 -32.34
CA THR F 35 25.01 -18.92 -32.47
C THR F 35 23.78 -19.34 -31.72
N VAL F 36 23.59 -20.65 -31.56
CA VAL F 36 22.32 -21.15 -31.07
C VAL F 36 22.09 -20.69 -29.64
N GLN F 37 23.16 -20.62 -28.84
CA GLN F 37 22.99 -20.05 -27.52
C GLN F 37 22.76 -18.56 -27.58
N ALA F 38 23.44 -17.88 -28.50
CA ALA F 38 23.34 -16.43 -28.54
C ALA F 38 21.92 -15.98 -28.80
N ARG F 39 21.22 -16.67 -29.69
CA ARG F 39 19.84 -16.28 -29.96
C ARG F 39 19.00 -16.24 -28.69
N ASN F 40 19.21 -17.17 -27.77
CA ASN F 40 18.35 -17.25 -26.62
C ASN F 40 18.60 -16.12 -25.63
N LEU F 41 19.43 -15.16 -25.98
CA LEU F 41 19.72 -14.06 -25.07
C LEU F 41 18.67 -12.97 -25.10
N LEU F 42 17.56 -13.17 -25.79
CA LEU F 42 16.44 -12.27 -25.55
C LEU F 42 15.08 -12.95 -25.51
N SER F 43 14.90 -14.12 -26.12
CA SER F 43 13.63 -14.85 -26.10
C SER F 43 12.48 -14.09 -26.73
N GLY F 44 12.75 -12.96 -27.38
CA GLY F 44 11.74 -12.29 -28.20
C GLY F 44 10.46 -11.86 -27.51
N ILE F 45 9.37 -12.57 -27.82
CA ILE F 45 7.99 -12.23 -27.46
C ILE F 45 7.81 -11.97 -25.97
N VAL F 46 8.85 -12.23 -25.17
CA VAL F 46 8.74 -12.62 -23.76
C VAL F 46 7.55 -11.97 -23.06
N GLN F 47 7.33 -10.67 -23.31
CA GLN F 47 6.24 -9.92 -22.69
C GLN F 47 6.39 -9.88 -21.17
N GLN F 48 7.44 -10.50 -20.66
CA GLN F 48 7.64 -10.64 -19.23
C GLN F 48 8.58 -9.59 -18.70
N LEU F 63 -1.41 -2.84 -14.52
CA LEU F 63 -0.85 -3.88 -13.67
C LEU F 63 0.00 -3.28 -12.56
N LYS F 64 -0.45 -3.50 -11.33
CA LYS F 64 0.08 -2.88 -10.13
C LYS F 64 1.33 -3.65 -9.69
N LEU F 65 1.76 -3.58 -8.43
CA LEU F 65 2.88 -4.37 -7.94
C LEU F 65 2.92 -5.75 -8.57
N THR F 66 1.83 -6.52 -8.42
CA THR F 66 1.64 -7.73 -9.21
C THR F 66 2.80 -8.69 -9.11
N VAL F 67 2.92 -9.37 -7.97
CA VAL F 67 3.93 -10.41 -7.86
C VAL F 67 3.97 -11.18 -9.16
N TRP F 68 5.18 -11.47 -9.61
CA TRP F 68 5.53 -11.80 -10.99
C TRP F 68 5.60 -10.59 -11.90
N GLY F 69 5.14 -9.42 -11.48
CA GLY F 69 5.38 -8.25 -12.30
C GLY F 69 6.74 -7.68 -12.04
N ILE F 70 7.00 -7.32 -10.79
CA ILE F 70 8.34 -6.98 -10.37
C ILE F 70 9.29 -8.07 -10.80
N LYS F 71 8.86 -9.33 -10.71
CA LYS F 71 9.73 -10.42 -11.15
C LYS F 71 10.01 -10.31 -12.63
N GLN F 72 8.98 -10.08 -13.42
CA GLN F 72 9.18 -9.96 -14.86
C GLN F 72 10.23 -8.89 -15.17
N LEU F 73 10.02 -7.68 -14.66
CA LEU F 73 10.91 -6.59 -15.03
C LEU F 73 12.30 -6.82 -14.50
N GLN F 74 12.41 -7.27 -13.26
CA GLN F 74 13.71 -7.51 -12.67
C GLN F 74 14.43 -8.59 -13.46
N ALA F 75 13.66 -9.52 -14.01
CA ALA F 75 14.25 -10.51 -14.89
C ALA F 75 14.81 -9.88 -16.14
N ARG F 76 14.02 -9.07 -16.83
CA ARG F 76 14.49 -8.54 -18.10
C ARG F 76 15.72 -7.67 -17.90
N VAL F 77 15.69 -6.84 -16.88
CA VAL F 77 16.84 -5.99 -16.64
C VAL F 77 18.03 -6.84 -16.28
N LEU F 78 17.83 -7.93 -15.56
CA LEU F 78 18.94 -8.80 -15.28
C LEU F 78 19.49 -9.37 -16.56
N ALA F 79 18.61 -9.70 -17.48
CA ALA F 79 19.07 -10.33 -18.71
C ALA F 79 19.92 -9.37 -19.51
N VAL F 80 19.41 -8.17 -19.76
CA VAL F 80 20.19 -7.25 -20.56
C VAL F 80 21.45 -6.84 -19.82
N GLU F 81 21.39 -6.74 -18.51
CA GLU F 81 22.58 -6.42 -17.74
C GLU F 81 23.63 -7.49 -17.94
N ARG F 82 23.22 -8.74 -17.82
CA ARG F 82 24.11 -9.86 -18.04
C ARG F 82 24.70 -9.78 -19.43
N TYR F 83 23.83 -9.59 -20.43
CA TYR F 83 24.29 -9.51 -21.80
C TYR F 83 25.32 -8.42 -21.96
N LEU F 84 25.06 -7.27 -21.40
CA LEU F 84 25.92 -6.13 -21.64
C LEU F 84 27.23 -6.26 -20.91
N ARG F 85 27.25 -6.95 -19.78
CA ARG F 85 28.54 -7.16 -19.13
C ARG F 85 29.51 -7.83 -20.08
N ASP F 86 29.11 -8.95 -20.65
CA ASP F 86 30.04 -9.66 -21.51
C ASP F 86 30.23 -8.95 -22.83
N GLN F 87 29.16 -8.34 -23.36
CA GLN F 87 29.39 -7.60 -24.58
C GLN F 87 30.39 -6.49 -24.34
N GLN F 88 30.38 -5.93 -23.15
CA GLN F 88 31.38 -4.95 -22.78
C GLN F 88 32.75 -5.59 -22.77
N LEU F 89 32.88 -6.73 -22.12
CA LEU F 89 34.15 -7.44 -22.11
C LEU F 89 34.68 -7.62 -23.53
N LEU F 90 33.80 -7.98 -24.46
CA LEU F 90 34.23 -8.11 -25.83
C LEU F 90 34.54 -6.78 -26.46
N GLY F 91 33.88 -5.72 -26.00
CA GLY F 91 34.18 -4.42 -26.55
C GLY F 91 35.60 -4.07 -26.17
N ILE F 92 35.95 -4.43 -24.94
CA ILE F 92 37.28 -4.12 -24.44
C ILE F 92 38.32 -4.94 -25.18
N TRP F 93 38.23 -6.26 -25.12
CA TRP F 93 39.05 -7.05 -26.02
C TRP F 93 38.55 -6.77 -27.42
N GLY F 94 39.01 -5.67 -27.99
CA GLY F 94 38.26 -5.11 -29.08
C GLY F 94 38.26 -6.06 -30.27
N CYS F 95 37.18 -6.80 -30.39
CA CYS F 95 36.95 -7.55 -31.61
C CYS F 95 35.62 -7.13 -32.23
N SER F 96 34.54 -7.39 -31.49
CA SER F 96 33.15 -7.19 -31.90
C SER F 96 32.78 -8.10 -33.08
N GLY F 97 33.78 -8.65 -33.75
CA GLY F 97 33.61 -9.65 -34.79
C GLY F 97 33.79 -11.01 -34.16
N LYS F 98 32.83 -11.39 -33.35
CA LYS F 98 33.08 -12.32 -32.25
C LYS F 98 33.29 -13.74 -32.77
N LEU F 99 33.27 -14.67 -31.81
CA LEU F 99 33.45 -16.11 -31.96
C LEU F 99 34.88 -16.49 -32.26
N ILE F 100 35.69 -15.52 -32.73
CA ILE F 100 37.11 -15.74 -33.05
C ILE F 100 37.90 -14.44 -32.95
N CYS F 101 38.92 -14.42 -32.10
CA CYS F 101 39.89 -13.34 -32.12
C CYS F 101 41.29 -13.93 -32.11
N CYS F 102 42.11 -13.51 -33.06
CA CYS F 102 43.42 -14.12 -33.21
C CYS F 102 44.44 -13.07 -33.59
N THR F 103 45.58 -13.14 -32.94
CA THR F 103 46.72 -12.30 -33.19
C THR F 103 47.93 -13.20 -33.43
N ASN F 104 49.11 -12.61 -33.42
CA ASN F 104 50.32 -13.34 -33.75
C ASN F 104 51.30 -13.47 -32.58
N VAL F 105 50.88 -13.17 -31.37
CA VAL F 105 51.72 -13.20 -30.18
C VAL F 105 51.63 -14.60 -29.53
N PRO F 106 52.73 -15.20 -29.04
CA PRO F 106 52.64 -16.58 -28.49
C PRO F 106 51.73 -16.60 -27.26
N TRP F 107 51.56 -17.78 -26.65
CA TRP F 107 50.71 -17.99 -25.48
C TRP F 107 51.50 -18.61 -24.35
N ASN F 108 51.17 -18.24 -23.10
CA ASN F 108 51.82 -18.79 -21.91
C ASN F 108 51.35 -20.20 -21.62
N SER F 109 52.31 -21.13 -21.52
CA SER F 109 52.02 -22.52 -21.27
C SER F 109 51.89 -22.85 -19.78
N SER F 110 52.27 -21.94 -18.90
CA SER F 110 52.32 -22.26 -17.47
C SER F 110 50.96 -22.69 -16.93
N TRP F 111 49.87 -22.24 -17.53
CA TRP F 111 48.54 -22.40 -16.94
C TRP F 111 47.97 -23.76 -17.36
N SER F 112 48.23 -24.76 -16.53
CA SER F 112 47.74 -26.12 -16.72
C SER F 112 48.12 -26.67 -18.08
N ASN F 113 49.41 -26.82 -18.34
CA ASN F 113 49.90 -27.19 -19.66
C ASN F 113 49.36 -28.55 -20.05
N ARG F 114 48.80 -28.64 -21.24
CA ARG F 114 48.17 -29.85 -21.73
C ARG F 114 48.42 -29.98 -23.23
N ASN F 115 48.04 -31.14 -23.76
CA ASN F 115 48.29 -31.44 -25.16
C ASN F 115 47.09 -31.07 -26.02
N LEU F 116 47.35 -30.98 -27.33
CA LEU F 116 46.26 -30.75 -28.27
C LEU F 116 45.24 -31.87 -28.24
N SER F 117 45.71 -33.13 -28.34
CA SER F 117 44.80 -34.26 -28.22
C SER F 117 44.15 -34.31 -26.84
N GLU F 118 44.84 -33.79 -25.83
CA GLU F 118 44.30 -33.71 -24.49
C GLU F 118 43.12 -32.75 -24.41
N ILE F 119 42.85 -32.00 -25.47
CA ILE F 119 41.79 -31.01 -25.47
C ILE F 119 40.73 -31.43 -26.47
N TRP F 120 41.13 -31.64 -27.71
CA TRP F 120 40.17 -31.87 -28.77
C TRP F 120 39.80 -33.35 -28.89
N ASP F 121 40.71 -34.23 -28.51
CA ASP F 121 40.42 -35.66 -28.51
C ASP F 121 40.20 -36.18 -27.10
N ASN F 122 40.28 -35.32 -26.10
CA ASN F 122 40.10 -35.78 -24.72
C ASN F 122 39.18 -34.92 -23.88
N MET F 123 38.70 -33.78 -24.37
CA MET F 123 37.97 -32.90 -23.49
C MET F 123 36.83 -32.20 -24.20
N THR F 124 35.74 -32.07 -23.47
CA THR F 124 34.63 -31.22 -23.82
C THR F 124 34.70 -29.95 -22.99
N TRP F 125 33.95 -28.94 -23.42
CA TRP F 125 34.01 -27.64 -22.77
C TRP F 125 33.77 -27.73 -21.28
N LEU F 126 32.78 -28.54 -20.89
CA LEU F 126 32.47 -28.69 -19.47
C LEU F 126 33.72 -29.05 -18.70
N GLN F 127 34.33 -30.18 -19.00
CA GLN F 127 35.53 -30.57 -18.29
C GLN F 127 36.62 -29.51 -18.39
N TRP F 128 36.63 -28.74 -19.48
CA TRP F 128 37.70 -27.77 -19.67
C TRP F 128 37.58 -26.62 -18.68
N ASP F 129 36.38 -26.07 -18.53
CA ASP F 129 36.23 -24.95 -17.63
C ASP F 129 36.62 -25.29 -16.20
N LYS F 130 36.36 -26.53 -15.78
CA LYS F 130 36.78 -26.94 -14.44
C LYS F 130 38.26 -26.71 -14.24
N GLU F 131 39.06 -26.95 -15.26
CA GLU F 131 40.50 -26.79 -15.14
C GLU F 131 40.95 -25.35 -15.36
N ILE F 132 40.25 -24.58 -16.18
CA ILE F 132 40.70 -23.24 -16.48
C ILE F 132 40.16 -22.21 -15.50
N SER F 133 39.29 -22.64 -14.58
CA SER F 133 38.59 -21.72 -13.68
C SER F 133 39.53 -20.83 -12.86
N ASN F 134 40.83 -21.12 -12.82
CA ASN F 134 41.71 -20.33 -11.96
C ASN F 134 42.25 -19.10 -12.66
N TYR F 135 42.59 -19.22 -13.93
CA TYR F 135 43.40 -18.21 -14.58
C TYR F 135 42.57 -17.15 -15.28
N THR F 136 41.25 -17.20 -15.11
CA THR F 136 40.35 -16.32 -15.85
C THR F 136 40.68 -14.86 -15.63
N GLN F 137 40.67 -14.42 -14.37
CA GLN F 137 40.86 -13.01 -14.09
C GLN F 137 42.22 -12.55 -14.54
N ILE F 138 43.21 -13.44 -14.47
CA ILE F 138 44.51 -13.14 -15.05
C ILE F 138 44.35 -12.82 -16.52
N ILE F 139 43.81 -13.78 -17.28
CA ILE F 139 43.78 -13.64 -18.73
C ILE F 139 43.03 -12.39 -19.12
N TYR F 140 41.96 -12.09 -18.39
CA TYR F 140 41.17 -10.93 -18.71
C TYR F 140 42.03 -9.68 -18.74
N GLY F 141 42.99 -9.58 -17.83
CA GLY F 141 43.71 -8.34 -17.69
C GLY F 141 44.63 -8.09 -18.84
N LEU F 142 45.38 -9.10 -19.26
CA LEU F 142 46.36 -8.88 -20.30
C LEU F 142 45.71 -8.82 -21.67
N LEU F 143 44.68 -9.63 -21.92
CA LEU F 143 43.99 -9.43 -23.18
C LEU F 143 43.40 -8.04 -23.27
N GLU F 144 42.98 -7.50 -22.12
CA GLU F 144 42.49 -6.13 -22.06
C GLU F 144 43.61 -5.12 -22.30
N GLU F 145 44.70 -5.24 -21.59
CA GLU F 145 45.71 -4.19 -21.59
C GLU F 145 46.58 -4.27 -22.85
N SER F 146 47.21 -5.41 -23.06
CA SER F 146 48.30 -5.53 -24.00
C SER F 146 47.89 -5.16 -25.41
N GLN F 147 46.95 -5.88 -26.01
CA GLN F 147 46.64 -5.62 -27.40
C GLN F 147 45.98 -4.27 -27.57
N ASN F 148 45.07 -3.92 -26.66
CA ASN F 148 44.43 -2.63 -26.78
C ASN F 148 45.45 -1.51 -26.81
N GLN F 149 46.41 -1.52 -25.88
CA GLN F 149 47.38 -0.43 -25.86
C GLN F 149 48.34 -0.50 -27.04
N GLN F 150 48.75 -1.70 -27.45
CA GLN F 150 49.71 -1.77 -28.55
C GLN F 150 49.05 -1.34 -29.86
N GLU F 151 47.92 -1.95 -30.20
CA GLU F 151 47.15 -1.52 -31.35
C GLU F 151 46.68 -0.08 -31.21
N LYS F 152 46.72 0.47 -30.02
CA LYS F 152 46.48 1.89 -29.90
C LYS F 152 47.75 2.66 -30.22
N ASN F 153 47.55 3.88 -30.68
CA ASN F 153 48.62 4.84 -30.88
C ASN F 153 49.51 4.45 -32.03
N GLU F 154 49.35 3.23 -32.54
CA GLU F 154 50.00 2.92 -33.80
C GLU F 154 49.15 3.40 -34.96
N GLN F 155 47.84 3.25 -34.83
CA GLN F 155 46.93 3.96 -35.71
C GLN F 155 47.18 5.46 -35.62
N ASP F 156 47.52 5.93 -34.42
CA ASP F 156 47.95 7.30 -34.26
C ASP F 156 49.27 7.57 -34.99
N LEU F 157 50.14 6.57 -35.08
CA LEU F 157 51.38 6.75 -35.83
C LEU F 157 51.12 6.78 -37.33
N LEU F 158 50.24 5.93 -37.84
CA LEU F 158 50.01 5.85 -39.27
C LEU F 158 48.99 6.87 -39.74
N ALA F 159 48.49 7.72 -38.84
CA ALA F 159 47.63 8.83 -39.22
C ALA F 159 48.43 10.04 -39.65
N LEU F 160 49.70 9.85 -40.01
CA LEU F 160 50.56 10.93 -40.44
C LEU F 160 50.85 10.90 -41.93
N ASP F 161 51.28 9.76 -42.46
CA ASP F 161 51.50 9.62 -43.88
C ASP F 161 50.78 8.39 -44.42
N ASP G 1 -42.12 -23.25 -9.02
CA ASP G 1 -42.72 -23.85 -7.84
C ASP G 1 -43.64 -24.99 -8.21
N ILE G 2 -44.54 -25.33 -7.29
CA ILE G 2 -45.43 -26.45 -7.46
C ILE G 2 -46.73 -26.05 -8.16
N ARG G 3 -46.77 -26.24 -9.47
CA ARG G 3 -47.98 -26.00 -10.28
C ARG G 3 -48.18 -27.19 -11.20
N ILE G 4 -48.85 -28.22 -10.70
CA ILE G 4 -49.00 -29.49 -11.40
C ILE G 4 -50.21 -29.42 -12.32
N ALA G 5 -50.16 -30.18 -13.41
CA ALA G 5 -51.24 -30.22 -14.40
C ALA G 5 -51.51 -31.66 -14.82
N GLU G 6 -52.50 -32.28 -14.19
CA GLU G 6 -52.92 -33.62 -14.58
C GLU G 6 -53.79 -33.57 -15.83
N SER G 7 -53.69 -34.61 -16.64
CA SER G 7 -54.49 -34.74 -17.87
C SER G 7 -54.17 -36.08 -18.50
N GLY G 8 -54.92 -36.41 -19.55
CA GLY G 8 -54.61 -37.54 -20.41
C GLY G 8 -55.63 -38.66 -20.42
N GLY G 9 -56.72 -38.56 -19.65
CA GLY G 9 -57.67 -39.65 -19.60
C GLY G 9 -58.38 -39.86 -20.93
N GLY G 10 -59.30 -40.83 -20.92
CA GLY G 10 -60.09 -41.11 -22.10
C GLY G 10 -61.37 -41.87 -21.82
N LEU G 11 -62.41 -41.56 -22.59
CA LEU G 11 -63.69 -42.26 -22.55
C LEU G 11 -63.70 -43.21 -23.73
N VAL G 12 -63.27 -44.45 -23.50
CA VAL G 12 -62.99 -45.40 -24.57
C VAL G 12 -63.57 -46.76 -24.23
N GLN G 13 -63.31 -47.73 -25.10
CA GLN G 13 -63.72 -49.11 -24.94
C GLN G 13 -62.52 -49.98 -24.62
N PRO G 14 -62.72 -51.12 -23.95
CA PRO G 14 -61.58 -51.91 -23.46
C PRO G 14 -60.67 -52.37 -24.57
N GLY G 15 -59.42 -52.63 -24.21
CA GLY G 15 -58.46 -53.16 -25.16
C GLY G 15 -57.76 -52.09 -25.96
N GLU G 16 -57.08 -51.16 -25.30
CA GLU G 16 -56.34 -50.12 -26.00
C GLU G 16 -55.28 -49.54 -25.07
N SER G 17 -54.72 -48.40 -25.47
CA SER G 17 -53.70 -47.70 -24.73
C SER G 17 -54.11 -46.24 -24.57
N LEU G 18 -53.36 -45.52 -23.74
CA LEU G 18 -53.68 -44.13 -23.43
C LEU G 18 -52.42 -43.44 -22.92
N ARG G 19 -52.40 -42.12 -23.04
CA ARG G 19 -51.26 -41.32 -22.60
C ARG G 19 -51.69 -40.34 -21.53
N LEU G 20 -51.00 -40.38 -20.40
CA LEU G 20 -51.20 -39.45 -19.30
C LEU G 20 -50.02 -38.51 -19.19
N ALA G 21 -50.28 -37.30 -18.67
CA ALA G 21 -49.23 -36.28 -18.57
C ALA G 21 -49.56 -35.32 -17.43
N CYS G 22 -48.76 -35.37 -16.37
CA CYS G 22 -48.71 -34.30 -15.39
C CYS G 22 -47.74 -33.25 -15.89
N GLU G 23 -48.12 -31.99 -15.74
CA GLU G 23 -47.20 -30.91 -16.08
C GLU G 23 -47.03 -30.00 -14.87
N ILE G 24 -45.79 -29.81 -14.45
CA ILE G 24 -45.46 -28.87 -13.39
C ILE G 24 -44.44 -27.90 -13.96
N ILE G 25 -44.63 -26.61 -13.68
CA ILE G 25 -43.95 -25.54 -14.41
C ILE G 25 -43.25 -24.61 -13.42
N GLU G 26 -42.28 -23.83 -13.92
CA GLU G 26 -41.58 -22.81 -13.12
C GLU G 26 -40.90 -23.45 -11.92
N LEU G 27 -40.28 -24.59 -12.14
CA LEU G 27 -39.58 -25.29 -11.08
C LEU G 27 -38.77 -26.35 -11.76
N GLY G 28 -37.86 -26.96 -10.99
CA GLY G 28 -37.23 -28.17 -11.45
C GLY G 28 -38.21 -29.28 -11.74
N PHE G 29 -38.43 -29.46 -13.05
CA PHE G 29 -39.08 -30.66 -13.55
C PHE G 29 -38.19 -31.87 -13.33
N ARG G 30 -36.93 -31.77 -13.74
CA ARG G 30 -36.02 -32.88 -13.46
C ARG G 30 -35.32 -32.68 -12.14
N ARG G 31 -36.12 -32.38 -11.10
CA ARG G 31 -35.61 -32.15 -9.77
C ARG G 31 -36.50 -32.73 -8.68
N ALA G 32 -37.39 -33.67 -9.01
CA ALA G 32 -38.11 -34.44 -8.01
C ALA G 32 -38.71 -35.67 -8.67
N TRP G 33 -38.45 -36.83 -8.07
CA TRP G 33 -39.23 -38.02 -8.39
C TRP G 33 -40.70 -37.73 -8.20
N THR G 34 -41.52 -38.12 -9.17
CA THR G 34 -42.95 -38.15 -8.98
C THR G 34 -43.46 -39.57 -9.15
N THR G 35 -44.64 -39.81 -8.62
CA THR G 35 -45.27 -41.12 -8.67
C THR G 35 -46.69 -40.96 -9.22
N TRP G 36 -47.42 -42.07 -9.23
CA TRP G 36 -48.76 -42.12 -9.77
C TRP G 36 -49.64 -42.91 -8.81
N VAL G 37 -50.78 -42.35 -8.46
CA VAL G 37 -51.68 -43.02 -7.53
C VAL G 37 -53.11 -42.79 -8.00
N ARG G 38 -53.87 -43.87 -8.12
CA ARG G 38 -55.24 -43.76 -8.58
C ARG G 38 -56.18 -43.83 -7.38
N GLN G 39 -57.47 -43.83 -7.68
CA GLN G 39 -58.50 -44.03 -6.67
C GLN G 39 -59.69 -44.60 -7.41
N ALA G 40 -60.03 -45.85 -7.12
CA ALA G 40 -61.30 -46.35 -7.58
C ALA G 40 -62.40 -45.47 -6.99
N PRO G 41 -63.40 -45.12 -7.77
CA PRO G 41 -64.28 -44.01 -7.36
C PRO G 41 -65.11 -44.39 -6.15
N GLY G 42 -64.50 -44.26 -4.98
CA GLY G 42 -65.13 -44.62 -3.73
C GLY G 42 -64.19 -45.46 -2.91
N LYS G 43 -62.96 -45.61 -3.39
CA LYS G 43 -61.96 -46.45 -2.76
C LYS G 43 -60.74 -45.61 -2.38
N GLY G 44 -59.69 -46.28 -1.95
CA GLY G 44 -58.57 -45.65 -1.30
C GLY G 44 -57.42 -45.34 -2.21
N LEU G 45 -56.23 -45.46 -1.66
CA LEU G 45 -54.99 -45.11 -2.34
C LEU G 45 -54.40 -46.32 -3.06
N GLU G 46 -53.91 -46.07 -4.26
CA GLU G 46 -53.34 -47.14 -5.08
C GLU G 46 -52.15 -46.57 -5.84
N TRP G 47 -50.95 -46.78 -5.33
CA TRP G 47 -49.78 -46.33 -6.06
C TRP G 47 -49.63 -47.13 -7.34
N VAL G 48 -49.30 -46.44 -8.42
CA VAL G 48 -49.22 -47.04 -9.73
C VAL G 48 -47.78 -47.27 -10.15
N ALA G 49 -47.02 -46.19 -10.34
CA ALA G 49 -45.71 -46.32 -10.96
C ALA G 49 -44.86 -45.13 -10.55
N ASP G 50 -43.59 -45.40 -10.28
CA ASP G 50 -42.66 -44.38 -9.84
C ASP G 50 -41.76 -43.96 -10.99
N ILE G 51 -40.99 -42.88 -10.78
CA ILE G 51 -40.06 -42.43 -11.80
C ILE G 51 -38.96 -41.62 -11.15
N ASN G 52 -37.80 -41.60 -11.80
CA ASN G 52 -36.76 -40.67 -11.44
C ASN G 52 -37.08 -39.28 -11.96
N GLU G 53 -36.36 -38.29 -11.45
CA GLU G 53 -36.42 -36.98 -12.10
C GLU G 53 -35.98 -37.11 -13.54
N ASP G 54 -34.99 -37.96 -13.78
CA ASP G 54 -34.56 -38.28 -15.13
C ASP G 54 -35.28 -39.50 -15.68
N GLY G 55 -36.04 -40.20 -14.85
CA GLY G 55 -36.63 -41.46 -15.28
C GLY G 55 -35.64 -42.59 -15.41
N SER G 56 -34.43 -42.42 -14.88
CA SER G 56 -33.42 -43.48 -15.00
C SER G 56 -33.90 -44.77 -14.35
N GLU G 57 -34.70 -44.66 -13.30
CA GLU G 57 -35.22 -45.82 -12.59
C GLU G 57 -36.72 -45.66 -12.46
N LYS G 58 -37.44 -46.74 -12.73
CA LYS G 58 -38.90 -46.78 -12.60
C LYS G 58 -39.30 -48.14 -12.08
N LYS G 59 -40.28 -48.14 -11.17
CA LYS G 59 -40.93 -49.35 -10.69
C LYS G 59 -42.44 -49.13 -10.65
N TYR G 60 -43.18 -50.21 -10.83
CA TYR G 60 -44.62 -50.16 -10.98
C TYR G 60 -45.27 -50.97 -9.89
N GLY G 61 -46.50 -50.61 -9.57
CA GLY G 61 -47.25 -51.32 -8.56
C GLY G 61 -47.70 -52.67 -9.05
N PRO G 62 -48.12 -53.52 -8.10
CA PRO G 62 -48.57 -54.86 -8.48
C PRO G 62 -49.76 -54.82 -9.43
N SER G 63 -50.73 -53.96 -9.13
CA SER G 63 -51.99 -53.95 -9.86
C SER G 63 -51.78 -53.81 -11.36
N VAL G 64 -50.82 -53.01 -11.78
CA VAL G 64 -50.63 -52.78 -13.20
C VAL G 64 -49.21 -53.22 -13.54
N THR G 65 -48.75 -54.29 -12.88
CA THR G 65 -47.40 -54.79 -13.07
C THR G 65 -47.04 -54.86 -14.54
N GLY G 66 -46.08 -54.05 -14.96
CA GLY G 66 -45.57 -54.08 -16.32
C GLY G 66 -46.61 -53.93 -17.41
N ARG G 67 -47.65 -53.13 -17.17
CA ARG G 67 -48.67 -52.96 -18.20
C ARG G 67 -48.74 -51.51 -18.68
N PHE G 68 -48.44 -50.56 -17.79
CA PHE G 68 -48.40 -49.15 -18.15
C PHE G 68 -46.94 -48.70 -18.14
N THR G 69 -46.46 -48.20 -19.28
CA THR G 69 -45.07 -47.81 -19.44
C THR G 69 -44.95 -46.34 -19.05
N ILE G 70 -44.32 -46.08 -17.91
CA ILE G 70 -44.10 -44.72 -17.47
C ILE G 70 -42.79 -44.21 -18.05
N SER G 71 -42.77 -42.93 -18.40
CA SER G 71 -41.56 -42.26 -18.84
C SER G 71 -41.78 -40.76 -18.74
N ARG G 72 -40.84 -40.00 -19.28
CA ARG G 72 -41.00 -38.56 -19.25
C ARG G 72 -40.15 -37.92 -20.33
N ASP G 73 -40.72 -36.92 -20.99
CA ASP G 73 -39.94 -35.93 -21.71
C ASP G 73 -39.14 -35.13 -20.70
N ASN G 74 -37.84 -35.02 -20.94
CA ASN G 74 -36.95 -34.36 -20.01
C ASN G 74 -36.69 -32.91 -20.40
N GLY G 75 -36.22 -32.67 -21.63
CA GLY G 75 -35.94 -31.31 -22.04
C GLY G 75 -37.18 -30.45 -22.23
N LYS G 76 -38.22 -31.01 -22.85
CA LYS G 76 -39.51 -30.34 -22.85
C LYS G 76 -40.19 -30.42 -21.51
N ASN G 77 -39.79 -31.36 -20.67
CA ASN G 77 -40.20 -31.40 -19.27
C ASN G 77 -41.68 -31.77 -19.16
N LEU G 78 -42.03 -32.93 -19.71
CA LEU G 78 -43.36 -33.49 -19.55
C LEU G 78 -43.22 -34.91 -19.03
N VAL G 79 -44.27 -35.47 -18.46
CA VAL G 79 -44.27 -36.87 -18.06
C VAL G 79 -45.29 -37.60 -18.90
N PHE G 80 -44.97 -38.83 -19.29
CA PHE G 80 -45.76 -39.59 -20.25
C PHE G 80 -45.97 -40.97 -19.66
N LEU G 81 -47.14 -41.16 -19.06
CA LEU G 81 -47.55 -42.48 -18.62
C LEU G 81 -48.33 -43.09 -19.78
N GLN G 82 -47.63 -43.84 -20.63
CA GLN G 82 -48.27 -44.55 -21.71
C GLN G 82 -48.86 -45.82 -21.14
N MET G 83 -50.08 -45.70 -20.62
CA MET G 83 -50.79 -46.88 -20.17
C MET G 83 -51.15 -47.73 -21.38
N ASN G 84 -51.05 -49.05 -21.22
CA ASN G 84 -51.32 -49.96 -22.31
C ASN G 84 -52.26 -51.04 -21.82
N SER G 85 -53.06 -51.58 -22.74
CA SER G 85 -54.06 -52.59 -22.41
C SER G 85 -54.98 -52.09 -21.31
N LEU G 86 -55.82 -51.14 -21.68
CA LEU G 86 -56.80 -50.59 -20.76
C LEU G 86 -58.02 -51.51 -20.66
N ARG G 87 -58.49 -51.70 -19.43
CA ARG G 87 -59.55 -52.67 -19.17
C ARG G 87 -60.53 -52.10 -18.16
N VAL G 88 -61.75 -52.66 -18.16
CA VAL G 88 -62.77 -52.19 -17.22
C VAL G 88 -62.36 -52.50 -15.78
N GLU G 89 -61.50 -53.51 -15.59
CA GLU G 89 -61.04 -53.87 -14.25
C GLU G 89 -60.38 -52.71 -13.53
N ASP G 90 -59.94 -51.69 -14.26
CA ASP G 90 -59.24 -50.56 -13.68
C ASP G 90 -60.05 -49.28 -13.72
N THR G 91 -61.39 -49.38 -13.75
CA THR G 91 -62.22 -48.18 -13.76
C THR G 91 -62.04 -47.38 -12.48
N ALA G 92 -61.56 -46.14 -12.63
CA ALA G 92 -61.20 -45.31 -11.48
C ALA G 92 -60.96 -43.90 -11.97
N THR G 93 -60.44 -43.06 -11.07
CA THR G 93 -59.83 -41.79 -11.44
C THR G 93 -58.39 -41.82 -10.97
N TYR G 94 -57.58 -40.89 -11.46
CA TYR G 94 -56.14 -40.96 -11.24
C TYR G 94 -55.59 -39.62 -10.76
N TYR G 95 -54.45 -39.69 -10.06
CA TYR G 95 -53.87 -38.55 -9.39
C TYR G 95 -52.35 -38.69 -9.36
N CYS G 96 -51.70 -37.56 -9.12
CA CYS G 96 -50.30 -37.37 -9.42
C CYS G 96 -49.67 -36.62 -8.24
N ALA G 97 -48.47 -37.04 -7.82
CA ALA G 97 -47.87 -36.49 -6.61
C ALA G 97 -46.38 -36.82 -6.59
N ARG G 98 -45.74 -36.49 -5.47
CA ARG G 98 -44.33 -36.76 -5.27
C ARG G 98 -43.99 -36.67 -3.78
N GLU G 99 -42.80 -37.16 -3.43
CA GLU G 99 -42.37 -37.45 -2.07
C GLU G 99 -41.28 -36.47 -1.66
N ALA G 100 -41.27 -36.04 -0.39
CA ALA G 100 -40.41 -34.90 -0.06
C ALA G 100 -39.86 -34.91 1.38
N TYR G 101 -39.48 -36.07 1.92
CA TYR G 101 -38.77 -35.95 3.19
C TYR G 101 -37.36 -35.41 3.05
N HIS G 102 -36.98 -35.11 1.81
CA HIS G 102 -35.63 -34.78 1.36
C HIS G 102 -34.81 -33.83 2.24
N LEU G 103 -35.45 -32.77 2.77
CA LEU G 103 -34.74 -31.59 3.29
C LEU G 103 -33.43 -31.99 3.96
N VAL G 104 -33.50 -33.02 4.79
CA VAL G 104 -32.36 -33.51 5.53
C VAL G 104 -32.54 -35.01 5.72
N TYR G 105 -31.71 -35.81 5.06
CA TYR G 105 -31.84 -37.26 5.14
C TYR G 105 -30.84 -37.83 6.13
N ASP G 106 -31.35 -38.32 7.24
CA ASP G 106 -30.55 -38.55 8.44
C ASP G 106 -30.10 -39.99 8.56
N ASP G 107 -29.60 -40.56 7.47
CA ASP G 107 -29.44 -42.00 7.45
C ASP G 107 -28.69 -42.38 6.19
N ARG G 108 -28.40 -43.67 6.09
CA ARG G 108 -28.13 -44.30 4.83
C ARG G 108 -29.38 -44.87 4.21
N ILE G 109 -30.40 -45.14 5.01
CA ILE G 109 -31.66 -45.70 4.50
C ILE G 109 -32.81 -44.77 4.83
N PRO G 110 -33.78 -44.59 3.93
CA PRO G 110 -34.81 -43.58 4.12
C PRO G 110 -35.92 -44.02 5.05
N ARG G 111 -36.60 -43.03 5.63
CA ARG G 111 -37.79 -43.29 6.41
C ARG G 111 -38.99 -43.60 5.53
N GLY G 112 -38.84 -43.53 4.21
CA GLY G 112 -39.98 -43.68 3.35
C GLY G 112 -40.08 -42.58 2.32
N ASN G 113 -41.27 -42.02 2.16
CA ASN G 113 -41.56 -41.05 1.11
C ASN G 113 -42.89 -40.40 1.45
N TRP G 114 -43.23 -39.38 0.68
CA TRP G 114 -44.48 -38.64 0.87
C TRP G 114 -45.28 -38.60 -0.41
N PHE G 115 -46.45 -37.95 -0.33
CA PHE G 115 -47.24 -37.59 -1.51
C PHE G 115 -47.85 -36.22 -1.23
N ASP G 116 -47.08 -35.18 -1.57
CA ASP G 116 -47.41 -33.81 -1.23
C ASP G 116 -48.29 -33.07 -2.24
N PRO G 117 -47.98 -33.10 -3.53
CA PRO G 117 -48.82 -32.34 -4.47
C PRO G 117 -50.00 -33.16 -4.98
N TRP G 118 -51.10 -32.45 -5.15
CA TRP G 118 -52.31 -33.04 -5.69
C TRP G 118 -52.81 -32.17 -6.84
N GLY G 119 -53.87 -32.62 -7.50
CA GLY G 119 -54.45 -31.88 -8.59
C GLY G 119 -55.81 -32.42 -8.96
N PRO G 120 -56.26 -32.11 -10.17
CA PRO G 120 -57.59 -32.60 -10.60
C PRO G 120 -57.63 -34.09 -10.80
N GLY G 121 -56.49 -34.70 -11.09
CA GLY G 121 -56.50 -36.06 -11.56
C GLY G 121 -56.91 -36.10 -13.01
N THR G 122 -57.21 -37.31 -13.48
CA THR G 122 -57.66 -37.46 -14.85
C THR G 122 -58.92 -38.30 -14.87
N LEU G 123 -59.58 -38.30 -16.02
CA LEU G 123 -60.82 -39.05 -16.25
C LEU G 123 -60.49 -40.21 -17.16
N VAL G 124 -60.69 -41.43 -16.66
CA VAL G 124 -60.53 -42.63 -17.46
C VAL G 124 -61.77 -43.50 -17.30
N THR G 125 -62.37 -43.88 -18.42
CA THR G 125 -63.51 -44.81 -18.43
C THR G 125 -63.37 -45.62 -19.70
N VAL G 126 -62.81 -46.82 -19.57
CA VAL G 126 -62.51 -47.64 -20.73
C VAL G 126 -63.48 -48.82 -20.80
N SER G 127 -64.61 -48.61 -21.46
CA SER G 127 -65.71 -49.56 -21.45
C SER G 127 -66.77 -49.07 -22.43
N SER G 128 -67.73 -49.95 -22.71
CA SER G 128 -68.83 -49.61 -23.59
C SER G 128 -70.16 -49.66 -22.84
N SER H 2 -50.15 -56.29 1.49
CA SER H 2 -49.85 -54.86 1.51
C SER H 2 -51.05 -54.07 2.01
N VAL H 3 -51.52 -54.42 3.20
CA VAL H 3 -52.63 -53.71 3.84
C VAL H 3 -52.23 -53.41 5.26
N LEU H 4 -52.50 -52.20 5.69
CA LEU H 4 -52.29 -51.84 7.09
C LEU H 4 -53.54 -52.09 7.88
N THR H 5 -53.36 -52.51 9.13
CA THR H 5 -54.50 -52.84 9.96
C THR H 5 -55.24 -51.58 10.35
N GLN H 6 -55.84 -50.93 9.37
CA GLN H 6 -56.56 -49.72 9.68
C GLN H 6 -57.98 -50.07 10.11
N PRO H 7 -58.41 -49.67 11.29
CA PRO H 7 -59.79 -49.92 11.72
C PRO H 7 -60.78 -49.39 10.70
N PRO H 8 -61.79 -50.17 10.34
CA PRO H 8 -62.78 -49.69 9.37
C PRO H 8 -63.62 -48.53 9.88
N SER H 9 -63.57 -48.22 11.17
CA SER H 9 -64.32 -47.08 11.70
C SER H 9 -63.74 -46.69 13.04
N VAL H 10 -63.39 -45.42 13.17
CA VAL H 10 -63.04 -44.83 14.46
C VAL H 10 -64.24 -44.05 14.96
N SER H 11 -64.40 -44.02 16.28
CA SER H 11 -65.59 -43.46 16.88
C SER H 11 -65.20 -42.57 18.04
N GLY H 12 -66.05 -41.59 18.30
CA GLY H 12 -65.88 -40.70 19.42
C GLY H 12 -66.88 -39.58 19.33
N ALA H 13 -67.53 -39.26 20.45
CA ALA H 13 -68.42 -38.14 20.45
C ALA H 13 -67.63 -36.88 20.10
N PRO H 14 -68.27 -35.88 19.51
CA PRO H 14 -67.58 -34.61 19.26
C PRO H 14 -66.86 -34.13 20.51
N GLY H 15 -65.59 -33.77 20.34
CA GLY H 15 -64.73 -33.40 21.44
C GLY H 15 -63.97 -34.55 22.05
N GLN H 16 -64.41 -35.78 21.83
CA GLN H 16 -63.73 -36.89 22.46
C GLN H 16 -62.43 -37.20 21.74
N ARG H 17 -61.53 -37.81 22.47
CA ARG H 17 -60.29 -38.27 21.87
C ARG H 17 -60.54 -39.53 21.07
N VAL H 18 -59.89 -39.62 19.92
CA VAL H 18 -59.92 -40.82 19.11
C VAL H 18 -58.49 -41.23 18.78
N VAL H 19 -58.31 -42.53 18.61
CA VAL H 19 -57.02 -43.13 18.32
C VAL H 19 -57.26 -44.17 17.23
N ILE H 20 -56.31 -44.30 16.32
CA ILE H 20 -56.39 -45.28 15.27
C ILE H 20 -55.06 -46.01 15.20
N SER H 21 -55.12 -47.34 15.30
CA SER H 21 -53.93 -48.18 15.29
C SER H 21 -53.73 -48.76 13.89
N CYS H 22 -53.07 -47.97 13.04
CA CYS H 22 -52.70 -48.43 11.71
C CYS H 22 -51.42 -49.24 11.82
N THR H 23 -51.54 -50.54 12.00
CA THR H 23 -50.38 -51.39 12.23
C THR H 23 -50.14 -52.30 11.04
N GLY H 24 -48.88 -52.70 10.87
CA GLY H 24 -48.46 -53.56 9.79
C GLY H 24 -47.69 -54.75 10.28
N SER H 25 -46.50 -55.01 9.74
CA SER H 25 -45.77 -56.22 10.07
C SER H 25 -44.30 -55.88 10.25
N ARG H 26 -43.47 -56.94 10.27
CA ARG H 26 -42.02 -56.87 10.26
C ARG H 26 -41.56 -56.06 9.07
N SER H 27 -42.45 -55.94 8.09
CA SER H 27 -42.10 -55.60 6.72
C SER H 27 -42.30 -54.13 6.42
N ASN H 28 -43.19 -53.48 7.15
CA ASN H 28 -43.52 -52.09 6.87
C ASN H 28 -43.21 -51.18 8.04
N ILE H 29 -43.74 -51.43 9.22
CA ILE H 29 -43.41 -50.63 10.38
C ILE H 29 -42.30 -51.28 11.17
N GLY H 30 -42.33 -52.61 11.27
CA GLY H 30 -41.15 -53.33 11.67
C GLY H 30 -39.99 -53.12 10.72
N ALA H 31 -40.25 -52.63 9.51
CA ALA H 31 -39.19 -52.38 8.55
C ALA H 31 -38.30 -51.21 8.93
N GLY H 32 -38.85 -50.21 9.63
CA GLY H 32 -38.08 -49.06 10.07
C GLY H 32 -38.42 -47.74 9.43
N TYR H 33 -39.46 -47.65 8.63
CA TYR H 33 -39.87 -46.45 7.95
C TYR H 33 -40.90 -45.71 8.80
N ASP H 34 -41.62 -44.76 8.20
CA ASP H 34 -42.62 -43.99 8.92
C ASP H 34 -44.02 -44.18 8.33
N VAL H 35 -45.02 -43.98 9.20
CA VAL H 35 -46.43 -44.10 8.82
C VAL H 35 -46.87 -42.72 8.33
N HIS H 36 -46.74 -42.50 7.04
CA HIS H 36 -47.12 -41.21 6.48
C HIS H 36 -48.63 -41.21 6.34
N TRP H 37 -49.33 -40.77 7.38
CA TRP H 37 -50.78 -40.73 7.31
C TRP H 37 -51.22 -39.71 6.27
N TYR H 38 -52.48 -39.81 5.85
CA TYR H 38 -53.06 -38.86 4.90
C TYR H 38 -54.50 -38.59 5.29
N GLN H 39 -54.78 -37.38 5.75
CA GLN H 39 -56.14 -37.00 6.08
C GLN H 39 -56.90 -36.63 4.81
N GLN H 40 -58.14 -37.09 4.70
CA GLN H 40 -58.99 -36.80 3.56
C GLN H 40 -60.28 -36.15 4.04
N SER H 41 -60.74 -35.22 3.31
CA SER H 41 -62.05 -34.73 3.66
C SER H 41 -63.12 -35.48 2.89
N PRO H 42 -64.34 -35.58 3.44
CA PRO H 42 -65.44 -36.17 2.68
C PRO H 42 -65.63 -35.48 1.34
N GLY H 43 -65.38 -36.20 0.26
CA GLY H 43 -65.52 -35.67 -1.08
C GLY H 43 -64.30 -34.94 -1.61
N LYS H 44 -63.28 -34.70 -0.79
CA LYS H 44 -62.10 -33.99 -1.23
C LYS H 44 -60.90 -34.92 -1.29
N VAL H 45 -59.86 -34.46 -1.98
CA VAL H 45 -58.61 -35.21 -2.10
C VAL H 45 -57.94 -35.24 -0.74
N PRO H 46 -57.33 -36.35 -0.35
CA PRO H 46 -56.59 -36.38 0.91
C PRO H 46 -55.34 -35.53 0.84
N ARG H 47 -54.64 -35.45 1.98
CA ARG H 47 -53.43 -34.66 2.07
C ARG H 47 -52.58 -35.21 3.21
N ILE H 48 -51.38 -34.65 3.35
CA ILE H 48 -50.50 -35.01 4.45
C ILE H 48 -51.01 -34.35 5.72
N ILE H 49 -51.30 -35.17 6.72
CA ILE H 49 -51.60 -34.68 8.06
C ILE H 49 -50.45 -34.98 9.01
N ILE H 50 -49.84 -36.15 8.88
CA ILE H 50 -48.78 -36.58 9.77
C ILE H 50 -47.72 -37.28 8.94
N TYR H 51 -46.60 -36.62 8.75
CA TYR H 51 -45.41 -37.23 8.18
C TYR H 51 -44.41 -37.53 9.28
N GLY H 52 -43.36 -38.27 8.91
CA GLY H 52 -42.36 -38.64 9.89
C GLY H 52 -42.91 -39.52 10.99
N SER H 53 -44.18 -39.89 10.83
CA SER H 53 -44.92 -40.79 11.71
C SER H 53 -45.27 -40.14 13.03
N ASN H 54 -44.71 -38.97 13.30
CA ASN H 54 -45.05 -38.28 14.54
C ASN H 54 -45.08 -36.76 14.41
N SER H 55 -44.83 -36.22 13.22
CA SER H 55 -44.56 -34.79 13.07
C SER H 55 -45.76 -34.09 12.46
N ARG H 56 -46.05 -32.89 12.96
CA ARG H 56 -47.11 -32.06 12.41
C ARG H 56 -46.58 -31.25 11.24
N SER H 57 -47.46 -30.98 10.30
CA SER H 57 -47.21 -29.97 9.30
C SER H 57 -48.04 -28.74 9.64
N SER H 58 -48.07 -27.80 8.71
CA SER H 58 -48.88 -26.61 8.89
C SER H 58 -50.35 -26.98 9.04
N GLY H 59 -51.11 -26.07 9.64
CA GLY H 59 -52.56 -26.17 9.68
C GLY H 59 -53.13 -27.38 10.38
N VAL H 60 -52.29 -28.25 10.94
CA VAL H 60 -52.74 -29.41 11.68
C VAL H 60 -52.63 -29.09 13.17
N PRO H 61 -53.74 -28.95 13.89
CA PRO H 61 -53.65 -28.77 15.34
C PRO H 61 -52.87 -29.88 16.01
N ALA H 62 -52.23 -29.51 17.13
CA ALA H 62 -51.51 -30.48 17.93
C ALA H 62 -52.42 -31.57 18.46
N ARG H 63 -53.74 -31.34 18.46
CA ARG H 63 -54.69 -32.40 18.72
C ARG H 63 -54.38 -33.61 17.86
N PHE H 64 -53.78 -33.38 16.71
CA PHE H 64 -53.50 -34.41 15.73
C PHE H 64 -52.00 -34.69 15.76
N SER H 65 -51.63 -35.92 16.06
CA SER H 65 -50.23 -36.28 16.15
C SER H 65 -50.07 -37.77 15.92
N GLY H 66 -49.11 -38.15 15.09
CA GLY H 66 -48.81 -39.55 14.86
C GLY H 66 -47.81 -40.07 15.87
N SER H 67 -47.61 -41.37 15.83
CA SER H 67 -46.55 -42.00 16.62
C SER H 67 -46.30 -43.39 16.06
N LYS H 68 -45.04 -43.81 16.17
CA LYS H 68 -44.60 -45.11 15.71
C LYS H 68 -43.86 -45.80 16.84
N SER H 69 -44.34 -46.98 17.24
CA SER H 69 -43.79 -47.73 18.36
C SER H 69 -43.51 -49.15 17.88
N GLY H 70 -42.26 -49.40 17.48
CA GLY H 70 -41.85 -50.71 17.00
C GLY H 70 -42.56 -51.13 15.74
N THR H 71 -43.44 -52.13 15.85
CA THR H 71 -44.21 -52.59 14.70
C THR H 71 -45.61 -51.96 14.68
N SER H 72 -45.94 -51.14 15.67
CA SER H 72 -47.22 -50.47 15.68
C SER H 72 -47.03 -49.04 15.23
N ALA H 73 -48.07 -48.47 14.61
CA ALA H 73 -48.07 -47.08 14.23
C ALA H 73 -49.49 -46.57 14.41
N SER H 74 -49.66 -45.55 15.25
CA SER H 74 -51.00 -45.11 15.58
C SER H 74 -51.06 -43.60 15.65
N LEU H 75 -52.23 -43.07 15.34
CA LEU H 75 -52.47 -41.65 15.36
C LEU H 75 -53.27 -41.26 16.58
N ALA H 76 -53.18 -40.00 16.97
CA ALA H 76 -53.92 -39.46 18.09
C ALA H 76 -54.64 -38.18 17.65
N ILE H 77 -55.93 -38.10 17.95
CA ILE H 77 -56.72 -36.89 17.76
C ILE H 77 -57.42 -36.60 19.07
N THR H 78 -57.37 -35.35 19.51
CA THR H 78 -58.16 -34.95 20.65
C THR H 78 -59.16 -33.89 20.22
N GLY H 79 -60.14 -33.66 21.07
CA GLY H 79 -61.18 -32.68 20.75
C GLY H 79 -61.82 -32.92 19.42
N LEU H 80 -62.01 -34.19 19.05
CA LEU H 80 -62.57 -34.54 17.75
C LEU H 80 -63.86 -33.79 17.50
N GLN H 81 -63.95 -33.15 16.34
CA GLN H 81 -65.15 -32.41 15.98
C GLN H 81 -65.44 -32.64 14.50
N ALA H 82 -66.50 -31.98 14.01
CA ALA H 82 -66.95 -32.24 12.65
C ALA H 82 -65.90 -31.85 11.62
N GLU H 83 -65.20 -30.73 11.86
CA GLU H 83 -64.05 -30.40 11.02
C GLU H 83 -62.96 -31.45 11.15
N ASP H 84 -63.02 -32.25 12.19
CA ASP H 84 -62.09 -33.35 12.38
C ASP H 84 -62.69 -34.69 12.03
N GLU H 85 -64.02 -34.78 12.01
CA GLU H 85 -64.68 -36.02 11.61
C GLU H 85 -64.46 -36.21 10.12
N ALA H 86 -63.39 -36.89 9.74
CA ALA H 86 -62.99 -36.98 8.34
C ALA H 86 -62.26 -38.31 8.13
N ASP H 87 -61.73 -38.49 6.93
CA ASP H 87 -61.08 -39.73 6.52
C ASP H 87 -59.59 -39.72 6.85
N TYR H 88 -59.04 -40.91 7.02
CA TYR H 88 -57.63 -41.06 7.31
C TYR H 88 -57.13 -42.32 6.64
N TYR H 89 -56.02 -42.21 5.91
CA TYR H 89 -55.48 -43.32 5.14
C TYR H 89 -53.97 -43.35 5.32
N CYS H 90 -53.47 -44.42 5.91
CA CYS H 90 -52.05 -44.50 6.14
C CYS H 90 -51.38 -45.20 4.98
N GLN H 91 -50.07 -45.05 4.92
CA GLN H 91 -49.29 -45.61 3.83
C GLN H 91 -47.84 -45.56 4.23
N SER H 92 -47.12 -46.61 3.86
CA SER H 92 -45.69 -46.67 4.15
C SER H 92 -45.04 -47.71 3.24
N TYR H 93 -43.85 -48.17 3.61
CA TYR H 93 -42.96 -48.94 2.75
C TYR H 93 -43.08 -50.41 3.14
N ASP H 94 -42.99 -51.30 2.16
CA ASP H 94 -42.94 -52.73 2.43
C ASP H 94 -41.56 -53.26 2.06
N THR H 95 -41.00 -54.06 2.99
CA THR H 95 -39.73 -54.74 2.84
C THR H 95 -39.86 -56.05 2.07
N THR H 96 -41.08 -56.55 1.89
CA THR H 96 -41.29 -57.83 1.24
C THR H 96 -41.55 -57.68 -0.25
N LEU H 97 -42.67 -57.11 -0.65
CA LEU H 97 -42.98 -57.11 -2.07
C LEU H 97 -43.45 -55.78 -2.64
N THR H 98 -44.03 -54.90 -1.85
CA THR H 98 -44.75 -53.74 -2.34
C THR H 98 -44.11 -52.41 -1.88
N ALA H 99 -44.36 -51.37 -2.66
CA ALA H 99 -43.87 -50.03 -2.32
C ALA H 99 -44.70 -49.41 -1.20
N SER H 100 -45.99 -49.26 -1.43
CA SER H 100 -46.85 -48.39 -0.62
C SER H 100 -47.97 -49.22 0.00
N VAL H 101 -47.74 -49.69 1.21
CA VAL H 101 -48.81 -50.32 1.98
C VAL H 101 -49.81 -49.26 2.41
N PHE H 102 -51.10 -49.59 2.31
CA PHE H 102 -52.20 -48.71 2.67
C PHE H 102 -53.09 -49.37 3.71
N GLY H 103 -53.54 -48.59 4.68
CA GLY H 103 -54.64 -49.02 5.52
C GLY H 103 -55.96 -48.92 4.77
N GLY H 104 -57.00 -49.47 5.41
CA GLY H 104 -58.31 -49.48 4.78
C GLY H 104 -59.00 -48.13 4.73
N GLY H 105 -58.47 -47.13 5.40
CA GLY H 105 -59.23 -45.89 5.54
C GLY H 105 -60.09 -45.89 6.78
N THR H 106 -60.39 -44.69 7.25
CA THR H 106 -61.21 -44.56 8.45
C THR H 106 -61.77 -43.15 8.55
N LYS H 107 -63.05 -43.08 8.88
CA LYS H 107 -63.72 -41.82 9.17
C LYS H 107 -64.44 -41.93 10.51
N VAL H 108 -64.82 -40.78 11.04
CA VAL H 108 -65.66 -40.76 12.23
C VAL H 108 -67.11 -40.84 11.80
N ASN I 38 48.69 20.54 -38.89
CA ASN I 38 47.99 21.55 -38.10
C ASN I 38 47.23 20.94 -36.93
N LEU I 39 46.00 21.42 -36.77
CA LEU I 39 45.06 20.88 -35.80
C LEU I 39 43.77 20.54 -36.54
N TRP I 40 43.27 19.32 -36.32
CA TRP I 40 42.13 18.79 -37.07
C TRP I 40 41.25 18.00 -36.11
N VAL I 41 40.09 17.52 -36.55
CA VAL I 41 39.14 16.98 -35.57
C VAL I 41 39.35 15.49 -35.34
N THR I 42 39.14 15.06 -34.10
CA THR I 42 39.39 13.70 -33.62
C THR I 42 38.32 13.36 -32.61
N VAL I 43 37.90 12.11 -32.60
CA VAL I 43 37.00 11.60 -31.57
C VAL I 43 37.76 10.62 -30.70
N TYR I 44 37.51 10.68 -29.39
CA TYR I 44 38.05 9.74 -28.43
C TYR I 44 36.92 9.15 -27.60
N TYR I 45 37.11 7.91 -27.14
CA TYR I 45 36.28 7.34 -26.10
C TYR I 45 37.15 6.90 -24.96
N GLY I 46 36.81 7.35 -23.76
CA GLY I 46 37.58 7.05 -22.57
C GLY I 46 38.21 8.29 -22.00
N VAL I 47 37.66 9.44 -22.36
CA VAL I 47 38.27 10.70 -21.98
C VAL I 47 37.89 11.05 -20.55
N PRO I 48 38.83 11.06 -19.64
CA PRO I 48 38.49 11.25 -18.23
C PRO I 48 38.03 12.67 -17.97
N VAL I 49 36.76 12.93 -18.28
CA VAL I 49 36.18 14.26 -18.13
C VAL I 49 34.79 14.12 -17.53
N TRP I 50 34.46 15.02 -16.63
CA TRP I 50 33.19 14.98 -15.94
C TRP I 50 32.49 16.32 -16.05
N LYS I 51 31.23 16.32 -15.66
CA LYS I 51 30.48 17.53 -15.45
C LYS I 51 29.83 17.49 -14.07
N ASP I 52 29.61 18.68 -13.52
CA ASP I 52 28.75 18.79 -12.36
C ASP I 52 27.37 18.35 -12.75
N ALA I 53 26.77 17.51 -11.93
CA ALA I 53 25.49 16.95 -12.29
C ALA I 53 24.79 16.48 -11.03
N GLU I 54 23.55 16.05 -11.21
CA GLU I 54 22.82 15.36 -10.17
C GLU I 54 22.49 13.97 -10.67
N THR I 55 22.49 12.99 -9.78
CA THR I 55 21.98 11.68 -10.08
C THR I 55 21.61 10.96 -8.79
N THR I 56 21.07 9.76 -8.92
CA THR I 56 20.64 9.02 -7.74
C THR I 56 21.77 8.16 -7.22
N LEU I 57 21.85 8.03 -5.90
CA LEU I 57 22.91 7.28 -5.24
C LEU I 57 22.29 6.23 -4.33
N PHE I 58 22.79 5.00 -4.41
CA PHE I 58 22.20 3.87 -3.70
C PHE I 58 23.09 3.42 -2.55
N CYS I 59 22.48 2.76 -1.57
CA CYS I 59 23.19 2.48 -0.33
C CYS I 59 24.12 1.29 -0.50
N ALA I 60 25.11 1.21 0.38
CA ALA I 60 26.08 0.14 0.42
C ALA I 60 26.55 -0.05 1.86
N SER I 61 26.34 -1.25 2.39
CA SER I 61 26.45 -1.49 3.82
C SER I 61 27.24 -2.76 4.10
N ASP I 62 27.31 -3.10 5.37
CA ASP I 62 27.93 -4.33 5.84
C ASP I 62 26.91 -5.16 6.63
N ALA I 63 27.14 -6.47 6.68
CA ALA I 63 26.13 -7.43 7.10
C ALA I 63 26.10 -7.58 8.61
N LYS I 64 25.32 -6.73 9.27
CA LYS I 64 25.18 -6.76 10.72
C LYS I 64 23.73 -6.43 11.14
N ALA I 65 22.77 -7.03 10.44
CA ALA I 65 21.39 -6.54 10.48
C ALA I 65 20.58 -7.28 11.54
N TYR I 66 20.75 -6.87 12.80
CA TYR I 66 20.07 -7.51 13.91
C TYR I 66 19.87 -6.50 15.03
N GLU I 67 18.62 -6.34 15.48
CA GLU I 67 18.25 -5.36 16.50
C GLU I 67 16.84 -5.71 17.00
N THR I 68 16.27 -4.82 17.84
CA THR I 68 14.99 -5.13 18.49
C THR I 68 14.04 -3.94 18.66
N GLU I 69 13.88 -3.09 17.64
CA GLU I 69 12.81 -2.09 17.68
C GLU I 69 12.22 -1.72 16.33
N LYS I 70 11.20 -2.45 15.86
CA LYS I 70 10.35 -2.36 14.67
C LYS I 70 10.67 -2.92 13.26
N HIS I 71 11.90 -3.25 12.85
CA HIS I 71 12.01 -4.11 11.66
C HIS I 71 13.27 -4.97 11.46
N ASN I 72 14.42 -4.47 11.91
CA ASN I 72 15.67 -4.67 11.19
C ASN I 72 16.79 -4.03 11.99
N VAL I 73 17.87 -3.57 11.34
CA VAL I 73 18.72 -2.63 12.06
C VAL I 73 18.18 -1.21 12.08
N TRP I 74 18.23 -0.50 10.95
CA TRP I 74 17.57 0.81 10.87
C TRP I 74 16.57 0.81 9.72
N ALA I 75 17.09 0.63 8.54
CA ALA I 75 16.39 0.22 7.34
C ALA I 75 17.37 -0.68 6.62
N THR I 76 18.62 -0.51 6.99
CA THR I 76 19.75 -0.96 6.19
C THR I 76 19.95 -2.45 6.37
N HIS I 77 19.09 -3.24 5.75
CA HIS I 77 19.45 -4.64 5.62
C HIS I 77 19.13 -5.06 4.20
N ALA I 78 18.39 -4.23 3.49
CA ALA I 78 18.19 -4.40 2.06
C ALA I 78 19.36 -3.88 1.27
N CYS I 79 20.42 -3.48 1.93
CA CYS I 79 21.50 -2.77 1.30
C CYS I 79 22.41 -3.75 0.58
N VAL I 80 23.09 -3.27 -0.45
CA VAL I 80 24.09 -4.14 -1.08
C VAL I 80 25.35 -4.13 -0.25
N PRO I 81 25.98 -5.28 -0.03
CA PRO I 81 27.19 -5.31 0.79
C PRO I 81 28.34 -4.58 0.12
N THR I 82 29.07 -3.84 0.93
CA THR I 82 30.19 -3.07 0.43
C THR I 82 31.27 -3.97 -0.13
N ASP I 83 32.04 -3.42 -1.05
CA ASP I 83 33.27 -4.06 -1.47
C ASP I 83 34.23 -4.14 -0.30
N PRO I 84 34.88 -5.29 -0.08
CA PRO I 84 35.85 -5.37 1.02
C PRO I 84 37.06 -4.47 0.84
N ASN I 85 37.28 -3.94 -0.35
CA ASN I 85 38.37 -2.99 -0.60
C ASN I 85 37.75 -1.71 -1.09
N PRO I 86 37.52 -0.75 -0.20
CA PRO I 86 37.07 0.57 -0.65
C PRO I 86 38.19 1.23 -1.45
N GLN I 87 38.28 0.89 -2.73
CA GLN I 87 39.31 1.46 -3.57
C GLN I 87 39.16 2.97 -3.67
N GLU I 88 40.24 3.69 -3.48
CA GLU I 88 40.30 5.12 -3.78
C GLU I 88 41.44 5.39 -4.74
N ILE I 89 41.52 6.64 -5.16
CA ILE I 89 42.70 7.12 -5.86
C ILE I 89 42.82 8.62 -5.73
N HIS I 90 43.95 9.09 -5.22
CA HIS I 90 44.21 10.52 -5.18
C HIS I 90 44.47 10.99 -6.60
N LEU I 91 43.89 12.11 -6.96
CA LEU I 91 44.05 12.68 -8.29
C LEU I 91 45.05 13.82 -8.21
N GLU I 92 46.23 13.58 -8.75
CA GLU I 92 47.23 14.63 -8.85
C GLU I 92 46.74 15.76 -9.75
N ASN I 93 47.16 16.98 -9.42
CA ASN I 93 47.09 18.13 -10.30
C ASN I 93 45.70 18.68 -10.48
N VAL I 94 44.70 18.07 -9.89
CA VAL I 94 43.33 18.47 -10.10
C VAL I 94 43.01 19.67 -9.23
N THR I 95 42.16 20.56 -9.73
CA THR I 95 41.61 21.67 -8.96
C THR I 95 40.17 21.88 -9.37
N GLU I 96 39.24 21.56 -8.47
CA GLU I 96 37.83 21.67 -8.74
C GLU I 96 37.17 22.44 -7.60
N GLU I 97 36.32 23.40 -7.95
CA GLU I 97 35.59 24.15 -6.93
C GLU I 97 34.45 23.31 -6.43
N PHE I 98 34.30 23.24 -5.12
CA PHE I 98 33.14 22.59 -4.55
C PHE I 98 32.25 23.66 -3.96
N ASN I 99 31.01 23.26 -3.64
CA ASN I 99 30.10 24.18 -2.99
C ASN I 99 29.31 23.34 -1.99
N MET I 100 29.86 23.18 -0.80
CA MET I 100 29.15 22.46 0.25
C MET I 100 27.84 23.12 0.59
N TRP I 101 27.56 24.30 0.07
CA TRP I 101 26.27 24.92 0.31
C TRP I 101 25.33 24.83 -0.87
N LYS I 102 25.82 24.43 -2.03
CA LYS I 102 24.96 24.16 -3.17
C LYS I 102 25.00 22.71 -3.61
N ASN I 103 25.45 21.80 -2.76
CA ASN I 103 25.46 20.41 -3.13
C ASN I 103 24.06 19.81 -3.04
N ASN I 104 23.79 18.87 -3.93
CA ASN I 104 22.51 18.19 -4.04
C ASN I 104 22.45 16.89 -3.26
N MET I 105 23.58 16.21 -3.09
CA MET I 105 23.57 14.93 -2.42
C MET I 105 22.91 15.03 -1.06
N VAL I 106 23.09 16.16 -0.38
CA VAL I 106 22.39 16.33 0.88
C VAL I 106 20.91 16.23 0.65
N GLU I 107 20.42 16.72 -0.48
CA GLU I 107 18.99 16.67 -0.65
C GLU I 107 18.50 15.23 -0.82
N GLN I 108 19.11 14.47 -1.72
CA GLN I 108 18.70 13.08 -1.86
C GLN I 108 18.77 12.38 -0.53
N MET I 109 19.87 12.60 0.20
CA MET I 109 20.05 11.91 1.46
C MET I 109 18.93 12.24 2.41
N HIS I 110 18.57 13.52 2.50
CA HIS I 110 17.54 13.87 3.45
C HIS I 110 16.22 13.22 3.09
N THR I 111 15.84 13.27 1.81
CA THR I 111 14.56 12.65 1.48
C THR I 111 14.59 11.16 1.76
N ASP I 112 15.70 10.50 1.43
CA ASP I 112 15.75 9.06 1.62
C ASP I 112 15.68 8.71 3.08
N ILE I 113 16.34 9.47 3.93
CA ILE I 113 16.27 9.14 5.35
C ILE I 113 14.85 9.30 5.85
N ILE I 114 14.17 10.36 5.41
CA ILE I 114 12.76 10.44 5.76
C ILE I 114 12.05 9.17 5.34
N SER I 115 12.18 8.82 4.07
CA SER I 115 11.37 7.74 3.56
C SER I 115 11.71 6.43 4.23
N LEU I 116 12.96 6.22 4.61
CA LEU I 116 13.29 4.98 5.29
C LEU I 116 12.65 4.94 6.65
N TRP I 117 12.71 6.04 7.37
CA TRP I 117 11.93 6.11 8.57
C TRP I 117 10.48 5.75 8.28
N ASP I 118 9.95 6.28 7.18
CA ASP I 118 8.60 5.94 6.79
C ASP I 118 8.43 4.43 6.72
N GLN I 119 9.14 3.81 5.79
CA GLN I 119 8.97 2.39 5.52
C GLN I 119 9.11 1.57 6.79
N SER I 120 10.03 1.95 7.66
CA SER I 120 10.05 1.27 8.95
C SER I 120 8.79 1.54 9.72
N LEU I 121 8.09 2.63 9.42
CA LEU I 121 6.89 2.82 10.20
C LEU I 121 5.59 2.48 9.49
N LYS I 122 5.63 2.02 8.24
CA LYS I 122 4.38 1.52 7.66
C LYS I 122 3.84 0.33 8.43
N PRO I 123 4.60 -0.73 8.67
CA PRO I 123 3.99 -2.01 9.03
C PRO I 123 3.73 -2.24 10.51
N CYS I 124 3.99 -1.31 11.41
CA CYS I 124 3.71 -1.71 12.77
C CYS I 124 2.57 -0.89 13.34
N VAL I 125 2.20 -1.24 14.56
CA VAL I 125 0.84 -1.03 15.02
C VAL I 125 0.44 0.43 14.94
N LYS I 126 -0.80 0.69 14.57
CA LYS I 126 -1.33 2.04 14.53
C LYS I 126 -2.13 2.31 15.80
N LEU I 127 -1.61 3.20 16.61
CA LEU I 127 -2.07 3.39 17.98
C LEU I 127 -3.18 4.40 18.09
N THR I 128 -4.12 4.41 17.16
CA THR I 128 -5.16 5.44 17.20
C THR I 128 -6.01 5.32 18.46
N PRO I 129 -6.50 4.15 18.85
CA PRO I 129 -7.39 4.10 20.01
C PRO I 129 -6.74 4.48 21.31
N LEU I 130 -5.46 4.86 21.32
CA LEU I 130 -4.93 5.44 22.56
C LEU I 130 -5.49 6.81 22.87
N CYS I 131 -5.82 7.61 21.85
CA CYS I 131 -6.09 9.01 22.12
C CYS I 131 -7.36 9.11 22.93
N VAL I 132 -7.24 8.79 24.21
CA VAL I 132 -8.43 8.66 25.04
C VAL I 132 -8.20 9.48 26.30
N THR I 133 -9.30 9.89 26.92
CA THR I 133 -9.19 10.68 28.14
C THR I 133 -8.45 9.91 29.22
N LEU I 134 -7.33 10.46 29.67
CA LEU I 134 -6.48 9.79 30.64
C LEU I 134 -6.73 10.37 32.03
N GLN I 135 -6.93 9.47 33.00
CA GLN I 135 -7.03 9.83 34.41
C GLN I 135 -5.62 9.79 34.98
N CYS I 136 -5.04 10.96 35.23
CA CYS I 136 -3.66 11.01 35.67
C CYS I 136 -3.54 11.65 37.04
N THR I 137 -2.62 11.12 37.83
CA THR I 137 -2.16 11.71 39.07
C THR I 137 -0.65 11.85 39.04
N ASN I 138 -0.12 12.45 40.10
CA ASN I 138 1.32 12.58 40.23
C ASN I 138 1.96 11.25 40.60
N VAL I 139 3.21 11.09 40.20
CA VAL I 139 4.06 10.03 40.72
C VAL I 139 4.91 10.64 41.82
N THR I 140 4.61 10.30 43.06
CA THR I 140 5.29 10.96 44.15
C THR I 140 6.75 10.55 44.14
N ASN I 141 7.58 11.32 43.46
CA ASN I 141 9.01 11.09 43.48
C ASN I 141 9.56 11.68 44.77
N ASN I 142 10.89 11.63 44.95
CA ASN I 142 11.50 11.76 46.27
C ASN I 142 11.07 13.05 46.96
N ILE I 143 10.71 12.92 48.23
CA ILE I 143 10.33 14.09 49.03
C ILE I 143 11.58 14.91 49.34
N THR I 144 11.51 16.21 49.07
CA THR I 144 10.30 16.86 48.58
C THR I 144 10.18 16.68 47.06
N ASP I 145 11.22 17.07 46.32
CA ASP I 145 11.23 16.87 44.88
C ASP I 145 12.65 16.98 44.35
N ASP I 146 13.20 15.87 43.86
CA ASP I 146 14.38 15.89 43.01
C ASP I 146 14.14 15.23 41.66
N MET I 147 12.97 14.64 41.47
CA MET I 147 12.44 14.35 40.15
C MET I 147 11.20 15.15 39.81
N ARG I 148 10.66 15.93 40.75
CA ARG I 148 9.50 16.79 40.51
C ARG I 148 8.40 16.01 39.79
N GLY I 149 8.36 14.71 40.07
CA GLY I 149 7.61 13.79 39.27
C GLY I 149 8.37 13.50 38.01
N GLU I 150 8.28 14.43 37.05
CA GLU I 150 8.83 14.25 35.71
C GLU I 150 8.06 13.14 34.99
N LEU I 151 7.07 12.57 35.66
CA LEU I 151 6.19 11.58 35.05
C LEU I 151 4.89 11.51 35.82
N LYS I 152 3.80 11.35 35.11
CA LYS I 152 2.49 11.18 35.72
C LYS I 152 2.02 9.76 35.55
N ASN I 153 1.13 9.35 36.43
CA ASN I 153 0.59 8.00 36.45
C ASN I 153 -0.82 8.09 35.91
N CYS I 154 -1.04 7.53 34.74
CA CYS I 154 -2.31 7.66 34.03
C CYS I 154 -2.96 6.30 33.83
N SER I 155 -4.20 6.17 34.25
CA SER I 155 -5.04 5.02 33.93
C SER I 155 -6.01 5.43 32.84
N PHE I 156 -6.47 4.46 32.06
CA PHE I 156 -7.48 4.79 31.06
C PHE I 156 -8.27 3.58 30.60
N ASN I 157 -9.42 3.88 30.00
CA ASN I 157 -10.19 2.91 29.27
C ASN I 157 -9.44 2.49 28.04
N MET I 158 -9.70 1.28 27.58
CA MET I 158 -9.10 0.86 26.34
C MET I 158 -9.86 -0.34 25.80
N THR I 159 -9.86 -0.45 24.48
CA THR I 159 -10.42 -1.61 23.82
C THR I 159 -9.67 -2.86 24.26
N THR I 160 -10.15 -3.99 23.78
CA THR I 160 -9.62 -5.25 24.27
C THR I 160 -9.23 -6.10 23.07
N GLU I 161 -9.04 -7.40 23.26
CA GLU I 161 -9.03 -8.29 22.11
C GLU I 161 -10.39 -8.32 21.44
N LEU I 162 -11.44 -8.30 22.24
CA LEU I 162 -12.79 -8.36 21.72
C LEU I 162 -13.31 -6.94 21.55
N ARG I 163 -13.88 -6.67 20.39
CA ARG I 163 -14.49 -5.37 20.19
C ARG I 163 -15.73 -5.34 21.08
N ASP I 164 -15.50 -5.31 22.38
CA ASP I 164 -16.53 -5.52 23.39
C ASP I 164 -16.13 -4.90 24.72
N LYS I 165 -16.77 -5.37 25.80
CA LYS I 165 -16.55 -4.86 27.15
C LYS I 165 -15.11 -4.46 27.35
N LYS I 166 -14.90 -3.25 27.82
CA LYS I 166 -13.58 -2.65 27.74
C LYS I 166 -12.75 -3.01 28.96
N GLN I 167 -11.51 -2.52 28.97
CA GLN I 167 -10.60 -2.78 30.08
C GLN I 167 -10.08 -1.47 30.62
N LYS I 168 -9.64 -1.48 31.87
CA LYS I 168 -9.02 -0.34 32.50
C LYS I 168 -7.57 -0.66 32.78
N VAL I 169 -6.65 -0.01 32.06
CA VAL I 169 -5.23 -0.24 32.23
C VAL I 169 -4.62 1.01 32.84
N TYR I 170 -3.30 0.95 33.09
CA TYR I 170 -2.57 2.10 33.60
C TYR I 170 -1.12 2.05 33.16
N SER I 171 -0.51 3.23 33.11
CA SER I 171 0.81 3.38 32.52
C SER I 171 1.41 4.70 33.01
N LEU I 172 2.72 4.80 32.92
CA LEU I 172 3.42 5.98 33.39
C LEU I 172 3.95 6.78 32.21
N PHE I 173 3.58 8.04 32.13
CA PHE I 173 3.92 8.86 30.99
C PHE I 173 4.76 10.05 31.42
N TYR I 174 5.75 10.40 30.59
CA TYR I 174 6.54 11.56 30.91
C TYR I 174 5.74 12.84 30.69
N ARG I 175 5.57 13.60 31.77
CA ARG I 175 4.68 14.75 31.75
C ARG I 175 5.03 15.72 30.63
N LEU I 176 6.13 15.48 29.92
CA LEU I 176 6.42 16.34 28.80
C LEU I 176 5.59 16.02 27.57
N ASP I 177 4.94 14.86 27.50
CA ASP I 177 4.11 14.56 26.34
C ASP I 177 2.66 14.37 26.69
N VAL I 178 2.19 14.99 27.75
CA VAL I 178 0.77 14.92 28.07
C VAL I 178 0.26 16.33 28.27
N VAL I 179 -0.97 16.57 27.83
CA VAL I 179 -1.52 17.91 27.87
C VAL I 179 -2.86 17.86 28.57
N GLN I 180 -3.21 18.98 29.18
CA GLN I 180 -4.40 19.15 29.99
C GLN I 180 -5.62 19.37 29.11
N ILE I 181 -6.73 19.73 29.74
CA ILE I 181 -7.96 20.10 29.05
C ILE I 181 -8.63 21.19 29.88
N ASN I 182 -9.15 22.22 29.20
CA ASN I 182 -9.66 23.41 29.87
C ASN I 182 -8.54 24.07 30.67
N ASN I 193 -9.42 13.13 39.49
CA ASN I 193 -8.24 13.85 39.04
C ASN I 193 -8.53 14.61 37.77
N LYS I 194 -7.51 15.26 37.23
CA LYS I 194 -7.68 16.03 36.00
C LYS I 194 -7.47 15.13 34.79
N GLU I 195 -8.13 15.50 33.72
CA GLU I 195 -8.17 14.71 32.50
C GLU I 195 -7.12 15.21 31.53
N TYR I 196 -6.29 14.30 31.02
CA TYR I 196 -5.20 14.69 30.15
C TYR I 196 -5.24 13.83 28.90
N ARG I 197 -4.35 14.13 27.95
CA ARG I 197 -4.30 13.33 26.73
C ARG I 197 -2.95 13.46 26.07
N LEU I 198 -2.75 12.66 25.03
CA LEU I 198 -1.52 12.76 24.29
C LEU I 198 -1.46 14.04 23.51
N ILE I 199 -0.24 14.52 23.31
CA ILE I 199 0.00 15.84 22.75
C ILE I 199 -0.24 15.87 21.25
N ASN I 200 0.44 15.00 20.49
CA ASN I 200 0.29 14.99 19.04
C ASN I 200 -1.05 14.45 18.59
N CYS I 201 -1.98 14.20 19.49
CA CYS I 201 -3.19 13.56 19.04
C CYS I 201 -4.09 14.53 18.28
N ASN I 202 -4.40 15.69 18.84
CA ASN I 202 -5.28 16.58 18.09
C ASN I 202 -4.60 17.19 16.89
N THR I 203 -3.49 16.65 16.48
CA THR I 203 -2.85 17.14 15.29
C THR I 203 -2.35 16.04 14.37
N SER I 204 -1.97 14.89 14.93
CA SER I 204 -1.34 13.85 14.13
C SER I 204 -1.79 12.47 14.60
N ALA I 205 -1.58 11.49 13.74
CA ALA I 205 -1.68 10.09 14.14
C ALA I 205 -0.33 9.58 14.64
N ILE I 206 -0.39 8.50 15.42
CA ILE I 206 0.79 7.96 16.09
C ILE I 206 0.96 6.50 15.74
N THR I 207 2.20 6.03 15.71
CA THR I 207 2.53 4.77 15.07
C THR I 207 3.67 4.09 15.82
N GLN I 208 3.35 3.34 16.87
CA GLN I 208 4.38 2.72 17.70
C GLN I 208 5.30 1.82 16.89
N ALA I 209 6.60 2.09 16.98
CA ALA I 209 7.53 1.17 16.37
C ALA I 209 7.51 -0.11 17.17
N CYS I 210 7.42 -1.24 16.46
CA CYS I 210 7.44 -2.54 17.10
C CYS I 210 8.87 -2.84 17.55
N PRO I 211 9.13 -3.94 18.21
CA PRO I 211 10.50 -4.22 18.65
C PRO I 211 11.46 -5.05 17.79
N LYS I 212 11.75 -4.73 16.51
CA LYS I 212 12.88 -5.38 15.82
C LYS I 212 13.93 -4.46 15.18
N VAL I 213 13.66 -3.22 14.77
CA VAL I 213 14.74 -2.41 14.19
C VAL I 213 15.56 -1.80 15.34
N SER I 214 16.59 -1.08 15.00
CA SER I 214 17.30 -0.34 16.04
C SER I 214 17.08 1.14 15.82
N PHE I 215 17.81 1.93 16.54
CA PHE I 215 18.03 3.26 16.02
C PHE I 215 19.52 3.51 15.96
N GLU I 216 20.29 2.53 16.39
CA GLU I 216 21.72 2.57 16.31
C GLU I 216 22.13 2.87 14.88
N PRO I 217 22.70 4.03 14.62
CA PRO I 217 23.12 4.34 13.26
C PRO I 217 24.20 3.37 12.83
N ILE I 218 24.06 2.87 11.62
CA ILE I 218 24.99 1.91 11.04
C ILE I 218 25.67 2.58 9.86
N PRO I 219 26.96 2.41 9.68
CA PRO I 219 27.64 3.14 8.61
C PRO I 219 27.00 2.88 7.27
N ILE I 220 26.52 3.93 6.64
CA ILE I 220 25.90 3.87 5.32
C ILE I 220 26.91 4.36 4.31
N HIS I 221 27.00 3.65 3.20
CA HIS I 221 27.92 4.04 2.15
C HIS I 221 27.13 4.44 0.92
N TYR I 222 27.03 5.74 0.68
CA TYR I 222 26.42 6.20 -0.56
C TYR I 222 27.30 5.82 -1.72
N CYS I 223 26.74 5.08 -2.66
CA CYS I 223 27.48 4.54 -3.77
C CYS I 223 26.86 5.04 -5.05
N ALA I 224 27.64 5.22 -5.94
CA ALA I 224 27.22 5.84 -7.16
C ALA I 224 27.08 4.81 -8.27
N PRO I 225 26.00 4.86 -9.02
CA PRO I 225 25.80 3.90 -10.11
C PRO I 225 26.80 4.16 -11.22
N ALA I 226 27.04 3.12 -12.01
CA ALA I 226 28.09 3.16 -13.01
C ALA I 226 27.92 4.35 -13.93
N GLY I 227 29.03 4.85 -14.43
CA GLY I 227 29.04 6.05 -15.23
C GLY I 227 29.13 7.34 -14.45
N PHE I 228 29.18 7.28 -13.13
CA PHE I 228 29.30 8.46 -12.31
C PHE I 228 30.57 8.38 -11.50
N ALA I 229 30.82 9.42 -10.70
CA ALA I 229 32.00 9.39 -9.87
C ALA I 229 31.80 10.27 -8.65
N ILE I 230 32.47 9.89 -7.56
CA ILE I 230 32.45 10.61 -6.30
C ILE I 230 33.80 11.24 -6.06
N LEU I 231 33.81 12.56 -5.93
CA LEU I 231 35.01 13.34 -5.69
C LEU I 231 35.07 13.71 -4.21
N LYS I 232 36.24 13.48 -3.61
CA LYS I 232 36.49 13.73 -2.20
C LYS I 232 37.63 14.73 -2.05
N CYS I 233 37.37 15.87 -1.42
CA CYS I 233 38.37 16.91 -1.25
C CYS I 233 39.38 16.44 -0.20
N LYS I 234 40.62 16.21 -0.61
CA LYS I 234 41.62 15.64 0.29
C LYS I 234 42.34 16.70 1.09
N ASP I 235 41.92 17.95 0.97
CA ASP I 235 42.63 19.06 1.60
C ASP I 235 42.22 19.15 3.06
N LYS I 236 43.21 18.97 3.94
CA LYS I 236 42.95 19.11 5.37
C LYS I 236 42.43 20.49 5.73
N LYS I 237 42.80 21.50 4.98
CA LYS I 237 42.40 22.88 5.24
C LYS I 237 41.44 23.30 4.15
N PHE I 238 40.14 23.30 4.45
CA PHE I 238 39.15 23.66 3.45
C PHE I 238 38.04 24.46 4.11
N ASN I 239 37.73 25.61 3.50
CA ASN I 239 36.72 26.51 4.05
C ASN I 239 35.31 25.93 3.97
N GLY I 240 35.03 25.11 2.95
CA GLY I 240 33.69 24.66 2.63
C GLY I 240 33.36 24.79 1.16
N THR I 241 33.90 25.81 0.49
CA THR I 241 33.63 26.04 -0.91
C THR I 241 34.90 26.45 -1.64
N GLY I 242 34.76 26.69 -2.93
CA GLY I 242 35.90 27.14 -3.71
C GLY I 242 36.75 25.97 -4.16
N PRO I 243 37.86 26.25 -4.82
CA PRO I 243 38.67 25.18 -5.44
C PRO I 243 39.49 24.42 -4.40
N CYS I 244 39.17 23.13 -4.26
CA CYS I 244 39.98 22.24 -3.44
C CYS I 244 41.12 21.69 -4.27
N PRO I 245 42.37 21.96 -3.91
CA PRO I 245 43.49 21.51 -4.76
C PRO I 245 43.75 20.02 -4.66
N SER I 246 43.69 19.44 -3.47
CA SER I 246 44.00 18.03 -3.28
C SER I 246 42.71 17.24 -3.21
N VAL I 247 42.46 16.39 -4.21
CA VAL I 247 41.21 15.69 -4.37
C VAL I 247 41.50 14.23 -4.71
N SER I 248 40.51 13.38 -4.47
CA SER I 248 40.58 11.98 -4.87
C SER I 248 39.23 11.55 -5.42
N THR I 249 39.25 10.44 -6.13
CA THR I 249 38.04 9.78 -6.61
C THR I 249 37.84 8.48 -5.86
N VAL I 250 36.60 8.19 -5.51
CA VAL I 250 36.27 6.89 -4.94
C VAL I 250 35.09 6.33 -5.70
N GLN I 251 34.99 5.00 -5.72
CA GLN I 251 33.75 4.45 -6.23
C GLN I 251 32.58 4.79 -5.34
N CYS I 252 32.79 4.79 -4.01
CA CYS I 252 31.78 5.31 -3.10
C CYS I 252 32.23 5.49 -1.67
N THR I 253 31.47 6.32 -0.96
CA THR I 253 31.91 7.04 0.21
C THR I 253 32.16 6.14 1.40
N HIS I 254 32.61 6.77 2.48
CA HIS I 254 32.84 6.11 3.75
C HIS I 254 31.51 5.89 4.47
N GLY I 255 31.60 5.19 5.59
CA GLY I 255 30.44 4.98 6.43
C GLY I 255 30.02 6.30 7.04
N ILE I 256 28.73 6.61 6.97
CA ILE I 256 28.23 7.88 7.45
C ILE I 256 27.19 7.60 8.50
N LYS I 257 27.55 7.74 9.75
CA LYS I 257 26.60 7.43 10.78
C LYS I 257 25.46 8.43 10.68
N PRO I 258 24.31 8.00 10.32
CA PRO I 258 23.19 8.92 10.10
C PRO I 258 22.50 9.28 11.40
N VAL I 259 23.28 9.71 12.36
CA VAL I 259 22.72 10.07 13.65
C VAL I 259 21.83 11.29 13.48
N VAL I 260 20.74 11.32 14.20
CA VAL I 260 19.87 12.48 14.28
C VAL I 260 20.26 13.23 15.54
N SER I 261 20.66 14.49 15.40
CA SER I 261 21.03 15.29 16.56
C SER I 261 20.77 16.77 16.31
N THR I 262 20.71 17.54 17.39
CA THR I 262 20.49 18.97 17.32
C THR I 262 21.50 19.70 18.19
N GLN I 263 22.06 20.76 17.60
CA GLN I 263 22.99 21.69 18.23
C GLN I 263 24.37 21.07 18.42
N LEU I 264 24.51 19.77 18.20
CA LEU I 264 25.76 19.08 18.49
C LEU I 264 25.94 17.93 17.51
N LEU I 265 26.98 17.98 16.71
CA LEU I 265 27.30 16.88 15.83
C LEU I 265 27.86 15.75 16.66
N LEU I 266 27.16 14.63 16.70
CA LEU I 266 27.62 13.48 17.45
C LEU I 266 28.22 12.46 16.50
N ASN I 267 29.23 11.74 16.98
CA ASN I 267 29.82 10.63 16.26
C ASN I 267 30.31 11.00 14.88
N GLY I 268 30.27 12.28 14.54
CA GLY I 268 30.66 12.74 13.24
C GLY I 268 32.13 12.46 12.98
N SER I 269 32.60 12.96 11.84
CA SER I 269 34.02 12.89 11.54
C SER I 269 34.73 14.04 12.26
N LEU I 270 36.04 13.92 12.36
CA LEU I 270 36.85 14.95 12.99
C LEU I 270 37.70 15.68 11.97
N ALA I 271 37.94 16.97 12.22
CA ALA I 271 38.83 17.75 11.37
C ALA I 271 40.27 17.43 11.69
N GLU I 272 41.18 17.97 10.87
CA GLU I 272 42.59 17.71 11.08
C GLU I 272 43.40 19.00 11.22
N GLU I 273 44.24 19.01 12.26
CA GLU I 273 45.26 20.01 12.53
C GLU I 273 44.66 21.37 12.85
N GLU I 274 43.35 21.50 12.73
CA GLU I 274 42.66 22.72 13.09
C GLU I 274 41.22 22.36 13.39
N VAL I 275 40.42 23.35 13.71
CA VAL I 275 39.01 23.16 13.95
C VAL I 275 38.29 24.09 13.00
N MET I 276 37.98 23.57 11.80
CA MET I 276 37.49 24.41 10.75
C MET I 276 36.15 25.03 11.10
N ILE I 277 35.87 26.13 10.41
CA ILE I 277 34.61 26.84 10.48
C ILE I 277 34.07 26.92 9.07
N ARG I 278 32.79 26.59 8.90
CA ARG I 278 32.20 26.55 7.58
C ARG I 278 30.86 27.27 7.60
N SER I 279 30.68 28.17 6.64
CA SER I 279 29.39 28.79 6.34
C SER I 279 29.58 29.59 5.07
N GLU I 280 28.55 29.61 4.23
CA GLU I 280 28.69 30.26 2.94
C GLU I 280 28.96 31.76 3.10
N ASN I 281 28.29 32.41 4.04
CA ASN I 281 28.42 33.86 4.24
C ASN I 281 28.49 34.14 5.73
N ILE I 282 29.70 34.08 6.27
CA ILE I 282 29.88 34.36 7.69
C ILE I 282 29.41 35.76 8.01
N THR I 283 29.73 36.71 7.14
CA THR I 283 29.31 38.10 7.34
C THR I 283 27.80 38.22 7.41
N ASN I 284 27.07 37.25 6.91
CA ASN I 284 25.64 37.22 7.11
C ASN I 284 25.35 36.61 8.46
N ASN I 285 24.36 37.17 9.14
CA ASN I 285 23.91 36.63 10.40
C ASN I 285 22.82 35.58 10.24
N ALA I 286 22.37 35.30 9.02
CA ALA I 286 21.24 34.43 8.79
C ALA I 286 21.64 33.01 8.37
N LYS I 287 22.92 32.69 8.36
CA LYS I 287 23.40 31.35 8.09
C LYS I 287 23.74 30.71 9.42
N ASN I 288 24.40 29.57 9.36
CA ASN I 288 24.83 28.89 10.57
C ASN I 288 26.30 28.58 10.47
N ILE I 289 26.98 28.61 11.59
CA ILE I 289 28.40 28.33 11.63
C ILE I 289 28.62 26.88 12.00
N LEU I 290 29.34 26.16 11.16
CA LEU I 290 29.59 24.73 11.31
C LEU I 290 31.02 24.59 11.81
N VAL I 291 31.16 24.34 13.09
CA VAL I 291 32.47 24.13 13.70
C VAL I 291 32.78 22.63 13.68
N GLN I 292 34.03 22.28 13.45
CA GLN I 292 34.38 20.87 13.40
C GLN I 292 35.69 20.62 14.13
N PHE I 293 35.65 19.84 15.20
CA PHE I 293 36.78 19.81 16.13
C PHE I 293 37.91 18.92 15.61
N ASN I 294 39.06 19.04 16.27
CA ASN I 294 40.12 18.04 16.18
C ASN I 294 39.97 16.94 17.22
N THR I 295 39.42 17.25 18.37
CA THR I 295 39.50 16.33 19.47
C THR I 295 38.13 15.89 19.91
N PRO I 296 37.89 14.58 19.94
CA PRO I 296 36.60 14.08 20.36
C PRO I 296 36.39 14.39 21.82
N VAL I 297 35.62 15.44 22.09
CA VAL I 297 35.30 15.81 23.46
C VAL I 297 34.23 14.83 23.93
N GLN I 298 34.56 14.03 24.94
CA GLN I 298 33.67 12.99 25.35
C GLN I 298 32.40 13.56 25.94
N ILE I 299 31.35 12.75 25.94
CA ILE I 299 30.15 12.99 26.71
C ILE I 299 29.56 11.66 27.10
N ASN I 300 29.20 11.53 28.37
CA ASN I 300 28.63 10.30 28.92
C ASN I 300 27.18 10.61 29.26
N CYS I 301 26.25 9.98 28.59
CA CYS I 301 24.85 10.19 28.90
C CYS I 301 24.25 8.92 29.47
N THR I 302 23.32 9.08 30.40
CA THR I 302 22.71 7.87 30.90
C THR I 302 21.30 8.13 31.40
N ARG I 303 20.53 7.07 31.38
CA ARG I 303 19.23 6.98 32.02
C ARG I 303 19.36 5.85 33.02
N PRO I 304 19.59 6.15 34.27
CA PRO I 304 19.83 5.09 35.26
C PRO I 304 18.58 4.57 35.94
N ASN I 305 17.63 4.04 35.19
CA ASN I 305 16.46 3.37 35.76
C ASN I 305 16.39 1.95 35.22
N ASN I 306 15.93 1.03 36.06
CA ASN I 306 15.51 -0.28 35.57
C ASN I 306 14.00 -0.12 35.37
N ASN I 307 13.60 0.11 34.13
CA ASN I 307 12.21 0.34 33.76
C ASN I 307 11.56 -0.93 33.25
N THR I 308 10.28 -1.09 33.52
CA THR I 308 9.59 -2.34 33.24
C THR I 308 8.62 -2.17 32.08
N ARG I 309 8.62 -3.13 31.16
CA ARG I 309 7.74 -3.12 30.00
C ARG I 309 6.46 -3.87 30.33
N LYS I 310 5.35 -3.16 30.31
CA LYS I 310 4.05 -3.75 30.55
C LYS I 310 3.33 -3.81 29.22
N SER I 311 2.96 -5.01 28.78
CA SER I 311 2.30 -5.14 27.50
C SER I 311 0.79 -5.11 27.65
N ILE I 312 0.15 -4.25 26.87
CA ILE I 312 -1.30 -4.13 26.86
C ILE I 312 -1.77 -4.56 25.47
N ARG I 313 -2.67 -5.51 25.42
CA ARG I 313 -3.16 -5.98 24.14
C ARG I 313 -4.23 -5.04 23.64
N ILE I 314 -3.93 -4.22 22.63
CA ILE I 314 -5.01 -3.58 21.89
C ILE I 314 -5.40 -4.55 20.79
N GLY I 315 -6.20 -5.54 21.16
CA GLY I 315 -6.45 -6.65 20.27
C GLY I 315 -7.21 -6.20 19.06
N PRO I 316 -7.30 -7.05 18.06
CA PRO I 316 -6.66 -8.35 17.98
C PRO I 316 -5.24 -8.24 17.55
N GLY I 317 -4.33 -8.88 18.28
CA GLY I 317 -2.99 -9.07 17.79
C GLY I 317 -2.07 -7.89 17.95
N GLN I 318 -2.61 -6.69 18.07
CA GLN I 318 -1.78 -5.52 18.25
C GLN I 318 -1.54 -5.29 19.74
N ALA I 319 -0.29 -5.03 20.10
CA ALA I 319 0.11 -4.93 21.50
C ALA I 319 0.94 -3.68 21.71
N PHE I 320 0.71 -3.02 22.83
CA PHE I 320 1.29 -1.72 23.14
C PHE I 320 2.15 -1.79 24.39
N TYR I 321 3.36 -1.24 24.29
CA TYR I 321 4.36 -1.34 25.34
C TYR I 321 4.34 -0.09 26.21
N ALA I 322 3.80 -0.18 27.41
CA ALA I 322 3.78 0.96 28.30
C ALA I 322 4.83 0.81 29.39
N THR I 323 5.10 1.91 30.09
CA THR I 323 6.08 1.96 31.16
C THR I 323 5.46 1.35 32.40
N GLY I 324 5.74 0.07 32.63
CA GLY I 324 5.20 -0.63 33.77
C GLY I 324 5.59 0.04 35.07
N ASP I 325 6.87 0.09 35.36
CA ASP I 325 7.34 0.84 36.51
C ASP I 325 8.84 1.09 36.36
N ILE I 326 9.38 1.80 37.34
CA ILE I 326 10.78 2.20 37.39
C ILE I 326 11.35 1.70 38.69
N ILE I 327 12.48 0.99 38.61
CA ILE I 327 13.18 0.55 39.79
C ILE I 327 14.64 0.94 39.65
N GLY I 328 15.31 1.06 40.79
CA GLY I 328 16.70 1.46 40.80
C GLY I 328 16.91 2.88 41.30
N ASP I 329 18.17 3.31 41.17
CA ASP I 329 18.53 4.65 41.59
C ASP I 329 17.83 5.67 40.71
N ILE I 330 16.84 6.34 41.28
CA ILE I 330 16.03 7.32 40.56
C ILE I 330 16.86 8.60 40.54
N ARG I 331 17.90 8.60 39.75
CA ARG I 331 18.58 9.86 39.52
C ARG I 331 17.84 10.57 38.42
N GLN I 332 18.41 11.66 37.96
CA GLN I 332 17.84 12.40 36.84
C GLN I 332 18.69 12.13 35.61
N ALA I 333 18.03 11.80 34.51
CA ALA I 333 18.77 11.52 33.28
C ALA I 333 19.64 12.71 32.93
N HIS I 334 20.87 12.43 32.53
CA HIS I 334 21.83 13.51 32.40
C HIS I 334 23.02 13.08 31.57
N CYS I 335 23.95 14.02 31.42
CA CYS I 335 25.19 13.80 30.69
C CYS I 335 26.35 14.55 31.33
N ASN I 336 27.49 13.87 31.41
CA ASN I 336 28.72 14.39 31.97
C ASN I 336 29.67 14.78 30.85
N VAL I 337 30.46 15.82 31.09
CA VAL I 337 31.48 16.24 30.15
C VAL I 337 32.68 16.82 30.89
N SER I 338 33.89 16.42 30.50
CA SER I 338 35.08 16.95 31.15
C SER I 338 35.18 18.45 30.93
N LYS I 339 35.01 19.22 32.02
CA LYS I 339 35.03 20.67 31.88
C LYS I 339 36.31 21.16 31.23
N ALA I 340 37.43 20.54 31.58
CA ALA I 340 38.72 21.03 31.11
C ALA I 340 38.81 20.99 29.61
N THR I 341 38.51 19.85 29.01
CA THR I 341 38.67 19.72 27.58
C THR I 341 37.70 20.63 26.85
N TRP I 342 36.46 20.72 27.36
CA TRP I 342 35.48 21.59 26.73
C TRP I 342 35.97 23.03 26.73
N ASN I 343 36.49 23.50 27.86
CA ASN I 343 36.94 24.87 27.92
C ASN I 343 38.13 25.10 26.99
N GLU I 344 39.08 24.19 27.00
CA GLU I 344 40.25 24.37 26.15
C GLU I 344 39.87 24.38 24.68
N THR I 345 39.08 23.40 24.27
CA THR I 345 38.70 23.29 22.88
C THR I 345 37.82 24.45 22.45
N LEU I 346 36.94 24.91 23.32
CA LEU I 346 36.16 26.08 22.99
C LEU I 346 37.03 27.33 22.89
N GLY I 347 38.19 27.33 23.57
CA GLY I 347 39.14 28.40 23.32
C GLY I 347 39.80 28.30 21.96
N LYS I 348 40.11 27.08 21.53
CA LYS I 348 40.50 26.89 20.14
C LYS I 348 39.46 27.52 19.22
N VAL I 349 38.20 27.27 19.53
CA VAL I 349 37.10 27.88 18.79
C VAL I 349 37.18 29.39 18.89
N VAL I 350 37.54 29.91 20.06
CA VAL I 350 37.69 31.35 20.22
C VAL I 350 38.69 31.88 19.21
N LYS I 351 39.83 31.20 19.09
CA LYS I 351 40.81 31.57 18.08
C LYS I 351 40.19 31.60 16.71
N GLN I 352 39.50 30.52 16.35
CA GLN I 352 39.04 30.40 14.98
C GLN I 352 37.92 31.38 14.66
N LEU I 353 37.01 31.61 15.60
CA LEU I 353 36.01 32.65 15.40
C LEU I 353 36.67 34.01 15.30
N ARG I 354 37.75 34.22 16.04
CA ARG I 354 38.48 35.47 15.94
C ARG I 354 39.02 35.66 14.53
N LYS I 355 39.57 34.59 13.95
CA LYS I 355 40.19 34.71 12.64
C LYS I 355 39.21 35.16 11.56
N HIS I 356 37.92 35.14 11.83
CA HIS I 356 36.95 35.72 10.92
C HIS I 356 36.46 37.06 11.37
N PHE I 357 36.86 37.52 12.55
CA PHE I 357 36.36 38.77 13.07
C PHE I 357 37.43 39.68 13.66
N GLY I 358 38.69 39.32 13.58
CA GLY I 358 39.72 40.25 14.03
C GLY I 358 40.20 39.99 15.44
N ASN I 359 41.52 40.12 15.65
CA ASN I 359 42.10 39.88 16.95
C ASN I 359 41.75 40.97 17.96
N ASN I 360 40.82 41.87 17.59
CA ASN I 360 40.41 42.98 18.45
C ASN I 360 38.96 42.87 18.91
N THR I 361 38.47 41.67 19.18
CA THR I 361 37.06 41.42 19.44
C THR I 361 36.86 40.61 20.71
N ILE I 362 35.61 40.56 21.15
CA ILE I 362 35.18 39.75 22.29
C ILE I 362 33.97 38.94 21.88
N ILE I 363 34.03 37.63 22.08
CA ILE I 363 32.97 36.73 21.61
C ILE I 363 32.18 36.21 22.80
N ARG I 364 30.88 36.14 22.66
CA ARG I 364 30.07 35.61 23.74
C ARG I 364 29.24 34.44 23.25
N PHE I 365 29.27 33.34 24.01
CA PHE I 365 28.41 32.19 23.78
C PHE I 365 27.32 32.20 24.83
N ALA I 366 26.09 32.40 24.38
CA ALA I 366 24.92 32.34 25.23
C ALA I 366 24.12 31.11 24.84
N ASN I 367 23.26 30.69 25.76
CA ASN I 367 22.36 29.61 25.42
C ASN I 367 21.36 30.10 24.39
N SER I 368 20.60 29.19 23.80
CA SER I 368 19.63 29.60 22.79
C SER I 368 18.51 30.40 23.42
N SER I 369 17.90 31.27 22.62
CA SER I 369 16.98 32.27 23.11
C SER I 369 15.54 31.80 23.18
N GLY I 370 15.32 30.50 23.34
CA GLY I 370 14.00 29.99 23.62
C GLY I 370 13.26 29.63 22.34
N GLY I 371 12.05 29.13 22.52
CA GLY I 371 11.25 28.68 21.40
C GLY I 371 10.75 27.25 21.54
N ASP I 372 10.67 26.54 20.41
CA ASP I 372 10.25 25.15 20.41
C ASP I 372 11.30 24.28 21.07
N LEU I 373 10.85 23.16 21.63
CA LEU I 373 11.77 22.29 22.35
C LEU I 373 12.83 21.74 21.43
N GLU I 374 12.44 21.31 20.23
CA GLU I 374 13.37 20.60 19.36
C GLU I 374 14.55 21.44 18.93
N VAL I 375 14.49 22.76 19.10
CA VAL I 375 15.64 23.61 18.80
C VAL I 375 16.30 24.15 20.07
N THR I 376 15.58 24.24 21.17
CA THR I 376 16.17 24.77 22.38
C THR I 376 17.20 23.85 22.99
N THR I 377 17.17 22.57 22.67
CA THR I 377 18.00 21.62 23.36
C THR I 377 18.82 20.78 22.40
N HIS I 378 19.84 20.16 22.97
CA HIS I 378 20.60 19.11 22.32
C HIS I 378 19.73 17.87 22.35
N SER I 379 18.94 17.71 21.31
CA SER I 379 18.13 16.50 21.15
C SER I 379 18.89 15.49 20.30
N PHE I 380 18.77 14.23 20.68
CA PHE I 380 19.47 13.18 19.95
C PHE I 380 18.87 11.84 20.36
N ASN I 381 19.36 10.76 19.77
CA ASN I 381 18.89 9.42 20.09
C ASN I 381 20.07 8.56 20.50
N CYS I 382 19.82 7.71 21.46
CA CYS I 382 20.89 7.10 22.26
C CYS I 382 20.34 5.87 22.95
N GLY I 383 20.90 4.73 22.61
CA GLY I 383 20.40 3.48 23.14
C GLY I 383 18.96 3.21 22.82
N GLY I 384 18.38 3.96 21.90
CA GLY I 384 16.99 3.75 21.58
C GLY I 384 16.17 4.90 22.10
N GLU I 385 16.60 5.51 23.19
CA GLU I 385 15.78 6.57 23.74
C GLU I 385 16.07 7.90 23.08
N PHE I 386 15.24 8.87 23.41
CA PHE I 386 15.34 10.21 22.84
C PHE I 386 15.63 11.21 23.95
N PHE I 387 16.78 11.87 23.83
CA PHE I 387 17.26 12.77 24.86
C PHE I 387 17.15 14.22 24.42
N TYR I 388 16.68 15.06 25.36
CA TYR I 388 16.65 16.51 25.19
C TYR I 388 17.49 17.08 26.33
N CYS I 389 18.72 17.48 26.02
CA CYS I 389 19.63 18.03 27.02
C CYS I 389 19.63 19.55 26.92
N ASN I 390 19.36 20.21 28.04
CA ASN I 390 19.50 21.67 28.10
C ASN I 390 20.97 22.03 28.11
N THR I 391 21.38 22.92 27.22
CA THR I 391 22.80 23.19 27.03
C THR I 391 23.21 24.52 27.61
N SER I 392 22.37 25.14 28.43
CA SER I 392 22.76 26.38 29.08
C SER I 392 24.14 26.23 29.70
N GLY I 393 24.37 25.12 30.38
CA GLY I 393 25.67 24.87 30.95
C GLY I 393 26.79 24.71 29.97
N LEU I 394 26.62 25.09 28.70
CA LEU I 394 27.74 24.99 27.78
C LEU I 394 28.01 26.24 26.96
N PHE I 395 27.06 27.17 26.88
CA PHE I 395 27.29 28.45 26.21
C PHE I 395 26.87 29.55 27.18
N ASN I 396 27.79 29.88 28.09
CA ASN I 396 27.51 30.77 29.19
C ASN I 396 28.75 31.62 29.48
N SER I 397 29.37 32.16 28.44
CA SER I 397 30.65 32.79 28.69
C SER I 397 30.97 33.81 27.62
N THR I 398 31.41 34.99 28.04
CA THR I 398 32.01 35.97 27.16
C THR I 398 33.53 35.85 27.25
N TRP I 399 34.21 36.16 26.17
CA TRP I 399 35.63 35.89 26.01
C TRP I 399 36.33 37.09 25.41
N ILE I 400 37.34 37.58 26.12
CA ILE I 400 38.09 38.78 25.81
C ILE I 400 38.98 38.56 24.59
N SER I 401 39.56 39.64 24.07
CA SER I 401 40.48 39.51 22.95
C SER I 401 41.64 38.58 23.28
N ASN I 402 42.11 38.60 24.53
CA ASN I 402 43.22 37.75 24.93
C ASN I 402 43.33 37.67 26.44
N ASN I 414 37.13 16.30 39.05
CA ASN I 414 37.87 16.50 37.80
C ASN I 414 38.12 17.98 37.48
N ASP I 415 37.10 18.86 37.44
CA ASP I 415 35.69 18.54 37.60
C ASP I 415 35.04 18.42 36.23
N SER I 416 33.76 18.12 36.22
CA SER I 416 33.02 17.91 34.99
C SER I 416 31.70 18.68 35.02
N ILE I 417 31.21 19.01 33.84
CA ILE I 417 29.96 19.75 33.68
C ILE I 417 28.84 18.74 33.55
N THR I 418 27.80 18.95 34.34
CA THR I 418 26.60 18.13 34.31
C THR I 418 25.50 18.81 33.53
N LEU I 419 24.87 18.04 32.65
CA LEU I 419 23.82 18.52 31.76
C LEU I 419 22.54 17.79 32.13
N PRO I 420 21.51 18.50 32.54
CA PRO I 420 20.27 17.86 32.96
C PRO I 420 19.33 17.69 31.78
N CYS I 421 19.05 16.46 31.37
CA CYS I 421 18.26 16.21 30.17
C CYS I 421 16.93 15.58 30.54
N ARG I 422 15.93 15.85 29.71
CA ARG I 422 14.61 15.26 29.85
C ARG I 422 14.39 14.24 28.75
N ILE I 423 13.39 13.37 28.97
CA ILE I 423 13.12 12.26 28.07
C ILE I 423 11.74 12.42 27.47
N LYS I 424 11.68 12.36 26.15
CA LYS I 424 10.44 12.53 25.44
C LYS I 424 10.04 11.21 24.81
N GLN I 425 8.76 11.07 24.53
CA GLN I 425 8.24 9.89 23.88
C GLN I 425 7.71 10.14 22.49
N ILE I 426 6.70 11.00 22.36
CA ILE I 426 5.95 11.11 21.12
C ILE I 426 6.74 12.07 20.24
N ILE I 427 7.74 11.56 19.56
CA ILE I 427 8.66 12.46 18.91
C ILE I 427 8.13 12.79 17.53
N ASN I 428 8.20 14.05 17.15
CA ASN I 428 7.81 14.51 15.81
C ASN I 428 9.08 14.71 15.01
N MET I 429 9.39 13.77 14.15
CA MET I 429 10.68 13.78 13.50
C MET I 429 10.68 14.66 12.27
N TRP I 430 11.78 15.38 12.09
CA TRP I 430 12.02 16.25 10.94
C TRP I 430 11.05 17.42 10.86
N GLN I 431 10.57 17.89 12.00
CA GLN I 431 9.65 19.02 12.10
C GLN I 431 8.37 18.80 11.30
N ARG I 432 8.23 17.63 10.72
CA ARG I 432 7.04 17.29 9.96
C ARG I 432 5.89 17.17 10.93
N ILE I 433 4.73 17.67 10.55
CA ILE I 433 3.55 17.53 11.37
C ILE I 433 2.61 16.56 10.68
N GLY I 434 1.67 16.03 11.44
CA GLY I 434 0.82 14.98 10.93
C GLY I 434 1.41 13.59 11.02
N GLN I 435 2.60 13.44 11.59
CA GLN I 435 3.22 12.13 11.73
C GLN I 435 3.85 12.05 13.10
N ALA I 436 3.82 10.87 13.69
CA ALA I 436 4.30 10.77 15.05
C ALA I 436 4.65 9.34 15.38
N MET I 437 5.93 9.12 15.65
CA MET I 437 6.45 7.83 16.06
C MET I 437 6.35 7.78 17.57
N TYR I 438 6.21 6.59 18.12
CA TYR I 438 6.12 6.42 19.56
C TYR I 438 7.15 5.40 19.99
N ALA I 439 8.27 5.87 20.43
CA ALA I 439 9.31 4.96 20.89
C ALA I 439 8.76 4.13 22.03
N PRO I 440 9.18 2.87 22.17
CA PRO I 440 8.70 2.07 23.27
C PRO I 440 9.62 2.23 24.46
N PRO I 441 9.13 1.97 25.67
CA PRO I 441 10.00 2.04 26.84
C PRO I 441 11.09 1.00 26.72
N ILE I 442 12.33 1.46 26.56
CA ILE I 442 13.45 0.54 26.43
C ILE I 442 13.80 0.01 27.81
N GLN I 443 13.76 -1.30 27.95
CA GLN I 443 13.94 -1.87 29.27
C GLN I 443 15.39 -1.82 29.67
N GLY I 444 15.62 -1.79 30.98
CA GLY I 444 16.95 -1.83 31.52
C GLY I 444 17.49 -0.45 31.79
N VAL I 445 18.79 -0.40 32.02
CA VAL I 445 19.53 0.82 32.30
C VAL I 445 20.25 1.26 31.04
N ILE I 446 20.33 2.56 30.81
CA ILE I 446 20.91 3.07 29.57
C ILE I 446 22.19 3.82 29.89
N ARG I 447 23.27 3.44 29.23
CA ARG I 447 24.56 4.11 29.43
C ARG I 447 25.23 4.21 28.07
N CYS I 448 25.51 5.42 27.65
CA CYS I 448 25.73 5.70 26.25
C CYS I 448 26.71 6.83 26.09
N VAL I 449 27.80 6.56 25.38
CA VAL I 449 28.96 7.43 25.39
C VAL I 449 29.21 7.88 23.97
N SER I 450 29.73 9.07 23.81
CA SER I 450 29.80 9.63 22.48
C SER I 450 30.81 10.77 22.42
N ASN I 451 31.22 11.09 21.20
CA ASN I 451 32.02 12.26 20.94
C ASN I 451 31.09 13.42 20.64
N ILE I 452 31.59 14.64 20.77
CA ILE I 452 30.94 15.79 20.15
C ILE I 452 31.98 16.43 19.25
N THR I 453 31.77 16.38 17.95
CA THR I 453 32.83 16.82 17.07
C THR I 453 32.60 18.20 16.46
N GLY I 454 31.39 18.74 16.52
CA GLY I 454 31.16 19.98 15.84
C GLY I 454 30.12 20.82 16.52
N LEU I 455 29.84 21.96 15.91
CA LEU I 455 28.93 22.94 16.47
C LEU I 455 28.16 23.64 15.36
N ILE I 456 26.99 24.16 15.71
CA ILE I 456 26.06 24.80 14.79
C ILE I 456 25.55 26.08 15.44
N LEU I 457 26.13 27.21 15.06
CA LEU I 457 25.88 28.43 15.79
C LEU I 457 25.13 29.44 14.94
N THR I 458 24.53 30.43 15.61
CA THR I 458 23.72 31.46 14.99
C THR I 458 24.08 32.81 15.61
N ARG I 459 24.31 33.79 14.75
CA ARG I 459 24.75 35.13 15.09
C ARG I 459 23.56 36.06 15.24
N ASP I 460 23.71 37.06 16.10
CA ASP I 460 22.70 38.10 16.26
C ASP I 460 23.27 39.50 16.20
N GLY I 461 24.56 39.65 15.96
CA GLY I 461 25.30 40.89 16.10
C GLY I 461 25.11 41.75 14.84
N GLY I 462 26.01 42.73 14.65
CA GLY I 462 25.96 43.81 13.67
C GLY I 462 25.08 44.96 14.12
N SER I 463 24.91 45.10 15.44
CA SER I 463 24.37 46.32 16.05
C SER I 463 25.41 46.78 17.08
N THR I 464 25.98 47.97 16.86
CA THR I 464 27.15 48.41 17.61
C THR I 464 28.23 47.33 17.53
N ASN I 465 28.67 47.02 16.32
CA ASN I 465 29.44 45.83 16.00
C ASN I 465 30.92 46.18 16.04
N SER I 466 31.51 46.14 17.22
CA SER I 466 32.93 46.44 17.29
C SER I 466 33.75 45.28 17.84
N THR I 467 33.45 44.86 19.04
CA THR I 467 34.25 43.83 19.68
C THR I 467 33.40 42.71 20.26
N THR I 468 32.23 43.01 20.80
CA THR I 468 31.42 42.06 21.55
C THR I 468 30.37 41.43 20.63
N GLU I 469 30.67 40.23 20.15
CA GLU I 469 29.70 39.43 19.39
C GLU I 469 29.20 38.28 20.25
N THR I 470 27.90 38.00 20.10
CA THR I 470 27.25 36.94 20.86
C THR I 470 26.68 35.91 19.90
N PHE I 471 26.99 34.65 20.19
CA PHE I 471 26.59 33.52 19.35
C PHE I 471 25.77 32.58 20.20
N ARG I 472 24.67 32.08 19.64
CA ARG I 472 23.95 31.09 20.40
C ARG I 472 23.66 29.87 19.53
N PRO I 473 23.49 28.70 20.13
CA PRO I 473 23.29 27.49 19.33
C PRO I 473 21.83 27.28 19.00
N GLY I 474 21.60 26.55 17.92
CA GLY I 474 20.23 26.24 17.53
C GLY I 474 20.16 25.60 16.16
N GLY I 475 19.06 25.87 15.46
CA GLY I 475 18.80 25.28 14.18
C GLY I 475 17.53 24.46 14.13
N GLY I 476 17.66 23.16 13.91
CA GLY I 476 16.52 22.28 13.77
C GLY I 476 16.42 21.58 12.43
N ASP I 477 17.21 21.96 11.44
CA ASP I 477 17.25 21.20 10.20
C ASP I 477 18.40 20.21 10.24
N MET I 478 18.07 18.94 10.12
CA MET I 478 19.13 17.96 10.06
C MET I 478 20.03 18.18 8.86
N ARG I 479 19.50 18.76 7.78
CA ARG I 479 20.32 18.88 6.57
C ARG I 479 21.61 19.62 6.85
N ASP I 480 21.62 20.43 7.91
CA ASP I 480 22.91 20.88 8.40
C ASP I 480 23.78 19.70 8.81
N ASN I 481 23.29 18.85 9.71
CA ASN I 481 24.06 17.69 10.11
C ASN I 481 24.62 17.00 8.89
N TRP I 482 23.79 16.82 7.87
CA TRP I 482 24.22 16.05 6.71
C TRP I 482 25.27 16.79 5.91
N ARG I 483 25.18 18.11 5.81
CA ARG I 483 26.19 18.81 5.04
C ARG I 483 27.55 18.74 5.72
N SER I 484 27.55 18.47 7.01
CA SER I 484 28.81 18.44 7.74
C SER I 484 29.69 17.25 7.39
N GLU I 485 29.16 16.21 6.76
CA GLU I 485 29.98 15.08 6.38
C GLU I 485 30.04 14.87 4.88
N LEU I 486 29.24 15.59 4.12
CA LEU I 486 29.29 15.48 2.68
C LEU I 486 29.99 16.68 2.04
N TYR I 487 30.48 17.59 2.86
CA TYR I 487 31.17 18.77 2.37
C TYR I 487 32.36 18.41 1.50
N LYS I 488 33.00 17.29 1.79
CA LYS I 488 34.13 16.84 0.99
C LYS I 488 33.71 16.07 -0.25
N TYR I 489 32.41 15.90 -0.47
CA TYR I 489 31.94 14.99 -1.50
C TYR I 489 31.17 15.72 -2.59
N LYS I 490 31.32 15.23 -3.81
CA LYS I 490 30.61 15.81 -4.93
C LYS I 490 30.46 14.76 -6.02
N VAL I 491 29.28 14.71 -6.63
CA VAL I 491 28.99 13.72 -7.66
C VAL I 491 29.22 14.36 -9.02
N VAL I 492 29.82 13.61 -9.92
CA VAL I 492 29.99 14.11 -11.28
C VAL I 492 29.57 13.05 -12.27
N LYS I 493 28.98 13.53 -13.35
CA LYS I 493 28.56 12.68 -14.45
C LYS I 493 29.72 12.56 -15.41
N ILE I 494 29.93 11.39 -15.89
CA ILE I 494 31.03 11.15 -16.79
C ILE I 494 30.51 11.17 -18.22
N GLU I 495 31.31 11.72 -19.13
CA GLU I 495 30.97 11.83 -20.54
C GLU I 495 32.07 11.19 -21.37
N PRO I 496 32.15 9.89 -21.37
CA PRO I 496 33.31 9.22 -21.98
C PRO I 496 33.41 9.47 -23.48
N LEU I 497 32.54 10.31 -24.01
CA LEU I 497 32.62 10.76 -25.39
C LEU I 497 33.45 12.03 -25.45
N GLY I 498 34.34 12.13 -26.42
CA GLY I 498 35.13 13.33 -26.51
C GLY I 498 35.49 13.76 -27.90
N VAL I 499 35.36 15.04 -28.18
CA VAL I 499 35.84 15.59 -29.43
C VAL I 499 37.02 16.51 -29.10
N ALA I 500 38.07 16.41 -29.92
CA ALA I 500 39.27 17.21 -29.68
C ALA I 500 40.07 17.23 -30.96
N PRO I 501 40.91 18.23 -31.14
CA PRO I 501 41.75 18.26 -32.34
C PRO I 501 43.12 17.62 -32.13
N THR I 502 43.49 16.82 -33.11
CA THR I 502 44.85 16.35 -33.33
C THR I 502 44.97 16.19 -34.84
N ARG I 503 46.04 15.55 -35.29
CA ARG I 503 46.17 15.39 -36.74
C ARG I 503 45.37 14.18 -37.23
N CYS I 504 44.14 14.07 -36.75
CA CYS I 504 43.08 13.36 -37.43
C CYS I 504 42.04 14.42 -37.75
N LYS I 505 41.28 14.24 -38.84
CA LYS I 505 41.15 15.36 -39.76
C LYS I 505 39.76 15.96 -40.03
N ARG I 506 38.67 15.20 -39.93
CA ARG I 506 37.39 15.50 -40.58
C ARG I 506 36.94 16.97 -40.38
N ARG I 507 36.10 17.45 -41.32
CA ARG I 507 35.52 18.80 -41.34
C ARG I 507 34.00 18.76 -41.31
N VAL I 508 33.41 19.90 -41.69
CA VAL I 508 31.98 20.06 -41.96
C VAL I 508 31.59 19.45 -43.31
N VAL J 15 51.20 3.91 -18.24
CA VAL J 15 51.33 4.04 -16.79
C VAL J 15 49.97 3.82 -16.15
N PHE J 16 49.91 2.98 -15.12
CA PHE J 16 48.65 2.66 -14.46
C PHE J 16 48.25 3.81 -13.53
N LEU J 17 47.57 4.80 -14.11
CA LEU J 17 46.98 5.85 -13.30
C LEU J 17 45.75 5.34 -12.57
N GLY J 18 44.73 4.93 -13.32
CA GLY J 18 43.48 4.47 -12.75
C GLY J 18 42.31 5.30 -13.24
N PHE J 19 41.16 5.04 -12.63
CA PHE J 19 39.93 5.70 -13.01
C PHE J 19 40.08 7.21 -12.91
N LEU J 20 39.96 7.89 -14.04
CA LEU J 20 40.19 9.32 -14.14
C LEU J 20 41.63 9.68 -13.77
N GLY J 21 42.51 8.68 -13.73
CA GLY J 21 43.84 8.89 -13.20
C GLY J 21 44.64 9.94 -13.94
N ALA J 22 44.28 10.20 -15.19
CA ALA J 22 44.98 11.20 -16.00
C ALA J 22 44.23 12.52 -16.05
N ALA J 23 43.31 12.74 -15.12
CA ALA J 23 42.58 14.00 -15.11
C ALA J 23 43.52 15.18 -14.96
N GLY J 24 44.49 15.06 -14.06
CA GLY J 24 45.50 16.08 -13.93
C GLY J 24 46.68 15.80 -14.84
N SER J 25 46.43 15.82 -16.14
CA SER J 25 47.50 15.59 -17.12
C SER J 25 47.09 16.21 -18.44
N THR J 26 48.09 16.56 -19.24
CA THR J 26 47.82 17.07 -20.57
C THR J 26 47.05 16.02 -21.38
N MET J 27 46.33 16.49 -22.39
CA MET J 27 45.46 15.59 -23.12
C MET J 27 46.24 14.44 -23.74
N GLY J 28 47.43 14.71 -24.26
CA GLY J 28 48.24 13.64 -24.81
C GLY J 28 48.65 12.63 -23.78
N ALA J 29 48.71 13.04 -22.51
CA ALA J 29 49.02 12.10 -21.46
C ALA J 29 47.87 11.13 -21.27
N ALA J 30 46.66 11.65 -21.03
CA ALA J 30 45.48 10.82 -20.92
C ALA J 30 45.24 10.02 -22.19
N SER J 31 45.88 10.39 -23.29
CA SER J 31 45.66 9.74 -24.57
C SER J 31 46.07 8.27 -24.56
N MET J 32 46.44 7.73 -23.41
CA MET J 32 46.82 6.34 -23.32
C MET J 32 46.00 5.55 -22.30
N THR J 33 45.24 6.23 -21.46
CA THR J 33 44.59 5.56 -20.36
C THR J 33 43.08 5.60 -20.52
N LEU J 34 42.61 5.40 -21.74
CA LEU J 34 41.20 5.58 -22.03
C LEU J 34 40.36 4.45 -21.46
N THR J 35 40.88 3.23 -21.55
CA THR J 35 40.10 2.05 -21.20
C THR J 35 39.67 2.06 -19.75
N VAL J 36 40.46 2.72 -18.89
CA VAL J 36 40.26 2.56 -17.46
C VAL J 36 38.92 3.15 -17.06
N GLN J 37 38.51 4.23 -17.70
CA GLN J 37 37.18 4.73 -17.43
C GLN J 37 36.12 3.82 -18.01
N ALA J 38 36.38 3.26 -19.19
CA ALA J 38 35.37 2.46 -19.85
C ALA J 38 34.98 1.26 -19.01
N ARG J 39 35.96 0.62 -18.38
CA ARG J 39 35.61 -0.52 -17.55
C ARG J 39 34.59 -0.20 -16.50
N ASN J 40 34.66 0.99 -15.91
CA ASN J 40 33.77 1.31 -14.81
C ASN J 40 32.34 1.54 -15.26
N LEU J 41 32.04 1.29 -16.53
CA LEU J 41 30.69 1.52 -17.01
C LEU J 41 29.75 0.36 -16.73
N LEU J 42 30.19 -0.63 -15.96
CA LEU J 42 29.19 -1.55 -15.42
C LEU J 42 29.41 -1.96 -13.97
N SER J 43 30.61 -1.88 -13.43
CA SER J 43 30.90 -2.22 -12.04
C SER J 43 30.59 -3.68 -11.69
N GLY J 44 30.30 -4.51 -12.69
CA GLY J 44 30.20 -5.94 -12.47
C GLY J 44 29.21 -6.43 -11.43
N ILE J 45 29.73 -6.90 -10.29
CA ILE J 45 29.00 -7.61 -9.24
C ILE J 45 27.77 -6.86 -8.75
N VAL J 46 27.59 -5.62 -9.20
CA VAL J 46 26.89 -4.56 -8.47
C VAL J 46 25.74 -5.10 -7.63
N GLN J 47 24.96 -6.02 -8.18
CA GLN J 47 23.81 -6.62 -7.48
C GLN J 47 22.78 -5.56 -7.14
N GLN J 48 23.04 -4.31 -7.51
CA GLN J 48 22.19 -3.19 -7.14
C GLN J 48 21.25 -2.83 -8.27
N LEU J 63 11.89 -9.10 -2.26
CA LEU J 63 12.14 -7.70 -1.92
C LEU J 63 11.09 -6.79 -2.56
N LYS J 64 10.34 -6.14 -1.69
CA LYS J 64 9.17 -5.36 -2.06
C LYS J 64 9.64 -3.97 -2.54
N LEU J 65 8.79 -2.93 -2.52
CA LEU J 65 9.21 -1.58 -2.87
C LEU J 65 10.63 -1.29 -2.41
N THR J 66 10.89 -1.44 -1.11
CA THR J 66 12.25 -1.46 -0.60
C THR J 66 13.06 -0.25 -1.02
N VAL J 67 12.78 0.91 -0.42
CA VAL J 67 13.62 2.08 -0.67
C VAL J 67 15.06 1.62 -0.72
N TRP J 68 15.78 2.14 -1.71
CA TRP J 68 17.02 1.60 -2.26
C TRP J 68 16.80 0.44 -3.22
N GLY J 69 15.60 -0.12 -3.29
CA GLY J 69 15.38 -1.11 -4.32
C GLY J 69 15.03 -0.44 -5.63
N ILE J 70 13.95 0.34 -5.61
CA ILE J 70 13.67 1.21 -6.74
C ILE J 70 14.89 2.01 -7.10
N LYS J 71 15.65 2.45 -6.09
CA LYS J 71 16.86 3.19 -6.38
C LYS J 71 17.86 2.33 -7.13
N GLN J 72 18.06 1.11 -6.67
CA GLN J 72 18.98 0.21 -7.35
C GLN J 72 18.62 0.08 -8.82
N LEU J 73 17.39 -0.31 -9.10
CA LEU J 73 17.01 -0.60 -10.47
C LEU J 73 17.05 0.66 -11.32
N GLN J 74 16.54 1.77 -10.78
CA GLN J 74 16.53 3.01 -11.53
C GLN J 74 17.96 3.43 -11.82
N ALA J 75 18.87 3.10 -10.92
CA ALA J 75 20.27 3.34 -11.16
C ALA J 75 20.78 2.52 -12.33
N ARG J 76 20.54 1.22 -12.31
CA ARG J 76 21.11 0.38 -13.36
C ARG J 76 20.57 0.79 -14.72
N VAL J 77 19.27 1.03 -14.79
CA VAL J 77 18.70 1.41 -16.07
C VAL J 77 19.28 2.74 -16.49
N LEU J 78 19.52 3.65 -15.55
CA LEU J 78 20.13 4.90 -15.93
C LEU J 78 21.50 4.65 -16.49
N ALA J 79 22.23 3.72 -15.90
CA ALA J 79 23.59 3.48 -16.34
C ALA J 79 23.60 2.95 -17.76
N VAL J 80 22.83 1.90 -18.03
CA VAL J 80 22.85 1.36 -19.37
C VAL J 80 22.28 2.36 -20.36
N GLU J 81 21.29 3.14 -19.95
CA GLU J 81 20.75 4.16 -20.83
C GLU J 81 21.83 5.15 -21.20
N ARG J 82 22.56 5.62 -20.19
CA ARG J 82 23.67 6.53 -20.44
C ARG J 82 24.65 5.91 -21.39
N TYR J 83 25.05 4.68 -21.11
CA TYR J 83 26.01 3.98 -21.95
C TYR J 83 25.53 3.92 -23.38
N LEU J 84 24.28 3.57 -23.56
CA LEU J 84 23.79 3.34 -24.90
C LEU J 84 23.61 4.63 -25.66
N ARG J 85 23.33 5.73 -24.98
CA ARG J 85 23.25 6.98 -25.70
C ARG J 85 24.54 7.25 -26.45
N ASP J 86 25.66 7.20 -25.74
CA ASP J 86 26.91 7.52 -26.41
C ASP J 86 27.34 6.40 -27.33
N GLN J 87 27.09 5.15 -26.95
CA GLN J 87 27.44 4.10 -27.89
C GLN J 87 26.67 4.27 -29.17
N GLN J 88 25.44 4.78 -29.07
CA GLN J 88 24.66 5.11 -30.24
C GLN J 88 25.34 6.20 -31.04
N LEU J 89 25.74 7.27 -30.36
CA LEU J 89 26.45 8.34 -31.03
C LEU J 89 27.64 7.80 -31.81
N LEU J 90 28.36 6.87 -31.22
CA LEU J 90 29.49 6.28 -31.93
C LEU J 90 29.02 5.37 -33.05
N GLY J 91 27.84 4.78 -32.91
CA GLY J 91 27.35 3.94 -33.97
C GLY J 91 27.08 4.83 -35.16
N ILE J 92 26.56 6.00 -34.88
CA ILE J 92 26.23 6.93 -35.94
C ILE J 92 27.49 7.45 -36.61
N TRP J 93 28.37 8.09 -35.86
CA TRP J 93 29.69 8.36 -36.40
C TRP J 93 30.36 7.02 -36.59
N GLY J 94 30.05 6.36 -37.69
CA GLY J 94 30.28 4.94 -37.70
C GLY J 94 31.75 4.62 -37.62
N CYS J 95 32.17 4.30 -36.40
CA CYS J 95 33.50 3.74 -36.23
C CYS J 95 33.40 2.37 -35.57
N SER J 96 32.89 2.37 -34.34
CA SER J 96 32.80 1.21 -33.44
C SER J 96 34.18 0.68 -33.06
N GLY J 97 35.21 1.08 -33.81
CA GLY J 97 36.60 0.80 -33.49
C GLY J 97 37.15 1.99 -32.76
N LYS J 98 36.71 2.17 -31.53
CA LYS J 98 36.66 3.49 -30.94
C LYS J 98 38.06 3.98 -30.54
N LEU J 99 38.06 5.06 -29.77
CA LEU J 99 39.21 5.78 -29.24
C LEU J 99 39.94 6.58 -30.30
N ILE J 100 39.71 6.26 -31.59
CA ILE J 100 40.33 6.95 -32.72
C ILE J 100 39.46 6.81 -33.97
N CYS J 101 39.05 7.94 -34.54
CA CYS J 101 38.46 7.95 -35.87
C CYS J 101 39.11 9.04 -36.69
N CYS J 102 39.61 8.66 -37.87
CA CYS J 102 40.36 9.62 -38.66
C CYS J 102 40.06 9.42 -40.13
N THR J 103 39.86 10.53 -40.81
CA THR J 103 39.64 10.59 -42.23
C THR J 103 40.65 11.58 -42.83
N ASN J 104 40.41 11.96 -44.07
CA ASN J 104 41.37 12.78 -44.80
C ASN J 104 40.84 14.17 -45.15
N VAL J 105 39.71 14.58 -44.58
CA VAL J 105 39.07 15.86 -44.85
C VAL J 105 39.61 16.92 -43.89
N PRO J 106 39.88 18.17 -44.31
CA PRO J 106 40.46 19.16 -43.37
C PRO J 106 39.47 19.47 -42.23
N TRP J 107 39.88 20.37 -41.32
CA TRP J 107 39.07 20.75 -40.16
C TRP J 107 38.87 22.25 -40.13
N ASN J 108 37.71 22.69 -39.66
CA ASN J 108 37.39 24.12 -39.53
C ASN J 108 38.12 24.75 -38.34
N SER J 109 38.87 25.82 -38.63
CA SER J 109 39.63 26.51 -37.62
C SER J 109 38.84 27.58 -36.88
N SER J 110 37.64 27.93 -37.36
CA SER J 110 36.90 29.05 -36.78
C SER J 110 36.60 28.86 -35.31
N TRP J 111 36.50 27.62 -34.84
CA TRP J 111 36.00 27.33 -33.50
C TRP J 111 37.15 27.39 -32.50
N SER J 112 37.33 28.59 -31.94
CA SER J 112 38.34 28.87 -30.92
C SER J 112 39.73 28.45 -31.38
N ASN J 113 40.23 29.10 -32.44
CA ASN J 113 41.48 28.69 -33.06
C ASN J 113 42.62 28.81 -32.07
N ARG J 114 43.40 27.74 -31.95
CA ARG J 114 44.49 27.67 -30.99
C ARG J 114 45.65 26.90 -31.60
N ASN J 115 46.77 26.90 -30.89
CA ASN J 115 47.98 26.27 -31.38
C ASN J 115 48.11 24.85 -30.87
N LEU J 116 48.98 24.09 -31.53
CA LEU J 116 49.28 22.73 -31.08
C LEU J 116 49.87 22.74 -29.68
N SER J 117 50.90 23.56 -29.45
CA SER J 117 51.47 23.69 -28.12
C SER J 117 50.46 24.26 -27.14
N GLU J 118 49.51 25.05 -27.64
CA GLU J 118 48.45 25.59 -26.81
C GLU J 118 47.50 24.49 -26.32
N ILE J 119 47.66 23.28 -26.82
CA ILE J 119 46.77 22.18 -26.46
C ILE J 119 47.57 21.12 -25.70
N TRP J 120 48.64 20.64 -26.31
CA TRP J 120 49.37 19.51 -25.75
C TRP J 120 50.43 19.97 -24.77
N ASP J 121 50.95 21.17 -24.93
CA ASP J 121 51.91 21.71 -23.99
C ASP J 121 51.27 22.78 -23.10
N ASN J 122 49.99 23.05 -23.28
CA ASN J 122 49.36 24.07 -22.47
C ASN J 122 48.01 23.68 -21.90
N MET J 123 47.46 22.52 -22.22
CA MET J 123 46.10 22.25 -21.81
C MET J 123 45.90 20.79 -21.47
N THR J 124 45.11 20.59 -20.42
CA THR J 124 44.56 19.30 -20.05
C THR J 124 43.11 19.27 -20.49
N TRP J 125 42.55 18.06 -20.52
CA TRP J 125 41.20 17.87 -21.02
C TRP J 125 40.20 18.75 -20.30
N LEU J 126 40.34 18.86 -18.99
CA LEU J 126 39.43 19.68 -18.21
C LEU J 126 39.36 21.08 -18.79
N GLN J 127 40.48 21.80 -18.80
CA GLN J 127 40.47 23.13 -19.36
C GLN J 127 39.98 23.16 -20.80
N TRP J 128 40.18 22.07 -21.53
CA TRP J 128 39.80 22.06 -22.94
C TRP J 128 38.29 22.06 -23.11
N ASP J 129 37.60 21.22 -22.37
CA ASP J 129 36.15 21.16 -22.53
C ASP J 129 35.50 22.50 -22.21
N LYS J 130 36.04 23.25 -21.25
CA LYS J 130 35.48 24.56 -20.95
C LYS J 130 35.43 25.43 -22.20
N GLU J 131 36.45 25.32 -23.06
CA GLU J 131 36.49 26.14 -24.26
C GLU J 131 35.70 25.53 -25.41
N ILE J 132 35.60 24.21 -25.49
CA ILE J 132 34.93 23.61 -26.62
C ILE J 132 33.43 23.43 -26.38
N SER J 133 32.95 23.76 -25.18
CA SER J 133 31.57 23.50 -24.80
C SER J 133 30.54 24.13 -25.74
N ASN J 134 30.94 25.03 -26.63
CA ASN J 134 29.95 25.71 -27.45
C ASN J 134 29.64 24.94 -28.72
N TYR J 135 30.66 24.36 -29.34
CA TYR J 135 30.53 23.88 -30.71
C TYR J 135 30.11 22.43 -30.79
N THR J 136 29.80 21.81 -29.65
CA THR J 136 29.53 20.39 -29.60
C THR J 136 28.39 19.99 -30.52
N GLN J 137 27.22 20.59 -30.33
CA GLN J 137 26.07 20.18 -31.11
C GLN J 137 26.28 20.43 -32.58
N ILE J 138 27.03 21.47 -32.91
CA ILE J 138 27.45 21.69 -34.28
C ILE J 138 28.21 20.47 -34.79
N ILE J 139 29.30 20.15 -34.12
CA ILE J 139 30.19 19.11 -34.61
C ILE J 139 29.44 17.80 -34.76
N TYR J 140 28.54 17.52 -33.82
CA TYR J 140 27.81 16.29 -33.87
C TYR J 140 27.09 16.13 -35.19
N GLY J 141 26.56 17.22 -35.72
CA GLY J 141 25.71 17.11 -36.88
C GLY J 141 26.47 16.75 -38.12
N LEU J 142 27.61 17.41 -38.33
CA LEU J 142 28.34 17.17 -39.58
C LEU J 142 29.11 15.87 -39.52
N LEU J 143 29.68 15.53 -38.36
CA LEU J 143 30.28 14.20 -38.29
C LEU J 143 29.25 13.13 -38.55
N GLU J 144 28.01 13.38 -38.11
CA GLU J 144 26.92 12.46 -38.38
C GLU J 144 26.56 12.43 -39.87
N GLU J 145 26.35 13.59 -40.47
CA GLU J 145 25.78 13.62 -41.81
C GLU J 145 26.83 13.32 -42.87
N SER J 146 27.90 14.11 -42.87
CA SER J 146 28.82 14.17 -43.99
C SER J 146 29.45 12.82 -44.29
N GLN J 147 30.20 12.26 -43.35
CA GLN J 147 30.92 11.05 -43.69
C GLN J 147 29.97 9.88 -43.86
N ASN J 148 28.94 9.80 -43.03
CA ASN J 148 27.99 8.72 -43.19
C ASN J 148 27.40 8.71 -44.60
N GLN J 149 26.93 9.86 -45.07
CA GLN J 149 26.31 9.89 -46.37
C GLN J 149 27.33 9.69 -47.50
N GLN J 150 28.54 10.25 -47.35
CA GLN J 150 29.50 10.10 -48.44
C GLN J 150 29.98 8.67 -48.54
N GLU J 151 30.44 8.10 -47.43
CA GLU J 151 30.80 6.70 -47.39
C GLU J 151 29.61 5.81 -47.70
N LYS J 152 28.40 6.33 -47.61
CA LYS J 152 27.28 5.57 -48.10
C LYS J 152 27.16 5.70 -49.60
N ASN J 153 26.59 4.68 -50.20
CA ASN J 153 26.22 4.68 -51.61
C ASN J 153 27.45 4.62 -52.50
N GLU J 154 28.63 4.80 -51.91
CA GLU J 154 29.83 4.50 -52.69
C GLU J 154 30.13 3.02 -52.61
N GLN J 155 29.91 2.43 -51.44
CA GLN J 155 29.86 0.98 -51.33
C GLN J 155 28.78 0.44 -52.26
N ASP J 156 27.68 1.17 -52.39
CA ASP J 156 26.67 0.85 -53.38
C ASP J 156 27.20 0.97 -54.79
N LEU J 157 28.13 1.92 -55.03
CA LEU J 157 28.72 2.04 -56.35
C LEU J 157 29.68 0.89 -56.64
N LEU J 158 30.48 0.49 -55.65
CA LEU J 158 31.48 -0.56 -55.88
C LEU J 158 30.90 -1.94 -55.72
N ALA J 159 29.60 -2.06 -55.46
CA ALA J 159 28.92 -3.34 -55.45
C ALA J 159 28.50 -3.79 -56.84
N LEU J 160 29.09 -3.21 -57.87
CA LEU J 160 28.77 -3.54 -59.25
C LEU J 160 29.87 -4.34 -59.93
N ASP J 161 31.11 -3.87 -59.88
CA ASP J 161 32.22 -4.62 -60.44
C ASP J 161 33.34 -4.77 -59.41
N ASP K 1 15.25 -18.15 42.90
CA ASP K 1 14.78 -17.39 44.05
C ASP K 1 15.70 -17.59 45.24
N ILE K 2 15.16 -17.30 46.42
CA ILE K 2 15.94 -17.35 47.66
C ILE K 2 15.90 -18.73 48.29
N ARG K 3 16.90 -19.55 48.01
CA ARG K 3 17.05 -20.87 48.63
C ARG K 3 18.50 -21.01 49.08
N ILE K 4 18.78 -20.53 50.29
CA ILE K 4 20.14 -20.46 50.82
C ILE K 4 20.51 -21.79 51.47
N ALA K 5 21.80 -22.12 51.46
CA ALA K 5 22.30 -23.37 52.06
C ALA K 5 23.57 -23.09 52.85
N GLU K 6 23.43 -22.90 54.16
CA GLU K 6 24.58 -22.74 55.03
C GLU K 6 25.23 -24.08 55.32
N SER K 7 26.55 -24.07 55.49
CA SER K 7 27.32 -25.26 55.82
C SER K 7 28.77 -24.86 56.01
N GLY K 8 29.57 -25.81 56.47
CA GLY K 8 31.01 -25.67 56.49
C GLY K 8 31.65 -25.68 57.87
N GLY K 9 30.89 -25.81 58.94
CA GLY K 9 31.47 -25.76 60.27
C GLY K 9 32.39 -26.95 60.53
N GLY K 10 32.92 -26.97 61.75
CA GLY K 10 33.78 -28.07 62.17
C GLY K 10 33.90 -28.21 63.67
N LEU K 11 34.02 -29.45 64.13
CA LEU K 11 34.28 -29.77 65.53
C LEU K 11 35.76 -30.11 65.63
N VAL K 12 36.56 -29.11 65.95
CA VAL K 12 38.01 -29.22 65.85
C VAL K 12 38.68 -28.64 67.09
N GLN K 13 40.00 -28.60 67.09
CA GLN K 13 40.82 -28.04 68.13
C GLN K 13 41.45 -26.72 67.68
N PRO K 14 41.79 -25.83 68.61
CA PRO K 14 42.22 -24.49 68.22
C PRO K 14 43.46 -24.51 67.34
N GLY K 15 43.62 -23.44 66.56
CA GLY K 15 44.81 -23.30 65.74
C GLY K 15 44.71 -23.98 64.40
N GLU K 16 43.70 -23.62 63.60
CA GLU K 16 43.55 -24.20 62.27
C GLU K 16 42.70 -23.27 61.41
N SER K 17 42.23 -23.80 60.28
CA SER K 17 41.41 -23.08 59.33
C SER K 17 40.18 -23.92 59.01
N LEU K 18 39.22 -23.30 58.31
CA LEU K 18 37.96 -23.95 57.99
C LEU K 18 37.35 -23.25 56.79
N ARG K 19 36.47 -23.97 56.08
CA ARG K 19 35.80 -23.44 54.91
C ARG K 19 34.29 -23.44 55.12
N LEU K 20 33.69 -22.27 54.92
CA LEU K 20 32.25 -22.10 54.98
C LEU K 20 31.69 -21.83 53.58
N ALA K 21 30.43 -22.22 53.38
CA ALA K 21 29.83 -22.09 52.06
C ALA K 21 28.30 -21.98 52.21
N CYS K 22 27.76 -20.80 51.91
CA CYS K 22 26.34 -20.63 51.67
C CYS K 22 26.09 -20.95 50.21
N GLU K 23 25.01 -21.69 49.94
CA GLU K 23 24.62 -21.94 48.57
C GLU K 23 23.19 -21.48 48.37
N ILE K 24 22.98 -20.60 47.39
CA ILE K 24 21.65 -20.17 47.00
C ILE K 24 21.50 -20.48 45.52
N ILE K 25 20.35 -21.03 45.13
CA ILE K 25 20.18 -21.67 43.83
C ILE K 25 18.97 -21.08 43.12
N GLU K 26 18.92 -21.25 41.79
CA GLU K 26 17.77 -20.84 40.97
C GLU K 26 17.53 -19.34 41.10
N LEU K 27 18.62 -18.58 41.07
CA LEU K 27 18.54 -17.15 41.17
C LEU K 27 19.91 -16.62 40.82
N GLY K 28 19.98 -15.31 40.60
CA GLY K 28 21.27 -14.68 40.54
C GLY K 28 22.09 -14.88 41.79
N PHE K 29 23.06 -15.78 41.64
CA PHE K 29 24.16 -15.89 42.60
C PHE K 29 25.03 -14.65 42.54
N ARG K 30 25.47 -14.29 41.33
CA ARG K 30 26.24 -13.06 41.21
C ARG K 30 25.32 -11.87 40.95
N ARG K 31 24.28 -11.76 41.78
CA ARG K 31 23.31 -10.69 41.67
C ARG K 31 22.85 -10.17 43.02
N ALA K 32 23.60 -10.41 44.10
CA ALA K 32 23.35 -9.75 45.37
C ALA K 32 24.56 -9.92 46.26
N TRP K 33 25.06 -8.81 46.80
CA TRP K 33 26.00 -8.87 47.91
C TRP K 33 25.40 -9.69 49.03
N THR K 34 26.19 -10.60 49.58
CA THR K 34 25.83 -11.24 50.83
C THR K 34 26.89 -10.93 51.89
N THR K 35 26.50 -11.10 53.12
CA THR K 35 27.37 -10.85 54.26
C THR K 35 27.37 -12.08 55.17
N TRP K 36 28.05 -11.94 56.30
CA TRP K 36 28.22 -13.02 57.26
C TRP K 36 28.00 -12.47 58.64
N VAL K 37 27.16 -13.12 59.43
CA VAL K 37 26.87 -12.66 60.77
C VAL K 37 26.76 -13.88 61.69
N ARG K 38 27.50 -13.87 62.78
CA ARG K 38 27.47 -14.97 63.71
C ARG K 38 26.57 -14.65 64.88
N GLN K 39 26.54 -15.56 65.84
CA GLN K 39 25.83 -15.34 67.09
C GLN K 39 26.53 -16.22 68.12
N ALA K 40 27.18 -15.59 69.10
CA ALA K 40 27.63 -16.36 70.23
C ALA K 40 26.41 -17.01 70.88
N PRO K 41 26.49 -18.24 71.29
CA PRO K 41 25.28 -19.00 71.60
C PRO K 41 24.60 -18.46 72.84
N GLY K 42 23.82 -17.39 72.64
CA GLY K 42 23.13 -16.72 73.72
C GLY K 42 23.36 -15.24 73.62
N LYS K 43 24.00 -14.81 72.53
CA LYS K 43 24.36 -13.42 72.32
C LYS K 43 23.72 -12.91 71.04
N GLY K 44 24.10 -11.71 70.64
CA GLY K 44 23.39 -10.97 69.62
C GLY K 44 23.98 -11.11 68.24
N LEU K 45 23.91 -10.01 67.50
CA LEU K 45 24.32 -9.96 66.10
C LEU K 45 25.77 -9.53 65.99
N GLU K 46 26.50 -10.19 65.09
CA GLU K 46 27.92 -9.91 64.89
C GLU K 46 28.22 -10.05 63.40
N TRP K 47 28.24 -8.93 62.68
CA TRP K 47 28.61 -9.01 61.29
C TRP K 47 30.07 -9.39 61.16
N VAL K 48 30.34 -10.28 60.21
CA VAL K 48 31.67 -10.83 60.03
C VAL K 48 32.36 -10.20 58.83
N ALA K 49 31.84 -10.44 57.63
CA ALA K 49 32.57 -10.08 56.43
C ALA K 49 31.60 -9.91 55.29
N ASP K 50 31.83 -8.91 54.46
CA ASP K 50 30.97 -8.60 53.34
C ASP K 50 31.59 -9.09 52.05
N ILE K 51 30.80 -9.05 50.97
CA ILE K 51 31.31 -9.44 49.66
C ILE K 51 30.48 -8.80 48.57
N ASN K 52 31.11 -8.61 47.42
CA ASN K 52 30.38 -8.25 46.24
C ASN K 52 29.67 -9.47 45.65
N GLU K 53 28.73 -9.22 44.74
CA GLU K 53 28.22 -10.33 43.95
C GLU K 53 29.35 -11.00 43.20
N ASP K 54 30.31 -10.20 42.73
CA ASP K 54 31.51 -10.71 42.13
C ASP K 54 32.63 -10.88 43.13
N GLY K 55 32.45 -10.39 44.35
CA GLY K 55 33.55 -10.39 45.30
C GLY K 55 34.62 -9.38 45.01
N SER K 56 34.36 -8.43 44.10
CA SER K 56 35.37 -7.43 43.76
C SER K 56 35.79 -6.62 44.98
N GLU K 57 34.87 -6.41 45.90
CA GLU K 57 35.13 -5.65 47.11
C GLU K 57 34.68 -6.46 48.31
N LYS K 58 35.51 -6.51 49.33
CA LYS K 58 35.20 -7.21 50.58
C LYS K 58 35.75 -6.41 51.73
N LYS K 59 34.98 -6.33 52.81
CA LYS K 59 35.42 -5.77 54.08
C LYS K 59 34.97 -6.69 55.22
N TYR K 60 35.74 -6.68 56.30
CA TYR K 60 35.57 -7.60 57.39
C TYR K 60 35.29 -6.82 58.66
N GLY K 61 34.62 -7.46 59.59
CA GLY K 61 34.32 -6.84 60.86
C GLY K 61 35.54 -6.75 61.74
N PRO K 62 35.45 -5.93 62.77
CA PRO K 62 36.60 -5.78 63.68
C PRO K 62 36.98 -7.08 64.34
N SER K 63 36.00 -7.85 64.81
CA SER K 63 36.27 -9.03 65.62
C SER K 63 37.21 -9.99 64.90
N VAL K 64 37.07 -10.15 63.60
CA VAL K 64 37.90 -11.11 62.88
C VAL K 64 38.68 -10.34 61.83
N THR K 65 39.10 -9.13 62.19
CA THR K 65 39.82 -8.26 61.27
C THR K 65 40.93 -9.02 60.55
N GLY K 66 40.79 -9.17 59.24
CA GLY K 66 41.80 -9.80 58.41
C GLY K 66 42.24 -11.17 58.85
N ARG K 67 41.32 -11.97 59.38
CA ARG K 67 41.71 -13.31 59.81
C ARG K 67 40.97 -14.39 59.02
N PHE K 68 39.75 -14.09 58.59
CA PHE K 68 38.98 -15.01 57.76
C PHE K 68 38.89 -14.42 56.36
N THR K 69 39.39 -15.16 55.38
CA THR K 69 39.44 -14.71 53.99
C THR K 69 38.15 -15.11 53.30
N ILE K 70 37.31 -14.12 53.01
CA ILE K 70 36.06 -14.37 52.32
C ILE K 70 36.31 -14.29 50.81
N SER K 71 35.62 -15.15 50.06
CA SER K 71 35.65 -15.10 48.61
C SER K 71 34.46 -15.90 48.10
N ARG K 72 34.44 -16.12 46.79
CA ARG K 72 33.35 -16.90 46.23
C ARG K 72 33.76 -17.48 44.88
N ASP K 73 33.38 -18.72 44.67
CA ASP K 73 33.27 -19.28 43.33
C ASP K 73 32.17 -18.55 42.60
N ASN K 74 32.48 -18.04 41.41
CA ASN K 74 31.53 -17.24 40.65
C ASN K 74 30.79 -18.08 39.61
N GLY K 75 31.52 -18.77 38.73
CA GLY K 75 30.87 -19.56 37.70
C GLY K 75 30.15 -20.79 38.24
N LYS K 76 30.79 -21.51 39.17
CA LYS K 76 30.08 -22.55 39.90
C LYS K 76 29.12 -21.98 40.92
N ASN K 77 29.30 -20.72 41.29
CA ASN K 77 28.33 -19.99 42.09
C ASN K 77 28.26 -20.55 43.52
N LEU K 78 29.41 -20.54 44.20
CA LEU K 78 29.48 -20.89 45.60
C LEU K 78 30.18 -19.77 46.33
N VAL K 79 30.01 -19.69 47.65
CA VAL K 79 30.76 -18.73 48.45
C VAL K 79 31.67 -19.50 49.38
N PHE K 80 32.88 -18.98 49.59
CA PHE K 80 33.92 -19.68 50.31
C PHE K 80 34.50 -18.72 51.33
N LEU K 81 34.03 -18.87 52.56
CA LEU K 81 34.62 -18.15 53.69
C LEU K 81 35.70 -19.06 54.24
N GLN K 82 36.93 -18.86 53.77
CA GLN K 82 38.06 -19.61 54.30
C GLN K 82 38.49 -18.91 55.60
N MET K 83 37.84 -19.30 56.68
CA MET K 83 38.27 -18.81 57.99
C MET K 83 39.63 -19.40 58.31
N ASN K 84 40.49 -18.59 58.91
CA ASN K 84 41.83 -19.02 59.25
C ASN K 84 42.12 -18.68 60.69
N SER K 85 42.99 -19.47 61.32
CA SER K 85 43.33 -19.30 62.73
C SER K 85 42.07 -19.32 63.57
N LEU K 86 41.48 -20.50 63.69
CA LEU K 86 40.30 -20.69 64.51
C LEU K 86 40.68 -20.83 65.98
N ARG K 87 39.91 -20.16 66.84
CA ARG K 87 40.26 -20.10 68.26
C ARG K 87 39.00 -20.24 69.09
N VAL K 88 39.18 -20.63 70.35
CA VAL K 88 38.06 -20.79 71.27
C VAL K 88 37.38 -19.44 71.52
N GLU K 89 38.12 -18.35 71.38
CA GLU K 89 37.57 -17.02 71.60
C GLU K 89 36.37 -16.73 70.71
N ASP K 90 36.20 -17.49 69.63
CA ASP K 90 35.11 -17.26 68.69
C ASP K 90 34.07 -18.38 68.72
N THR K 91 33.93 -19.07 69.84
CA THR K 91 32.94 -20.13 69.95
C THR K 91 31.52 -19.56 69.80
N ALA K 92 30.82 -20.00 68.77
CA ALA K 92 29.51 -19.44 68.43
C ALA K 92 28.86 -20.34 67.38
N THR K 93 27.75 -19.86 66.84
CA THR K 93 27.18 -20.39 65.62
C THR K 93 27.14 -19.27 64.59
N TYR K 94 26.93 -19.61 63.33
CA TYR K 94 27.09 -18.64 62.26
C TYR K 94 25.89 -18.68 61.31
N TYR K 95 25.67 -17.55 60.64
CA TYR K 95 24.49 -17.33 59.81
C TYR K 95 24.86 -16.41 58.65
N CYS K 96 23.99 -16.45 57.64
CA CYS K 96 24.29 -15.96 56.32
C CYS K 96 23.07 -15.20 55.80
N ALA K 97 23.30 -14.05 55.16
CA ALA K 97 22.19 -13.19 54.78
C ALA K 97 22.67 -12.19 53.74
N ARG K 98 21.80 -11.23 53.39
CA ARG K 98 22.11 -10.18 52.43
C ARG K 98 21.10 -9.03 52.59
N GLU K 99 21.44 -7.91 51.95
CA GLU K 99 20.80 -6.62 52.16
C GLU K 99 20.01 -6.22 50.93
N ALA K 100 18.86 -5.56 51.10
CA ALA K 100 17.95 -5.43 49.95
C ALA K 100 17.10 -4.15 49.96
N TYR K 101 17.63 -3.02 50.38
CA TYR K 101 16.83 -1.82 50.13
C TYR K 101 16.78 -1.42 48.68
N HIS K 102 17.46 -2.18 47.83
CA HIS K 102 17.75 -1.91 46.44
C HIS K 102 16.62 -1.33 45.58
N LEU K 103 15.39 -1.85 45.75
CA LEU K 103 14.32 -1.69 44.76
C LEU K 103 14.38 -0.31 44.10
N VAL K 104 14.56 0.71 44.91
CA VAL K 104 14.62 2.09 44.44
C VAL K 104 15.54 2.85 45.38
N TYR K 105 16.71 3.26 44.88
CA TYR K 105 17.67 3.95 45.73
C TYR K 105 17.60 5.44 45.49
N ASP K 106 17.11 6.16 46.49
CA ASP K 106 16.62 7.52 46.32
C ASP K 106 17.67 8.56 46.70
N ASP K 107 18.89 8.37 46.22
CA ASP K 107 19.97 9.16 46.77
C ASP K 107 21.22 8.91 45.96
N ARG K 108 22.26 9.64 46.32
CA ARG K 108 23.62 9.26 46.01
C ARG K 108 24.22 8.42 47.11
N ILE K 109 23.71 8.54 48.34
CA ILE K 109 24.23 7.78 49.47
C ILE K 109 23.13 6.91 50.07
N PRO K 110 23.44 5.68 50.49
CA PRO K 110 22.41 4.74 50.90
C PRO K 110 21.91 4.97 52.31
N ARG K 111 20.69 4.50 52.55
CA ARG K 111 20.15 4.50 53.91
C ARG K 111 20.76 3.40 54.76
N GLY K 112 21.60 2.56 54.19
CA GLY K 112 22.09 1.43 54.93
C GLY K 112 21.97 0.14 54.15
N ASN K 113 21.47 -0.90 54.82
CA ASN K 113 21.42 -2.24 54.25
C ASN K 113 20.49 -3.08 55.12
N TRP K 114 20.21 -4.29 54.67
CA TRP K 114 19.33 -5.20 55.38
C TRP K 114 20.02 -6.53 55.62
N PHE K 115 19.29 -7.44 56.28
CA PHE K 115 19.69 -8.85 56.39
C PHE K 115 18.40 -9.67 56.30
N ASP K 116 18.01 -9.98 55.07
CA ASP K 116 16.74 -10.61 54.78
C ASP K 116 16.72 -12.13 54.83
N PRO K 117 17.66 -12.82 54.18
CA PRO K 117 17.62 -14.29 54.20
C PRO K 117 18.32 -14.89 55.40
N TRP K 118 17.74 -15.95 55.91
CA TRP K 118 18.31 -16.70 57.02
C TRP K 118 18.37 -18.17 56.63
N GLY K 119 18.96 -18.97 57.52
CA GLY K 119 19.04 -20.40 57.30
C GLY K 119 19.45 -21.14 58.55
N PRO K 120 19.95 -22.35 58.40
CA PRO K 120 20.36 -23.12 59.58
C PRO K 120 21.58 -22.54 60.27
N GLY K 121 22.40 -21.83 59.55
CA GLY K 121 23.70 -21.47 60.07
C GLY K 121 24.63 -22.65 59.98
N THR K 122 25.76 -22.54 60.66
CA THR K 122 26.70 -23.64 60.67
C THR K 122 27.12 -23.92 62.10
N LEU K 123 27.76 -25.08 62.29
CA LEU K 123 28.24 -25.53 63.58
C LEU K 123 29.75 -25.40 63.60
N VAL K 124 30.26 -24.57 64.51
CA VAL K 124 31.70 -24.43 64.72
C VAL K 124 31.99 -24.57 66.20
N THR K 125 32.92 -25.47 66.53
CA THR K 125 33.39 -25.65 67.90
C THR K 125 34.86 -26.03 67.79
N VAL K 126 35.73 -25.04 67.95
CA VAL K 126 37.16 -25.25 67.74
C VAL K 126 37.89 -25.26 69.09
N SER K 127 37.97 -26.44 69.70
CA SER K 127 38.48 -26.57 71.06
C SER K 127 38.58 -28.03 71.40
N SER K 128 39.25 -28.32 72.52
CA SER K 128 39.39 -29.70 72.98
C SER K 128 38.69 -29.89 74.31
N SER L 2 30.59 0.96 69.20
CA SER L 2 29.61 0.45 68.26
C SER L 2 28.51 -0.31 68.98
N VAL L 3 27.87 0.37 69.92
CA VAL L 3 26.76 -0.19 70.68
C VAL L 3 25.63 0.83 70.68
N LEU L 4 24.42 0.36 70.44
CA LEU L 4 23.25 1.22 70.54
C LEU L 4 22.69 1.14 71.95
N THR L 5 22.17 2.27 72.42
CA THR L 5 21.67 2.32 73.79
C THR L 5 20.37 1.53 73.87
N GLN L 6 20.48 0.23 73.70
CA GLN L 6 19.27 -0.57 73.79
C GLN L 6 19.01 -0.94 75.23
N PRO L 7 17.84 -0.61 75.77
CA PRO L 7 17.51 -1.00 77.14
C PRO L 7 17.65 -2.50 77.32
N PRO L 8 18.29 -2.94 78.41
CA PRO L 8 18.45 -4.38 78.64
C PRO L 8 17.14 -5.09 78.90
N SER L 9 16.04 -4.37 79.14
CA SER L 9 14.75 -5.01 79.35
C SER L 9 13.65 -3.99 79.12
N VAL L 10 12.70 -4.32 78.26
CA VAL L 10 11.47 -3.57 78.12
C VAL L 10 10.38 -4.30 78.85
N SER L 11 9.44 -3.55 79.41
CA SER L 11 8.42 -4.11 80.28
C SER L 11 7.06 -3.57 79.91
N GLY L 12 6.04 -4.37 80.19
CA GLY L 12 4.67 -3.96 79.98
C GLY L 12 3.77 -5.14 80.20
N ALA L 13 2.68 -4.93 80.93
CA ALA L 13 1.73 -6.01 81.09
C ALA L 13 1.19 -6.38 79.71
N PRO L 14 0.76 -7.63 79.53
CA PRO L 14 0.14 -8.00 78.26
C PRO L 14 -0.93 -7.00 77.85
N GLY L 15 -0.87 -6.57 76.60
CA GLY L 15 -1.74 -5.54 76.10
C GLY L 15 -1.20 -4.13 76.26
N GLN L 16 -0.24 -3.93 77.16
CA GLN L 16 0.25 -2.58 77.38
C GLN L 16 1.16 -2.16 76.25
N ARG L 17 1.26 -0.85 76.08
CA ARG L 17 2.19 -0.30 75.11
C ARG L 17 3.59 -0.37 75.67
N VAL L 18 4.55 -0.71 74.82
CA VAL L 18 5.96 -0.67 75.17
C VAL L 18 6.71 0.14 74.12
N VAL L 19 7.79 0.77 74.57
CA VAL L 19 8.63 1.61 73.74
C VAL L 19 10.07 1.27 74.08
N ILE L 20 10.93 1.29 73.08
CA ILE L 20 12.35 1.03 73.29
C ILE L 20 13.13 2.11 72.58
N SER L 21 14.00 2.78 73.31
CA SER L 21 14.81 3.87 72.77
C SER L 21 16.20 3.35 72.44
N CYS L 22 16.32 2.79 71.23
CA CYS L 22 17.61 2.36 70.72
C CYS L 22 18.33 3.56 70.14
N THR L 23 19.13 4.24 70.95
CA THR L 23 19.77 5.47 70.51
C THR L 23 21.27 5.28 70.38
N GLY L 24 21.87 6.10 69.52
CA GLY L 24 23.29 6.04 69.26
C GLY L 24 23.94 7.39 69.39
N SER L 25 24.69 7.83 68.39
CA SER L 25 25.46 9.07 68.52
C SER L 25 25.33 9.88 67.24
N ARG L 26 26.21 10.88 67.11
CA ARG L 26 26.40 11.67 65.90
C ARG L 26 26.71 10.76 64.74
N SER L 27 27.15 9.56 65.06
CA SER L 27 27.88 8.69 64.16
C SER L 27 27.00 7.66 63.49
N ASN L 28 25.89 7.31 64.12
CA ASN L 28 25.03 6.26 63.60
C ASN L 28 23.63 6.76 63.27
N ILE L 29 22.93 7.35 64.23
CA ILE L 29 21.62 7.91 63.95
C ILE L 29 21.73 9.38 63.64
N GLY L 30 22.61 10.08 64.36
CA GLY L 30 23.06 11.38 63.91
C GLY L 30 23.75 11.33 62.56
N ALA L 31 24.17 10.14 62.12
CA ALA L 31 24.82 10.00 60.83
C ALA L 31 23.85 10.20 59.66
N GLY L 32 22.59 9.84 59.84
CA GLY L 32 21.59 10.02 58.80
C GLY L 32 21.02 8.76 58.19
N TYR L 33 21.33 7.59 58.72
CA TYR L 33 20.86 6.32 58.21
C TYR L 33 19.58 5.92 58.96
N ASP L 34 19.19 4.65 58.86
CA ASP L 34 17.98 4.17 59.52
C ASP L 34 18.28 3.08 60.53
N VAL L 35 17.39 2.97 61.52
CA VAL L 35 17.50 1.97 62.57
C VAL L 35 16.77 0.72 62.08
N HIS L 36 17.51 -0.16 61.43
CA HIS L 36 16.90 -1.38 60.92
C HIS L 36 16.75 -2.34 62.08
N TRP L 37 15.61 -2.28 62.77
CA TRP L 37 15.40 -3.18 63.88
C TRP L 37 15.30 -4.61 63.38
N TYR L 38 15.45 -5.56 64.29
CA TYR L 38 15.32 -6.98 63.97
C TYR L 38 14.62 -7.69 65.13
N GLN L 39 13.39 -8.14 64.89
CA GLN L 39 12.67 -8.89 65.91
C GLN L 39 13.14 -10.34 65.90
N GLN L 40 13.34 -10.90 67.08
CA GLN L 40 13.76 -12.28 67.24
C GLN L 40 12.76 -13.02 68.11
N SER L 41 12.52 -14.23 67.77
CA SER L 41 11.70 -15.00 68.70
C SER L 41 12.60 -15.75 69.68
N PRO L 42 12.09 -16.04 70.88
CA PRO L 42 12.85 -16.89 71.80
C PRO L 42 13.23 -18.21 71.16
N GLY L 43 14.53 -18.42 70.96
CA GLY L 43 15.03 -19.64 70.35
C GLY L 43 15.06 -19.64 68.84
N LYS L 44 14.50 -18.63 68.18
CA LYS L 44 14.48 -18.59 66.73
C LYS L 44 15.40 -17.49 66.22
N VAL L 45 15.69 -17.55 64.92
CA VAL L 45 16.52 -16.55 64.26
C VAL L 45 15.73 -15.26 64.20
N PRO L 46 16.37 -14.10 64.39
CA PRO L 46 15.66 -12.84 64.24
C PRO L 46 15.30 -12.58 62.78
N ARG L 47 14.59 -11.48 62.57
CA ARG L 47 14.17 -11.10 61.23
C ARG L 47 13.92 -9.60 61.21
N ILE L 48 13.62 -9.09 60.01
CA ILE L 48 13.28 -7.68 59.85
C ILE L 48 11.86 -7.46 60.35
N ILE L 49 11.71 -6.58 61.33
CA ILE L 49 10.41 -6.10 61.77
C ILE L 49 10.17 -4.67 61.31
N ILE L 50 11.20 -3.84 61.36
CA ILE L 50 11.08 -2.43 61.03
C ILE L 50 12.33 -2.03 60.26
N TYR L 51 12.16 -1.83 58.96
CA TYR L 51 13.18 -1.22 58.13
C TYR L 51 12.82 0.23 57.85
N GLY L 52 13.76 0.95 57.25
CA GLY L 52 13.53 2.35 56.97
C GLY L 52 13.33 3.18 58.22
N SER L 53 13.49 2.53 59.36
CA SER L 53 13.42 3.11 60.69
C SER L 53 12.00 3.46 61.09
N ASN L 54 11.07 3.39 60.15
CA ASN L 54 9.69 3.67 60.48
C ASN L 54 8.69 2.83 59.70
N SER L 55 9.13 1.93 58.84
CA SER L 55 8.26 1.29 57.87
C SER L 55 7.98 -0.15 58.27
N ARG L 56 6.72 -0.56 58.06
CA ARG L 56 6.33 -1.94 58.32
C ARG L 56 6.62 -2.79 57.10
N SER L 57 6.93 -4.05 57.35
CA SER L 57 6.92 -5.06 56.32
C SER L 57 5.68 -5.91 56.48
N SER L 58 5.61 -7.00 55.73
CA SER L 58 4.52 -7.94 55.85
C SER L 58 4.44 -8.49 57.26
N GLY L 59 3.25 -8.98 57.61
CA GLY L 59 3.06 -9.75 58.83
C GLY L 59 3.35 -9.02 60.12
N VAL L 60 3.74 -7.76 60.07
CA VAL L 60 4.00 -6.96 61.27
C VAL L 60 2.78 -6.08 61.51
N PRO L 61 2.01 -6.31 62.56
CA PRO L 61 0.91 -5.40 62.88
C PRO L 61 1.38 -3.96 63.04
N ALA L 62 0.46 -3.04 62.72
CA ALA L 62 0.73 -1.63 62.90
C ALA L 62 1.01 -1.27 64.34
N ARG L 63 0.62 -2.15 65.28
CA ARG L 63 1.05 -2.01 66.66
C ARG L 63 2.55 -1.81 66.73
N PHE L 64 3.26 -2.32 65.74
CA PHE L 64 4.71 -2.29 65.71
C PHE L 64 5.14 -1.28 64.66
N SER L 65 5.87 -0.27 65.09
CA SER L 65 6.30 0.77 64.16
C SER L 65 7.55 1.44 64.71
N GLY L 66 8.55 1.63 63.85
CA GLY L 66 9.76 2.33 64.23
C GLY L 66 9.61 3.82 64.01
N SER L 67 10.61 4.56 64.51
CA SER L 67 10.69 5.98 64.23
C SER L 67 12.11 6.44 64.53
N LYS L 68 12.54 7.44 63.78
CA LYS L 68 13.87 8.03 63.91
C LYS L 68 13.70 9.53 64.05
N SER L 69 14.20 10.09 65.16
CA SER L 69 14.07 11.51 65.45
C SER L 69 15.47 12.06 65.78
N GLY L 70 16.12 12.63 64.78
CA GLY L 70 17.45 13.19 64.94
C GLY L 70 18.50 12.16 65.31
N THR L 71 18.99 12.21 66.53
CA THR L 71 19.96 11.23 67.01
C THR L 71 19.30 10.11 67.79
N SER L 72 17.98 10.18 67.99
CA SER L 72 17.29 9.10 68.68
C SER L 72 16.59 8.22 67.66
N ALA L 73 16.44 6.95 68.01
CA ALA L 73 15.70 6.01 67.19
C ALA L 73 14.98 5.07 68.13
N SER L 74 13.66 5.03 68.04
CA SER L 74 12.89 4.26 69.00
C SER L 74 11.76 3.53 68.31
N LEU L 75 11.39 2.40 68.89
CA LEU L 75 10.32 1.58 68.36
C LEU L 75 9.08 1.73 69.24
N ALA L 76 7.93 1.41 68.66
CA ALA L 76 6.66 1.46 69.35
C ALA L 76 5.93 0.13 69.15
N ILE L 77 5.45 -0.45 70.23
CA ILE L 77 4.58 -1.62 70.19
C ILE L 77 3.38 -1.32 71.05
N THR L 78 2.19 -1.60 70.54
CA THR L 78 0.99 -1.50 71.34
C THR L 78 0.37 -2.89 71.48
N GLY L 79 -0.54 -3.00 72.43
CA GLY L 79 -1.20 -4.28 72.67
C GLY L 79 -0.22 -5.41 72.85
N LEU L 80 0.90 -5.14 73.52
CA LEU L 80 1.94 -6.15 73.69
C LEU L 80 1.36 -7.42 74.28
N GLN L 81 1.68 -8.55 73.64
CA GLN L 81 1.19 -9.83 74.12
C GLN L 81 2.31 -10.85 73.98
N ALA L 82 2.00 -12.11 74.33
CA ALA L 82 3.03 -13.14 74.36
C ALA L 82 3.61 -13.39 72.99
N GLU L 83 2.78 -13.39 71.95
CA GLU L 83 3.29 -13.43 70.59
C GLU L 83 4.14 -12.22 70.28
N ASP L 84 3.99 -11.17 71.07
CA ASP L 84 4.80 -9.97 70.93
C ASP L 84 5.90 -9.89 71.98
N GLU L 85 5.77 -10.63 73.08
CA GLU L 85 6.81 -10.67 74.09
C GLU L 85 8.00 -11.43 73.51
N ALA L 86 8.92 -10.73 72.87
CA ALA L 86 10.00 -11.36 72.13
C ALA L 86 11.22 -10.45 72.14
N ASP L 87 12.24 -10.83 71.39
CA ASP L 87 13.51 -10.12 71.36
C ASP L 87 13.53 -9.06 70.27
N TYR L 88 14.36 -8.05 70.48
CA TYR L 88 14.50 -6.96 69.52
C TYR L 88 15.94 -6.50 69.53
N TYR L 89 16.54 -6.40 68.35
CA TYR L 89 17.95 -6.04 68.21
C TYR L 89 18.08 -5.04 67.09
N CYS L 90 18.54 -3.84 67.41
CA CYS L 90 18.69 -2.84 66.38
C CYS L 90 20.08 -2.87 65.81
N GLN L 91 20.23 -2.23 64.67
CA GLN L 91 21.50 -2.22 63.97
C GLN L 91 21.43 -1.14 62.91
N SER L 92 22.55 -0.46 62.74
CA SER L 92 22.63 0.58 61.72
C SER L 92 24.10 0.86 61.42
N TYR L 93 24.38 2.02 60.81
CA TYR L 93 25.66 2.35 60.20
C TYR L 93 26.43 3.25 61.16
N ASP L 94 27.75 3.10 61.21
CA ASP L 94 28.59 3.99 61.97
C ASP L 94 29.46 4.81 61.01
N THR L 95 29.49 6.13 61.26
CA THR L 95 30.28 7.09 60.54
C THR L 95 31.72 7.15 61.03
N THR L 96 32.00 6.58 62.20
CA THR L 96 33.33 6.66 62.79
C THR L 96 34.19 5.45 62.42
N LEU L 97 33.86 4.27 62.91
CA LEU L 97 34.78 3.16 62.69
C LEU L 97 34.14 1.87 62.20
N THR L 98 32.86 1.62 62.50
CA THR L 98 32.25 0.31 62.32
C THR L 98 31.10 0.34 61.30
N ALA L 99 30.83 -0.82 60.72
CA ALA L 99 29.72 -0.97 59.78
C ALA L 99 28.38 -1.02 60.51
N SER L 100 28.22 -2.00 61.39
CA SER L 100 26.91 -2.37 61.92
C SER L 100 26.89 -2.21 63.43
N VAL L 101 26.44 -1.05 63.89
CA VAL L 101 26.21 -0.86 65.31
C VAL L 101 24.99 -1.67 65.72
N PHE L 102 25.09 -2.32 66.89
CA PHE L 102 24.02 -3.14 67.45
C PHE L 102 23.65 -2.65 68.84
N GLY L 103 22.36 -2.66 69.14
CA GLY L 103 21.92 -2.54 70.51
C GLY L 103 22.13 -3.82 71.27
N GLY L 104 21.93 -3.75 72.59
CA GLY L 104 22.14 -4.91 73.43
C GLY L 104 21.09 -6.00 73.30
N GLY L 105 20.01 -5.74 72.58
CA GLY L 105 18.91 -6.69 72.62
C GLY L 105 17.93 -6.38 73.72
N THR L 106 16.68 -6.82 73.53
CA THR L 106 15.64 -6.57 74.51
C THR L 106 14.48 -7.52 74.30
N LYS L 107 13.99 -8.08 75.40
CA LYS L 107 12.79 -8.89 75.39
C LYS L 107 11.83 -8.37 76.47
N VAL L 108 10.58 -8.80 76.39
CA VAL L 108 9.63 -8.51 77.45
C VAL L 108 9.75 -9.60 78.50
C1 NAG M . 5.36 11.74 -53.90
C2 NAG M . 6.87 11.94 -54.08
C3 NAG M . 7.17 12.45 -55.48
C4 NAG M . 6.56 11.51 -56.52
C5 NAG M . 5.07 11.33 -56.25
C6 NAG M . 4.44 10.28 -57.14
C7 NAG M . 8.68 12.88 -52.73
C8 NAG M . 9.06 13.89 -51.69
N2 NAG M . 7.40 12.86 -53.08
O3 NAG M . 8.57 12.54 -55.66
O4 NAG M . 6.77 12.04 -57.83
O5 NAG M . 4.89 10.86 -54.91
O6 NAG M . 4.19 9.09 -56.41
O7 NAG M . 9.51 12.13 -53.23
C1 NAG M . 7.58 11.11 -58.58
C2 NAG M . 7.79 11.64 -60.00
C3 NAG M . 8.64 10.67 -60.80
C4 NAG M . 9.93 10.33 -60.06
C5 NAG M . 9.65 9.92 -58.61
C6 NAG M . 10.90 9.76 -57.79
C7 NAG M . 6.34 12.82 -61.59
C8 NAG M . 4.97 12.93 -62.16
N2 NAG M . 6.51 11.88 -60.66
O3 NAG M . 8.93 11.25 -62.06
O4 NAG M . 10.58 9.25 -60.71
O5 NAG M . 8.84 10.91 -57.95
O6 NAG M . 11.58 11.00 -57.63
O7 NAG M . 7.26 13.56 -61.94
C1 BMA M . 11.76 9.68 -61.41
C2 BMA M . 13.00 9.07 -60.68
C3 BMA M . 14.26 9.21 -61.55
C4 BMA M . 14.00 8.74 -62.98
C5 BMA M . 12.86 9.58 -63.55
C6 BMA M . 12.56 9.23 -65.00
O2 BMA M . 12.81 7.68 -60.44
O3 BMA M . 15.34 8.47 -60.99
O4 BMA M . 15.16 8.92 -63.77
O5 BMA M . 11.69 9.29 -62.78
O6 BMA M . 11.83 8.01 -65.02
C1 NAG N . -40.26 19.76 3.51
C2 NAG N . -41.61 20.41 3.65
C3 NAG N . -42.68 19.54 3.03
C4 NAG N . -42.31 19.16 1.61
C5 NAG N . -40.88 18.61 1.54
C6 NAG N . -40.41 18.39 0.12
C7 NAG N . -41.81 21.96 5.52
C8 NAG N . -42.18 22.12 6.97
N2 NAG N . -41.92 20.73 5.02
O3 NAG N . -43.88 20.32 3.05
O4 NAG N . -43.17 18.18 1.02
O5 NAG N . -39.97 19.52 2.15
O6 NAG N . -41.50 18.18 -0.77
O7 NAG N . -41.45 22.91 4.84
C1 NAG N . -44.42 17.84 1.65
C2 NAG N . -45.54 18.65 1.00
C3 NAG N . -46.89 18.24 1.57
C4 NAG N . -47.09 16.74 1.45
C5 NAG N . -45.93 16.01 2.11
C6 NAG N . -46.01 14.51 1.94
C7 NAG N . -45.38 20.96 0.20
C8 NAG N . -45.11 22.38 0.58
N2 NAG N . -45.32 20.07 1.20
O3 NAG N . -47.91 18.93 0.85
O4 NAG N . -48.31 16.35 2.07
O5 NAG N . -44.70 16.43 1.51
O6 NAG N . -46.32 13.87 3.18
O7 NAG N . -45.64 20.62 -0.94
C1 NAG O . -30.09 23.77 10.78
C2 NAG O . -29.69 25.24 10.65
C3 NAG O . -29.12 25.74 11.97
C4 NAG O . -29.99 25.38 13.15
C5 NAG O . -30.43 23.93 13.09
C6 NAG O . -31.47 23.58 14.13
C7 NAG O . -28.66 26.49 8.83
C8 NAG O . -27.58 26.51 7.79
N2 NAG O . -28.72 25.40 9.59
O3 NAG O . -28.97 27.15 11.88
O4 NAG O . -29.21 25.52 14.33
O5 NAG O . -31.01 23.64 11.81
O6 NAG O . -31.56 22.17 14.31
O7 NAG O . -29.45 27.43 8.98
C1 NAG O . -29.60 26.61 15.20
C2 NAG O . -28.38 26.88 16.06
C3 NAG O . -28.67 28.00 17.04
C4 NAG O . -29.26 29.21 16.34
C5 NAG O . -30.35 28.82 15.33
C6 NAG O . -30.75 29.96 14.43
C7 NAG O . -26.83 25.03 16.45
C8 NAG O . -26.54 23.81 17.27
N2 NAG O . -27.95 25.68 16.75
O3 NAG O . -27.44 28.33 17.66
O4 NAG O . -29.92 30.07 17.28
O5 NAG O . -29.92 27.76 14.48
O6 NAG O . -31.00 29.49 13.12
O7 NAG O . -26.08 25.41 15.56
C1 BMA O . -29.06 30.71 18.26
C2 BMA O . -29.49 32.18 18.37
C3 BMA O . -28.81 32.84 19.56
C4 BMA O . -28.99 32.01 20.83
C5 BMA O . -28.42 30.63 20.58
C6 BMA O . -28.49 29.72 21.78
O2 BMA O . -30.88 32.25 18.63
O3 BMA O . -29.28 34.18 19.77
O4 BMA O . -28.33 32.61 21.91
O5 BMA O . -29.18 30.04 19.51
O6 BMA O . -29.81 29.23 21.89
C1 NAG P . -27.03 11.20 18.62
C2 NAG P . -27.14 11.38 20.10
C3 NAG P . -28.47 10.84 20.56
C4 NAG P . -29.61 11.42 19.72
C5 NAG P . -29.28 11.48 18.22
C6 NAG P . -30.20 12.38 17.45
C7 NAG P . -25.01 11.36 21.26
C8 NAG P . -23.95 10.52 21.94
N2 NAG P . -26.05 10.70 20.78
O3 NAG P . -28.62 11.17 21.93
O4 NAG P . -30.75 10.58 19.84
O5 NAG P . -27.95 11.97 18.00
O6 NAG P . -29.55 12.86 16.28
O7 NAG P . -24.90 12.58 21.16
C1 NAG P . -31.42 10.73 21.11
C2 NAG P . -32.91 10.49 20.93
C3 NAG P . -33.63 10.54 22.27
C4 NAG P . -32.97 9.61 23.27
C5 NAG P . -31.48 9.93 23.36
C6 NAG P . -30.71 9.00 24.28
C7 NAG P . -33.69 11.20 18.71
C8 NAG P . -34.27 12.33 17.92
N2 NAG P . -33.47 11.46 20.00
O3 NAG P . -34.99 10.18 22.09
O4 NAG P . -33.55 9.77 24.55
O5 NAG P . -30.89 9.80 22.06
O6 NAG P . -29.41 9.49 24.53
O7 NAG P . -33.44 10.12 18.22
C1 BMA P . -34.40 8.64 24.83
C2 BMA P . -33.93 8.00 26.15
C3 BMA P . -34.90 6.94 26.62
C4 BMA P . -36.34 7.45 26.58
C5 BMA P . -36.67 7.98 25.19
C6 BMA P . -38.07 8.55 25.08
O2 BMA P . -33.90 8.97 27.19
O3 BMA P . -34.59 6.49 27.93
O4 BMA P . -37.23 6.40 26.90
O5 BMA P . -35.75 9.04 24.90
O6 BMA P . -38.04 9.90 25.53
C1 NAG Q . -29.42 1.03 -0.39
C2 NAG Q . -29.67 0.09 -1.53
C3 NAG Q . -30.73 0.65 -2.47
C4 NAG Q . -32.00 0.99 -1.70
C5 NAG Q . -31.70 1.80 -0.44
C6 NAG Q . -32.88 1.87 0.50
C7 NAG Q . -28.27 -1.36 -2.91
C8 NAG Q . -26.97 -1.50 -3.65
N2 NAG Q . -28.45 -0.20 -2.27
O3 NAG Q . -30.97 -0.35 -3.44
O4 NAG Q . -32.91 1.79 -2.46
O5 NAG Q . -30.61 1.23 0.32
O6 NAG Q . -34.04 2.36 -0.15
O7 NAG Q . -29.10 -2.25 -2.90
C1 NAG Q . -33.15 1.44 -3.84
C2 NAG Q . -34.63 1.57 -4.18
C3 NAG Q . -34.85 1.22 -5.65
C4 NAG Q . -33.97 2.09 -6.54
C5 NAG Q . -32.51 2.05 -6.09
C6 NAG Q . -31.67 3.10 -6.78
C7 NAG Q . -36.05 1.16 -2.23
C8 NAG Q . -36.87 0.16 -1.47
N2 NAG Q . -35.45 0.71 -3.33
O3 NAG Q . -36.22 1.41 -5.98
O4 NAG Q . -34.05 1.64 -7.87
O5 NAG Q . -32.40 2.32 -4.67
O6 NAG Q . -31.95 4.38 -6.27
O7 NAG Q . -35.95 2.33 -1.85
C1 NAG R . -15.62 6.43 -44.48
C2 NAG R . -17.12 6.58 -44.29
C3 NAG R . -17.84 6.09 -45.54
C4 NAG R . -17.26 6.67 -46.82
C5 NAG R . -15.72 6.68 -46.82
C6 NAG R . -15.13 7.57 -47.89
C7 NAG R . -18.62 6.24 -42.41
C8 NAG R . -18.97 5.36 -41.24
N2 NAG R . -17.57 5.85 -43.13
O3 NAG R . -19.22 6.42 -45.44
O4 NAG R . -17.76 5.91 -47.92
O5 NAG R . -15.22 7.18 -45.58
O6 NAG R . -13.90 8.12 -47.47
O7 NAG R . -19.27 7.24 -42.67
C1 NAG R . -16.98 4.81 -48.46
C2 NAG R . -17.21 3.44 -47.77
C3 NAG R . -16.54 2.32 -48.56
C4 NAG R . -16.95 2.36 -50.02
C5 NAG R . -16.61 3.73 -50.59
C6 NAG R . -16.99 3.88 -52.04
C7 NAG R . -17.22 2.70 -45.44
C8 NAG R . -16.60 2.86 -44.09
N2 NAG R . -16.72 3.46 -46.41
O3 NAG R . -16.92 1.07 -47.99
O4 NAG R . -16.25 1.36 -50.76
O5 NAG R . -17.32 4.72 -49.85
O6 NAG R . -16.26 4.94 -52.64
O7 NAG R . -18.15 1.91 -45.64
C1 NAG S . -12.87 24.64 -20.40
C2 NAG S . -13.14 24.39 -18.93
C3 NAG S . -13.19 25.71 -18.18
C4 NAG S . -11.96 26.57 -18.50
C5 NAG S . -11.76 26.65 -20.01
C6 NAG S . -10.48 27.34 -20.39
C7 NAG S . -14.88 23.23 -17.63
C8 NAG S . -16.20 22.52 -17.71
N2 NAG S . -14.39 23.68 -18.79
O3 NAG S . -13.24 25.44 -16.79
O4 NAG S . -12.16 27.89 -18.02
O5 NAG S . -11.68 25.32 -20.54
O6 NAG S . -10.13 27.00 -21.72
O7 NAG S . -14.29 23.41 -16.56
C1 NAG S . -11.52 27.92 -16.74
C2 NAG S . -10.82 29.25 -16.68
C3 NAG S . -10.13 29.41 -15.34
C4 NAG S . -11.07 29.12 -14.18
C5 NAG S . -11.89 27.84 -14.42
C6 NAG S . -13.03 27.70 -13.45
C7 NAG S . -9.33 30.51 -18.16
C8 NAG S . -8.34 30.44 -19.28
N2 NAG S . -9.86 29.35 -17.77
O3 NAG S . -9.63 30.74 -15.22
O4 NAG S . -10.24 28.88 -13.06
O5 NAG S . -12.47 27.86 -15.73
O6 NAG S . -13.47 28.97 -13.01
O7 NAG S . -9.62 31.57 -17.61
C1 BMA S . -10.63 29.52 -11.83
C2 BMA S . -9.35 29.57 -11.04
C3 BMA S . -9.67 30.07 -9.66
C4 BMA S . -10.39 31.42 -9.72
C5 BMA S . -11.54 31.39 -10.74
C6 BMA S . -12.06 32.76 -11.02
O2 BMA S . -8.49 30.50 -11.63
O3 BMA S . -8.50 30.15 -8.84
O4 BMA S . -10.95 31.71 -8.46
O5 BMA S . -11.08 30.83 -11.99
O6 BMA S . -11.01 33.69 -10.80
C1 MAN S . -8.59 29.11 -7.85
C2 MAN S . -7.47 29.27 -6.78
C3 MAN S . -6.13 28.87 -7.36
C4 MAN S . -6.23 27.46 -7.83
C5 MAN S . -7.22 27.44 -8.98
C6 MAN S . -7.37 26.08 -9.59
O2 MAN S . -7.72 28.33 -5.73
O3 MAN S . -5.06 28.99 -6.43
O4 MAN S . -4.97 27.02 -8.30
O5 MAN S . -8.51 27.82 -8.47
O6 MAN S . -8.68 25.61 -9.24
C1 MAN S . -7.33 28.85 -4.44
C2 MAN S . -8.00 27.91 -3.40
C3 MAN S . -9.46 28.24 -3.24
C4 MAN S . -9.62 29.71 -2.89
C5 MAN S . -9.09 30.56 -4.03
C6 MAN S . -9.13 32.04 -3.75
O2 MAN S . -7.43 28.10 -2.12
O3 MAN S . -10.07 27.43 -2.25
O4 MAN S . -10.98 29.99 -2.67
O5 MAN S . -7.69 30.23 -4.27
O6 MAN S . -10.38 32.36 -3.19
C1 MAN S . -10.82 34.45 -12.02
C2 MAN S . -9.30 34.63 -12.21
C3 MAN S . -8.75 35.60 -11.17
C4 MAN S . -9.59 36.88 -11.08
C5 MAN S . -11.06 36.54 -10.86
C6 MAN S . -11.96 37.75 -10.88
O2 MAN S . -8.98 35.22 -13.48
O3 MAN S . -7.41 35.91 -11.46
O4 MAN S . -9.13 37.68 -10.01
O5 MAN S . -11.49 35.69 -11.93
O6 MAN S . -12.03 38.24 -12.21
C1 MAN S . -6.61 35.69 -10.28
C2 MAN S . -5.18 36.13 -10.65
C3 MAN S . -4.55 35.13 -11.60
C4 MAN S . -4.64 33.72 -11.04
C5 MAN S . -6.10 33.37 -10.78
C6 MAN S . -6.25 32.00 -10.14
O2 MAN S . -4.34 36.13 -9.50
O3 MAN S . -3.19 35.46 -11.86
O4 MAN S . -4.11 32.79 -11.98
O5 MAN S . -6.67 34.34 -9.86
O6 MAN S . -5.95 32.11 -8.76
C1 NAG T . -24.52 -2.01 -39.48
C2 NAG T . -23.95 -3.20 -40.23
C3 NAG T . -24.98 -3.76 -41.20
C4 NAG T . -26.31 -4.03 -40.50
C5 NAG T . -26.74 -2.79 -39.73
C6 NAG T . -27.98 -3.00 -38.90
C7 NAG T . -21.85 -3.72 -41.39
C8 NAG T . -20.65 -3.15 -42.10
N2 NAG T . -22.73 -2.83 -40.93
O3 NAG T . -24.49 -4.97 -41.79
O4 NAG T . -27.29 -4.36 -41.47
O5 NAG T . -25.70 -2.40 -38.82
O6 NAG T . -28.60 -1.76 -38.58
O7 NAG T . -22.00 -4.93 -41.25
C1 NAG T . -27.81 -5.66 -41.18
C2 NAG T . -29.23 -5.69 -41.73
C3 NAG T . -29.84 -7.07 -41.50
C4 NAG T . -28.94 -8.15 -42.09
C5 NAG T . -27.53 -8.01 -41.54
C6 NAG T . -26.54 -8.96 -42.16
C7 NAG T . -30.16 -3.44 -41.64
C8 NAG T . -31.04 -2.48 -40.88
N2 NAG T . -30.04 -4.66 -41.12
O3 NAG T . -31.13 -7.12 -42.11
O4 NAG T . -29.46 -9.44 -41.82
O5 NAG T . -27.03 -6.69 -41.79
O6 NAG T . -25.30 -8.33 -42.38
O7 NAG T . -29.60 -3.11 -42.68
C1 BMA T . -30.08 -9.99 -43.00
C2 BMA T . -31.51 -10.42 -42.62
C3 BMA T . -32.30 -10.82 -43.86
C4 BMA T . -32.19 -9.76 -44.95
C5 BMA T . -30.71 -9.51 -45.26
C6 BMA T . -30.47 -8.48 -46.35
O2 BMA T . -32.21 -9.33 -42.03
O3 BMA T . -33.67 -11.04 -43.55
O4 BMA T . -32.85 -10.22 -46.12
O5 BMA T . -30.09 -9.03 -44.07
O6 BMA T . -30.70 -7.19 -45.80
C1 NAG U . -20.75 34.71 -20.99
C2 NAG U . -21.32 35.06 -22.34
C3 NAG U . -20.30 35.89 -23.11
C4 NAG U . -19.91 37.11 -22.31
C5 NAG U . -19.47 36.72 -20.90
C6 NAG U . -19.28 37.92 -20.00
C7 NAG U . -22.95 33.42 -23.08
C8 NAG U . -23.21 32.19 -23.91
N2 NAG U . -21.70 33.88 -23.08
O3 NAG U . -20.87 36.27 -24.36
O4 NAG U . -18.85 37.79 -22.97
O5 NAG U . -20.47 35.89 -20.28
O6 NAG U . -20.53 38.33 -19.47
O7 NAG U . -23.84 33.96 -22.43
C1 NAG U . -19.41 39.04 -23.44
C2 NAG U . -18.32 40.09 -23.53
C3 NAG U . -18.91 41.41 -24.05
C4 NAG U . -19.71 41.19 -25.32
C5 NAG U . -20.68 40.02 -25.18
C6 NAG U . -21.34 39.63 -26.49
C7 NAG U . -16.56 41.02 -22.08
C8 NAG U . -16.04 41.12 -20.68
N2 NAG U . -17.68 40.30 -22.25
O3 NAG U . -17.86 42.34 -24.31
O4 NAG U . -20.48 42.36 -25.57
O5 NAG U . -19.98 38.85 -24.72
O6 NAG U . -20.52 40.00 -27.60
O7 NAG U . -16.01 41.57 -23.03
C1 BMA U . -20.04 43.08 -26.74
C2 BMA U . -20.97 44.29 -26.88
C3 BMA U . -20.60 45.06 -28.11
C4 BMA U . -19.10 45.40 -28.13
C5 BMA U . -18.23 44.15 -27.84
C6 BMA U . -16.76 44.47 -27.67
O2 BMA U . -20.78 45.18 -25.78
O3 BMA U . -21.36 46.26 -28.19
O4 BMA U . -18.74 45.96 -29.38
O5 BMA U . -18.70 43.52 -26.63
O6 BMA U . -16.57 45.08 -26.40
C1 MAN U . -22.05 46.31 -29.45
C2 MAN U . -22.34 47.80 -29.72
C3 MAN U . -23.33 48.30 -28.68
C4 MAN U . -24.60 47.45 -28.71
C5 MAN U . -24.24 46.00 -28.42
C6 MAN U . -25.43 45.08 -28.50
O2 MAN U . -22.99 47.97 -30.97
O3 MAN U . -23.65 49.67 -28.88
O4 MAN U . -25.51 47.89 -27.70
O5 MAN U . -23.26 45.55 -29.39
O6 MAN U . -25.37 44.19 -27.40
C1 MAN U . -16.17 46.45 -26.60
C2 MAN U . -14.94 46.74 -25.70
C3 MAN U . -15.37 46.92 -24.23
C4 MAN U . -16.58 47.84 -24.11
C5 MAN U . -17.70 47.27 -24.97
C6 MAN U . -19.00 48.06 -24.87
O2 MAN U . -14.29 47.95 -26.08
O3 MAN U . -14.30 47.42 -23.43
O4 MAN U . -16.99 47.91 -22.75
O5 MAN U . -17.27 47.31 -26.33
O6 MAN U . -20.08 47.20 -25.26
C1 NAG V . -18.16 35.71 1.17
C2 NAG V . -17.56 36.94 0.49
C3 NAG V . -16.47 37.57 1.36
C4 NAG V . -17.06 37.95 2.72
C5 NAG V . -17.59 36.67 3.36
C6 NAG V . -18.28 36.92 4.68
C7 NAG V . -16.11 35.71 -1.07
C8 NAG V . -15.72 35.53 -2.51
N2 NAG V . -17.06 36.62 -0.84
O3 NAG V . -15.94 38.71 0.69
O4 NAG V . -16.13 38.58 3.60
O5 NAG V . -18.58 36.06 2.51
O6 NAG V . -18.89 35.74 5.16
O7 NAG V . -15.60 35.05 -0.18
C1 NAG V . -15.88 40.03 3.50
C2 NAG V . -15.44 40.76 4.85
C3 NAG V . -14.59 42.04 4.61
C4 NAG V . -13.60 41.88 3.48
C5 NAG V . -14.43 41.48 2.29
C6 NAG V . -13.69 41.48 0.97
C7 NAG V . -17.36 42.12 5.60
C8 NAG V . -18.42 42.24 6.65
N2 NAG V . -16.56 41.05 5.72
O3 NAG V . -13.94 42.40 5.82
O4 NAG V . -12.93 43.12 3.27
O5 NAG V . -14.87 40.15 2.52
O6 NAG V . -14.51 42.07 -0.03
O7 NAG V . -17.28 42.91 4.67
C1 BMA V . -11.49 43.09 3.33
C2 BMA V . -11.02 44.51 2.81
C3 BMA V . -9.55 44.81 3.12
C4 BMA V . -9.19 44.38 4.50
C5 BMA V . -9.52 42.93 4.59
C6 BMA V . -9.02 42.34 5.83
O2 BMA V . -11.81 45.59 3.37
O3 BMA V . -9.33 46.19 3.06
O4 BMA V . -7.80 44.54 4.68
O5 BMA V . -10.95 42.82 4.60
O6 BMA V . -9.85 41.26 6.02
C1 MAN V . -9.64 40.76 7.34
C2 MAN V . -10.29 39.40 7.30
C3 MAN V . -11.76 39.59 6.94
C4 MAN V . -12.44 40.59 7.92
C5 MAN V . -11.66 41.90 8.01
C6 MAN V . -12.12 42.74 9.15
O2 MAN V . -10.26 38.76 8.57
O3 MAN V . -12.42 38.31 6.89
O4 MAN V . -13.76 40.92 7.51
O5 MAN V . -10.27 41.61 8.25
O6 MAN V . -12.47 41.84 10.21
C1 MAN V . -13.44 38.32 5.86
C2 MAN V . -14.02 36.84 5.72
C3 MAN V . -13.54 36.12 4.47
C4 MAN V . -13.41 37.05 3.31
C5 MAN V . -12.36 38.05 3.67
C6 MAN V . -11.95 38.87 2.49
O2 MAN V . -15.40 36.86 5.58
O3 MAN V . -14.45 35.10 4.14
O4 MAN V . -12.95 36.32 2.19
O5 MAN V . -12.95 38.92 4.63
O6 MAN V . -11.18 39.96 2.98
C1 MAN V . -11.50 41.91 11.28
C2 MAN V . -10.59 40.68 11.18
C3 MAN V . -11.43 39.44 11.35
C4 MAN V . -12.19 39.52 12.67
C5 MAN V . -13.03 40.79 12.72
C6 MAN V . -13.71 41.00 14.05
O2 MAN V . -9.67 40.64 12.25
O3 MAN V . -10.64 38.27 11.29
O4 MAN V . -13.05 38.39 12.78
O5 MAN V . -12.16 41.93 12.51
O6 MAN V . -14.34 39.76 14.41
C1 MAN V . -8.36 46.52 2.06
C2 MAN V . -7.77 47.81 2.55
C3 MAN V . -8.92 48.79 2.73
C4 MAN V . -9.78 48.91 1.44
C5 MAN V . -10.16 47.51 0.87
C6 MAN V . -10.84 47.54 -0.50
O2 MAN V . -6.89 48.41 1.59
O3 MAN V . -8.45 50.09 3.12
O4 MAN V . -10.98 49.62 1.73
O5 MAN V . -8.97 46.68 0.81
O6 MAN V . -12.18 48.12 -0.37
C1 NAG W . -28.00 34.11 -17.93
C2 NAG W . -27.16 35.12 -17.17
C3 NAG W . -27.99 35.79 -16.09
C4 NAG W . -29.31 36.32 -16.63
C5 NAG W . -30.01 35.26 -17.45
C6 NAG W . -31.21 35.79 -18.17
C7 NAG W . -24.98 33.99 -17.35
C8 NAG W . -23.84 33.39 -16.58
N2 NAG W . -25.97 34.50 -16.61
O3 NAG W . -27.24 36.88 -15.54
O4 NAG W . -30.16 36.66 -15.55
O5 NAG W . -29.13 34.74 -18.45
O6 NAG W . -30.89 36.08 -19.54
O7 NAG W . -25.01 34.00 -18.57
C1 NAG W . -30.20 38.07 -15.35
C2 NAG W . -31.17 38.29 -14.20
C3 NAG W . -31.24 39.76 -13.84
C4 NAG W . -29.84 40.34 -13.63
C5 NAG W . -28.91 39.94 -14.77
C6 NAG W . -27.47 40.27 -14.48
C7 NAG W . -32.84 36.51 -14.41
C8 NAG W . -34.25 36.17 -14.78
N2 NAG W . -32.49 37.79 -14.53
O3 NAG W . -31.99 39.86 -12.63
O4 NAG W . -29.90 41.76 -13.64
O5 NAG W . -28.95 38.53 -14.98
O6 NAG W . -26.83 39.20 -13.82
O7 NAG W . -32.05 35.66 -14.02
C1 BMA W . -30.40 42.31 -12.41
C2 BMA W . -29.28 43.10 -11.75
C3 BMA W . -29.80 43.90 -10.57
C4 BMA W . -31.23 44.44 -10.71
C5 BMA W . -32.13 43.56 -11.54
C6 BMA W . -33.38 44.30 -11.96
O2 BMA W . -28.74 44.04 -12.65
O3 BMA W . -28.99 45.00 -10.41
O4 BMA W . -31.77 44.53 -9.43
O5 BMA W . -31.47 43.17 -12.70
O6 BMA W . -32.96 45.51 -12.59
C1 MAN W . -28.48 44.97 -9.08
C2 MAN W . -28.41 46.44 -8.67
C3 MAN W . -27.38 47.16 -9.49
C4 MAN W . -26.10 46.40 -9.43
C5 MAN W . -26.39 45.08 -10.06
C6 MAN W . -25.17 44.30 -10.24
O2 MAN W . -28.01 46.61 -7.35
O3 MAN W . -27.15 48.49 -9.08
O4 MAN W . -25.12 47.07 -10.18
O5 MAN W . -27.24 44.40 -9.16
O6 MAN W . -24.27 45.14 -10.92
C1 MAN W . -29.13 47.33 -6.82
C2 MAN W . -28.66 48.74 -6.45
C3 MAN W . -27.53 48.58 -5.53
C4 MAN W . -28.10 47.96 -4.31
C5 MAN W . -28.54 46.54 -4.70
C6 MAN W . -29.16 45.77 -3.58
O2 MAN W . -29.67 49.40 -5.67
O3 MAN W . -26.89 49.83 -5.20
O4 MAN W . -27.12 47.93 -3.32
O5 MAN W . -29.54 46.66 -5.69
O6 MAN W . -29.59 44.53 -4.13
C1 MAN W . -34.12 46.38 -12.71
C2 MAN W . -34.71 46.09 -14.08
C3 MAN W . -33.79 46.63 -15.16
C4 MAN W . -33.42 48.10 -14.94
C5 MAN W . -32.86 48.31 -13.55
C6 MAN W . -32.64 49.78 -13.21
O2 MAN W . -35.94 46.77 -14.24
O3 MAN W . -34.38 46.47 -16.42
O4 MAN W . -32.45 48.48 -15.90
O5 MAN W . -33.77 47.76 -12.57
O6 MAN W . -33.90 50.49 -13.35
C1 MAN W . -34.18 45.12 -16.82
C2 MAN W . -32.73 45.07 -17.32
C3 MAN W . -32.60 45.89 -18.59
C4 MAN W . -33.70 45.52 -19.60
C5 MAN W . -35.07 45.65 -18.94
C6 MAN W . -36.22 45.31 -19.86
O2 MAN W . -32.37 43.75 -17.70
O3 MAN W . -31.31 45.74 -19.16
O4 MAN W . -33.63 46.37 -20.73
O5 MAN W . -35.11 44.77 -17.82
O6 MAN W . -36.37 46.38 -20.79
C1 MAN W . -33.90 51.71 -12.54
C2 MAN W . -35.27 52.40 -12.65
C3 MAN W . -35.47 52.72 -14.11
C4 MAN W . -34.49 53.81 -14.50
C5 MAN W . -33.05 53.27 -14.29
C6 MAN W . -32.01 54.38 -14.39
O2 MAN W . -35.23 53.68 -11.95
O3 MAN W . -36.81 53.05 -14.49
O4 MAN W . -34.66 54.15 -15.87
O5 MAN W . -32.89 52.62 -12.97
O6 MAN W . -32.15 55.28 -13.27
C1 NAG X . -29.73 16.37 -51.85
C2 NAG X . -29.80 14.89 -52.20
C3 NAG X . -29.45 14.69 -53.67
C4 NAG X . -30.25 15.63 -54.56
C5 NAG X . -30.33 17.06 -54.01
C6 NAG X . -31.37 17.92 -54.70
C7 NAG X . -29.33 13.15 -50.55
C8 NAG X . -28.28 12.44 -49.76
N2 NAG X . -28.90 14.12 -51.36
O3 NAG X . -29.72 13.34 -54.03
O4 NAG X . -29.64 15.70 -55.85
O5 NAG X . -30.68 17.05 -52.62
O6 NAG X . -32.37 18.35 -53.79
O7 NAG X . -30.52 12.87 -50.47
C1 NAG X . -28.19 15.75 -55.71
C2 NAG X . -27.54 15.07 -56.91
C3 NAG X . -26.01 15.13 -56.78
C4 NAG X . -25.56 16.58 -56.56
C5 NAG X . -26.28 17.17 -55.37
C6 NAG X . -25.97 18.62 -55.13
C7 NAG X . -29.18 13.33 -57.46
C8 NAG X . -29.46 11.85 -57.53
N2 NAG X . -27.97 13.68 -57.04
O3 NAG X . -25.40 14.62 -57.96
O4 NAG X . -24.15 16.62 -56.33
O5 NAG X . -27.70 17.09 -55.58
O6 NAG X . -25.41 18.83 -53.83
O7 NAG X . -30.05 14.16 -57.75
C1 NAG Y . -37.94 14.62 -21.77
C2 NAG Y . -38.08 14.53 -20.29
C3 NAG Y . -39.23 13.61 -19.94
C4 NAG Y . -40.49 14.08 -20.66
C5 NAG Y . -40.25 14.45 -22.12
C6 NAG Y . -41.38 15.29 -22.68
C7 NAG Y . -35.81 14.88 -19.44
C8 NAG Y . -34.61 14.25 -18.80
N2 NAG Y . -36.85 14.07 -19.67
O3 NAG Y . -39.45 13.62 -18.53
O4 NAG Y . -41.42 12.99 -20.66
O5 NAG Y . -39.06 15.23 -22.30
O6 NAG Y . -41.48 16.53 -21.99
O7 NAG Y . -35.83 16.06 -19.77
C1 NAG Y . -42.52 13.24 -19.80
C2 NAG Y . -43.61 12.23 -20.17
C3 NAG Y . -44.79 12.34 -19.21
C4 NAG Y . -44.31 12.22 -17.76
C5 NAG Y . -43.21 13.25 -17.51
C6 NAG Y . -42.61 13.16 -16.13
C7 NAG Y . -43.37 12.03 -22.61
C8 NAG Y . -44.00 12.34 -23.93
N2 NAG Y . -44.06 12.44 -21.54
O3 NAG Y . -45.71 11.29 -19.51
O4 NAG Y . -45.38 12.46 -16.85
O5 NAG Y . -42.15 13.05 -18.44
O6 NAG Y . -41.35 13.81 -16.07
O7 NAG Y . -42.30 11.45 -22.51
C1 BMA Y . -46.09 11.22 -16.54
C2 BMA Y . -45.07 10.15 -16.00
C3 BMA Y . -45.81 8.93 -15.44
C4 BMA Y . -46.96 9.34 -14.53
C5 BMA Y . -47.90 10.26 -15.30
C6 BMA Y . -49.16 10.64 -14.53
O2 BMA Y . -44.30 10.67 -14.94
O3 BMA Y . -44.93 8.06 -14.76
O4 BMA Y . -47.69 8.19 -14.11
O5 BMA Y . -47.15 11.45 -15.60
O6 BMA Y . -48.78 11.26 -13.32
C1 NAG Z . -35.96 18.48 -17.93
C2 NAG Z . -36.76 17.79 -16.83
C3 NAG Z . -38.19 17.53 -17.30
C4 NAG Z . -38.82 18.80 -17.85
C5 NAG Z . -37.90 19.43 -18.89
C6 NAG Z . -38.37 20.77 -19.38
C7 NAG Z . -35.01 16.50 -15.70
C8 NAG Z . -34.50 15.12 -15.38
N2 NAG Z . -36.13 16.54 -16.43
O3 NAG Z . -38.94 17.06 -16.19
O4 NAG Z . -40.03 18.43 -18.52
O5 NAG Z . -36.60 19.65 -18.32
O6 NAG Z . -37.34 21.44 -20.08
O7 NAG Z . -34.44 17.52 -15.32
C1 NAG Z . -41.21 19.02 -17.95
C2 NAG Z . -42.17 19.27 -19.11
C3 NAG Z . -43.49 19.82 -18.59
C4 NAG Z . -44.07 18.88 -17.53
C5 NAG Z . -43.04 18.66 -16.44
C6 NAG Z . -43.49 17.65 -15.41
C7 NAG Z . -41.39 19.86 -21.37
C8 NAG Z . -40.78 20.93 -22.23
N2 NAG Z . -41.59 20.18 -20.08
O3 NAG Z . -44.40 19.96 -19.67
O4 NAG Z . -45.26 19.43 -16.97
O5 NAG Z . -41.82 18.15 -17.01
O6 NAG Z . -43.41 16.33 -15.91
O7 NAG Z . -41.70 18.76 -21.81
C1 BMA Z . -46.46 18.80 -17.51
C2 BMA Z . -47.00 17.76 -16.50
C3 BMA Z . -48.37 17.24 -16.93
C4 BMA Z . -49.32 18.40 -17.24
C5 BMA Z . -48.70 19.28 -18.31
C6 BMA Z . -49.59 20.45 -18.68
O2 BMA Z . -47.18 18.35 -15.21
O3 BMA Z . -48.95 16.40 -15.94
O4 BMA Z . -50.57 17.90 -17.68
O5 BMA Z . -47.45 19.80 -17.82
O6 BMA Z . -49.72 21.30 -17.55
C1 NAG AA . -40.41 22.23 -26.68
C2 NAG AA . -40.54 23.65 -26.14
C3 NAG AA . -42.01 23.99 -25.90
C4 NAG AA . -42.84 23.71 -27.14
C5 NAG AA . -42.60 22.29 -27.63
C6 NAG AA . -43.29 21.99 -28.93
C7 NAG AA . -38.45 23.78 -24.86
C8 NAG AA . -37.85 23.97 -23.50
N2 NAG AA . -39.78 23.81 -24.90
O3 NAG AA . -42.11 25.37 -25.56
O4 NAG AA . -44.23 23.92 -26.91
O5 NAG AA . -41.20 22.09 -27.85
O6 NAG AA . -42.72 22.74 -29.99
O7 NAG AA . -37.77 23.60 -25.86
C1 NAG AA . -44.70 23.49 -25.62
C2 NAG AA . -45.63 24.58 -25.06
C3 NAG AA . -46.24 24.15 -23.74
C4 NAG AA . -46.91 22.79 -23.87
C5 NAG AA . -45.91 21.78 -24.42
C6 NAG AA . -46.51 20.42 -24.64
C7 NAG AA . -45.51 27.03 -24.78
C8 NAG AA . -44.61 28.21 -24.63
N2 NAG AA . -44.91 25.83 -24.92
O3 NAG AA . -47.20 25.10 -23.31
O4 NAG AA . -47.38 22.34 -22.60
O5 NAG AA . -45.40 22.23 -25.68
O6 NAG AA . -47.54 20.15 -23.70
O7 NAG AA . -46.74 27.13 -24.79
C1 NAG BA . -13.18 27.82 -27.53
C2 NAG BA . -12.58 28.54 -26.32
C3 NAG BA . -11.87 29.82 -26.79
C4 NAG BA . -10.95 29.55 -27.99
C5 NAG BA . -11.67 28.70 -29.03
C6 NAG BA . -10.79 28.30 -30.18
C7 NAG BA . -13.37 29.32 -24.13
C8 NAG BA . -14.57 29.58 -23.28
N2 NAG BA . -13.62 28.87 -25.37
O3 NAG BA . -11.11 30.35 -25.71
O4 NAG BA . -10.66 30.78 -28.64
O5 NAG BA . -12.18 27.51 -28.43
O6 NAG BA . -10.71 29.34 -31.14
O7 NAG BA . -12.23 29.49 -23.72
C1 NAG BA . -9.41 31.36 -28.28
C2 NAG BA . -8.50 31.45 -29.50
C3 NAG BA . -7.22 32.19 -29.15
C4 NAG BA . -7.55 33.55 -28.57
C5 NAG BA . -8.49 33.41 -27.38
C6 NAG BA . -8.99 34.74 -26.86
C7 NAG BA . -7.86 29.95 -31.32
C8 NAG BA . -7.58 28.53 -31.72
N2 NAG BA . -8.21 30.14 -30.04
O3 NAG BA . -6.43 32.34 -30.32
O4 NAG BA . -6.35 34.20 -28.15
O5 NAG BA . -9.66 32.66 -27.76
O6 NAG BA . -10.26 35.05 -27.39
O7 NAG BA . -7.78 30.87 -32.12
C1 NAG CA . 14.68 -21.67 -53.14
C2 NAG CA . 15.47 -22.89 -52.66
C3 NAG CA . 14.65 -24.17 -52.85
C4 NAG CA . 13.28 -24.04 -52.21
C5 NAG CA . 12.59 -22.80 -52.77
C6 NAG CA . 11.21 -22.56 -52.18
C7 NAG CA . 17.74 -23.76 -52.95
C8 NAG CA . 18.98 -23.74 -53.81
N2 NAG CA . 16.73 -22.99 -53.36
O3 NAG CA . 15.36 -25.27 -52.28
O4 NAG CA . 12.51 -25.19 -52.48
O5 NAG CA . 13.38 -21.64 -52.49
O6 NAG CA . 11.00 -21.19 -51.90
O7 NAG CA . 17.68 -24.43 -51.93
C1 NAG CA . 12.62 -26.14 -51.38
C2 NAG CA . 11.21 -26.52 -50.94
C3 NAG CA . 11.26 -27.53 -49.81
C4 NAG CA . 12.15 -28.71 -50.17
C5 NAG CA . 13.52 -28.23 -50.64
C6 NAG CA . 14.41 -29.35 -51.12
C7 NAG CA . 9.14 -25.24 -50.54
C8 NAG CA . 8.57 -23.93 -50.08
N2 NAG CA . 10.47 -25.33 -50.53
O3 NAG CA . 9.94 -27.99 -49.53
O4 NAG CA . 12.33 -29.56 -49.03
O5 NAG CA . 13.36 -27.33 -51.74
O6 NAG CA . 13.75 -30.19 -52.06
O7 NAG CA . 8.43 -26.18 -50.88
C1 NAG DA . 28.77 -38.94 -27.06
C2 NAG DA . 29.02 -38.32 -28.43
C3 NAG DA . 29.65 -39.34 -29.37
C4 NAG DA . 30.91 -39.92 -28.73
C5 NAG DA . 30.60 -40.47 -27.36
C6 NAG DA . 31.82 -40.92 -26.60
C7 NAG DA . 27.77 -36.85 -29.94
C8 NAG DA . 26.41 -36.44 -30.43
N2 NAG DA . 27.78 -37.80 -29.00
O3 NAG DA . 29.97 -38.71 -30.60
O4 NAG DA . 31.45 -40.93 -29.57
O5 NAG DA . 29.99 -39.46 -26.55
O6 NAG DA . 32.14 -39.99 -25.57
O7 NAG DA . 28.79 -36.36 -30.39
C1 NAG DA . 32.78 -40.53 -29.99
C2 NAG DA . 33.37 -41.62 -30.88
C3 NAG DA . 34.77 -41.20 -31.33
C4 NAG DA . 34.74 -39.83 -31.98
C5 NAG DA . 34.02 -38.82 -31.09
C6 NAG DA . 33.80 -37.48 -31.76
C7 NAG DA . 33.34 -44.07 -30.80
C8 NAG DA . 33.40 -45.28 -29.91
N2 NAG DA . 33.43 -42.89 -30.17
O3 NAG DA . 35.26 -42.17 -32.26
O4 NAG DA . 36.07 -39.38 -32.17
O5 NAG DA . 32.72 -39.31 -30.72
O6 NAG DA . 32.93 -37.60 -32.87
O7 NAG DA . 33.22 -44.16 -32.01
C1 BMA DA . 36.45 -39.39 -33.56
C2 BMA DA . 36.64 -37.91 -34.03
C3 BMA DA . 37.34 -37.85 -35.38
C4 BMA DA . 38.59 -38.74 -35.39
C5 BMA DA . 38.17 -40.17 -35.06
C6 BMA DA . 39.34 -41.13 -35.10
O2 BMA DA . 37.43 -37.18 -33.11
O3 BMA DA . 37.69 -36.52 -35.72
O4 BMA DA . 39.20 -38.70 -36.67
O5 BMA DA . 37.64 -40.17 -33.74
O6 BMA DA . 40.09 -40.96 -33.91
C1 NAG EA . -23.87 -29.88 23.83
C2 NAG EA . -24.66 -30.88 24.64
C3 NAG EA . -23.82 -31.47 25.76
C4 NAG EA . -22.52 -32.02 25.19
C5 NAG EA . -21.82 -31.00 24.30
C6 NAG EA . -20.63 -31.58 23.58
C7 NAG EA . -27.08 -30.48 24.63
C8 NAG EA . -28.22 -29.79 25.29
N2 NAG EA . -25.87 -30.27 25.17
O3 NAG EA . -24.61 -32.50 26.33
O4 NAG EA . -21.58 -32.42 26.19
O5 NAG EA . -22.72 -30.52 23.29
O6 NAG EA . -20.07 -32.67 24.28
O7 NAG EA . -27.23 -31.20 23.65
C1 NAG EA . -21.98 -32.53 27.58
C2 NAG EA . -22.33 -33.98 27.87
C3 NAG EA . -22.66 -34.16 29.35
C4 NAG EA . -21.54 -33.63 30.22
C5 NAG EA . -21.25 -32.17 29.85
C6 NAG EA . -20.08 -31.59 30.61
C7 NAG EA . -23.42 -35.55 26.35
C8 NAG EA . -24.65 -35.85 25.55
N2 NAG EA . -23.45 -34.42 27.05
O3 NAG EA . -22.86 -35.55 29.61
O4 NAG EA . -21.91 -33.70 31.59
O5 NAG EA . -20.93 -32.09 28.46
O6 NAG EA . -20.51 -30.63 31.56
O7 NAG EA . -22.46 -36.31 26.36
C1 NAG FA . -29.79 -21.28 15.89
C2 NAG FA . -30.67 -21.85 14.80
C3 NAG FA . -31.82 -20.89 14.49
C4 NAG FA . -32.52 -20.42 15.76
C5 NAG FA . -31.51 -20.00 16.82
C6 NAG FA . -32.15 -19.72 18.16
C7 NAG FA . -30.18 -23.11 12.77
C8 NAG FA . -29.29 -23.22 11.56
N2 NAG FA . -29.90 -22.11 13.60
O3 NAG FA . -32.74 -21.55 13.65
O4 NAG FA . -33.27 -19.26 15.42
O5 NAG FA . -30.55 -21.03 17.02
O6 NAG FA . -31.29 -18.95 18.99
O7 NAG FA . -31.07 -23.91 12.99
C1 NAG FA . -34.70 -19.42 15.46
C2 NAG FA . -35.25 -18.30 14.62
C3 NAG FA . -36.77 -18.34 14.61
C4 NAG FA . -37.28 -19.74 14.26
C5 NAG FA . -36.52 -20.83 15.02
C6 NAG FA . -36.80 -22.22 14.50
C7 NAG FA . -33.91 -16.26 14.41
C8 NAG FA . -33.53 -14.96 15.03
N2 NAG FA . -34.78 -17.00 15.09
O3 NAG FA . -37.20 -17.40 13.64
O4 NAG FA . -38.64 -19.89 14.66
O5 NAG FA . -35.10 -20.65 14.93
O6 NAG FA . -35.63 -23.01 14.52
O7 NAG FA . -33.45 -16.62 13.33
C1 BMA FA . -39.61 -19.08 13.96
C2 BMA FA . -40.82 -19.95 13.61
C3 BMA FA . -41.97 -19.10 13.09
C4 BMA FA . -42.26 -17.95 14.06
C5 BMA FA . -40.99 -17.12 14.20
C6 BMA FA . -41.16 -15.91 15.09
O2 BMA FA . -41.29 -20.59 14.76
O3 BMA FA . -43.15 -19.86 12.87
O4 BMA FA . -43.31 -17.13 13.55
O5 BMA FA . -39.99 -17.97 14.77
O6 BMA FA . -41.12 -16.34 16.43
C1 NAG GA . -25.48 -8.18 22.14
C2 NAG GA . -26.62 -7.35 22.60
C3 NAG GA . -26.79 -7.52 24.09
C4 NAG GA . -26.85 -9.00 24.46
C5 NAG GA . -25.82 -9.84 23.69
C6 NAG GA . -26.11 -11.32 23.74
C7 NAG GA . -27.02 -5.36 21.24
C8 NAG GA . -26.68 -3.91 21.03
N2 NAG GA . -26.40 -5.95 22.27
O3 NAG GA . -27.97 -6.84 24.47
O4 NAG GA . -26.53 -9.15 25.84
O5 NAG GA . -25.78 -9.49 22.30
O6 NAG GA . -25.55 -11.96 22.60
O7 NAG GA . -27.80 -5.96 20.52
C1 NAG GA . -27.62 -8.73 26.70
C2 NAG GA . -27.58 -9.59 27.97
C3 NAG GA . -28.66 -9.11 28.95
C4 NAG GA . -28.54 -7.61 29.19
C5 NAG GA . -28.56 -6.88 27.86
C6 NAG GA . -28.38 -5.39 27.98
C7 NAG GA . -26.76 -11.86 27.55
C8 NAG GA . -27.13 -13.26 27.21
N2 NAG GA . -27.77 -10.99 27.65
O3 NAG GA . -28.52 -9.82 30.17
O4 NAG GA . -29.63 -7.16 29.98
O5 NAG GA . -27.49 -7.36 27.04
O6 NAG GA . -28.66 -4.72 26.76
O7 NAG GA . -25.60 -11.52 27.74
C1 BMA GA . -29.15 -6.90 31.32
C2 BMA GA . -29.51 -5.44 31.66
C3 BMA GA . -29.23 -5.15 33.14
C4 BMA GA . -29.84 -6.23 34.03
C5 BMA GA . -29.34 -7.61 33.59
C6 BMA GA . -29.92 -8.74 34.41
O2 BMA GA . -30.89 -5.20 31.48
O3 BMA GA . -29.73 -3.88 33.51
O4 BMA GA . -29.46 -6.01 35.37
O5 BMA GA . -29.74 -7.81 32.23
O6 BMA GA . -31.19 -9.08 33.85
C1 NAG HA . -5.84 -17.31 23.17
C2 NAG HA . -4.43 -17.76 23.49
C3 NAG HA . -4.40 -19.26 23.77
C4 NAG HA . -5.39 -19.62 24.87
C5 NAG HA . -6.76 -18.99 24.61
C6 NAG HA . -7.66 -19.07 25.83
C7 NAG HA . -2.22 -17.20 22.64
C8 NAG HA . -1.37 -16.89 21.43
N2 NAG HA . -3.51 -17.43 22.41
O3 NAG HA . -3.07 -19.56 24.16
O4 NAG HA . -5.62 -21.02 24.97
O5 NAG HA . -6.66 -17.60 24.27
O6 NAG HA . -7.79 -20.39 26.32
O7 NAG HA . -1.73 -17.23 23.76
C1 NAG HA . -4.48 -21.92 24.90
C2 NAG HA . -4.61 -23.03 25.93
C3 NAG HA . -3.41 -23.97 25.82
C4 NAG HA . -3.29 -24.49 24.40
C5 NAG HA . -3.30 -23.36 23.38
C6 NAG HA . -3.42 -23.86 21.97
C7 NAG HA . -5.89 -22.33 27.89
C8 NAG HA . -5.83 -21.79 29.29
N2 NAG HA . -4.72 -22.51 27.28
O3 NAG HA . -3.58 -25.06 26.72
O4 NAG HA . -2.07 -25.23 24.26
O5 NAG HA . -4.42 -22.48 23.60
O6 NAG HA . -4.74 -24.31 21.71
O7 NAG HA . -6.96 -22.58 27.35
C1 NAG IA . 22.44 -41.79 -4.50
C2 NAG IA . 21.94 -42.57 -3.30
C3 NAG IA . 23.00 -43.57 -2.86
C4 NAG IA . 23.55 -44.37 -4.02
C5 NAG IA . 23.82 -43.53 -5.27
C6 NAG IA . 24.01 -44.35 -6.52
C7 NAG IA . 20.64 -41.97 -1.31
C8 NAG IA . 20.44 -40.97 -0.24
N2 NAG IA . 21.59 -41.69 -2.20
O3 NAG IA . 22.44 -44.43 -1.87
O4 NAG IA . 24.74 -45.03 -3.58
O5 NAG IA . 22.71 -42.67 -5.54
O6 NAG IA . 23.55 -43.65 -7.66
O7 NAG IA . 19.98 -43.01 -1.38
C1 NAG IA . 26.04 -44.42 -3.84
C2 NAG IA . 26.51 -43.43 -2.75
C3 NAG IA . 27.98 -43.03 -2.97
C4 NAG IA . 28.86 -44.26 -3.12
C5 NAG IA . 28.31 -45.11 -4.26
C6 NAG IA . 29.10 -46.38 -4.49
C7 NAG IA . 25.48 -41.50 -1.63
C8 NAG IA . 24.56 -40.33 -1.79
N2 NAG IA . 25.67 -42.24 -2.73
O3 NAG IA . 28.42 -42.24 -1.86
O4 NAG IA . 30.19 -43.87 -3.42
O5 NAG IA . 26.97 -45.50 -3.95
O6 NAG IA . 28.89 -46.89 -5.80
O7 NAG IA . 26.01 -41.77 -0.57
C1 NAG JA . -6.33 -32.96 -8.23
C2 NAG JA . -7.18 -32.02 -7.43
C3 NAG JA . -8.64 -32.18 -7.81
C4 NAG JA . -8.81 -32.13 -9.32
C5 NAG JA . -7.82 -33.06 -10.00
C6 NAG JA . -7.83 -32.94 -11.50
C7 NAG JA . -7.54 -31.55 -5.05
C8 NAG JA . -7.21 -32.00 -3.66
N2 NAG JA . -6.99 -32.28 -6.02
O3 NAG JA . -9.40 -31.14 -7.20
O4 NAG JA . -10.13 -32.55 -9.68
O5 NAG JA . -6.50 -32.73 -9.58
O6 NAG JA . -6.63 -33.47 -12.05
O7 NAG JA . -8.26 -30.60 -5.27
C1 NAG JA . -10.89 -31.36 -9.81
C2 NAG JA . -11.75 -31.58 -11.02
C3 NAG JA . -12.64 -30.37 -11.24
C4 NAG JA . -13.38 -29.98 -9.97
C5 NAG JA . -12.46 -29.98 -8.76
C6 NAG JA . -13.22 -29.89 -7.45
C7 NAG JA . -11.41 -32.33 -13.32
C8 NAG JA . -10.42 -32.51 -14.44
N2 NAG JA . -10.93 -31.82 -12.19
O3 NAG JA . -13.58 -30.65 -12.27
O4 NAG JA . -13.82 -28.64 -10.18
O5 NAG JA . -11.69 -31.18 -8.69
O6 NAG JA . -14.50 -30.47 -7.59
O7 NAG JA . -12.57 -32.65 -13.45
C1 BMA JA . -15.18 -28.34 -9.79
C2 BMA JA . -15.51 -27.12 -10.61
C3 BMA JA . -16.86 -26.62 -10.16
C4 BMA JA . -17.91 -27.73 -10.27
C5 BMA JA . -17.41 -29.03 -9.64
C6 BMA JA . -18.32 -30.18 -9.99
O2 BMA JA . -15.63 -27.49 -11.95
O3 BMA JA . -17.25 -25.46 -10.90
O4 BMA JA . -19.08 -27.33 -9.57
O5 BMA JA . -16.09 -29.34 -10.13
O6 BMA JA . -18.93 -29.90 -11.24
C1 MAN JA . -17.19 -24.33 -9.98
C2 MAN JA . -17.83 -23.07 -10.64
C3 MAN JA . -16.90 -22.51 -11.70
C4 MAN JA . -15.59 -22.20 -11.07
C5 MAN JA . -14.98 -23.52 -10.63
C6 MAN JA . -13.62 -23.36 -10.01
O2 MAN JA . -17.90 -22.06 -9.65
O3 MAN JA . -17.42 -21.36 -12.34
O4 MAN JA . -14.74 -21.59 -12.02
O5 MAN JA . -15.84 -24.08 -9.61
O6 MAN JA . -13.76 -23.61 -8.61
C1 MAN JA . -19.07 -21.22 -9.81
C2 MAN JA . -19.22 -20.44 -8.47
C3 MAN JA . -19.83 -21.31 -7.41
C4 MAN JA . -21.16 -21.87 -7.90
C5 MAN JA . -20.89 -22.76 -9.11
C6 MAN JA . -22.15 -23.32 -9.73
O2 MAN JA . -20.11 -19.35 -8.63
O3 MAN JA . -20.03 -20.59 -6.20
O4 MAN JA . -21.74 -22.63 -6.87
O5 MAN JA . -20.24 -21.98 -10.15
O6 MAN JA . -22.98 -23.80 -8.70
C1 MAN JA . -18.63 -30.98 -12.15
C2 MAN JA . -18.36 -30.35 -13.53
C3 MAN JA . -19.64 -29.81 -14.13
C4 MAN JA . -20.78 -30.85 -14.06
C5 MAN JA . -20.94 -31.36 -12.63
C6 MAN JA . -21.96 -32.46 -12.51
O2 MAN JA . -17.86 -31.31 -14.48
O3 MAN JA . -19.42 -29.41 -15.47
O4 MAN JA . -21.99 -30.26 -14.49
O5 MAN JA . -19.69 -31.91 -12.19
O6 MAN JA . -21.44 -33.62 -13.12
C1 MAN JA . -19.93 -28.07 -15.63
C2 MAN JA . -19.73 -27.73 -17.12
C3 MAN JA . -18.26 -27.54 -17.43
C4 MAN JA . -17.63 -26.52 -16.48
C5 MAN JA . -17.82 -26.98 -15.04
C6 MAN JA . -17.30 -25.98 -14.03
O2 MAN JA . -20.34 -26.48 -17.44
O3 MAN JA . -18.07 -27.10 -18.78
O4 MAN JA . -16.24 -26.40 -16.74
O5 MAN JA . -19.24 -27.17 -14.78
O6 MAN JA . -18.26 -24.94 -13.90
C1 NAG KA . 23.53 -39.30 8.48
C2 NAG KA . 25.00 -38.89 8.37
C3 NAG KA . 25.87 -39.86 9.18
C4 NAG KA . 25.34 -40.00 10.60
C5 NAG KA . 23.85 -40.33 10.57
C6 NAG KA . 23.22 -40.37 11.95
C7 NAG KA . 26.52 -38.26 6.56
C8 NAG KA . 26.80 -38.33 5.09
N2 NAG KA . 25.42 -38.87 6.98
O3 NAG KA . 27.21 -39.38 9.21
O4 NAG KA . 26.04 -41.05 11.26
O5 NAG KA . 23.14 -39.33 9.83
O6 NAG KA . 22.00 -41.10 11.93
O7 NAG KA . 27.26 -37.65 7.33
C1 NAG KA . 26.69 -40.50 12.42
C2 NAG KA . 26.83 -41.64 13.42
C3 NAG KA . 27.55 -41.17 14.66
C4 NAG KA . 28.89 -40.54 14.29
C5 NAG KA . 28.66 -39.44 13.25
C6 NAG KA . 29.95 -38.85 12.74
C7 NAG KA . 24.98 -43.21 13.07
C8 NAG KA . 23.63 -43.66 13.54
N2 NAG KA . 25.53 -42.20 13.75
O3 NAG KA . 27.76 -42.27 15.54
O4 NAG KA . 29.53 -40.01 15.44
O5 NAG KA . 27.98 -39.97 12.11
O6 NAG KA . 29.87 -38.60 11.34
O7 NAG KA . 25.54 -43.75 12.12
C1 BMA KA . 30.61 -40.88 15.84
C2 BMA KA . 30.40 -41.22 17.33
C3 BMA KA . 31.38 -42.30 17.79
C4 BMA KA . 31.38 -43.48 16.81
C5 BMA KA . 31.67 -42.99 15.40
C6 BMA KA . 31.71 -44.09 14.35
O2 BMA KA . 29.10 -41.74 17.54
O3 BMA KA . 31.08 -42.76 19.10
O4 BMA KA . 32.37 -44.42 17.21
O5 BMA KA . 30.64 -42.06 15.04
O6 BMA KA . 30.37 -44.48 14.07
C1 NAG LA . -14.58 -42.67 -7.06
C2 NAG LA . -14.03 -44.08 -7.20
C3 NAG LA . -13.90 -44.43 -8.67
C4 NAG LA . -15.25 -44.26 -9.35
C5 NAG LA . -15.85 -42.89 -9.07
C6 NAG LA . -17.27 -42.76 -9.53
C7 NAG LA . -12.65 -44.69 -5.29
C8 NAG LA . -11.25 -44.78 -4.74
N2 NAG LA . -12.75 -44.21 -6.53
O3 NAG LA . -13.45 -45.78 -8.79
O4 NAG LA . -15.12 -44.44 -10.76
O5 NAG LA . -15.86 -42.61 -7.65
O6 NAG LA . -18.17 -43.29 -8.56
O7 NAG LA . -13.62 -45.01 -4.64
C1 NAG LA . -15.79 -45.68 -11.07
C2 NAG LA . -16.29 -45.65 -12.51
C3 NAG LA . -16.99 -46.97 -12.84
C4 NAG LA . -16.13 -48.16 -12.48
C5 NAG LA . -15.54 -48.04 -11.07
C6 NAG LA . -14.51 -49.09 -10.77
C7 NAG LA . -17.61 -44.15 -13.93
C8 NAG LA . -18.53 -42.97 -13.96
N2 NAG LA . -17.19 -44.52 -12.71
O3 NAG LA . -17.30 -47.00 -14.23
O4 NAG LA . -16.94 -49.32 -12.52
O5 NAG LA . -14.89 -46.77 -10.90
O6 NAG LA . -13.88 -49.55 -11.94
O7 NAG LA . -17.27 -44.73 -14.96
C1 BMA LA . -16.60 -50.21 -13.60
C2 BMA LA . -17.54 -51.41 -13.49
C3 BMA LA . -17.19 -52.41 -14.57
C4 BMA LA . -17.15 -51.75 -15.95
C5 BMA LA . -16.29 -50.45 -15.94
C6 BMA LA . -16.36 -49.67 -17.24
O2 BMA LA . -18.87 -51.00 -13.74
O3 BMA LA . -18.13 -53.48 -14.57
O4 BMA LA . -16.64 -52.66 -16.92
O5 BMA LA . -16.73 -49.61 -14.88
O6 BMA LA . -17.62 -49.01 -17.30
C1 MAN LA . -17.45 -54.73 -14.43
C2 MAN LA . -18.39 -55.79 -15.02
C3 MAN LA . -19.62 -55.90 -14.14
C4 MAN LA . -19.23 -56.21 -12.70
C5 MAN LA . -18.32 -55.11 -12.19
C6 MAN LA . -17.81 -55.38 -10.80
O2 MAN LA . -17.78 -57.09 -14.98
O3 MAN LA . -20.53 -56.88 -14.63
O4 MAN LA . -20.38 -56.27 -11.88
O5 MAN LA . -17.16 -55.00 -13.06
O6 MAN LA . -17.90 -54.17 -10.05
C1 MAN LA . -18.39 -49.60 -18.37
C2 MAN LA . -18.99 -48.44 -19.22
C3 MAN LA . -20.18 -47.79 -18.50
C4 MAN LA . -21.15 -48.84 -17.94
C5 MAN LA . -20.37 -49.76 -17.02
C6 MAN LA . -21.23 -50.81 -16.33
O2 MAN LA . -19.49 -48.92 -20.47
O3 MAN LA . -20.88 -46.90 -19.37
O4 MAN LA . -22.17 -48.19 -17.23
O5 MAN LA . -19.39 -50.44 -17.82
O6 MAN LA . -20.55 -51.25 -15.16
C1 NAG MA . -29.74 -26.86 -2.71
C2 NAG MA . -30.05 -27.59 -4.01
C3 NAG MA . -30.89 -26.70 -4.94
C4 NAG MA . -32.18 -26.29 -4.24
C5 NAG MA . -31.78 -25.55 -2.96
C6 NAG MA . -32.98 -25.16 -2.11
C7 NAG MA . -27.85 -27.22 -5.06
C8 NAG MA . -26.69 -27.88 -5.74
N2 NAG MA . -28.83 -28.03 -4.68
O3 NAG MA . -31.16 -27.40 -6.15
O4 NAG MA . -33.06 -25.49 -5.02
O5 NAG MA . -30.96 -26.37 -2.13
O6 NAG MA . -32.56 -24.61 -0.88
O7 NAG MA . -27.89 -26.01 -4.87
C1 NAG MA . -33.99 -26.13 -5.97
C2 NAG MA . -35.33 -25.33 -6.27
C3 NAG MA . -35.94 -25.64 -7.67
C4 NAG MA . -34.89 -25.76 -8.74
C5 NAG MA . -33.95 -26.82 -8.25
C6 NAG MA . -32.92 -27.30 -9.25
C7 NAG MA . -37.17 -26.56 -5.16
C8 NAG MA . -38.16 -26.52 -4.03
N2 NAG MA . -36.34 -25.52 -5.24
O3 NAG MA . -36.89 -24.64 -8.00
O4 NAG MA . -35.51 -26.14 -9.96
O5 NAG MA . -33.23 -26.28 -7.15
O6 NAG MA . -32.82 -28.72 -9.20
O7 NAG MA . -37.09 -27.52 -5.91
C1 BMA MA . -35.27 -25.28 -11.10
C2 BMA MA . -35.85 -26.05 -12.36
C3 BMA MA . -36.01 -25.17 -13.59
C4 BMA MA . -36.55 -23.83 -13.24
C5 BMA MA . -35.65 -23.25 -12.22
C6 BMA MA . -35.96 -21.85 -11.94
O2 BMA MA . -37.14 -26.64 -12.07
O3 BMA MA . -36.92 -25.76 -14.47
O4 BMA MA . -36.54 -23.01 -14.38
O5 BMA MA . -35.83 -23.98 -11.00
O6 BMA MA . -35.47 -21.66 -10.67
C1 MAN MA . -35.97 -20.42 -10.18
C2 MAN MA . -35.07 -20.15 -8.99
C3 MAN MA . -35.23 -21.30 -8.00
C4 MAN MA . -36.73 -21.51 -7.65
C5 MAN MA . -37.59 -21.65 -8.90
C6 MAN MA . -39.05 -21.55 -8.59
O2 MAN MA . -35.46 -18.96 -8.29
O3 MAN MA . -34.40 -21.08 -6.85
O4 MAN MA . -36.94 -22.69 -6.88
O5 MAN MA . -37.29 -20.57 -9.81
O6 MAN MA . -39.18 -20.61 -7.52
C1 MAN MA . -33.90 -22.34 -6.35
C2 MAN MA . -32.84 -22.04 -5.20
C3 MAN MA . -31.40 -22.26 -5.61
C4 MAN MA . -31.27 -23.41 -6.55
C5 MAN MA . -32.04 -23.08 -7.77
C6 MAN MA . -31.76 -24.04 -8.90
O2 MAN MA . -33.02 -22.93 -4.13
O3 MAN MA . -30.61 -22.49 -4.48
O4 MAN MA . -29.91 -23.56 -6.91
O5 MAN MA . -33.41 -23.19 -7.44
O6 MAN MA . -32.73 -23.80 -9.90
C1 MAN MA . -39.78 -19.38 -8.01
C2 MAN MA . -38.65 -18.34 -8.17
C3 MAN MA . -38.04 -18.08 -6.82
C4 MAN MA . -39.10 -17.66 -5.83
C5 MAN MA . -40.22 -18.73 -5.78
C6 MAN MA . -41.38 -18.32 -4.90
O2 MAN MA . -39.18 -17.09 -8.56
O3 MAN MA . -37.01 -17.12 -6.90
O4 MAN MA . -38.53 -17.52 -4.54
O5 MAN MA . -40.73 -18.93 -7.10
O6 MAN MA . -40.85 -17.82 -3.68
C1 MAN MA . -36.30 -26.04 -15.74
C2 MAN MA . -37.46 -26.01 -16.70
C3 MAN MA . -38.49 -27.02 -16.21
C4 MAN MA . -37.86 -28.42 -15.97
C5 MAN MA . -36.55 -28.32 -15.14
C6 MAN MA . -35.77 -29.65 -15.04
O2 MAN MA . -37.09 -26.46 -18.02
O3 MAN MA . -39.61 -27.12 -17.11
O4 MAN MA . -38.79 -29.23 -15.27
O5 MAN MA . -35.69 -27.30 -15.71
O6 MAN MA . -36.51 -30.59 -14.20
C1 NAG NA . -17.52 -44.39 0.07
C2 NAG NA . -18.59 -43.91 -0.89
C3 NAG NA . -19.97 -43.96 -0.21
C4 NAG NA . -20.22 -45.33 0.42
C5 NAG NA . -19.03 -45.75 1.27
C6 NAG NA . -19.14 -47.18 1.75
C7 NAG NA . -17.28 -42.25 -2.13
C8 NAG NA . -17.16 -40.82 -2.52
N2 NAG NA . -18.32 -42.56 -1.35
O3 NAG NA . -20.97 -43.71 -1.18
O4 NAG NA . -21.34 -45.24 1.29
O5 NAG NA . -17.82 -45.68 0.50
O6 NAG NA . -18.37 -48.05 0.91
O7 NAG NA . -16.46 -43.10 -2.50
C1 NAG NA . -22.49 -45.82 0.68
C2 NAG NA . -23.60 -45.70 1.71
C3 NAG NA . -24.91 -46.21 1.15
C4 NAG NA . -25.21 -45.58 -0.20
C5 NAG NA . -23.99 -45.62 -1.12
C6 NAG NA . -24.17 -44.78 -2.35
C7 NAG NA . -22.48 -45.91 3.89
C8 NAG NA . -22.25 -46.79 5.08
N2 NAG NA . -23.26 -46.42 2.93
O3 NAG NA . -25.93 -45.87 2.08
O4 NAG NA . -26.24 -46.31 -0.87
O5 NAG NA . -22.84 -45.10 -0.45
O6 NAG NA . -23.72 -43.45 -2.13
O7 NAG NA . -21.99 -44.79 3.79
C1 BMA NA . -27.55 -46.03 -0.35
C2 BMA NA . -28.36 -45.35 -1.44
C3 BMA NA . -29.81 -45.23 -1.05
C4 BMA NA . -30.37 -46.39 -0.21
C5 BMA NA . -29.35 -47.03 0.70
C6 BMA NA . -29.81 -48.36 1.21
O2 BMA NA . -28.33 -46.11 -2.63
O3 BMA NA . -30.57 -45.21 -2.21
O4 BMA NA . -31.40 -45.88 0.59
O5 BMA NA . -28.16 -47.24 -0.02
O6 BMA NA . -30.18 -49.14 0.07
C1 MAN NA . -31.35 -44.02 -2.19
C2 MAN NA . -32.67 -44.43 -2.84
C3 MAN NA . -32.44 -44.75 -4.29
C4 MAN NA . -31.72 -43.62 -4.93
C5 MAN NA . -30.40 -43.56 -4.24
C6 MAN NA . -29.48 -42.62 -4.89
O2 MAN NA . -33.60 -43.40 -2.84
O3 MAN NA . -33.64 -44.99 -5.01
O4 MAN NA . -31.51 -43.90 -6.29
O5 MAN NA . -30.67 -43.10 -2.93
O6 MAN NA . -29.47 -42.98 -6.25
C1 MAN NA . -34.68 -44.02 -2.13
C2 MAN NA . -35.86 -44.20 -3.09
C3 MAN NA . -36.17 -42.86 -3.64
C4 MAN NA . -36.64 -42.06 -2.49
C5 MAN NA . -35.44 -41.88 -1.54
C6 MAN NA . -35.74 -41.10 -0.32
O2 MAN NA . -37.04 -44.55 -2.36
O3 MAN NA . -37.15 -42.89 -4.68
O4 MAN NA . -37.10 -40.84 -2.96
O5 MAN NA . -35.03 -43.17 -1.10
O6 MAN NA . -34.56 -41.11 0.49
C1 MAN NA . -30.94 -50.29 0.53
C2 MAN NA . -29.92 -51.40 0.72
C3 MAN NA . -29.41 -51.87 -0.62
C4 MAN NA . -30.55 -52.24 -1.58
C5 MAN NA . -31.53 -51.08 -1.71
C6 MAN NA . -32.78 -51.47 -2.51
O2 MAN NA . -30.52 -52.54 1.34
O3 MAN NA . -28.56 -52.98 -0.45
O4 MAN NA . -30.00 -52.52 -2.86
O5 MAN NA . -31.96 -50.67 -0.39
O6 MAN NA . -33.42 -52.60 -1.90
C1 MAN NA . -27.28 -52.47 -0.07
C2 MAN NA . -26.64 -51.97 -1.38
C3 MAN NA . -26.37 -53.15 -2.29
C4 MAN NA . -25.61 -54.26 -1.55
C5 MAN NA . -26.40 -54.65 -0.29
C6 MAN NA . -25.74 -55.75 0.52
O2 MAN NA . -25.38 -51.38 -1.13
O3 MAN NA . -25.64 -52.73 -3.44
O4 MAN NA . -25.44 -55.40 -2.37
O5 MAN NA . -26.54 -53.49 0.53
O6 MAN NA . -25.92 -56.98 -0.18
C1 MAN NA . -34.83 -52.65 -2.24
C2 MAN NA . -35.52 -53.83 -1.52
C3 MAN NA . -34.79 -55.08 -1.97
C4 MAN NA . -35.13 -55.32 -3.43
C5 MAN NA . -34.64 -54.13 -4.25
C6 MAN NA . -35.18 -54.14 -5.68
O2 MAN NA . -36.90 -53.97 -1.96
O3 MAN NA . -35.02 -56.24 -1.17
O4 MAN NA . -34.49 -56.51 -3.88
O5 MAN NA . -35.02 -52.82 -3.64
O6 MAN NA . -36.58 -53.91 -5.66
C1 NAG OA . 17.72 -59.47 -0.34
C2 NAG OA . 18.99 -59.01 0.34
C3 NAG OA . 20.19 -59.72 -0.30
C4 NAG OA . 19.97 -61.21 -0.40
C5 NAG OA . 18.56 -61.59 -0.87
C6 NAG OA . 18.23 -63.04 -0.66
C7 NAG OA . 19.22 -56.80 1.35
C8 NAG OA . 19.39 -55.34 1.10
N2 NAG OA . 19.15 -57.57 0.26
O3 NAG OA . 21.35 -59.44 0.47
O4 NAG OA . 20.90 -61.76 -1.34
O5 NAG OA . 17.56 -60.85 -0.15
O6 NAG OA . 17.12 -63.21 0.20
O7 NAG OA . 19.15 -57.27 2.48
C1 NAG OA . 21.04 -60.88 -2.48
C2 NAG OA . 22.45 -60.99 -3.05
C3 NAG OA . 22.59 -60.08 -4.28
C4 NAG OA . 21.48 -60.39 -5.29
C5 NAG OA . 20.13 -60.29 -4.62
C6 NAG OA . 18.99 -60.66 -5.53
C7 NAG OA . 23.76 -61.43 -1.02
C8 NAG OA . 24.82 -60.92 -0.09
N2 NAG OA . 23.45 -60.65 -2.06
O3 NAG OA . 23.87 -60.28 -4.89
O4 NAG OA . 21.55 -59.47 -6.37
O5 NAG OA . 20.07 -61.18 -3.50
O6 NAG OA . 18.06 -59.58 -5.68
O7 NAG OA . 23.21 -62.51 -0.83
C1 NAG PA . -2.75 -43.03 16.60
C2 NAG PA . -3.71 -42.07 17.22
C3 NAG PA . -3.50 -42.05 18.72
C4 NAG PA . -3.57 -43.46 19.29
C5 NAG PA . -2.81 -44.49 18.45
C6 NAG PA . -3.24 -45.91 18.75
C7 NAG PA . -4.12 -40.41 15.47
C8 NAG PA . -3.88 -39.01 15.01
N2 NAG PA . -3.57 -40.75 16.64
O3 NAG PA . -4.48 -41.23 19.33
O4 NAG PA . -2.96 -43.45 20.57
O5 NAG PA . -3.04 -44.31 17.04
O6 NAG PA . -4.62 -46.10 18.44
O7 NAG PA . -4.75 -41.22 14.80
C1 NAG PA . -3.92 -43.60 21.61
C2 NAG PA . -3.14 -43.97 22.88
C3 NAG PA . -4.08 -44.03 24.08
C4 NAG PA . -4.88 -42.74 24.20
C5 NAG PA . -5.59 -42.46 22.88
C6 NAG PA . -6.34 -41.15 22.87
C7 NAG PA . -1.32 -45.38 22.02
C8 NAG PA . -0.75 -46.77 21.95
N2 NAG PA . -2.46 -45.25 22.71
O3 NAG PA . -3.28 -44.25 25.24
O4 NAG PA . -5.85 -42.85 25.23
O5 NAG PA . -4.63 -42.39 21.83
O6 NAG PA . -6.61 -40.73 21.54
O7 NAG PA . -0.77 -44.43 21.47
C1 BMA PA . -5.30 -42.43 26.52
C2 BMA PA . -4.71 -40.98 26.40
C3 BMA PA . -4.33 -40.43 27.77
C4 BMA PA . -5.46 -40.66 28.79
C5 BMA PA . -5.78 -42.15 28.85
C6 BMA PA . -6.79 -42.52 29.93
O2 BMA PA . -5.66 -40.09 25.84
O3 BMA PA . -4.02 -39.05 27.71
O4 BMA PA . -5.06 -40.22 30.08
O5 BMA PA . -6.28 -42.52 27.56
O6 BMA PA . -7.99 -41.80 29.68
C1 NAG QA . -7.73 -41.23 14.27
C2 NAG QA . -8.13 -40.61 15.61
C3 NAG QA . -7.89 -41.60 16.74
C4 NAG QA . -8.54 -42.94 16.46
C5 NAG QA . -8.13 -43.42 15.07
C6 NAG QA . -8.85 -44.68 14.64
C7 NAG QA . -7.65 -38.24 15.20
C8 NAG QA . -6.79 -37.07 15.57
N2 NAG QA . -7.39 -39.38 15.84
O3 NAG QA . -8.43 -41.04 17.94
O4 NAG QA . -8.04 -43.88 17.40
O5 NAG QA . -8.43 -42.43 14.09
O6 NAG QA . -8.67 -44.89 13.24
O7 NAG QA . -8.52 -38.16 14.35
C1 NAG QA . -9.06 -44.45 18.25
C2 NAG QA . -8.64 -45.89 18.54
C3 NAG QA . -9.62 -46.54 19.49
C4 NAG QA . -9.76 -45.70 20.76
C5 NAG QA . -10.16 -44.28 20.38
C6 NAG QA . -10.22 -43.35 21.57
C7 NAG QA . -7.41 -47.25 16.91
C8 NAG QA . -7.48 -48.01 15.62
N2 NAG QA . -8.54 -46.67 17.30
O3 NAG QA . -9.16 -47.84 19.82
O4 NAG QA . -10.75 -46.25 21.63
O5 NAG QA . -9.19 -43.73 19.48
O6 NAG QA . -8.91 -43.00 22.01
O7 NAG QA . -6.37 -47.18 17.55
C1 BMA QA . -10.15 -46.99 22.73
C2 BMA QA . -10.19 -46.10 24.01
C3 BMA QA . -9.77 -46.90 25.25
C4 BMA QA . -10.57 -48.21 25.34
C5 BMA QA . -10.36 -49.01 24.06
C6 BMA QA . -11.12 -50.33 24.09
O2 BMA QA . -11.51 -45.63 24.27
O3 BMA QA . -9.94 -46.16 26.44
O4 BMA QA . -10.14 -48.96 26.45
O5 BMA QA . -10.84 -48.23 22.95
O6 BMA QA . -12.51 -50.05 24.12
C1 NAG RA . -5.36 -51.42 13.26
C2 NAG RA . -6.76 -51.82 12.84
C3 NAG RA . -7.43 -52.65 13.93
C4 NAG RA . -6.55 -53.81 14.35
C5 NAG RA . -5.15 -53.30 14.71
C6 NAG RA . -4.18 -54.42 15.01
C7 NAG RA . -7.34 -49.85 11.48
C8 NAG RA . -8.27 -48.70 11.33
N2 NAG RA . -7.57 -50.65 12.53
O3 NAG RA . -8.67 -53.16 13.44
O4 NAG RA . -7.10 -54.53 15.45
O5 NAG RA . -4.61 -52.57 13.61
O6 NAG RA . -3.91 -55.18 13.84
O7 NAG RA . -6.41 -50.05 10.71
C1 NAG RA . -7.76 -53.72 16.44
C2 NAG RA . -9.07 -54.41 16.82
C3 NAG RA . -9.77 -53.64 17.95
C4 NAG RA . -8.82 -53.44 19.12
C5 NAG RA . -7.55 -52.75 18.65
C6 NAG RA . -6.53 -52.58 19.74
C7 NAG RA . -11.00 -55.34 15.61
C8 NAG RA . -11.78 -55.30 14.33
N2 NAG RA . -9.95 -54.51 15.66
O3 NAG RA . -10.92 -54.37 18.38
O4 NAG RA . -9.44 -52.64 20.13
O5 NAG RA . -6.94 -53.54 17.62
O6 NAG RA . -7.16 -52.39 21.00
O7 NAG RA . -11.29 -56.08 16.54
C1 NAG SA . -3.86 -39.47 -11.79
C2 NAG SA . -5.08 -38.68 -12.27
C3 NAG SA . -5.56 -39.22 -13.63
C4 NAG SA . -4.40 -39.37 -14.60
C5 NAG SA . -3.22 -40.06 -13.93
C6 NAG SA . -1.99 -40.13 -14.81
C7 NAG SA . -7.25 -38.03 -11.33
C8 NAG SA . -8.24 -38.26 -10.22
N2 NAG SA . -6.14 -38.78 -11.29
O3 NAG SA . -6.53 -38.33 -14.17
O4 NAG SA . -4.77 -40.25 -15.65
O5 NAG SA . -2.85 -39.36 -12.74
O6 NAG SA . -2.07 -41.24 -15.68
O7 NAG SA . -7.45 -37.20 -12.21
C1 NAG SA . -5.22 -39.58 -16.85
C2 NAG SA . -4.30 -39.94 -18.00
C3 NAG SA . -4.83 -39.36 -19.30
C4 NAG SA . -6.26 -39.81 -19.54
C5 NAG SA . -7.12 -39.47 -18.33
C6 NAG SA . -8.52 -40.04 -18.43
C7 NAG SA . -1.87 -40.07 -18.35
C8 NAG SA . -0.54 -39.49 -18.00
N2 NAG SA . -2.93 -39.51 -17.77
O3 NAG SA . -4.00 -39.76 -20.39
O4 NAG SA . -6.79 -39.17 -20.70
O5 NAG SA . -6.54 -40.01 -17.13
O6 NAG SA . -8.62 -41.27 -17.71
O7 NAG SA . -2.00 -41.01 -19.12
C1 NAG TA . 53.70 -17.21 -17.69
C2 NAG TA . 54.42 -15.86 -17.53
C3 NAG TA . 55.30 -15.86 -16.30
C4 NAG TA . 54.52 -16.28 -15.06
C5 NAG TA . 53.88 -17.64 -15.33
C6 NAG TA . 53.06 -18.14 -14.16
C7 NAG TA . 55.65 -14.34 -19.00
C8 NAG TA . 56.45 -14.22 -20.27
N2 NAG TA . 55.19 -15.56 -18.72
O3 NAG TA . 55.84 -14.56 -16.11
O4 NAG TA . 55.39 -16.36 -13.94
O5 NAG TA . 53.01 -17.54 -16.46
O6 NAG TA . 51.84 -18.73 -14.59
O7 NAG TA . 55.44 -13.38 -18.27
C1 NAG TA . 55.36 -15.11 -13.20
C2 NAG TA . 55.07 -15.45 -11.74
C3 NAG TA . 55.06 -14.18 -10.89
C4 NAG TA . 56.32 -13.36 -11.11
C5 NAG TA . 56.54 -13.12 -12.61
C6 NAG TA . 57.83 -12.39 -12.91
C7 NAG TA . 53.50 -16.97 -10.61
C8 NAG TA . 52.15 -17.62 -10.67
N2 NAG TA . 53.80 -16.16 -11.63
O3 NAG TA . 54.97 -14.55 -9.51
O4 NAG TA . 56.19 -12.09 -10.46
O5 NAG TA . 56.60 -14.37 -13.29
O6 NAG TA . 58.94 -13.00 -12.25
O7 NAG TA . 54.28 -17.17 -9.67
C1 NAG UA . 51.27 17.17 -12.46
C2 NAG UA . 51.79 16.09 -13.39
C3 NAG UA . 53.27 16.32 -13.68
C4 NAG UA . 53.48 17.72 -14.22
C5 NAG UA . 52.89 18.74 -13.25
C6 NAG UA . 52.92 20.15 -13.79
C7 NAG UA . 51.54 13.65 -13.57
C8 NAG UA . 51.32 12.36 -12.84
N2 NAG UA . 51.59 14.76 -12.83
O3 NAG UA . 53.72 15.36 -14.63
O4 NAG UA . 54.88 17.97 -14.41
O5 NAG UA . 51.52 18.44 -13.02
O6 NAG UA . 51.62 20.57 -14.19
O7 NAG UA . 51.68 13.69 -14.80
C1 NAG UA . 55.11 18.22 -15.81
C2 NAG UA . 56.60 18.51 -16.04
C3 NAG UA . 56.86 18.78 -17.51
C4 NAG UA . 56.30 17.66 -18.38
C5 NAG UA . 54.85 17.35 -18.02
C6 NAG UA . 54.31 16.13 -18.71
C7 NAG UA . 58.29 19.74 -14.75
C8 NAG UA . 58.57 20.96 -13.93
N2 NAG UA . 57.05 19.62 -15.21
O3 NAG UA . 58.26 18.91 -17.71
O4 NAG UA . 56.34 18.05 -19.74
O5 NAG UA . 54.72 17.11 -16.61
O6 NAG UA . 54.99 14.95 -18.29
O7 NAG UA . 59.15 18.90 -14.99
C1 BMA UA . 57.37 17.35 -20.47
C2 BMA UA . 56.66 16.41 -21.49
C3 BMA UA . 57.65 15.88 -22.53
C4 BMA UA . 58.51 17.00 -23.10
C5 BMA UA . 59.24 17.68 -21.95
C6 BMA UA . 60.17 18.78 -22.41
O2 BMA UA . 55.65 17.11 -22.22
O3 BMA UA . 56.98 15.18 -23.58
O4 BMA UA . 59.45 16.47 -24.01
O5 BMA UA . 58.25 18.27 -21.10
O6 BMA UA . 59.37 19.91 -22.74
C1 NAG VA . 1.00 17.29 41.54
C2 NAG VA . 1.02 17.86 42.94
C3 NAG VA . 0.84 19.37 42.89
C4 NAG VA . 1.85 20.00 41.94
C5 NAG VA . 1.84 19.29 40.59
C6 NAG VA . 2.97 19.75 39.69
C7 NAG VA . 0.31 16.31 44.68
C8 NAG VA . -0.84 15.77 45.47
N2 NAG VA . 0.00 17.24 43.77
O3 NAG VA . 1.04 19.82 44.22
O4 NAG VA . 1.63 21.39 41.68
O5 NAG VA . 2.02 17.87 40.76
O6 NAG VA . 3.38 21.07 40.00
O7 NAG VA . 1.45 15.92 44.86
C1 NAG VA . 0.69 22.14 42.50
C2 NAG VA . 1.48 22.85 43.61
C3 NAG VA . 0.55 23.74 44.43
C4 NAG VA . -0.21 24.69 43.52
C5 NAG VA . -0.95 23.89 42.45
C6 NAG VA . -1.67 24.77 41.45
C7 NAG VA . 3.43 21.98 44.80
C8 NAG VA . 3.98 20.91 45.68
N2 NAG VA . 2.15 21.89 44.47
O3 NAG VA . 1.33 24.48 45.35
O4 NAG VA . -1.16 25.44 44.28
O5 NAG VA . -0.02 23.10 41.71
O6 NAG VA . -3.08 24.70 41.62
O7 NAG VA . 4.13 22.91 44.39
C1 NAG WA . -0.87 4.46 39.56
C2 NAG WA . 0.11 3.51 40.22
C3 NAG WA . -0.57 2.19 40.58
C4 NAG WA . -1.89 2.40 41.30
C5 NAG WA . -2.72 3.47 40.61
C6 NAG WA . -3.95 3.88 41.40
C7 NAG WA . 2.48 3.05 39.81
C8 NAG WA . 3.52 2.78 38.77
N2 NAG WA . 1.24 3.26 39.34
O3 NAG WA . 0.30 1.43 41.39
O4 NAG WA . -2.63 1.19 41.22
O5 NAG WA . -1.95 4.65 40.41
O6 NAG WA . -4.90 4.54 40.59
O7 NAG WA . 2.73 3.08 41.00
C1 NAG WA . -2.79 0.51 42.47
C2 NAG WA . -3.13 -0.92 42.10
C3 NAG WA . -3.36 -1.76 43.35
C4 NAG WA . -2.22 -1.60 44.35
C5 NAG WA . -1.82 -0.13 44.51
C6 NAG WA . -0.52 0.05 45.26
C7 NAG WA . -4.21 -1.31 39.93
C8 NAG WA . -5.50 -1.31 39.16
N2 NAG WA . -4.29 -0.98 41.22
O3 NAG WA . -3.46 -3.11 42.92
O4 NAG WA . -2.63 -2.02 45.63
O5 NAG WA . -1.64 0.52 43.24
O6 NAG WA . 0.24 1.11 44.71
O7 NAG WA . -3.14 -1.59 39.41
C1 BMA WA . -2.92 -3.42 45.79
C2 BMA WA . -2.26 -3.90 47.11
C3 BMA WA . -2.74 -5.31 47.45
C4 BMA WA . -4.26 -5.39 47.41
C5 BMA WA . -4.72 -4.99 46.02
C6 BMA WA . -6.22 -5.09 45.83
O2 BMA WA . -2.67 -3.09 48.17
O3 BMA WA . -2.25 -5.74 48.72
O4 BMA WA . -4.70 -6.71 47.70
O5 BMA WA . -4.32 -3.63 45.81
O6 BMA WA . -6.82 -3.96 46.44
C1 NAG XA . -13.69 4.63 31.51
C2 NAG XA . -14.81 3.89 32.16
C3 NAG XA . -15.72 4.88 32.85
C4 NAG XA . -14.92 5.81 33.76
C5 NAG XA . -13.61 6.28 33.10
C6 NAG XA . -12.64 6.88 34.08
C7 NAG XA . -15.39 1.79 31.06
C8 NAG XA . -16.21 1.13 30.00
N2 NAG XA . -15.54 3.11 31.18
O3 NAG XA . -16.68 4.13 33.59
O4 NAG XA . -15.68 6.98 34.00
O5 NAG XA . -12.91 5.21 32.46
O6 NAG XA . -11.31 6.75 33.60
O7 NAG XA . -14.61 1.15 31.78
C1 NAG XA . -16.75 6.75 34.94
C2 NAG XA . -17.00 8.03 35.73
C3 NAG XA . -18.19 7.86 36.67
C4 NAG XA . -19.40 7.35 35.90
C5 NAG XA . -19.03 6.09 35.14
C6 NAG XA . -20.16 5.54 34.29
C7 NAG XA . -14.94 9.33 36.07
C8 NAG XA . -13.78 9.58 36.96
N2 NAG XA . -15.81 8.40 36.48
O3 NAG XA . -18.48 9.10 37.30
O4 NAG XA . -20.46 7.05 36.81
O5 NAG XA . -17.95 6.37 34.25
O6 NAG XA . -19.85 4.25 33.81
O7 NAG XA . -15.11 9.94 35.01
C1 BMA XA . -21.46 8.08 36.71
C2 BMA XA . -22.81 7.40 36.38
C3 BMA XA . -23.94 8.39 36.47
C4 BMA XA . -23.89 9.18 37.78
C5 BMA XA . -22.52 9.84 37.93
C6 BMA XA . -22.37 10.62 39.22
O2 BMA XA . -23.10 6.39 37.32
O3 BMA XA . -25.20 7.74 36.36
O4 BMA XA . -24.89 10.19 37.80
O5 BMA XA . -21.53 8.81 37.93
O6 BMA XA . -21.97 9.70 40.23
C1 NAG YA . -4.31 20.79 20.50
C2 NAG YA . -3.95 22.00 19.68
C3 NAG YA . -3.07 22.94 20.49
C4 NAG YA . -3.74 23.30 21.81
C5 NAG YA . -4.25 22.05 22.53
C6 NAG YA . -5.19 22.39 23.67
C7 NAG YA . -3.38 22.40 17.34
C8 NAG YA . -2.65 21.91 16.13
N2 NAG YA . -3.30 21.64 18.43
O3 NAG YA . -2.88 24.09 19.68
O4 NAG YA . -2.84 23.92 22.72
O5 NAG YA . -5.00 21.20 21.66
O6 NAG YA . -4.59 23.30 24.59
O7 NAG YA . -4.04 23.43 17.32
C1 NAG YA . -1.94 24.96 22.23
C2 NAG YA . -1.87 26.12 23.21
C3 NAG YA . -0.91 27.17 22.68
C4 NAG YA . 0.45 26.54 22.39
C5 NAG YA . 0.32 25.31 21.51
C6 NAG YA . 1.61 24.54 21.42
C7 NAG YA . -3.93 26.36 24.52
C8 NAG YA . -5.24 27.07 24.62
N2 NAG YA . -3.17 26.70 23.46
O3 NAG YA . -0.77 28.21 23.63
O4 NAG YA . 1.28 27.49 21.72
O5 NAG YA . -0.65 24.39 22.05
O6 NAG YA . 1.87 23.85 22.64
O7 NAG YA . -3.56 25.52 25.33
C1 NAG ZA . 36.95 30.10 1.15
C2 NAG ZA . 36.61 31.01 2.32
C3 NAG ZA . 37.22 32.39 2.10
C4 NAG ZA . 38.69 32.31 1.69
C5 NAG ZA . 38.97 31.21 0.66
C6 NAG ZA . 40.43 30.88 0.53
C7 NAG ZA . 34.62 31.32 3.70
C8 NAG ZA . 33.14 31.42 3.70
N2 NAG ZA . 35.18 31.11 2.50
O3 NAG ZA . 37.07 33.15 3.28
O4 NAG ZA . 39.07 33.59 1.19
O5 NAG ZA . 38.33 29.98 1.04
O6 NAG ZA . 40.63 29.51 0.19
O7 NAG ZA . 35.28 31.41 4.72
C1 NAG ZA . 39.04 33.84 -0.24
C2 NAG ZA . 37.68 34.35 -0.78
C3 NAG ZA . 37.80 34.82 -2.23
C4 NAG ZA . 38.95 35.82 -2.38
C5 NAG ZA . 40.23 35.17 -1.86
C6 NAG ZA . 41.43 36.09 -1.95
C7 NAG ZA . 35.36 33.57 -0.56
C8 NAG ZA . 34.46 32.39 -0.45
N2 NAG ZA . 36.67 33.31 -0.68
O3 NAG ZA . 36.58 35.43 -2.63
O4 NAG ZA . 39.12 36.18 -3.74
O5 NAG ZA . 40.05 34.82 -0.49
O6 NAG ZA . 42.64 35.34 -1.93
O7 NAG ZA . 34.93 34.72 -0.51
C1 NAG AB . 27.99 7.17 18.85
C2 NAG AB . 26.61 6.76 19.32
C3 NAG AB . 26.73 5.78 20.46
C4 NAG AB . 27.68 4.64 20.11
C5 NAG AB . 28.98 5.20 19.56
C6 NAG AB . 29.91 4.13 19.03
C7 NAG AB . 24.60 7.94 20.13
C8 NAG AB . 24.04 9.27 20.52
N2 NAG AB . 25.88 7.95 19.73
O3 NAG AB . 25.43 5.26 20.76
O4 NAG AB . 27.98 3.88 21.27
O5 NAG AB . 28.69 6.06 18.46
O6 NAG AB . 30.87 4.70 18.16
O7 NAG AB . 23.94 6.91 20.17
C1 NAG AB . 27.09 2.78 21.25
C2 NAG AB . 27.90 1.59 21.68
C3 NAG AB . 27.01 0.36 21.73
C4 NAG AB . 25.75 0.60 22.53
C5 NAG AB . 25.09 1.92 22.16
C6 NAG AB . 24.02 2.34 23.14
C7 NAG AB . 30.06 0.62 21.06
C8 NAG AB . 31.11 0.52 19.99
N2 NAG AB . 29.00 1.39 20.76
O3 NAG AB . 27.75 -0.72 22.31
O4 NAG AB . 24.85 -0.43 22.16
O5 NAG AB . 26.05 2.99 22.17
O6 NAG AB . 24.29 1.81 24.43
O7 NAG AB . 30.16 0.05 22.12
C1 BMA AB . 24.14 -1.09 23.23
C2 BMA AB . 23.75 -2.41 22.63
C3 BMA AB . 22.86 -3.12 23.62
C4 BMA AB . 23.52 -3.24 24.98
C5 BMA AB . 24.13 -1.90 25.42
C6 BMA AB . 25.02 -2.07 26.62
O2 BMA AB . 24.90 -3.20 22.49
O3 BMA AB . 22.44 -4.40 23.12
O4 BMA AB . 22.56 -3.61 25.95
O5 BMA AB . 24.92 -1.33 24.36
O6 BMA AB . 25.56 -3.40 26.58
C1 MAN AB . 21.03 -4.31 22.80
C2 MAN AB . 20.45 -5.72 22.47
C3 MAN AB . 20.94 -6.19 21.12
C4 MAN AB . 20.52 -5.18 20.09
C5 MAN AB . 21.28 -3.90 20.40
C6 MAN AB . 20.99 -2.80 19.42
O2 MAN AB . 19.05 -5.59 22.34
O3 MAN AB . 20.45 -7.47 20.76
O4 MAN AB . 20.88 -5.64 18.82
O5 MAN AB . 20.84 -3.41 21.69
O6 MAN AB . 20.22 -1.82 20.09
C1 MAN AB . 18.35 -6.76 22.82
C2 MAN AB . 16.87 -6.34 22.97
C3 MAN AB . 16.65 -5.54 24.23
C4 MAN AB . 17.15 -6.33 25.43
C5 MAN AB . 18.65 -6.55 25.28
C6 MAN AB . 19.25 -7.41 26.38
O2 MAN AB . 16.02 -7.47 23.10
O3 MAN AB . 15.29 -5.20 24.41
O4 MAN AB . 16.90 -5.61 26.61
O5 MAN AB . 18.92 -7.27 24.05
O6 MAN AB . 18.74 -6.94 27.62
C1 MAN AB . 27.00 -3.30 26.60
C2 MAN AB . 27.53 -4.38 25.62
C3 MAN AB . 27.31 -5.77 26.21
C4 MAN AB . 27.80 -5.85 27.66
C5 MAN AB . 27.17 -4.73 28.50
C6 MAN AB . 27.70 -4.69 29.92
O2 MAN AB . 28.93 -4.27 25.40
O3 MAN AB . 27.97 -6.74 25.42
O4 MAN AB . 27.46 -7.10 28.22
O5 MAN AB . 27.50 -3.47 27.90
O6 MAN AB . 29.04 -4.23 29.89
C1 MAN AB . 27.02 -7.78 25.10
C2 MAN AB . 27.82 -8.84 24.30
C3 MAN AB . 28.16 -8.32 22.92
C4 MAN AB . 26.90 -7.82 22.21
C5 MAN AB . 26.22 -6.74 23.05
C6 MAN AB . 24.92 -6.27 22.44
O2 MAN AB . 27.03 -10.00 24.09
O3 MAN AB . 28.78 -9.32 22.14
O4 MAN AB . 27.25 -7.28 20.94
O5 MAN AB . 25.93 -7.27 24.36
O6 MAN AB . 23.92 -7.22 22.74
C1 NAG BB . 26.62 38.17 3.09
C2 NAG BB . 26.66 38.72 1.67
C3 NAG BB . 26.96 40.22 1.70
C4 NAG BB . 26.01 40.94 2.64
C5 NAG BB . 25.99 40.25 4.01
C6 NAG BB . 24.98 40.84 4.96
C7 NAG BB . 27.70 38.04 -0.45
C8 NAG BB . 28.79 37.25 -1.09
N2 NAG BB . 27.66 38.01 0.89
O3 NAG BB . 26.85 40.75 0.38
O4 NAG BB . 26.44 42.28 2.80
O5 NAG BB . 25.65 38.87 3.84
O6 NAG BB . 25.30 40.50 6.31
O7 NAG BB . 26.88 38.69 -1.11
C1 NAG BB . 25.38 43.16 2.37
C2 NAG BB . 25.55 44.46 3.14
C3 NAG BB . 24.50 45.47 2.70
C4 NAG BB . 24.55 45.66 1.20
C5 NAG BB . 24.41 44.30 0.50
C6 NAG BB . 24.56 44.38 -1.00
C7 NAG BB . 26.57 43.96 5.31
C8 NAG BB . 26.33 43.74 6.77
N2 NAG BB . 25.49 44.22 4.56
O3 NAG BB . 24.74 46.70 3.36
O4 NAG BB . 23.51 46.53 0.77
O5 NAG BB . 25.44 43.42 0.96
O6 NAG BB . 25.32 43.29 -1.49
O7 NAG BB . 27.70 43.92 4.82
C1 BMA BB . 24.05 47.82 0.46
C2 BMA BB . 23.25 48.87 1.26
C3 BMA BB . 23.89 50.25 1.15
C4 BMA BB . 25.39 50.19 1.43
C5 BMA BB . 26.04 49.16 0.51
C6 BMA BB . 27.55 49.02 0.70
O2 BMA BB . 23.25 48.54 2.64
O3 BMA BB . 23.28 51.18 2.03
O4 BMA BB . 25.98 51.46 1.22
O5 BMA BB . 25.44 47.88 0.77
O6 BMA BB . 27.77 48.27 1.87
C1 NAG CB . 32.66 8.09 30.73
C2 NAG CB . 33.86 9.00 30.94
C3 NAG CB . 35.12 8.25 30.56
C4 NAG CB . 35.23 6.96 31.35
C5 NAG CB . 33.93 6.15 31.23
C6 NAG CB . 33.91 4.97 32.18
C7 NAG CB . 33.26 11.34 30.72
C8 NAG CB . 33.20 12.54 29.82
N2 NAG CB . 33.73 10.22 30.18
O3 NAG CB . 36.25 9.08 30.83
O4 NAG CB . 36.33 6.19 30.89
O5 NAG CB . 32.80 6.95 31.55
O6 NAG CB . 33.48 5.38 33.47
O7 NAG CB . 32.87 11.39 31.89
C1 NAG CB . 37.30 6.21 31.95
C2 NAG CB . 38.15 4.95 31.90
C3 NAG CB . 39.20 4.98 33.01
C4 NAG CB . 39.97 6.29 33.02
C5 NAG CB . 39.03 7.49 32.93
C6 NAG CB . 39.77 8.79 32.71
C7 NAG CB . 37.80 2.52 31.77
C8 NAG CB . 36.82 1.41 31.91
N2 NAG CB . 37.34 3.75 31.99
O3 NAG CB . 40.10 3.89 32.84
O4 NAG CB . 40.68 6.37 34.24
O5 NAG CB . 38.12 7.35 31.83
O6 NAG CB . 41.00 8.59 32.06
O7 NAG CB . 38.98 2.31 31.46
C1 BMA CB . 42.11 6.29 34.07
C2 BMA CB . 42.72 6.41 35.46
C3 BMA CB . 44.23 6.38 35.35
C4 BMA CB . 44.70 5.14 34.55
C5 BMA CB . 43.92 5.01 33.21
C6 BMA CB . 44.22 3.71 32.48
O2 BMA CB . 42.36 5.29 36.26
O3 BMA CB . 44.83 6.36 36.63
O4 BMA CB . 46.09 5.24 34.28
O5 BMA CB . 42.51 5.05 33.48
O6 BMA CB . 43.56 2.65 33.15
C1 MAN CB . 45.75 7.47 36.76
C2 MAN CB . 46.74 7.06 37.85
C3 MAN CB . 46.01 7.00 39.18
C4 MAN CB . 45.32 8.34 39.47
C5 MAN CB . 44.35 8.66 38.34
C6 MAN CB . 43.69 10.01 38.50
O2 MAN CB . 47.75 8.06 38.02
O3 MAN CB . 46.87 6.64 40.25
O4 MAN CB . 44.60 8.27 40.68
O5 MAN CB . 45.07 8.67 37.08
O6 MAN CB . 42.32 9.86 38.21
C1 MAN CB . 44.57 1.78 33.73
C2 MAN CB . 44.20 0.31 33.36
C3 MAN CB . 43.04 -0.20 34.22
C4 MAN CB . 43.23 0.15 35.70
C5 MAN CB . 43.41 1.66 35.83
C6 MAN CB . 43.55 2.14 37.26
O2 MAN CB . 45.30 -0.57 33.62
O3 MAN CB . 42.86 -1.60 34.08
O4 MAN CB . 42.10 -0.26 36.44
O5 MAN CB . 44.62 1.99 35.13
O6 MAN CB . 43.19 3.53 37.30
C1 NAG DB . 15.68 -5.23 36.47
C2 NAG DB . 17.02 -5.92 36.68
C3 NAG DB . 16.87 -7.44 36.63
C4 NAG DB . 15.86 -7.89 37.69
C5 NAG DB . 14.54 -7.18 37.40
C6 NAG DB . 13.49 -7.48 38.44
C7 NAG DB . 17.86 -5.57 34.39
C8 NAG DB . 19.00 -5.05 33.57
N2 NAG DB . 18.02 -5.46 35.72
O3 NAG DB . 18.13 -8.05 36.82
O4 NAG DB . 15.66 -9.30 37.76
O5 NAG DB . 14.72 -5.76 37.40
O6 NAG DB . 12.32 -6.68 38.21
O7 NAG DB . 16.86 -6.05 33.88
C1 NAG DB . 16.59 -10.14 38.53
C2 NAG DB . 15.99 -11.49 39.13
C3 NAG DB . 17.04 -12.61 39.33
C4 NAG DB . 18.04 -12.68 38.21
C5 NAG DB . 18.64 -11.30 38.13
C6 NAG DB . 19.84 -11.17 37.22
C7 NAG DB . 15.78 -11.16 41.57
C8 NAG DB . 14.82 -11.00 42.70
N2 NAG DB . 15.23 -11.28 40.35
O3 NAG DB . 16.37 -13.85 39.51
O4 NAG DB . 19.01 -13.66 38.52
O5 NAG DB . 17.63 -10.44 37.62
O6 NAG DB . 20.84 -10.39 37.87
O7 NAG DB . 16.99 -11.16 41.76
C1 BMA DB . 19.22 -14.71 37.53
C2 BMA DB . 20.51 -15.50 37.99
C3 BMA DB . 20.68 -16.86 37.31
C4 BMA DB . 19.39 -17.57 37.19
C5 BMA DB . 18.44 -16.66 36.47
C6 BMA DB . 17.20 -17.33 36.13
O2 BMA DB . 20.51 -15.74 39.42
O3 BMA DB . 21.54 -17.65 38.05
O4 BMA DB . 19.57 -18.73 36.41
O5 BMA DB . 18.12 -15.59 37.38
O6 BMA DB . 16.30 -16.31 36.04
C1 MAN DB . 14.99 -16.86 35.97
C2 MAN DB . 14.15 -15.70 35.48
C3 MAN DB . 14.29 -14.56 36.49
C4 MAN DB . 13.93 -15.06 37.94
C5 MAN DB . 14.72 -16.31 38.29
C6 MAN DB . 14.17 -16.97 39.53
O2 MAN DB . 12.77 -16.03 35.43
O3 MAN DB . 13.50 -13.43 36.07
O4 MAN DB . 14.21 -14.08 38.93
O5 MAN DB . 14.61 -17.29 37.23
O6 MAN DB . 12.76 -16.80 39.50
C1 MAN DB . 14.15 -12.20 36.46
C2 MAN DB . 13.35 -10.99 35.81
C3 MAN DB . 14.04 -10.36 34.63
C4 MAN DB . 15.53 -10.33 34.80
C5 MAN DB . 15.98 -11.75 34.87
C6 MAN DB . 17.46 -11.88 34.78
O2 MAN DB . 13.23 -9.94 36.73
O3 MAN DB . 13.59 -9.03 34.46
O4 MAN DB . 16.12 -9.74 33.67
O5 MAN DB . 15.58 -12.24 36.14
O6 MAN DB . 17.80 -13.20 35.13
C1 MAN DB . 12.10 -18.06 39.21
C2 MAN DB . 11.66 -18.04 37.74
C3 MAN DB . 10.68 -16.91 37.54
C4 MAN DB . 9.51 -17.06 38.50
C5 MAN DB . 10.04 -17.13 39.95
C6 MAN DB . 8.95 -17.39 40.96
O2 MAN DB . 10.94 -19.21 37.42
O3 MAN DB . 10.21 -16.87 36.20
O4 MAN DB . 8.64 -15.95 38.37
O5 MAN DB . 10.99 -18.20 40.05
O6 MAN DB . 7.86 -16.52 40.66
C1 MAN DB . 22.70 -18.01 37.31
C2 MAN DB . 23.13 -19.33 37.92
C3 MAN DB . 23.32 -19.09 39.41
C4 MAN DB . 24.28 -17.87 39.68
C5 MAN DB . 23.89 -16.63 38.82
C6 MAN DB . 24.91 -15.48 38.89
O2 MAN DB . 24.39 -19.77 37.43
O3 MAN DB . 23.81 -20.25 40.09
O4 MAN DB . 24.23 -17.53 41.06
O5 MAN DB . 23.70 -17.04 37.45
O6 MAN DB . 24.89 -14.88 40.22
C1 NAG EB . 28.56 12.04 36.20
C2 NAG EB . 28.66 10.57 36.53
C3 NAG EB . 28.00 10.29 37.87
C4 NAG EB . 28.50 11.24 38.95
C5 NAG EB . 28.45 12.68 38.47
C6 NAG EB . 29.12 13.63 39.42
C7 NAG EB . 28.55 9.67 34.25
C8 NAG EB . 27.80 8.77 33.31
N2 NAG EB . 28.06 9.76 35.48
O3 NAG EB . 28.28 8.95 38.26
O4 NAG EB . 27.66 11.14 40.09
O5 NAG EB . 29.13 12.81 37.22
O6 NAG EB . 30.44 13.92 38.97
O7 NAG EB . 29.55 10.29 33.90
C1 NAG EB . 28.27 10.38 41.13
C2 NAG EB . 27.29 10.39 42.28
C3 NAG EB . 27.80 9.53 43.41
C4 NAG EB . 28.20 8.14 42.92
C5 NAG EB . 29.06 8.23 41.67
C6 NAG EB . 29.27 6.90 41.01
C7 NAG EB . 26.17 12.57 42.16
C8 NAG EB . 26.04 13.93 42.78
N2 NAG EB . 27.05 11.74 42.74
O3 NAG EB . 26.75 9.41 44.37
O4 NAG EB . 28.99 7.49 43.91
O5 NAG EB . 28.45 9.08 40.69
O6 NAG EB . 28.25 6.65 40.06
O7 NAG EB . 25.52 12.23 41.18
C1 BMA EB . 28.20 6.96 45.00
C2 BMA EB . 28.31 5.44 44.96
C3 BMA EB . 27.71 4.83 46.21
C4 BMA EB . 27.86 5.64 47.49
C5 BMA EB . 27.89 7.15 47.27
C6 BMA EB . 28.42 7.87 48.47
O2 BMA EB . 29.66 5.04 44.95
O3 BMA EB . 28.33 3.62 46.45
O4 BMA EB . 26.78 5.35 48.33
O5 BMA EB . 28.73 7.43 46.19
O6 BMA EB . 29.68 7.29 48.81
C1 MAN EB . 27.32 2.62 46.49
C2 MAN EB . 27.82 1.65 47.55
C3 MAN EB . 29.07 0.95 47.07
C4 MAN EB . 28.82 0.39 45.73
C5 MAN EB . 28.55 1.56 44.85
C6 MAN EB . 28.48 1.17 43.44
O2 MAN EB . 26.91 0.62 47.80
O3 MAN EB . 29.51 -0.07 47.93
O4 MAN EB . 29.97 -0.28 45.27
O5 MAN EB . 27.29 2.05 45.25
O6 MAN EB . 29.66 0.45 43.18
C1 MAN EB . 26.68 0.79 49.21
C2 MAN EB . 27.25 -0.43 49.94
C3 MAN EB . 26.60 -1.62 49.35
C4 MAN EB . 25.17 -1.50 49.69
C5 MAN EB . 24.62 -0.29 48.93
C6 MAN EB . 23.18 -0.02 49.18
O2 MAN EB . 26.80 -0.43 51.30
O3 MAN EB . 27.16 -2.84 49.84
O4 MAN EB . 24.53 -2.68 49.32
O5 MAN EB . 25.32 0.86 49.38
O6 MAN EB . 22.85 1.18 48.47
C1 MAN EB . 30.05 7.74 50.13
C2 MAN EB . 30.89 8.98 49.92
C3 MAN EB . 32.24 8.59 49.32
C4 MAN EB . 32.94 7.50 50.12
C5 MAN EB . 32.03 6.30 50.31
C6 MAN EB . 32.61 5.25 51.26
O2 MAN EB . 31.19 9.60 51.16
O3 MAN EB . 33.07 9.72 49.24
O4 MAN EB . 34.10 7.08 49.42
O5 MAN EB . 30.76 6.73 50.86
O6 MAN EB . 32.90 5.86 52.53
C1 MAN EB . 32.68 10.44 48.07
C2 MAN EB . 33.31 9.68 46.89
C3 MAN EB . 34.82 9.81 46.97
C4 MAN EB . 35.25 11.27 47.15
C5 MAN EB . 34.55 11.87 48.37
C6 MAN EB . 34.90 13.31 48.63
O2 MAN EB . 32.95 10.27 45.66
O3 MAN EB . 35.43 9.25 45.82
O4 MAN EB . 36.65 11.37 47.32
O5 MAN EB . 33.13 11.76 48.16
O6 MAN EB . 36.22 13.34 49.17
C1 MAN EB . 32.92 4.85 53.59
C2 MAN EB . 33.15 5.53 54.95
C3 MAN EB . 34.48 6.25 54.85
C4 MAN EB . 35.57 5.20 54.79
C5 MAN EB . 35.36 4.34 53.53
C6 MAN EB . 36.24 3.10 53.53
O2 MAN EB . 33.30 4.53 56.00
O3 MAN EB . 34.72 7.23 55.86
O4 MAN EB . 36.84 5.84 54.72
O5 MAN EB . 33.94 3.90 53.39
O6 MAN EB . 35.80 2.20 54.56
C1 NAG FB . 45.95 38.89 15.08
C2 NAG FB . 45.40 39.83 14.03
C3 NAG FB . 46.55 40.42 13.20
C4 NAG FB . 47.65 40.97 14.10
C5 NAG FB . 47.98 40.04 15.28
C6 NAG FB . 48.84 40.70 16.34
C7 NAG FB . 43.18 39.55 13.05
C8 NAG FB . 42.32 38.76 12.12
N2 NAG FB . 44.45 39.16 13.16
O3 NAG FB . 46.04 41.45 12.38
O4 NAG FB . 48.84 41.13 13.33
O5 NAG FB . 46.79 39.60 15.94
O6 NAG FB . 48.16 40.74 17.59
O7 NAG FB . 42.75 40.50 13.70
C1 NAG FB . 49.01 40.01 12.43
C2 NAG FB . 49.73 40.47 11.16
C3 NAG FB . 49.93 39.28 10.21
C4 NAG FB . 50.63 38.14 10.93
C5 NAG FB . 49.86 37.78 12.20
C6 NAG FB . 50.54 36.70 13.01
C7 NAG FB . 48.91 42.78 10.95
C8 NAG FB . 48.11 43.74 10.13
N2 NAG FB . 48.99 41.53 10.48
O3 NAG FB . 50.71 39.69 9.08
O4 NAG FB . 50.72 37.00 10.08
O5 NAG FB . 49.75 38.92 13.03
O6 NAG FB . 49.69 35.57 13.18
O7 NAG FB . 49.45 43.12 12.00
C1 NAG GB . 19.08 30.71 28.75
C2 NAG GB . 17.81 30.11 29.24
C3 NAG GB . 16.82 31.22 29.52
C4 NAG GB . 17.42 32.26 30.47
C5 NAG GB . 18.86 32.61 30.10
C6 NAG GB . 19.59 33.28 31.25
C7 NAG GB . 17.72 27.90 28.19
C8 NAG GB . 17.07 27.04 27.15
N2 NAG GB . 17.26 29.16 28.29
O3 NAG GB . 15.64 30.68 30.10
O4 NAG GB . 16.67 33.44 30.37
O5 NAG GB . 19.65 31.46 29.75
O6 NAG GB . 19.70 32.39 32.36
O7 NAG GB . 18.63 27.49 28.89
C1 NAG GB . 15.90 33.68 31.54
C2 NAG GB . 15.46 35.15 31.50
C3 NAG GB . 14.52 35.46 32.65
C4 NAG GB . 13.36 34.45 32.70
C5 NAG GB . 13.93 33.04 32.73
C6 NAG GB . 12.86 31.97 32.67
C7 NAG GB . 17.36 36.28 30.45
C8 NAG GB . 18.51 37.23 30.66
N2 NAG GB . 16.60 36.04 31.52
O3 NAG GB . 14.03 36.78 32.49
O4 NAG GB . 12.56 34.66 33.86
O5 NAG GB . 14.77 32.84 31.58
O6 NAG GB . 13.40 30.72 32.27
O7 NAG GB . 17.15 35.76 29.36
C1 BMA GB . 11.50 35.62 33.61
C2 BMA GB . 10.65 35.16 32.37
C3 BMA GB . 9.40 36.02 32.23
C4 BMA GB . 8.67 36.19 33.57
C5 BMA GB . 9.64 36.77 34.59
C6 BMA GB . 9.00 37.10 35.93
O2 BMA GB . 10.22 33.82 32.53
O3 BMA GB . 8.51 35.47 31.27
O4 BMA GB . 7.56 37.06 33.43
O5 BMA GB . 10.68 35.80 34.78
O6 BMA GB . 8.43 35.92 36.46
C1 NAG HB . 18.46 25.48 31.16
C2 NAG HB . 17.05 25.85 31.58
C3 NAG HB . 17.03 27.22 32.24
C4 NAG HB . 18.07 27.33 33.33
C5 NAG HB . 19.43 26.86 32.82
C6 NAG HB . 20.48 26.79 33.88
C7 NAG HB . 15.72 24.68 29.89
C8 NAG HB . 14.78 24.85 28.73
N2 NAG HB . 16.15 25.82 30.44
O3 NAG HB . 15.73 27.46 32.77
O4 NAG HB . 18.19 28.69 33.70
O5 NAG HB . 19.32 25.55 32.26
O6 NAG HB . 21.62 26.06 33.41
O7 NAG HB . 16.07 23.58 30.29
C1 NAG HB . 17.84 28.97 35.07
C2 NAG HB . 18.76 30.10 35.54
C3 NAG HB . 18.40 30.51 36.96
C4 NAG HB . 16.93 30.87 37.05
C5 NAG HB . 16.09 29.70 36.54
C6 NAG HB . 14.62 30.00 36.49
C7 NAG HB . 21.06 30.37 34.71
C8 NAG HB . 22.45 29.84 34.75
N2 NAG HB . 20.16 29.72 35.45
O3 NAG HB . 19.21 31.63 37.34
O4 NAG HB . 16.57 31.17 38.39
O5 NAG HB . 16.49 29.37 35.20
O6 NAG HB . 14.30 30.85 35.40
O7 NAG HB . 20.76 31.35 34.04
C1 BMA HB . 16.45 32.59 38.62
C2 BMA HB . 14.94 33.00 38.61
C3 BMA HB . 14.76 34.45 39.05
C4 BMA HB . 15.49 34.70 40.38
C5 BMA HB . 16.96 34.37 40.22
C6 BMA HB . 17.75 34.60 41.49
O2 BMA HB . 14.20 32.20 39.52
O3 BMA HB . 13.40 34.79 39.20
O4 BMA HB . 15.35 36.06 40.76
O5 BMA HB . 17.07 32.97 39.86
O6 BMA HB . 17.28 33.70 42.49
C1 NAG IB . 26.86 31.13 33.98
C2 NAG IB . 27.19 30.25 35.19
C3 NAG IB . 26.93 31.01 36.49
C4 NAG IB . 27.63 32.36 36.47
C5 NAG IB . 27.27 33.13 35.21
C6 NAG IB . 28.05 34.42 35.08
C7 NAG IB . 26.59 28.05 34.25
C8 NAG IB . 25.70 26.86 34.38
N2 NAG IB . 26.42 29.02 35.16
O3 NAG IB . 27.41 30.23 37.58
O4 NAG IB . 27.31 33.13 37.63
O5 NAG IB . 27.60 32.34 34.06
O6 NAG IB . 29.43 34.16 34.87
O7 NAG IB . 27.42 28.16 33.36
C1 NAG IB . 25.93 33.03 38.07
C2 NAG IB . 25.93 32.88 39.59
C3 NAG IB . 24.50 32.88 40.13
C4 NAG IB . 23.74 34.09 39.63
C5 NAG IB . 23.80 34.15 38.11
C6 NAG IB . 23.12 35.36 37.54
C7 NAG IB . 27.08 31.45 41.23
C8 NAG IB . 27.78 30.14 41.46
N2 NAG IB . 26.64 31.67 39.99
O3 NAG IB . 24.52 32.87 41.55
O4 NAG IB . 22.38 34.02 40.05
O5 NAG IB . 25.17 34.19 37.69
O6 NAG IB . 22.02 35.76 38.35
O7 NAG IB . 26.93 32.27 42.13
C1 NAG JB . 35.49 9.36 18.98
C2 NAG JB . 35.03 7.98 19.43
C3 NAG JB . 36.23 7.07 19.66
C4 NAG JB . 37.22 7.14 18.49
C5 NAG JB . 37.47 8.59 18.09
C6 NAG JB . 38.33 8.73 16.86
C7 NAG JB . 33.53 7.07 21.16
C8 NAG JB . 32.77 7.37 22.42
N2 NAG JB . 34.24 8.08 20.64
O3 NAG JB . 35.79 5.72 19.83
O4 NAG JB . 38.49 6.64 18.91
O5 NAG JB . 36.23 9.25 17.82
O6 NAG JB . 39.70 8.63 17.21
O7 NAG JB . 33.51 5.96 20.64
C1 NAG JB . 38.74 5.28 18.56
C2 NAG JB . 39.94 5.20 17.63
C3 NAG JB . 40.30 3.74 17.36
C4 NAG JB . 40.52 3.01 18.67
C5 NAG JB . 39.31 3.16 19.58
C6 NAG JB . 39.53 2.60 20.95
C7 NAG JB . 40.70 6.38 15.63
C8 NAG JB . 40.29 7.09 14.37
N2 NAG JB . 39.71 5.91 16.39
O3 NAG JB . 41.47 3.68 16.56
O4 NAG JB . 40.75 1.62 18.41
O5 NAG JB . 39.00 4.55 19.75
O6 NAG JB . 39.92 3.62 21.87
O7 NAG JB . 41.88 6.26 15.95
C1 NAG KB . 33.71 27.19 -40.49
C2 NAG KB . 32.77 27.01 -41.69
C3 NAG KB . 32.08 28.33 -42.02
C4 NAG KB . 31.39 28.91 -40.79
C5 NAG KB . 32.43 29.06 -39.68
C6 NAG KB . 31.84 29.60 -38.40
C7 NAG KB . 32.91 26.00 -43.92
C8 NAG KB . 33.82 25.55 -45.02
N2 NAG KB . 33.50 26.53 -42.85
O3 NAG KB . 31.11 28.11 -43.06
O4 NAG KB . 30.84 30.18 -41.10
O5 NAG KB . 32.99 27.76 -39.38
O6 NAG KB . 32.34 28.92 -37.26
O7 NAG KB . 31.69 25.88 -44.00
C1 NAG KB . 29.44 30.03 -41.46
C2 NAG KB . 28.63 31.00 -40.60
C3 NAG KB . 27.15 30.92 -40.95
C4 NAG KB . 26.93 31.07 -42.46
C5 NAG KB . 27.82 30.09 -43.23
C6 NAG KB . 27.73 30.28 -44.72
C7 NAG KB . 28.66 31.61 -38.21
C8 NAG KB . 28.93 31.12 -36.82
N2 NAG KB . 28.84 30.71 -39.19
O3 NAG KB . 26.45 31.95 -40.26
O4 NAG KB . 25.57 30.80 -42.77
O5 NAG KB . 29.18 30.30 -42.85
O6 NAG KB . 27.90 31.63 -45.10
O7 NAG KB . 28.29 32.76 -38.44
C1 NAG LB . -34.05 28.01 -36.10
C2 NAG LB . -35.47 28.04 -35.57
C3 NAG LB . -36.41 27.42 -36.61
C4 NAG LB . -36.24 28.12 -37.94
C5 NAG LB . -34.77 28.16 -38.36
C6 NAG LB . -34.52 28.97 -39.60
C7 NAG LB . -36.56 27.58 -33.43
C8 NAG LB . -36.52 26.79 -32.16
N2 NAG LB . -35.58 27.35 -34.31
O3 NAG LB . -37.75 27.51 -36.16
O4 NAG LB . -36.99 27.44 -38.95
O5 NAG LB . -33.98 28.73 -37.31
O6 NAG LB . -33.19 29.49 -39.62
O7 NAG LB . -37.46 28.39 -33.66
C1 NAG MB . 12.14 -6.81 -66.21
C2 NAG MB . 11.72 -7.84 -67.26
C3 NAG MB . 12.59 -7.71 -68.50
C4 NAG MB . 12.57 -6.28 -69.01
C5 NAG MB . 12.94 -5.32 -67.89
C6 NAG MB . 12.82 -3.87 -68.30
C7 NAG MB . 10.81 -9.75 -66.01
C8 NAG MB . 11.05 -11.14 -65.53
N2 NAG MB . 11.80 -9.19 -66.71
O3 NAG MB . 12.10 -8.60 -69.51
O4 NAG MB . 13.50 -6.14 -70.09
O5 NAG MB . 12.06 -5.51 -66.77
O6 NAG MB . 13.26 -3.66 -69.63
O7 NAG MB . 9.77 -9.14 -65.76
C1 NAG NB . 1.92 -14.53 -47.69
C2 NAG NB . 1.41 -14.48 -49.12
C3 NAG NB . -0.08 -14.22 -49.12
C4 NAG NB . -0.78 -15.29 -48.29
C5 NAG NB . -0.19 -15.33 -46.89
C6 NAG NB . -0.76 -16.45 -46.04
C7 NAG NB . 3.24 -13.72 -50.57
C8 NAG NB . 3.83 -12.56 -51.32
N2 NAG NB . 2.12 -13.46 -49.90
O3 NAG NB . -0.57 -14.22 -50.46
O4 NAG NB . -2.18 -15.02 -48.23
O5 NAG NB . 1.22 -15.55 -46.96
O6 NAG NB . -1.94 -16.98 -46.63
O7 NAG NB . 3.76 -14.83 -50.57
C1 MAN OB . -32.01 53.47 -9.97
C2 MAN OB . -30.51 53.06 -10.13
C3 MAN OB . -29.74 53.40 -8.87
C4 MAN OB . -30.04 54.88 -8.42
C5 MAN OB . -31.59 55.18 -8.31
C6 MAN OB . -31.92 56.67 -8.06
O2 MAN OB . -29.87 53.81 -11.17
O3 MAN OB . -28.32 53.23 -9.08
O4 MAN OB . -29.36 55.23 -7.23
O5 MAN OB . -32.19 54.82 -9.58
O6 MAN OB . -33.29 56.94 -8.48
C1 NAG PB . -2.01 -56.99 2.29
C2 NAG PB . -2.65 -57.46 3.60
C3 NAG PB . -1.68 -58.36 4.34
C4 NAG PB . -1.25 -59.51 3.44
C5 NAG PB . -0.73 -58.98 2.10
C6 NAG PB . -0.44 -60.07 1.10
C7 NAG PB . -3.96 -56.39 5.38
C8 NAG PB . -4.24 -55.14 6.13
N2 NAG PB . -3.03 -56.32 4.42
O3 NAG PB . -2.29 -58.86 5.51
O4 NAG PB . -0.22 -60.27 4.07
O5 NAG PB . -1.71 -58.11 1.50
O6 NAG PB . -0.55 -59.59 -0.24
O7 NAG PB . -4.54 -57.44 5.63
C1 NAG QB . 51.28 -34.43 -27.49
C2 NAG QB . 52.64 -34.88 -26.97
C3 NAG QB . 53.54 -35.27 -28.13
C4 NAG QB . 52.85 -36.30 -29.02
C5 NAG QB . 51.47 -35.80 -29.44
C6 NAG QB . 50.68 -36.82 -30.20
C7 NAG QB . 53.00 -33.66 -24.86
C8 NAG QB . 53.74 -32.55 -24.19
N2 NAG QB . 53.27 -33.84 -26.17
O3 NAG QB . 54.76 -35.81 -27.62
O4 NAG QB . 53.64 -36.54 -30.17
O5 NAG QB . 50.70 -35.46 -28.27
O6 NAG QB . 51.50 -37.55 -31.09
O7 NAG QB . 52.21 -34.38 -24.27
C1 NAG RB . 42.54 -24.27 -9.39
C2 NAG RB . 43.36 -25.54 -9.48
C3 NAG RB . 42.89 -26.53 -8.41
C4 NAG RB . 42.98 -25.88 -7.04
C5 NAG RB . 42.18 -24.58 -7.03
C6 NAG RB . 42.31 -23.81 -5.74
C7 NAG RB . 44.12 -25.83 -11.79
C8 NAG RB . 43.92 -26.53 -13.09
N2 NAG RB . 43.29 -26.14 -10.80
O3 NAG RB . 43.70 -27.70 -8.46
O4 NAG RB . 42.49 -26.76 -6.04
O5 NAG RB . 42.66 -23.71 -8.07
O6 NAG RB . 42.87 -24.62 -4.71
O7 NAG RB . 45.02 -25.00 -11.64
C1 MAN SB . -37.48 -50.72 -3.83
C2 MAN SB . -36.82 -49.80 -4.89
C3 MAN SB . -37.78 -48.69 -5.30
C4 MAN SB . -39.19 -49.28 -5.65
C5 MAN SB . -39.75 -50.22 -4.51
C6 MAN SB . -41.06 -50.96 -4.90
O2 MAN SB . -36.54 -50.51 -6.12
O3 MAN SB . -37.24 -47.96 -6.43
O4 MAN SB . -40.11 -48.26 -6.00
O5 MAN SB . -38.75 -51.23 -4.25
O6 MAN SB . -41.21 -52.14 -4.06
C1 NAG TB . 38.86 28.39 30.63
C2 NAG TB . 38.19 29.12 31.77
C3 NAG TB . 38.52 30.61 31.67
C4 NAG TB . 40.03 30.81 31.61
C5 NAG TB . 40.64 29.95 30.51
C6 NAG TB . 42.16 29.97 30.51
C7 NAG TB . 36.01 29.07 32.86
C8 NAG TB . 34.55 28.80 32.70
N2 NAG TB . 36.76 28.92 31.77
O3 NAG TB . 37.97 31.31 32.79
O4 NAG TB . 40.33 32.18 31.36
O5 NAG TB . 40.26 28.57 30.69
O6 NAG TB . 42.69 28.79 29.94
O7 NAG TB . 36.48 29.42 33.94
C1 NAG UB . 52.20 27.92 -33.03
C2 NAG UB . 52.40 29.26 -33.74
C3 NAG UB . 53.63 29.20 -34.64
C4 NAG UB . 54.85 28.73 -33.85
C5 NAG UB . 54.54 27.43 -33.12
C6 NAG UB . 55.65 26.99 -32.20
C7 NAG UB . 50.17 30.25 -33.97
C8 NAG UB . 49.04 30.55 -34.90
N2 NAG UB . 51.23 29.62 -34.50
O3 NAG UB . 53.88 30.49 -35.19
O4 NAG UB . 55.95 28.55 -34.73
O5 NAG UB . 53.38 27.58 -32.30
O6 NAG UB . 56.93 27.22 -32.79
O7 NAG UB . 50.14 30.54 -32.78
C1 NAG VB . 31.12 29.82 -25.35
C2 NAG VB . 32.23 30.86 -25.40
C3 NAG VB . 32.12 31.79 -24.18
C4 NAG VB . 30.73 32.41 -24.15
C5 NAG VB . 29.67 31.32 -24.16
C6 NAG VB . 28.26 31.87 -24.23
C7 NAG VB . 34.14 29.91 -26.60
C8 NAG VB . 35.49 29.29 -26.48
N2 NAG VB . 33.54 30.25 -25.45
O3 NAG VB . 33.12 32.79 -24.26
O4 NAG VB . 30.59 33.24 -22.99
O5 NAG VB . 29.84 30.48 -25.30
O6 NAG VB . 28.24 33.26 -23.95
O7 NAG VB . 33.62 30.11 -27.69
C1 MAN WB . 32.13 1.36 54.27
C2 MAN WB . 32.30 0.57 52.93
C3 MAN WB . 31.62 -0.78 53.04
C4 MAN WB . 32.02 -1.51 54.37
C5 MAN WB . 31.83 -0.61 55.65
C6 MAN WB . 32.38 -1.23 56.96
O2 MAN WB . 33.68 0.26 52.68
O3 MAN WB . 31.94 -1.59 51.90
O4 MAN WB . 31.36 -2.76 54.50
O5 MAN WB . 32.55 0.62 55.42
O6 MAN WB . 32.63 -0.19 57.93
#